data_4O8R
#
_entry.id   4O8R
#
_cell.length_a   147.899
_cell.length_b   101.800
_cell.length_c   192.845
_cell.angle_alpha   90.00
_cell.angle_beta   91.59
_cell.angle_gamma   90.00
#
_symmetry.space_group_name_H-M   'C 1 2 1'
#
loop_
_entity.id
_entity.type
_entity.pdbx_description
1 polymer "Orotidine 5'-phosphate decarboxylase"
2 non-polymer "5,6-DIHYDROURIDINE-5'-MONOPHOSPHATE"
3 non-polymer 'CHLORIDE ION'
4 water water
#
_entity_poly.entity_id   1
_entity_poly.type   'polypeptide(L)'
_entity_poly.pdbx_seq_one_letter_code
;MRSRRVDVMDVMNRLILAMDLMNRDDALRVTGEVREYIDTVKIGYPLVLSEGMDIIAEFRKRFGCRIIADFKVADIPETN
EKICRATFKAGADAIIVHGFPGADSVRACLNVAEEMGREVFLLTEMSHPGAEMFIQGAADEIARMGVDLGVKNYVGPSTR
PERLSRLREIIGQDSFLISPGVGAQGGDPGETLRFADAIIVGRSIYLADNPAAAAAGIIESIKDLLNP
;
_entity_poly.pdbx_strand_id   A,B,C,D,E,F,G,H,I,J,K,L,M
#
loop_
_chem_comp.id
_chem_comp.type
_chem_comp.name
_chem_comp.formula
CL non-polymer 'CHLORIDE ION' 'Cl -1'
H2U RNA linking 5,6-DIHYDROURIDINE-5'-MONOPHOSPHATE 'C9 H15 N2 O9 P'
#
# COMPACT_ATOMS: atom_id res chain seq x y z
N ARG A 5 -14.79 -65.14 -47.23
CA ARG A 5 -16.22 -65.38 -47.43
C ARG A 5 -16.73 -64.71 -48.70
N VAL A 6 -17.50 -65.46 -49.49
CA VAL A 6 -18.06 -64.94 -50.73
C VAL A 6 -19.58 -64.80 -50.67
N ASP A 7 -20.18 -65.36 -49.61
CA ASP A 7 -21.63 -65.24 -49.41
C ASP A 7 -21.99 -63.84 -48.93
N VAL A 8 -21.00 -63.13 -48.39
CA VAL A 8 -21.18 -61.76 -47.94
C VAL A 8 -19.99 -60.91 -48.36
N MET A 9 -20.14 -59.60 -48.29
CA MET A 9 -19.02 -58.70 -48.55
C MET A 9 -18.00 -58.81 -47.42
N ASP A 10 -16.92 -59.56 -47.66
CA ASP A 10 -15.90 -59.78 -46.66
C ASP A 10 -14.85 -58.66 -46.67
N VAL A 11 -13.83 -58.81 -45.82
CA VAL A 11 -12.80 -57.79 -45.66
C VAL A 11 -11.43 -58.42 -45.85
N MET A 12 -10.55 -57.74 -46.56
CA MET A 12 -9.18 -58.23 -46.74
C MET A 12 -8.46 -58.38 -45.40
N ASN A 13 -7.89 -59.57 -45.19
CA ASN A 13 -7.10 -59.86 -43.98
C ASN A 13 -7.88 -59.75 -42.67
N ARG A 14 -9.21 -59.73 -42.76
CA ARG A 14 -10.08 -59.62 -41.59
C ARG A 14 -9.75 -58.40 -40.72
N LEU A 15 -9.24 -57.36 -41.37
CA LEU A 15 -8.79 -56.17 -40.67
C LEU A 15 -9.42 -54.90 -41.25
N ILE A 16 -10.21 -54.20 -40.43
CA ILE A 16 -10.83 -52.94 -40.82
C ILE A 16 -10.14 -51.78 -40.09
N LEU A 17 -9.66 -50.80 -40.85
CA LEU A 17 -8.98 -49.66 -40.24
C LEU A 17 -9.97 -48.61 -39.75
N ALA A 18 -9.92 -48.28 -38.47
CA ALA A 18 -10.73 -47.18 -37.94
C ALA A 18 -9.92 -45.88 -38.07
N MET A 19 -10.19 -45.13 -39.13
CA MET A 19 -9.45 -43.90 -39.40
C MET A 19 -10.11 -42.72 -38.69
N ASP A 20 -9.63 -42.43 -37.49
CA ASP A 20 -10.23 -41.40 -36.65
C ASP A 20 -9.30 -40.23 -36.42
N LEU A 21 -8.29 -40.09 -37.27
CA LEU A 21 -7.48 -38.89 -37.30
C LEU A 21 -8.36 -37.75 -37.80
N MET A 22 -8.09 -36.53 -37.33
CA MET A 22 -9.03 -35.44 -37.57
C MET A 22 -8.56 -34.38 -38.57
N ASN A 23 -7.46 -34.63 -39.25
CA ASN A 23 -7.08 -33.77 -40.35
C ASN A 23 -6.78 -34.55 -41.62
N ARG A 24 -7.12 -33.96 -42.76
CA ARG A 24 -7.10 -34.64 -44.04
C ARG A 24 -5.73 -35.22 -44.41
N ASP A 25 -4.68 -34.44 -44.26
CA ASP A 25 -3.34 -34.87 -44.67
C ASP A 25 -2.85 -36.11 -43.92
N ASP A 26 -2.94 -36.10 -42.60
CA ASP A 26 -2.54 -37.25 -41.80
C ASP A 26 -3.41 -38.47 -42.10
N ALA A 27 -4.73 -38.25 -42.20
CA ALA A 27 -5.67 -39.32 -42.48
C ALA A 27 -5.36 -39.98 -43.82
N LEU A 28 -5.12 -39.15 -44.84
CA LEU A 28 -4.76 -39.64 -46.17
C LEU A 28 -3.42 -40.35 -46.18
N ARG A 29 -2.46 -39.81 -45.43
CA ARG A 29 -1.11 -40.35 -45.41
C ARG A 29 -1.04 -41.72 -44.73
N VAL A 30 -1.62 -41.81 -43.54
CA VAL A 30 -1.59 -43.05 -42.78
C VAL A 30 -2.34 -44.17 -43.50
N THR A 31 -3.54 -43.85 -44.01
CA THR A 31 -4.35 -44.82 -44.74
C THR A 31 -3.60 -45.33 -45.98
N GLY A 32 -2.90 -44.42 -46.66
CA GLY A 32 -2.13 -44.80 -47.83
C GLY A 32 -0.99 -45.74 -47.49
N GLU A 33 -0.38 -45.53 -46.33
CA GLU A 33 0.74 -46.34 -45.88
C GLU A 33 0.33 -47.79 -45.56
N VAL A 34 -0.94 -47.99 -45.23
CA VAL A 34 -1.40 -49.32 -44.85
C VAL A 34 -2.39 -49.92 -45.85
N ARG A 35 -2.57 -49.23 -46.98
CA ARG A 35 -3.54 -49.65 -48.00
C ARG A 35 -3.27 -51.07 -48.52
N GLU A 36 -2.00 -51.46 -48.56
CA GLU A 36 -1.62 -52.79 -49.05
C GLU A 36 -2.17 -53.91 -48.17
N TYR A 37 -2.58 -53.58 -46.96
CA TYR A 37 -2.97 -54.58 -45.96
C TYR A 37 -4.46 -54.65 -45.70
N ILE A 38 -5.18 -53.59 -46.02
CA ILE A 38 -6.62 -53.55 -45.81
C ILE A 38 -7.33 -53.11 -47.09
N ASP A 39 -8.63 -53.36 -47.17
CA ASP A 39 -9.41 -52.85 -48.29
C ASP A 39 -10.73 -52.26 -47.81
N THR A 40 -10.87 -52.18 -46.48
CA THR A 40 -12.06 -51.63 -45.87
C THR A 40 -11.66 -50.64 -44.80
N VAL A 41 -12.18 -49.43 -44.90
CA VAL A 41 -11.88 -48.36 -43.95
C VAL A 41 -13.15 -47.90 -43.27
N LYS A 42 -13.14 -47.85 -41.94
CA LYS A 42 -14.26 -47.30 -41.19
C LYS A 42 -14.00 -45.81 -40.95
N ILE A 43 -14.87 -44.98 -41.50
CA ILE A 43 -14.77 -43.53 -41.29
C ILE A 43 -15.88 -43.07 -40.37
N GLY A 44 -15.50 -42.32 -39.33
CA GLY A 44 -16.47 -41.85 -38.36
C GLY A 44 -16.61 -40.34 -38.34
N TYR A 45 -17.38 -39.86 -37.36
CA TYR A 45 -17.56 -38.43 -37.19
C TYR A 45 -16.30 -37.58 -36.91
N PRO A 46 -15.30 -38.12 -36.19
CA PRO A 46 -14.11 -37.28 -35.99
C PRO A 46 -13.48 -36.76 -37.28
N LEU A 47 -13.40 -37.59 -38.32
CA LEU A 47 -12.83 -37.15 -39.57
C LEU A 47 -13.85 -36.35 -40.39
N VAL A 48 -15.08 -36.86 -40.43
CA VAL A 48 -16.13 -36.27 -41.27
C VAL A 48 -16.54 -34.87 -40.81
N LEU A 49 -16.66 -34.68 -39.50
CA LEU A 49 -17.02 -33.37 -38.95
C LEU A 49 -15.89 -32.36 -39.11
N SER A 50 -14.65 -32.85 -39.20
CA SER A 50 -13.50 -31.95 -39.36
C SER A 50 -13.21 -31.62 -40.82
N GLU A 51 -13.49 -32.55 -41.74
CA GLU A 51 -13.10 -32.34 -43.14
C GLU A 51 -14.24 -32.43 -44.15
N GLY A 52 -15.44 -32.73 -43.67
CA GLY A 52 -16.60 -32.79 -44.56
C GLY A 52 -16.88 -34.19 -45.06
N MET A 53 -18.11 -34.39 -45.51
CA MET A 53 -18.54 -35.68 -46.04
C MET A 53 -17.86 -36.06 -47.36
N ASP A 54 -17.27 -35.08 -48.04
CA ASP A 54 -16.56 -35.34 -49.30
C ASP A 54 -15.39 -36.31 -49.09
N ILE A 55 -14.90 -36.38 -47.87
CA ILE A 55 -13.74 -37.22 -47.56
C ILE A 55 -14.05 -38.71 -47.77
N ILE A 56 -15.32 -39.07 -47.69
CA ILE A 56 -15.74 -40.45 -47.91
C ILE A 56 -15.50 -40.85 -49.36
N ALA A 57 -16.01 -40.04 -50.28
CA ALA A 57 -15.81 -40.28 -51.71
C ALA A 57 -14.33 -40.22 -52.09
N GLU A 58 -13.59 -39.30 -51.47
CA GLU A 58 -12.17 -39.17 -51.76
C GLU A 58 -11.41 -40.43 -51.40
N PHE A 59 -11.64 -40.96 -50.21
CA PHE A 59 -11.01 -42.20 -49.77
C PHE A 59 -11.35 -43.34 -50.71
N ARG A 60 -12.62 -43.43 -51.07
CA ARG A 60 -13.12 -44.52 -51.90
C ARG A 60 -12.45 -44.53 -53.28
N LYS A 61 -12.31 -43.36 -53.88
CA LYS A 61 -11.68 -43.24 -55.18
C LYS A 61 -10.16 -43.41 -55.11
N ARG A 62 -9.56 -42.86 -54.07
CA ARG A 62 -8.11 -42.84 -53.94
C ARG A 62 -7.53 -44.22 -53.61
N PHE A 63 -8.21 -44.94 -52.73
CA PHE A 63 -7.67 -46.20 -52.22
C PHE A 63 -8.39 -47.45 -52.73
N GLY A 64 -9.54 -47.26 -53.38
CA GLY A 64 -10.32 -48.37 -53.89
C GLY A 64 -10.84 -49.23 -52.76
N CYS A 65 -11.12 -48.60 -51.63
CA CYS A 65 -11.53 -49.31 -50.43
C CYS A 65 -13.01 -49.16 -50.20
N ARG A 66 -13.61 -50.15 -49.54
CA ARG A 66 -14.98 -50.07 -49.12
C ARG A 66 -15.04 -49.14 -47.91
N ILE A 67 -16.07 -48.30 -47.84
CA ILE A 67 -16.20 -47.35 -46.75
C ILE A 67 -17.37 -47.69 -45.84
N ILE A 68 -17.08 -47.84 -44.55
CA ILE A 68 -18.12 -48.00 -43.55
C ILE A 68 -18.20 -46.71 -42.75
N ALA A 69 -19.36 -46.06 -42.78
CA ALA A 69 -19.54 -44.82 -42.02
C ALA A 69 -20.03 -45.15 -40.61
N ASP A 70 -19.14 -44.99 -39.63
CA ASP A 70 -19.48 -45.30 -38.25
C ASP A 70 -20.22 -44.11 -37.64
N PHE A 71 -21.48 -43.93 -38.04
CA PHE A 71 -22.23 -42.77 -37.59
C PHE A 71 -23.14 -43.08 -36.40
N LYS A 72 -23.18 -44.36 -36.01
CA LYS A 72 -23.96 -44.82 -34.86
C LYS A 72 -25.34 -44.18 -34.82
N VAL A 73 -26.05 -44.27 -35.94
CA VAL A 73 -27.33 -43.60 -36.13
C VAL A 73 -28.31 -43.96 -35.02
N ALA A 74 -28.83 -42.94 -34.34
CA ALA A 74 -29.62 -43.15 -33.13
C ALA A 74 -30.70 -42.09 -32.92
N ASP A 75 -31.44 -41.79 -33.98
CA ASP A 75 -32.49 -40.78 -33.93
C ASP A 75 -33.84 -41.44 -34.21
N ILE A 76 -34.90 -40.64 -34.32
CA ILE A 76 -36.22 -41.15 -34.70
C ILE A 76 -36.17 -41.65 -36.15
N PRO A 77 -37.18 -42.45 -36.58
CA PRO A 77 -37.20 -42.95 -37.95
C PRO A 77 -36.99 -41.89 -39.04
N GLU A 78 -37.81 -40.85 -39.05
CA GLU A 78 -37.72 -39.80 -40.07
C GLU A 78 -36.30 -39.24 -40.22
N THR A 79 -35.67 -38.92 -39.09
CA THR A 79 -34.32 -38.35 -39.12
C THR A 79 -33.28 -39.39 -39.52
N ASN A 80 -33.45 -40.61 -39.03
CA ASN A 80 -32.59 -41.72 -39.44
C ASN A 80 -32.52 -41.87 -40.95
N GLU A 81 -33.68 -41.76 -41.61
CA GLU A 81 -33.73 -41.87 -43.07
C GLU A 81 -32.94 -40.75 -43.75
N LYS A 82 -33.07 -39.53 -43.25
CA LYS A 82 -32.34 -38.40 -43.81
C LYS A 82 -30.83 -38.58 -43.64
N ILE A 83 -30.41 -39.07 -42.48
CA ILE A 83 -28.99 -39.30 -42.20
C ILE A 83 -28.41 -40.40 -43.10
N CYS A 84 -29.10 -41.53 -43.18
CA CYS A 84 -28.68 -42.62 -44.07
C CYS A 84 -28.62 -42.22 -45.54
N ARG A 85 -29.64 -41.52 -46.02
CA ARG A 85 -29.65 -41.05 -47.40
C ARG A 85 -28.47 -40.12 -47.71
N ALA A 86 -28.17 -39.20 -46.78
CA ALA A 86 -27.05 -38.28 -46.95
C ALA A 86 -25.72 -39.03 -46.94
N THR A 87 -25.61 -40.03 -46.07
CA THR A 87 -24.41 -40.85 -45.97
C THR A 87 -24.13 -41.68 -47.24
N PHE A 88 -25.18 -42.25 -47.82
CA PHE A 88 -25.06 -43.05 -49.03
C PHE A 88 -24.82 -42.17 -50.25
N LYS A 89 -25.41 -40.97 -50.21
CA LYS A 89 -25.17 -39.95 -51.22
C LYS A 89 -23.69 -39.59 -51.25
N ALA A 90 -23.06 -39.62 -50.08
CA ALA A 90 -21.64 -39.30 -49.95
C ALA A 90 -20.77 -40.45 -50.46
N GLY A 91 -21.39 -41.58 -50.76
CA GLY A 91 -20.69 -42.70 -51.38
C GLY A 91 -20.33 -43.86 -50.46
N ALA A 92 -20.75 -43.80 -49.20
CA ALA A 92 -20.44 -44.85 -48.23
C ALA A 92 -21.11 -46.17 -48.64
N ASP A 93 -20.41 -47.28 -48.43
CA ASP A 93 -20.95 -48.60 -48.78
C ASP A 93 -21.82 -49.13 -47.64
N ALA A 94 -21.53 -48.69 -46.42
CA ALA A 94 -22.25 -49.17 -45.25
C ALA A 94 -22.37 -48.09 -44.20
N ILE A 95 -23.34 -48.25 -43.31
CA ILE A 95 -23.50 -47.32 -42.20
C ILE A 95 -23.80 -48.09 -40.92
N ILE A 96 -23.18 -47.67 -39.83
CA ILE A 96 -23.42 -48.31 -38.52
C ILE A 96 -24.51 -47.58 -37.76
N VAL A 97 -25.47 -48.35 -37.24
CA VAL A 97 -26.70 -47.85 -36.66
C VAL A 97 -26.87 -48.39 -35.25
N HIS A 98 -27.24 -47.55 -34.30
CA HIS A 98 -27.52 -48.01 -32.94
C HIS A 98 -28.84 -48.79 -32.92
N GLY A 99 -28.93 -49.76 -32.04
CA GLY A 99 -30.14 -50.58 -31.94
C GLY A 99 -31.01 -50.18 -30.77
N PHE A 100 -30.40 -49.57 -29.76
N PHE A 100 -30.42 -49.58 -29.75
CA PHE A 100 -31.10 -49.15 -28.55
CA PHE A 100 -31.16 -49.19 -28.55
C PHE A 100 -32.35 -48.27 -28.77
C PHE A 100 -32.37 -48.25 -28.76
N PRO A 101 -32.33 -47.37 -29.78
CA PRO A 101 -33.57 -46.60 -30.02
C PRO A 101 -34.79 -47.41 -30.49
N GLY A 102 -34.59 -48.68 -30.84
CA GLY A 102 -35.70 -49.56 -31.15
C GLY A 102 -35.84 -49.97 -32.61
N ALA A 103 -36.84 -50.81 -32.87
CA ALA A 103 -37.03 -51.45 -34.17
C ALA A 103 -37.39 -50.47 -35.29
N ASP A 104 -38.33 -49.57 -35.02
CA ASP A 104 -38.74 -48.60 -36.04
C ASP A 104 -37.56 -47.73 -36.50
N SER A 105 -36.64 -47.42 -35.59
CA SER A 105 -35.45 -46.63 -35.95
C SER A 105 -34.48 -47.41 -36.83
N VAL A 106 -34.34 -48.71 -36.58
CA VAL A 106 -33.45 -49.54 -37.38
C VAL A 106 -34.07 -49.81 -38.75
N ARG A 107 -35.39 -50.02 -38.78
N ARG A 107 -35.39 -50.00 -38.77
CA ARG A 107 -36.11 -50.29 -40.02
CA ARG A 107 -36.11 -50.29 -40.02
C ARG A 107 -35.98 -49.11 -41.00
C ARG A 107 -36.03 -49.11 -41.00
N ALA A 108 -36.00 -47.90 -40.45
CA ALA A 108 -35.89 -46.69 -41.28
C ALA A 108 -34.55 -46.66 -42.00
N CYS A 109 -33.50 -47.13 -41.32
CA CYS A 109 -32.18 -47.21 -41.92
C CYS A 109 -32.12 -48.31 -42.97
N LEU A 110 -32.75 -49.44 -42.68
CA LEU A 110 -32.77 -50.59 -43.60
C LEU A 110 -33.49 -50.26 -44.89
N ASN A 111 -34.56 -49.47 -44.81
CA ASN A 111 -35.32 -49.07 -45.99
C ASN A 111 -34.44 -48.31 -46.99
N VAL A 112 -33.70 -47.34 -46.49
CA VAL A 112 -32.84 -46.51 -47.34
C VAL A 112 -31.67 -47.31 -47.91
N ALA A 113 -31.08 -48.17 -47.09
CA ALA A 113 -30.00 -49.03 -47.54
C ALA A 113 -30.45 -49.96 -48.67
N GLU A 114 -31.62 -50.59 -48.50
CA GLU A 114 -32.13 -51.50 -49.51
C GLU A 114 -32.50 -50.76 -50.78
N GLU A 115 -33.03 -49.55 -50.62
CA GLU A 115 -33.42 -48.72 -51.74
C GLU A 115 -32.22 -48.34 -52.60
N MET A 116 -31.11 -48.00 -51.94
CA MET A 116 -29.93 -47.49 -52.63
C MET A 116 -28.85 -48.54 -52.88
N GLY A 117 -29.09 -49.76 -52.41
CA GLY A 117 -28.16 -50.85 -52.63
C GLY A 117 -26.93 -50.79 -51.75
N ARG A 118 -27.13 -50.44 -50.48
CA ARG A 118 -26.04 -50.35 -49.51
C ARG A 118 -26.35 -51.22 -48.29
N GLU A 119 -25.47 -51.18 -47.30
CA GLU A 119 -25.58 -52.07 -46.15
C GLU A 119 -25.77 -51.33 -44.83
N VAL A 120 -26.42 -52.02 -43.89
CA VAL A 120 -26.56 -51.52 -42.53
C VAL A 120 -25.86 -52.48 -41.57
N PHE A 121 -25.05 -51.92 -40.68
CA PHE A 121 -24.45 -52.69 -39.60
C PHE A 121 -25.14 -52.33 -38.30
N LEU A 122 -25.69 -53.32 -37.62
CA LEU A 122 -26.36 -53.07 -36.33
C LEU A 122 -25.38 -53.16 -35.17
N LEU A 123 -25.17 -52.03 -34.49
CA LEU A 123 -24.39 -52.02 -33.27
C LEU A 123 -25.26 -52.52 -32.11
N THR A 124 -24.89 -53.67 -31.56
CA THR A 124 -25.71 -54.28 -30.52
C THR A 124 -25.16 -53.99 -29.12
N GLU A 125 -23.88 -54.30 -28.92
CA GLU A 125 -23.23 -54.03 -27.64
C GLU A 125 -21.94 -53.24 -27.85
N MET A 126 -21.73 -52.23 -27.02
CA MET A 126 -20.53 -51.39 -27.14
C MET A 126 -19.37 -51.95 -26.31
N SER A 127 -18.16 -51.48 -26.62
CA SER A 127 -16.94 -52.07 -26.05
C SER A 127 -16.37 -51.32 -24.84
N HIS A 128 -16.91 -50.15 -24.53
CA HIS A 128 -16.39 -49.34 -23.43
C HIS A 128 -17.01 -49.78 -22.09
N PRO A 129 -16.35 -49.46 -20.96
CA PRO A 129 -16.89 -49.86 -19.64
C PRO A 129 -18.32 -49.40 -19.40
N GLY A 130 -18.67 -48.22 -19.88
CA GLY A 130 -19.99 -47.66 -19.64
C GLY A 130 -21.10 -48.44 -20.31
N ALA A 131 -20.75 -49.29 -21.27
CA ALA A 131 -21.72 -50.12 -21.98
C ALA A 131 -22.42 -51.09 -21.04
N GLU A 132 -21.83 -51.33 -19.88
CA GLU A 132 -22.39 -52.28 -18.92
C GLU A 132 -23.61 -51.72 -18.19
N MET A 133 -23.80 -50.41 -18.25
CA MET A 133 -24.88 -49.78 -17.50
C MET A 133 -26.27 -50.03 -18.08
N PHE A 134 -26.42 -49.85 -19.39
CA PHE A 134 -27.73 -50.01 -20.02
C PHE A 134 -27.72 -50.85 -21.29
N ILE A 135 -26.64 -50.79 -22.05
CA ILE A 135 -26.60 -51.45 -23.35
C ILE A 135 -26.47 -52.97 -23.24
N GLN A 136 -25.59 -53.41 -22.35
CA GLN A 136 -25.33 -54.83 -22.16
C GLN A 136 -26.60 -55.61 -21.79
N GLY A 137 -27.42 -55.03 -20.91
CA GLY A 137 -28.64 -55.67 -20.47
C GLY A 137 -29.68 -55.80 -21.58
N ALA A 138 -29.48 -55.07 -22.67
CA ALA A 138 -30.44 -55.05 -23.78
C ALA A 138 -29.85 -55.64 -25.05
N ALA A 139 -28.55 -55.92 -25.03
CA ALA A 139 -27.81 -56.32 -26.22
C ALA A 139 -28.32 -57.61 -26.88
N ASP A 140 -28.66 -58.61 -26.07
CA ASP A 140 -29.21 -59.86 -26.58
C ASP A 140 -30.49 -59.62 -27.35
N GLU A 141 -31.36 -58.77 -26.82
CA GLU A 141 -32.64 -58.49 -27.44
C GLU A 141 -32.47 -57.63 -28.70
N ILE A 142 -31.53 -56.70 -28.65
CA ILE A 142 -31.21 -55.87 -29.82
C ILE A 142 -30.72 -56.75 -30.96
N ALA A 143 -29.90 -57.74 -30.62
CA ALA A 143 -29.36 -58.67 -31.60
C ALA A 143 -30.46 -59.48 -32.30
N ARG A 144 -31.36 -60.08 -31.53
CA ARG A 144 -32.41 -60.89 -32.15
C ARG A 144 -33.49 -60.03 -32.83
N MET A 145 -33.62 -58.79 -32.38
CA MET A 145 -34.46 -57.81 -33.08
C MET A 145 -33.86 -57.57 -34.46
N GLY A 146 -32.55 -57.39 -34.51
CA GLY A 146 -31.83 -57.24 -35.76
C GLY A 146 -32.06 -58.41 -36.71
N VAL A 147 -31.89 -59.63 -36.20
CA VAL A 147 -32.11 -60.83 -37.01
C VAL A 147 -33.52 -60.81 -37.59
N ASP A 148 -34.50 -60.52 -36.74
CA ASP A 148 -35.89 -60.47 -37.18
C ASP A 148 -36.16 -59.37 -38.19
N LEU A 149 -35.43 -58.26 -38.09
CA LEU A 149 -35.60 -57.15 -39.04
C LEU A 149 -34.97 -57.42 -40.40
N GLY A 150 -34.11 -58.45 -40.45
CA GLY A 150 -33.45 -58.81 -41.70
C GLY A 150 -32.01 -58.36 -41.73
N VAL A 151 -31.56 -57.76 -40.65
CA VAL A 151 -30.18 -57.30 -40.52
C VAL A 151 -29.22 -58.47 -40.62
N LYS A 152 -28.21 -58.34 -41.48
CA LYS A 152 -27.23 -59.40 -41.68
C LYS A 152 -25.83 -59.02 -41.20
N ASN A 153 -25.64 -57.75 -40.87
CA ASN A 153 -24.33 -57.25 -40.43
C ASN A 153 -24.38 -56.68 -39.03
N TYR A 154 -23.40 -57.04 -38.20
CA TYR A 154 -23.44 -56.67 -36.78
C TYR A 154 -22.10 -56.16 -36.25
N VAL A 155 -22.17 -55.37 -35.18
CA VAL A 155 -20.97 -54.92 -34.49
C VAL A 155 -21.05 -55.31 -33.01
N GLY A 156 -20.00 -55.97 -32.52
CA GLY A 156 -19.94 -56.40 -31.13
C GLY A 156 -18.58 -56.16 -30.50
N PRO A 157 -18.52 -56.22 -29.15
CA PRO A 157 -17.35 -55.78 -28.38
C PRO A 157 -16.20 -56.80 -28.29
N SER A 158 -15.01 -56.36 -28.67
CA SER A 158 -13.82 -57.21 -28.58
C SER A 158 -13.32 -57.28 -27.14
N THR A 159 -13.72 -56.30 -26.34
CA THR A 159 -13.28 -56.23 -24.96
C THR A 159 -13.98 -57.28 -24.09
N ARG A 160 -15.03 -57.89 -24.63
CA ARG A 160 -15.78 -58.91 -23.89
C ARG A 160 -16.05 -60.14 -24.76
N PRO A 161 -15.02 -60.99 -24.94
CA PRO A 161 -15.09 -62.21 -25.75
C PRO A 161 -16.30 -63.09 -25.46
N GLU A 162 -16.70 -63.20 -24.20
CA GLU A 162 -17.84 -64.04 -23.84
C GLU A 162 -19.16 -63.44 -24.33
N ARG A 163 -19.23 -62.12 -24.37
CA ARG A 163 -20.42 -61.42 -24.87
C ARG A 163 -20.47 -61.50 -26.38
N LEU A 164 -19.29 -61.49 -27.00
CA LEU A 164 -19.18 -61.57 -28.45
C LEU A 164 -19.58 -62.97 -28.91
N SER A 165 -19.24 -63.97 -28.10
CA SER A 165 -19.61 -65.34 -28.36
C SER A 165 -21.12 -65.51 -28.28
N ARG A 166 -21.73 -64.88 -27.28
CA ARG A 166 -23.17 -64.91 -27.14
C ARG A 166 -23.83 -64.25 -28.35
N LEU A 167 -23.23 -63.16 -28.83
CA LEU A 167 -23.76 -62.42 -29.97
C LEU A 167 -23.74 -63.27 -31.23
N ARG A 168 -22.61 -63.93 -31.48
CA ARG A 168 -22.46 -64.82 -32.62
C ARG A 168 -23.52 -65.92 -32.64
N GLU A 169 -23.78 -66.54 -31.50
CA GLU A 169 -24.75 -67.63 -31.47
C GLU A 169 -26.20 -67.15 -31.62
N ILE A 170 -26.45 -65.87 -31.32
CA ILE A 170 -27.77 -65.30 -31.56
C ILE A 170 -27.98 -65.05 -33.05
N ILE A 171 -26.98 -64.48 -33.70
CA ILE A 171 -27.09 -64.08 -35.11
C ILE A 171 -26.77 -65.22 -36.07
N GLY A 172 -26.24 -66.32 -35.55
CA GLY A 172 -25.95 -67.48 -36.38
C GLY A 172 -24.67 -67.35 -37.19
N GLN A 173 -24.31 -68.41 -37.89
CA GLN A 173 -23.05 -68.47 -38.63
C GLN A 173 -23.07 -67.70 -39.93
N ASP A 174 -24.26 -67.40 -40.44
CA ASP A 174 -24.37 -66.76 -41.75
C ASP A 174 -24.26 -65.24 -41.67
N SER A 175 -24.50 -64.69 -40.49
CA SER A 175 -24.41 -63.25 -40.32
C SER A 175 -22.96 -62.79 -40.33
N PHE A 176 -22.76 -61.53 -40.64
CA PHE A 176 -21.43 -60.93 -40.68
C PHE A 176 -21.22 -60.07 -39.44
N LEU A 177 -20.13 -60.34 -38.72
CA LEU A 177 -19.88 -59.69 -37.44
C LEU A 177 -18.49 -59.06 -37.39
N ILE A 178 -18.44 -57.76 -37.10
CA ILE A 178 -17.16 -57.07 -36.96
C ILE A 178 -17.04 -56.51 -35.55
N SER A 179 -15.81 -56.34 -35.08
CA SER A 179 -15.61 -56.03 -33.68
C SER A 179 -14.49 -55.02 -33.41
N PRO A 180 -14.84 -53.90 -32.75
CA PRO A 180 -13.87 -52.90 -32.31
C PRO A 180 -13.46 -53.12 -30.85
N GLY A 181 -12.36 -52.50 -30.45
CA GLY A 181 -11.88 -52.61 -29.08
C GLY A 181 -10.56 -53.35 -29.02
N VAL A 182 -10.01 -53.69 -30.18
CA VAL A 182 -8.75 -54.39 -30.24
C VAL A 182 -7.59 -53.40 -30.13
N GLY A 183 -6.68 -53.67 -29.21
CA GLY A 183 -5.51 -52.84 -29.03
C GLY A 183 -5.64 -51.82 -27.91
N ALA A 184 -5.97 -50.59 -28.26
CA ALA A 184 -6.06 -49.50 -27.28
C ALA A 184 -7.06 -49.81 -26.17
N GLN A 185 -8.18 -50.43 -26.51
CA GLN A 185 -9.21 -50.75 -25.53
C GLN A 185 -8.95 -52.07 -24.83
N GLY A 186 -7.87 -52.75 -25.24
CA GLY A 186 -7.41 -53.94 -24.54
C GLY A 186 -7.87 -55.27 -25.10
N GLY A 187 -8.58 -55.25 -26.23
CA GLY A 187 -9.07 -56.47 -26.83
C GLY A 187 -8.00 -57.21 -27.64
N ASP A 188 -8.03 -58.53 -27.58
CA ASP A 188 -7.07 -59.35 -28.31
C ASP A 188 -7.62 -59.77 -29.68
N PRO A 189 -6.78 -59.67 -30.72
CA PRO A 189 -7.16 -60.04 -32.09
C PRO A 189 -7.53 -61.51 -32.21
N GLY A 190 -6.78 -62.38 -31.54
CA GLY A 190 -6.98 -63.82 -31.64
C GLY A 190 -8.31 -64.30 -31.11
N GLU A 191 -8.60 -63.97 -29.85
CA GLU A 191 -9.84 -64.39 -29.21
C GLU A 191 -11.07 -63.80 -29.90
N THR A 192 -10.95 -62.55 -30.35
CA THR A 192 -12.02 -61.87 -31.04
C THR A 192 -12.37 -62.56 -32.36
N LEU A 193 -11.34 -62.91 -33.13
CA LEU A 193 -11.54 -63.52 -34.44
C LEU A 193 -12.04 -64.96 -34.35
N ARG A 194 -12.24 -65.47 -33.15
CA ARG A 194 -12.89 -66.76 -32.98
C ARG A 194 -14.39 -66.62 -33.21
N PHE A 195 -14.88 -65.39 -33.09
CA PHE A 195 -16.32 -65.14 -33.18
C PHE A 195 -16.66 -64.13 -34.26
N ALA A 196 -15.83 -63.09 -34.40
CA ALA A 196 -16.05 -62.07 -35.41
C ALA A 196 -15.37 -62.46 -36.73
N ASP A 197 -15.95 -62.00 -37.83
CA ASP A 197 -15.35 -62.22 -39.14
C ASP A 197 -14.16 -61.29 -39.38
N ALA A 198 -14.19 -60.11 -38.76
CA ALA A 198 -13.15 -59.12 -38.95
C ALA A 198 -13.02 -58.21 -37.73
N ILE A 199 -11.81 -57.71 -37.50
CA ILE A 199 -11.59 -56.78 -36.40
C ILE A 199 -11.45 -55.35 -36.89
N ILE A 200 -11.97 -54.43 -36.10
CA ILE A 200 -11.76 -53.01 -36.32
C ILE A 200 -10.60 -52.55 -35.46
N VAL A 201 -9.62 -51.88 -36.06
CA VAL A 201 -8.45 -51.42 -35.33
C VAL A 201 -8.14 -49.96 -35.67
N GLY A 202 -8.01 -49.13 -34.64
CA GLY A 202 -7.76 -47.72 -34.83
C GLY A 202 -6.40 -47.25 -34.33
N ARG A 203 -6.35 -46.84 -33.07
CA ARG A 203 -5.18 -46.19 -32.51
C ARG A 203 -3.91 -47.05 -32.55
N SER A 204 -4.07 -48.37 -32.37
CA SER A 204 -2.95 -49.29 -32.45
C SER A 204 -2.18 -49.12 -33.75
N ILE A 205 -2.91 -48.78 -34.81
CA ILE A 205 -2.30 -48.57 -36.12
C ILE A 205 -2.00 -47.10 -36.39
N TYR A 206 -3.02 -46.24 -36.28
CA TYR A 206 -2.86 -44.86 -36.73
C TYR A 206 -2.09 -43.93 -35.78
N LEU A 207 -1.82 -44.39 -34.56
CA LEU A 207 -0.97 -43.62 -33.64
C LEU A 207 0.42 -44.25 -33.51
N ALA A 208 0.63 -45.36 -34.19
CA ALA A 208 1.93 -46.03 -34.16
C ALA A 208 2.99 -45.18 -34.83
N ASP A 209 4.25 -45.36 -34.44
CA ASP A 209 5.36 -44.68 -35.09
C ASP A 209 5.43 -45.12 -36.55
N ASN A 210 5.22 -46.42 -36.75
CA ASN A 210 5.18 -47.00 -38.09
C ASN A 210 3.86 -47.75 -38.29
N PRO A 211 2.84 -47.04 -38.79
CA PRO A 211 1.51 -47.63 -39.00
C PRO A 211 1.54 -48.86 -39.92
N ALA A 212 2.40 -48.84 -40.93
CA ALA A 212 2.50 -49.96 -41.86
C ALA A 212 2.96 -51.22 -41.14
N ALA A 213 4.03 -51.09 -40.36
CA ALA A 213 4.54 -52.21 -39.57
C ALA A 213 3.50 -52.67 -38.56
N ALA A 214 2.78 -51.73 -37.98
CA ALA A 214 1.72 -52.07 -37.02
C ALA A 214 0.64 -52.93 -37.69
N ALA A 215 0.22 -52.53 -38.88
CA ALA A 215 -0.81 -53.28 -39.60
C ALA A 215 -0.29 -54.66 -40.03
N ALA A 216 0.94 -54.70 -40.51
CA ALA A 216 1.55 -55.96 -40.94
C ALA A 216 1.71 -56.94 -39.78
N GLY A 217 2.12 -56.43 -38.63
CA GLY A 217 2.32 -57.26 -37.45
C GLY A 217 1.02 -57.90 -36.97
N ILE A 218 -0.07 -57.14 -37.01
CA ILE A 218 -1.37 -57.62 -36.61
C ILE A 218 -1.86 -58.72 -37.56
N ILE A 219 -1.73 -58.48 -38.85
CA ILE A 219 -2.12 -59.46 -39.86
C ILE A 219 -1.33 -60.77 -39.72
N GLU A 220 -0.06 -60.65 -39.36
CA GLU A 220 0.78 -61.82 -39.13
C GLU A 220 0.25 -62.68 -37.99
N SER A 221 -0.08 -62.04 -36.87
CA SER A 221 -0.61 -62.76 -35.72
C SER A 221 -1.98 -63.36 -36.02
N ILE A 222 -2.69 -62.74 -36.96
CA ILE A 222 -3.96 -63.27 -37.45
C ILE A 222 -3.71 -64.44 -38.40
N LYS A 223 -2.70 -64.29 -39.25
CA LYS A 223 -2.39 -65.23 -40.32
C LYS A 223 -2.28 -66.68 -39.87
N ASP A 224 -1.56 -66.90 -38.77
CA ASP A 224 -1.33 -68.25 -38.28
C ASP A 224 -2.60 -68.90 -37.73
N ASP B 7 -30.35 -20.59 -14.62
CA ASP B 7 -29.69 -19.80 -15.66
C ASP B 7 -28.89 -20.70 -16.58
N VAL B 8 -29.43 -20.95 -17.77
CA VAL B 8 -28.74 -21.78 -18.77
C VAL B 8 -28.90 -21.20 -20.17
N MET B 9 -30.13 -20.82 -20.50
CA MET B 9 -30.44 -20.34 -21.84
C MET B 9 -31.75 -19.59 -21.84
N ASP B 10 -31.79 -18.44 -22.52
CA ASP B 10 -32.99 -17.64 -22.59
C ASP B 10 -33.66 -17.83 -23.95
N VAL B 11 -34.44 -18.91 -24.08
CA VAL B 11 -35.12 -19.22 -25.32
C VAL B 11 -36.31 -18.29 -25.54
N MET B 12 -36.21 -17.45 -26.56
CA MET B 12 -37.28 -16.51 -26.90
C MET B 12 -38.58 -17.26 -27.20
N ASN B 13 -39.66 -16.83 -26.54
CA ASN B 13 -40.98 -17.44 -26.69
C ASN B 13 -41.03 -18.93 -26.36
N ARG B 14 -39.98 -19.43 -25.69
CA ARG B 14 -39.88 -20.83 -25.29
C ARG B 14 -39.99 -21.79 -26.47
N LEU B 15 -39.62 -21.31 -27.66
CA LEU B 15 -39.76 -22.09 -28.88
C LEU B 15 -38.42 -22.26 -29.60
N ILE B 16 -38.00 -23.51 -29.80
CA ILE B 16 -36.75 -23.80 -30.48
C ILE B 16 -37.04 -24.45 -31.85
N LEU B 17 -36.37 -23.95 -32.89
CA LEU B 17 -36.58 -24.46 -34.24
C LEU B 17 -35.68 -25.65 -34.55
N ALA B 18 -36.29 -26.79 -34.89
CA ALA B 18 -35.53 -27.95 -35.33
C ALA B 18 -35.33 -27.87 -36.84
N MET B 19 -34.29 -27.17 -37.26
CA MET B 19 -34.01 -26.99 -38.69
C MET B 19 -33.40 -28.24 -39.28
N ASP B 20 -34.25 -29.09 -39.86
CA ASP B 20 -33.80 -30.35 -40.44
C ASP B 20 -33.98 -30.39 -41.96
N LEU B 21 -34.12 -29.21 -42.56
CA LEU B 21 -34.06 -29.10 -44.01
C LEU B 21 -32.64 -29.44 -44.45
N MET B 22 -32.52 -30.16 -45.56
CA MET B 22 -31.22 -30.64 -46.00
C MET B 22 -30.67 -29.81 -47.14
N ASN B 23 -31.27 -28.65 -47.33
CA ASN B 23 -30.82 -27.70 -48.33
C ASN B 23 -30.49 -26.37 -47.68
N ARG B 24 -29.31 -25.85 -47.97
CA ARG B 24 -28.84 -24.60 -47.37
C ARG B 24 -29.77 -23.43 -47.66
N ASP B 25 -30.16 -23.27 -48.92
CA ASP B 25 -31.04 -22.18 -49.31
C ASP B 25 -32.43 -22.31 -48.69
N ASP B 26 -32.95 -23.53 -48.62
CA ASP B 26 -34.23 -23.77 -47.97
C ASP B 26 -34.14 -23.52 -46.47
N ALA B 27 -33.05 -23.99 -45.86
CA ALA B 27 -32.87 -23.88 -44.42
C ALA B 27 -32.69 -22.43 -43.98
N LEU B 28 -31.87 -21.68 -44.71
CA LEU B 28 -31.63 -20.28 -44.40
C LEU B 28 -32.89 -19.43 -44.58
N ARG B 29 -33.68 -19.78 -45.58
CA ARG B 29 -34.89 -19.02 -45.89
C ARG B 29 -35.96 -19.19 -44.82
N VAL B 30 -36.27 -20.44 -44.49
CA VAL B 30 -37.28 -20.75 -43.49
C VAL B 30 -36.88 -20.24 -42.11
N THR B 31 -35.59 -20.34 -41.80
CA THR B 31 -35.07 -19.84 -40.53
C THR B 31 -35.20 -18.32 -40.47
N GLY B 32 -35.02 -17.66 -41.61
CA GLY B 32 -35.15 -16.22 -41.69
C GLY B 32 -36.57 -15.76 -41.50
N GLU B 33 -37.53 -16.59 -41.92
CA GLU B 33 -38.94 -16.24 -41.86
C GLU B 33 -39.52 -16.39 -40.45
N VAL B 34 -38.81 -17.08 -39.57
CA VAL B 34 -39.28 -17.26 -38.19
C VAL B 34 -38.31 -16.65 -37.18
N ARG B 35 -37.34 -15.87 -37.66
CA ARG B 35 -36.34 -15.27 -36.78
C ARG B 35 -36.95 -14.27 -35.80
N GLU B 36 -38.03 -13.61 -36.22
CA GLU B 36 -38.72 -12.65 -35.36
C GLU B 36 -39.45 -13.33 -34.21
N TYR B 37 -39.59 -14.66 -34.29
CA TYR B 37 -40.30 -15.43 -33.27
C TYR B 37 -39.37 -16.40 -32.54
N ILE B 38 -38.23 -16.69 -33.16
CA ILE B 38 -37.32 -17.71 -32.64
C ILE B 38 -35.87 -17.22 -32.66
N ASP B 39 -35.18 -17.36 -31.53
CA ASP B 39 -33.79 -16.92 -31.42
C ASP B 39 -32.86 -18.08 -31.11
N THR B 40 -33.42 -19.28 -31.01
CA THR B 40 -32.64 -20.48 -30.70
C THR B 40 -32.92 -21.58 -31.72
N VAL B 41 -31.87 -22.00 -32.42
CA VAL B 41 -32.02 -22.97 -33.50
C VAL B 41 -31.29 -24.26 -33.18
N LYS B 42 -31.99 -25.38 -33.32
CA LYS B 42 -31.38 -26.70 -33.15
C LYS B 42 -30.99 -27.23 -34.53
N ILE B 43 -29.71 -27.49 -34.71
CA ILE B 43 -29.21 -28.00 -35.98
C ILE B 43 -28.72 -29.43 -35.82
N GLY B 44 -29.17 -30.31 -36.71
CA GLY B 44 -28.85 -31.72 -36.63
C GLY B 44 -28.05 -32.22 -37.81
N TYR B 45 -27.79 -33.52 -37.81
CA TYR B 45 -27.04 -34.18 -38.89
C TYR B 45 -27.62 -34.06 -40.30
N PRO B 46 -28.96 -34.07 -40.45
CA PRO B 46 -29.45 -33.89 -41.83
C PRO B 46 -28.91 -32.62 -42.51
N LEU B 47 -28.91 -31.49 -41.82
CA LEU B 47 -28.41 -30.26 -42.44
C LEU B 47 -26.89 -30.26 -42.53
N VAL B 48 -26.24 -30.56 -41.41
CA VAL B 48 -24.78 -30.53 -41.31
C VAL B 48 -24.08 -31.49 -42.28
N LEU B 49 -24.57 -32.72 -42.38
CA LEU B 49 -23.97 -33.69 -43.30
C LEU B 49 -24.20 -33.31 -44.76
N SER B 50 -25.25 -32.55 -45.01
CA SER B 50 -25.55 -32.15 -46.39
C SER B 50 -24.84 -30.87 -46.77
N GLU B 51 -24.54 -30.02 -45.79
CA GLU B 51 -23.99 -28.70 -46.09
C GLU B 51 -22.63 -28.40 -45.45
N GLY B 52 -22.21 -29.25 -44.51
CA GLY B 52 -20.93 -29.06 -43.86
C GLY B 52 -21.09 -28.39 -42.51
N MET B 53 -20.12 -28.59 -41.63
CA MET B 53 -20.14 -27.99 -40.29
C MET B 53 -20.10 -26.46 -40.34
N ASP B 54 -19.61 -25.91 -41.45
CA ASP B 54 -19.57 -24.45 -41.63
C ASP B 54 -20.95 -23.81 -41.59
N ILE B 55 -22.00 -24.62 -41.78
CA ILE B 55 -23.36 -24.10 -41.77
C ILE B 55 -23.74 -23.54 -40.40
N ILE B 56 -23.06 -24.02 -39.35
CA ILE B 56 -23.29 -23.53 -38.00
C ILE B 56 -22.82 -22.07 -37.88
N ALA B 57 -21.60 -21.80 -38.33
CA ALA B 57 -21.06 -20.45 -38.29
C ALA B 57 -21.84 -19.50 -39.18
N GLU B 58 -22.34 -20.01 -40.30
CA GLU B 58 -23.13 -19.19 -41.22
C GLU B 58 -24.51 -18.88 -40.64
N PHE B 59 -25.01 -19.76 -39.80
CA PHE B 59 -26.27 -19.51 -39.09
C PHE B 59 -26.09 -18.45 -38.01
N ARG B 60 -24.97 -18.51 -37.30
CA ARG B 60 -24.68 -17.56 -36.25
C ARG B 60 -24.44 -16.17 -36.83
N LYS B 61 -23.80 -16.12 -37.99
CA LYS B 61 -23.50 -14.84 -38.63
C LYS B 61 -24.73 -14.20 -39.25
N ARG B 62 -25.59 -15.02 -39.86
CA ARG B 62 -26.75 -14.49 -40.55
C ARG B 62 -27.96 -14.22 -39.65
N PHE B 63 -27.95 -14.80 -38.45
CA PHE B 63 -29.12 -14.69 -37.57
C PHE B 63 -28.79 -14.26 -36.15
N GLY B 64 -27.53 -14.39 -35.74
CA GLY B 64 -27.13 -14.06 -34.39
C GLY B 64 -27.87 -14.93 -33.38
N CYS B 65 -28.20 -16.14 -33.79
CA CYS B 65 -28.99 -17.05 -32.96
C CYS B 65 -28.10 -18.03 -32.22
N ARG B 66 -28.66 -18.64 -31.17
CA ARG B 66 -27.96 -19.67 -30.42
C ARG B 66 -28.11 -21.01 -31.11
N ILE B 67 -27.01 -21.77 -31.15
CA ILE B 67 -26.99 -23.05 -31.86
C ILE B 67 -26.87 -24.26 -30.92
N ILE B 68 -27.88 -25.11 -30.92
CA ILE B 68 -27.82 -26.41 -30.26
C ILE B 68 -27.58 -27.48 -31.32
N ALA B 69 -26.48 -28.21 -31.19
CA ALA B 69 -26.15 -29.27 -32.15
C ALA B 69 -26.73 -30.61 -31.70
N ASP B 70 -27.82 -31.03 -32.34
CA ASP B 70 -28.48 -32.28 -31.98
C ASP B 70 -27.75 -33.43 -32.65
N PHE B 71 -26.60 -33.80 -32.11
CA PHE B 71 -25.76 -34.84 -32.73
C PHE B 71 -25.92 -36.15 -32.00
N LYS B 72 -26.64 -36.11 -30.88
CA LYS B 72 -26.94 -37.30 -30.08
C LYS B 72 -25.75 -38.22 -29.90
N VAL B 73 -24.65 -37.64 -29.45
CA VAL B 73 -23.38 -38.35 -29.35
C VAL B 73 -23.54 -39.64 -28.56
N ALA B 74 -23.02 -40.73 -29.13
CA ALA B 74 -23.30 -42.05 -28.60
C ALA B 74 -22.16 -43.04 -28.90
N ASP B 75 -20.92 -42.60 -28.66
CA ASP B 75 -19.76 -43.45 -28.91
C ASP B 75 -19.03 -43.73 -27.61
N ILE B 76 -17.82 -44.29 -27.70
CA ILE B 76 -16.98 -44.51 -26.54
C ILE B 76 -16.43 -43.16 -26.09
N PRO B 77 -16.01 -43.06 -24.80
CA PRO B 77 -15.52 -41.77 -24.27
C PRO B 77 -14.52 -41.04 -25.16
N GLU B 78 -13.46 -41.72 -25.61
CA GLU B 78 -12.45 -41.07 -26.43
C GLU B 78 -13.02 -40.47 -27.71
N THR B 79 -13.87 -41.21 -28.41
CA THR B 79 -14.46 -40.71 -29.65
C THR B 79 -15.47 -39.62 -29.37
N ASN B 80 -16.22 -39.77 -28.28
CA ASN B 80 -17.13 -38.71 -27.82
C ASN B 80 -16.42 -37.37 -27.63
N GLU B 81 -15.20 -37.40 -27.10
CA GLU B 81 -14.45 -36.17 -26.88
C GLU B 81 -14.11 -35.50 -28.21
N LYS B 82 -13.62 -36.29 -29.17
CA LYS B 82 -13.25 -35.76 -30.47
C LYS B 82 -14.46 -35.13 -31.17
N ILE B 83 -15.61 -35.80 -31.07
CA ILE B 83 -16.83 -35.28 -31.69
C ILE B 83 -17.26 -33.94 -31.06
N CYS B 84 -17.34 -33.91 -29.73
CA CYS B 84 -17.67 -32.68 -29.00
C CYS B 84 -16.70 -31.55 -29.31
N ARG B 85 -15.43 -31.88 -29.42
CA ARG B 85 -14.40 -30.88 -29.64
C ARG B 85 -14.55 -30.24 -31.02
N ALA B 86 -14.87 -31.07 -32.02
CA ALA B 86 -15.07 -30.60 -33.38
C ALA B 86 -16.34 -29.75 -33.49
N THR B 87 -17.36 -30.18 -32.76
CA THR B 87 -18.66 -29.50 -32.78
C THR B 87 -18.57 -28.12 -32.13
N PHE B 88 -17.89 -28.03 -30.99
CA PHE B 88 -17.72 -26.74 -30.32
C PHE B 88 -16.82 -25.82 -31.16
N LYS B 89 -15.74 -26.38 -31.69
CA LYS B 89 -14.86 -25.62 -32.58
C LYS B 89 -15.64 -25.00 -33.74
N ALA B 90 -16.60 -25.74 -34.27
CA ALA B 90 -17.45 -25.25 -35.36
C ALA B 90 -18.40 -24.14 -34.89
N GLY B 91 -18.51 -23.95 -33.57
CA GLY B 91 -19.27 -22.84 -33.04
C GLY B 91 -20.60 -23.17 -32.39
N ALA B 92 -20.86 -24.44 -32.10
CA ALA B 92 -22.08 -24.82 -31.41
C ALA B 92 -22.06 -24.35 -29.95
N ASP B 93 -23.18 -23.80 -29.49
CA ASP B 93 -23.30 -23.36 -28.10
C ASP B 93 -23.49 -24.55 -27.18
N ALA B 94 -24.24 -25.54 -27.65
CA ALA B 94 -24.51 -26.74 -26.86
C ALA B 94 -24.66 -27.97 -27.76
N ILE B 95 -24.41 -29.14 -27.17
CA ILE B 95 -24.50 -30.38 -27.93
C ILE B 95 -25.38 -31.36 -27.17
N ILE B 96 -26.24 -32.07 -27.91
CA ILE B 96 -27.11 -33.07 -27.30
C ILE B 96 -26.42 -34.43 -27.31
N VAL B 97 -26.51 -35.13 -26.18
CA VAL B 97 -25.73 -36.33 -25.94
C VAL B 97 -26.63 -37.44 -25.43
N HIS B 98 -26.53 -38.63 -26.03
CA HIS B 98 -27.26 -39.80 -25.54
C HIS B 98 -26.69 -40.23 -24.19
N GLY B 99 -27.57 -40.68 -23.30
CA GLY B 99 -27.14 -41.18 -22.01
C GLY B 99 -27.07 -42.69 -21.94
N PHE B 100 -27.70 -43.38 -22.89
N PHE B 100 -27.71 -43.36 -22.90
CA PHE B 100 -27.72 -44.85 -22.86
CA PHE B 100 -27.75 -44.83 -22.94
C PHE B 100 -26.36 -45.56 -23.00
C PHE B 100 -26.37 -45.51 -22.97
N PRO B 101 -25.39 -44.95 -23.71
CA PRO B 101 -24.04 -45.52 -23.65
C PRO B 101 -23.35 -45.50 -22.27
N GLY B 102 -23.91 -44.80 -21.29
CA GLY B 102 -23.40 -44.88 -19.93
C GLY B 102 -22.66 -43.66 -19.41
N ALA B 103 -22.29 -43.72 -18.12
CA ALA B 103 -21.72 -42.58 -17.40
C ALA B 103 -20.40 -42.05 -17.96
N ASP B 104 -19.50 -42.95 -18.35
CA ASP B 104 -18.19 -42.53 -18.85
C ASP B 104 -18.29 -41.81 -20.21
N SER B 105 -19.24 -42.22 -21.04
CA SER B 105 -19.44 -41.58 -22.34
C SER B 105 -20.00 -40.16 -22.18
N VAL B 106 -20.89 -39.98 -21.21
CA VAL B 106 -21.47 -38.67 -20.98
C VAL B 106 -20.44 -37.72 -20.36
N ARG B 107 -19.73 -38.22 -19.36
CA ARG B 107 -18.67 -37.48 -18.68
C ARG B 107 -17.60 -36.98 -19.65
N ALA B 108 -17.33 -37.79 -20.68
CA ALA B 108 -16.36 -37.41 -21.70
C ALA B 108 -16.80 -36.13 -22.41
N CYS B 109 -18.09 -36.04 -22.69
CA CYS B 109 -18.66 -34.85 -23.31
C CYS B 109 -18.65 -33.69 -22.33
N LEU B 110 -19.02 -33.96 -21.07
CA LEU B 110 -19.03 -32.94 -20.03
C LEU B 110 -17.67 -32.28 -19.85
N ASN B 111 -16.61 -33.08 -19.94
CA ASN B 111 -15.26 -32.56 -19.80
C ASN B 111 -14.89 -31.57 -20.92
N VAL B 112 -15.18 -31.95 -22.16
CA VAL B 112 -14.89 -31.09 -23.30
C VAL B 112 -15.72 -29.79 -23.25
N ALA B 113 -16.98 -29.91 -22.87
CA ALA B 113 -17.85 -28.75 -22.70
C ALA B 113 -17.27 -27.77 -21.67
N GLU B 114 -16.76 -28.30 -20.57
CA GLU B 114 -16.14 -27.46 -19.55
C GLU B 114 -14.84 -26.85 -20.08
N GLU B 115 -14.04 -27.68 -20.76
CA GLU B 115 -12.77 -27.24 -21.32
C GLU B 115 -12.94 -26.09 -22.31
N MET B 116 -14.05 -26.09 -23.03
CA MET B 116 -14.30 -25.08 -24.06
C MET B 116 -15.34 -24.04 -23.64
N GLY B 117 -15.90 -24.19 -22.45
CA GLY B 117 -16.87 -23.24 -21.94
C GLY B 117 -18.21 -23.29 -22.66
N ARG B 118 -18.65 -24.49 -22.99
N ARG B 118 -18.63 -24.50 -23.00
CA ARG B 118 -19.93 -24.68 -23.67
CA ARG B 118 -19.91 -24.69 -23.69
C ARG B 118 -20.80 -25.66 -22.90
C ARG B 118 -20.80 -25.68 -22.91
N GLU B 119 -21.95 -26.03 -23.46
CA GLU B 119 -22.94 -26.81 -22.72
C GLU B 119 -23.27 -28.19 -23.30
N VAL B 120 -23.60 -29.13 -22.42
CA VAL B 120 -24.07 -30.43 -22.84
C VAL B 120 -25.53 -30.63 -22.43
N PHE B 121 -26.37 -31.08 -23.36
CA PHE B 121 -27.72 -31.51 -23.05
C PHE B 121 -27.77 -33.02 -23.00
N LEU B 122 -28.37 -33.57 -21.96
CA LEU B 122 -28.52 -35.01 -21.85
C LEU B 122 -29.90 -35.47 -22.32
N LEU B 123 -29.91 -36.25 -23.40
CA LEU B 123 -31.15 -36.86 -23.89
C LEU B 123 -31.43 -38.12 -23.08
N THR B 124 -32.51 -38.10 -22.31
CA THR B 124 -32.80 -39.20 -21.39
C THR B 124 -33.80 -40.20 -21.97
N GLU B 125 -34.85 -39.68 -22.60
CA GLU B 125 -35.88 -40.52 -23.19
C GLU B 125 -36.29 -39.94 -24.54
N MET B 126 -36.50 -40.82 -25.52
CA MET B 126 -36.86 -40.38 -26.87
C MET B 126 -38.37 -40.37 -27.10
N SER B 127 -38.78 -39.63 -28.12
CA SER B 127 -40.21 -39.36 -28.35
C SER B 127 -40.92 -40.37 -29.25
N HIS B 128 -40.17 -41.09 -30.09
CA HIS B 128 -40.77 -41.99 -31.09
C HIS B 128 -41.25 -43.31 -30.47
N PRO B 129 -42.14 -44.04 -31.18
CA PRO B 129 -42.69 -45.27 -30.58
C PRO B 129 -41.65 -46.34 -30.23
N GLY B 130 -40.62 -46.50 -31.06
CA GLY B 130 -39.59 -47.50 -30.79
C GLY B 130 -38.85 -47.28 -29.48
N ALA B 131 -38.94 -46.08 -28.93
CA ALA B 131 -38.28 -45.73 -27.68
C ALA B 131 -38.79 -46.57 -26.50
N GLU B 132 -39.94 -47.20 -26.66
CA GLU B 132 -40.53 -48.01 -25.61
C GLU B 132 -39.77 -49.33 -25.40
N MET B 133 -39.15 -49.83 -26.46
CA MET B 133 -38.48 -51.13 -26.42
C MET B 133 -37.34 -51.20 -25.41
N PHE B 134 -36.46 -50.20 -25.43
CA PHE B 134 -35.27 -50.22 -24.60
C PHE B 134 -35.08 -48.96 -23.77
N ILE B 135 -35.36 -47.80 -24.35
CA ILE B 135 -35.03 -46.52 -23.71
C ILE B 135 -35.93 -46.18 -22.53
N GLN B 136 -37.24 -46.32 -22.71
CA GLN B 136 -38.21 -45.95 -21.68
C GLN B 136 -37.96 -46.60 -20.33
N GLY B 137 -37.60 -47.88 -20.35
CA GLY B 137 -37.33 -48.61 -19.12
C GLY B 137 -36.04 -48.18 -18.44
N ALA B 138 -35.20 -47.45 -19.16
CA ALA B 138 -33.92 -47.01 -18.63
C ALA B 138 -33.92 -45.50 -18.38
N ALA B 139 -34.98 -44.84 -18.83
CA ALA B 139 -35.08 -43.38 -18.82
C ALA B 139 -34.83 -42.76 -17.44
N ASP B 140 -35.48 -43.30 -16.42
CA ASP B 140 -35.33 -42.81 -15.04
C ASP B 140 -33.88 -42.90 -14.56
N GLU B 141 -33.25 -44.04 -14.82
CA GLU B 141 -31.90 -44.27 -14.32
C GLU B 141 -30.88 -43.43 -15.08
N ILE B 142 -31.17 -43.17 -16.36
CA ILE B 142 -30.30 -42.30 -17.16
C ILE B 142 -30.41 -40.86 -16.66
N ALA B 143 -31.62 -40.43 -16.36
CA ALA B 143 -31.85 -39.10 -15.81
C ALA B 143 -31.13 -38.95 -14.47
N ARG B 144 -31.25 -39.97 -13.62
CA ARG B 144 -30.55 -40.00 -12.34
C ARG B 144 -29.04 -39.98 -12.52
N MET B 145 -28.57 -40.74 -13.51
CA MET B 145 -27.15 -40.76 -13.82
C MET B 145 -26.67 -39.35 -14.16
N GLY B 146 -27.48 -38.62 -14.93
CA GLY B 146 -27.18 -37.25 -15.30
C GLY B 146 -27.02 -36.37 -14.07
N VAL B 147 -27.90 -36.55 -13.10
CA VAL B 147 -27.86 -35.78 -11.87
C VAL B 147 -26.56 -36.07 -11.10
N ASP B 148 -26.23 -37.35 -10.96
CA ASP B 148 -24.99 -37.76 -10.31
C ASP B 148 -23.76 -37.17 -11.03
N LEU B 149 -23.88 -36.96 -12.34
CA LEU B 149 -22.78 -36.43 -13.12
C LEU B 149 -22.74 -34.90 -13.09
N GLY B 150 -23.77 -34.29 -12.53
CA GLY B 150 -23.87 -32.84 -12.45
C GLY B 150 -24.42 -32.18 -13.71
N VAL B 151 -25.08 -32.97 -14.55
CA VAL B 151 -25.72 -32.45 -15.76
C VAL B 151 -26.85 -31.49 -15.40
N LYS B 152 -26.86 -30.32 -16.03
CA LYS B 152 -27.90 -29.32 -15.75
C LYS B 152 -28.92 -29.19 -16.87
N ASN B 153 -28.63 -29.81 -18.02
CA ASN B 153 -29.45 -29.65 -19.22
C ASN B 153 -29.96 -30.96 -19.79
N TYR B 154 -31.27 -31.05 -19.97
CA TYR B 154 -31.90 -32.32 -20.33
C TYR B 154 -32.85 -32.21 -21.52
N VAL B 155 -33.10 -33.34 -22.17
CA VAL B 155 -34.05 -33.42 -23.27
C VAL B 155 -35.03 -34.55 -23.01
N GLY B 156 -36.34 -34.26 -23.08
CA GLY B 156 -37.35 -35.26 -22.80
C GLY B 156 -38.47 -35.32 -23.83
N PRO B 157 -39.24 -36.42 -23.84
CA PRO B 157 -40.28 -36.66 -24.84
C PRO B 157 -41.58 -35.88 -24.62
N SER B 158 -41.97 -35.09 -25.62
CA SER B 158 -43.23 -34.36 -25.57
C SER B 158 -44.40 -35.30 -25.82
N THR B 159 -44.14 -36.39 -26.53
CA THR B 159 -45.17 -37.36 -26.85
C THR B 159 -45.71 -38.09 -25.62
N ARG B 160 -44.98 -37.97 -24.51
CA ARG B 160 -45.40 -38.60 -23.26
C ARG B 160 -45.33 -37.62 -22.08
N PRO B 161 -46.40 -36.83 -21.88
CA PRO B 161 -46.48 -35.80 -20.84
C PRO B 161 -46.23 -36.34 -19.44
N GLU B 162 -46.68 -37.58 -19.19
CA GLU B 162 -46.49 -38.20 -17.89
C GLU B 162 -45.03 -38.60 -17.67
N ARG B 163 -44.37 -39.00 -18.75
CA ARG B 163 -42.95 -39.36 -18.67
C ARG B 163 -42.11 -38.10 -18.53
N LEU B 164 -42.56 -37.03 -19.19
CA LEU B 164 -41.87 -35.75 -19.13
C LEU B 164 -41.95 -35.15 -17.74
N SER B 165 -43.07 -35.41 -17.06
CA SER B 165 -43.28 -34.91 -15.71
C SER B 165 -42.37 -35.61 -14.71
N ARG B 166 -42.20 -36.91 -14.88
CA ARG B 166 -41.31 -37.69 -14.04
C ARG B 166 -39.87 -37.22 -14.20
N LEU B 167 -39.49 -36.90 -15.42
CA LEU B 167 -38.16 -36.38 -15.71
C LEU B 167 -37.89 -35.09 -14.94
N ARG B 168 -38.89 -34.22 -14.89
CA ARG B 168 -38.75 -32.95 -14.20
C ARG B 168 -38.54 -33.11 -12.70
N GLU B 169 -39.28 -34.03 -12.08
CA GLU B 169 -39.15 -34.22 -10.63
C GLU B 169 -37.85 -34.94 -10.27
N ILE B 170 -37.25 -35.59 -11.25
CA ILE B 170 -35.95 -36.23 -11.07
C ILE B 170 -34.82 -35.20 -11.13
N ILE B 171 -34.84 -34.38 -12.17
CA ILE B 171 -33.75 -33.44 -12.43
C ILE B 171 -33.83 -32.17 -11.57
N GLY B 172 -34.98 -31.95 -10.96
CA GLY B 172 -35.16 -30.77 -10.13
C GLY B 172 -35.72 -29.58 -10.88
N GLN B 173 -36.17 -28.58 -10.13
CA GLN B 173 -36.83 -27.41 -10.70
C GLN B 173 -35.89 -26.40 -11.37
N ASP B 174 -34.61 -26.42 -11.00
CA ASP B 174 -33.66 -25.48 -11.57
C ASP B 174 -32.83 -26.06 -12.73
N SER B 175 -33.01 -27.35 -13.00
CA SER B 175 -32.43 -27.94 -14.18
C SER B 175 -33.16 -27.40 -15.41
N PHE B 176 -32.48 -27.34 -16.54
CA PHE B 176 -33.08 -26.83 -17.77
C PHE B 176 -33.55 -27.98 -18.65
N LEU B 177 -34.79 -27.91 -19.09
CA LEU B 177 -35.41 -29.01 -19.84
C LEU B 177 -36.05 -28.56 -21.15
N ILE B 178 -35.67 -29.20 -22.25
CA ILE B 178 -36.28 -28.93 -23.55
C ILE B 178 -36.89 -30.21 -24.10
N SER B 179 -37.89 -30.09 -24.96
CA SER B 179 -38.67 -31.26 -25.39
C SER B 179 -39.12 -31.27 -26.85
N PRO B 180 -38.64 -32.25 -27.63
CA PRO B 180 -39.04 -32.45 -29.02
C PRO B 180 -40.25 -33.38 -29.14
N GLY B 181 -40.85 -33.43 -30.32
CA GLY B 181 -42.01 -34.27 -30.55
C GLY B 181 -43.30 -33.49 -30.52
N VAL B 182 -43.19 -32.16 -30.56
CA VAL B 182 -44.36 -31.31 -30.60
C VAL B 182 -44.81 -31.11 -32.06
N GLY B 183 -46.10 -31.27 -32.30
CA GLY B 183 -46.66 -31.04 -33.62
C GLY B 183 -46.75 -32.29 -34.48
N ALA B 184 -45.72 -32.53 -35.28
CA ALA B 184 -45.68 -33.66 -36.20
C ALA B 184 -45.82 -35.01 -35.48
N GLN B 185 -45.04 -35.21 -34.43
CA GLN B 185 -45.07 -36.47 -33.70
C GLN B 185 -46.28 -36.60 -32.78
N GLY B 186 -47.01 -35.51 -32.59
CA GLY B 186 -48.26 -35.56 -31.84
C GLY B 186 -48.31 -34.80 -30.53
N GLY B 187 -47.16 -34.29 -30.08
CA GLY B 187 -47.10 -33.57 -28.82
C GLY B 187 -47.82 -32.23 -28.86
N ASP B 188 -48.43 -31.86 -27.74
CA ASP B 188 -49.12 -30.57 -27.62
C ASP B 188 -48.22 -29.53 -26.95
N PRO B 189 -48.11 -28.34 -27.56
CA PRO B 189 -47.24 -27.26 -27.09
C PRO B 189 -47.48 -26.88 -25.63
N GLY B 190 -48.71 -26.54 -25.28
CA GLY B 190 -49.05 -26.13 -23.93
C GLY B 190 -48.78 -27.17 -22.85
N GLU B 191 -49.26 -28.39 -23.08
CA GLU B 191 -49.11 -29.48 -22.11
C GLU B 191 -47.65 -29.88 -21.93
N THR B 192 -46.84 -29.62 -22.95
CA THR B 192 -45.41 -29.91 -22.90
C THR B 192 -44.69 -28.87 -22.06
N LEU B 193 -45.15 -27.64 -22.12
CA LEU B 193 -44.52 -26.51 -21.42
C LEU B 193 -44.89 -26.44 -19.95
N ARG B 194 -45.69 -27.41 -19.49
CA ARG B 194 -46.03 -27.50 -18.07
C ARG B 194 -44.84 -28.02 -17.27
N PHE B 195 -43.96 -28.77 -17.94
CA PHE B 195 -42.81 -29.37 -17.28
C PHE B 195 -41.50 -28.95 -17.94
N ALA B 196 -41.54 -28.68 -19.23
CA ALA B 196 -40.35 -28.28 -19.98
C ALA B 196 -40.20 -26.75 -20.05
N ASP B 197 -38.96 -26.28 -20.10
CA ASP B 197 -38.69 -24.85 -20.22
C ASP B 197 -38.98 -24.35 -21.63
N ALA B 198 -38.68 -25.18 -22.62
CA ALA B 198 -38.90 -24.81 -24.01
C ALA B 198 -39.27 -26.01 -24.87
N ILE B 199 -40.00 -25.76 -25.95
CA ILE B 199 -40.38 -26.82 -26.87
C ILE B 199 -39.57 -26.77 -28.16
N ILE B 200 -39.30 -27.94 -28.71
CA ILE B 200 -38.64 -28.05 -30.00
C ILE B 200 -39.71 -28.38 -31.04
N VAL B 201 -39.76 -27.60 -32.10
CA VAL B 201 -40.74 -27.83 -33.16
C VAL B 201 -40.05 -27.80 -34.52
N GLY B 202 -40.18 -28.89 -35.27
CA GLY B 202 -39.58 -29.00 -36.58
C GLY B 202 -40.58 -28.89 -37.72
N ARG B 203 -41.05 -30.04 -38.19
CA ARG B 203 -41.90 -30.13 -39.38
C ARG B 203 -43.15 -29.24 -39.34
N SER B 204 -43.67 -28.97 -38.15
CA SER B 204 -44.85 -28.12 -38.01
C SER B 204 -44.56 -26.68 -38.42
N ILE B 205 -43.28 -26.34 -38.57
CA ILE B 205 -42.89 -25.02 -39.02
C ILE B 205 -42.27 -25.02 -40.42
N TYR B 206 -41.24 -25.84 -40.62
CA TYR B 206 -40.50 -25.79 -41.87
C TYR B 206 -41.15 -26.53 -43.04
N LEU B 207 -42.28 -27.20 -42.78
CA LEU B 207 -43.02 -27.86 -43.84
C LEU B 207 -44.36 -27.19 -44.09
N ALA B 208 -44.69 -26.19 -43.27
CA ALA B 208 -45.93 -25.45 -43.43
C ALA B 208 -45.83 -24.52 -44.65
N ASP B 209 -46.99 -24.18 -45.22
CA ASP B 209 -47.03 -23.21 -46.32
C ASP B 209 -46.36 -21.93 -45.89
N ASN B 210 -46.75 -21.42 -44.73
CA ASN B 210 -46.14 -20.24 -44.15
C ASN B 210 -45.50 -20.57 -42.80
N PRO B 211 -44.18 -20.77 -42.79
CA PRO B 211 -43.44 -21.06 -41.55
C PRO B 211 -43.60 -19.94 -40.52
N ALA B 212 -43.68 -18.70 -40.99
CA ALA B 212 -43.87 -17.56 -40.12
C ALA B 212 -45.20 -17.65 -39.37
N ALA B 213 -46.27 -17.89 -40.11
CA ALA B 213 -47.61 -18.02 -39.53
C ALA B 213 -47.70 -19.21 -38.59
N ALA B 214 -47.05 -20.31 -38.95
CA ALA B 214 -47.04 -21.51 -38.13
C ALA B 214 -46.39 -21.23 -36.78
N ALA B 215 -45.19 -20.64 -36.82
CA ALA B 215 -44.46 -20.32 -35.60
C ALA B 215 -45.20 -19.29 -34.76
N ALA B 216 -45.89 -18.37 -35.43
CA ALA B 216 -46.68 -17.36 -34.74
C ALA B 216 -47.95 -17.96 -34.14
N GLY B 217 -48.50 -18.95 -34.83
CA GLY B 217 -49.71 -19.62 -34.38
C GLY B 217 -49.43 -20.46 -33.14
N ILE B 218 -48.24 -21.05 -33.08
CA ILE B 218 -47.82 -21.83 -31.93
C ILE B 218 -47.68 -20.94 -30.70
N ILE B 219 -47.02 -19.79 -30.89
CA ILE B 219 -46.80 -18.84 -29.81
C ILE B 219 -48.10 -18.22 -29.28
N GLU B 220 -49.02 -17.91 -30.19
CA GLU B 220 -50.29 -17.30 -29.82
C GLU B 220 -51.20 -18.24 -29.02
N SER B 221 -50.83 -19.51 -28.94
CA SER B 221 -51.57 -20.48 -28.14
C SER B 221 -50.76 -20.85 -26.90
N ILE B 222 -49.78 -20.01 -26.57
CA ILE B 222 -48.83 -20.30 -25.50
C ILE B 222 -48.71 -19.11 -24.53
N LYS B 223 -48.96 -17.90 -25.04
CA LYS B 223 -48.81 -16.68 -24.25
C LYS B 223 -49.54 -16.68 -22.90
N ASP B 224 -50.56 -17.53 -22.79
CA ASP B 224 -51.25 -17.71 -21.52
C ASP B 224 -50.33 -18.37 -20.50
N LEU B 225 -49.47 -19.26 -20.98
CA LEU B 225 -48.50 -19.94 -20.13
C LEU B 225 -47.32 -19.04 -19.80
N MET C 1 27.28 -4.88 -12.79
CA MET C 1 26.54 -3.62 -12.68
C MET C 1 25.10 -3.85 -12.23
N ARG C 2 24.92 -4.03 -10.92
CA ARG C 2 23.59 -4.24 -10.35
C ARG C 2 23.12 -3.03 -9.56
N SER C 3 21.98 -3.16 -8.89
CA SER C 3 21.46 -2.08 -8.05
C SER C 3 22.32 -1.87 -6.82
N ARG C 4 22.19 -0.70 -6.22
CA ARG C 4 23.00 -0.29 -5.08
C ARG C 4 22.08 0.33 -4.06
N ARG C 5 20.80 0.43 -4.44
CA ARG C 5 19.77 1.02 -3.60
C ARG C 5 19.58 0.25 -2.31
N VAL C 6 19.63 0.97 -1.19
CA VAL C 6 19.38 0.40 0.13
C VAL C 6 17.90 0.07 0.27
N ASP C 7 17.11 0.75 -0.55
CA ASP C 7 15.66 0.76 -0.40
C ASP C 7 14.94 0.03 -1.52
N VAL C 8 15.17 -1.29 -1.61
CA VAL C 8 14.50 -2.13 -2.59
C VAL C 8 13.91 -3.34 -1.90
N MET C 9 13.00 -4.05 -2.57
CA MET C 9 12.42 -5.25 -1.97
C MET C 9 13.45 -6.36 -1.97
N ASP C 10 13.45 -7.16 -0.90
CA ASP C 10 14.47 -8.17 -0.69
C ASP C 10 14.00 -9.54 -1.20
N VAL C 11 14.42 -9.89 -2.40
CA VAL C 11 14.04 -11.15 -3.02
C VAL C 11 15.01 -12.26 -2.61
N MET C 12 14.49 -13.24 -1.86
CA MET C 12 15.32 -14.34 -1.37
C MET C 12 15.98 -15.09 -2.53
N ASN C 13 17.30 -15.26 -2.43
CA ASN C 13 18.09 -15.95 -3.45
C ASN C 13 18.02 -15.34 -4.85
N ARG C 14 17.53 -14.10 -4.94
CA ARG C 14 17.33 -13.41 -6.22
C ARG C 14 16.41 -14.17 -7.19
N LEU C 15 15.63 -15.10 -6.66
CA LEU C 15 14.78 -15.95 -7.49
C LEU C 15 13.31 -15.60 -7.31
N ILE C 16 12.67 -15.17 -8.39
CA ILE C 16 11.23 -14.93 -8.39
C ILE C 16 10.53 -16.04 -9.17
N LEU C 17 9.55 -16.70 -8.55
CA LEU C 17 8.79 -17.75 -9.21
C LEU C 17 7.66 -17.18 -10.06
N ALA C 18 7.68 -17.52 -11.35
CA ALA C 18 6.56 -17.20 -12.22
C ALA C 18 5.57 -18.36 -12.16
N MET C 19 4.57 -18.22 -11.30
CA MET C 19 3.58 -19.27 -11.13
C MET C 19 2.48 -19.16 -12.17
N ASP C 20 2.69 -19.81 -13.31
CA ASP C 20 1.76 -19.76 -14.42
C ASP C 20 1.00 -21.07 -14.64
N LEU C 21 1.00 -21.94 -13.63
CA LEU C 21 0.13 -23.10 -13.65
C LEU C 21 -1.30 -22.58 -13.56
N MET C 22 -2.22 -23.25 -14.24
CA MET C 22 -3.57 -22.71 -14.40
C MET C 22 -4.64 -23.37 -13.55
N ASN C 23 -4.24 -24.29 -12.68
CA ASN C 23 -5.19 -24.83 -11.70
C ASN C 23 -4.68 -24.68 -10.27
N ARG C 24 -5.61 -24.39 -9.38
CA ARG C 24 -5.29 -24.04 -8.00
C ARG C 24 -4.49 -25.11 -7.26
N ASP C 25 -4.87 -26.38 -7.46
CA ASP C 25 -4.19 -27.48 -6.78
C ASP C 25 -2.70 -27.59 -7.13
N ASP C 26 -2.39 -27.63 -8.43
CA ASP C 26 -1.00 -27.73 -8.87
C ASP C 26 -0.19 -26.51 -8.44
N ALA C 27 -0.78 -25.33 -8.60
CA ALA C 27 -0.10 -24.07 -8.30
C ALA C 27 0.32 -24.00 -6.83
N LEU C 28 -0.59 -24.35 -5.94
CA LEU C 28 -0.31 -24.35 -4.51
C LEU C 28 0.71 -25.41 -4.13
N ARG C 29 0.62 -26.56 -4.78
CA ARG C 29 1.52 -27.67 -4.49
C ARG C 29 2.97 -27.34 -4.88
N VAL C 30 3.14 -26.83 -6.10
CA VAL C 30 4.47 -26.51 -6.62
C VAL C 30 5.11 -25.35 -5.88
N THR C 31 4.32 -24.33 -5.55
CA THR C 31 4.82 -23.19 -4.81
C THR C 31 5.23 -23.62 -3.40
N GLY C 32 4.46 -24.54 -2.83
CA GLY C 32 4.77 -25.08 -1.52
C GLY C 32 6.09 -25.82 -1.51
N GLU C 33 6.39 -26.49 -2.61
CA GLU C 33 7.62 -27.28 -2.72
C GLU C 33 8.87 -26.41 -2.81
N VAL C 34 8.74 -25.24 -3.41
CA VAL C 34 9.90 -24.36 -3.60
C VAL C 34 9.91 -23.17 -2.63
N ARG C 35 9.03 -23.20 -1.64
CA ARG C 35 8.87 -22.07 -0.72
C ARG C 35 10.12 -21.78 0.12
N GLU C 36 10.88 -22.82 0.44
CA GLU C 36 12.08 -22.63 1.27
C GLU C 36 13.21 -21.98 0.49
N TYR C 37 13.04 -21.87 -0.82
CA TYR C 37 14.07 -21.27 -1.67
C TYR C 37 13.69 -19.86 -2.12
N ILE C 38 12.41 -19.68 -2.48
CA ILE C 38 11.94 -18.38 -2.94
C ILE C 38 10.86 -17.83 -2.01
N ASP C 39 10.83 -16.51 -1.84
CA ASP C 39 9.81 -15.87 -1.02
C ASP C 39 9.05 -14.81 -1.82
N THR C 40 9.27 -14.80 -3.13
CA THR C 40 8.63 -13.82 -4.00
C THR C 40 8.01 -14.48 -5.21
N VAL C 41 6.68 -14.41 -5.31
CA VAL C 41 5.97 -15.08 -6.40
C VAL C 41 5.35 -14.07 -7.38
N LYS C 42 5.59 -14.30 -8.66
CA LYS C 42 4.94 -13.52 -9.71
C LYS C 42 3.68 -14.25 -10.17
N ILE C 43 2.54 -13.58 -10.07
CA ILE C 43 1.28 -14.18 -10.46
C ILE C 43 0.67 -13.41 -11.62
N GLY C 44 0.35 -14.12 -12.70
CA GLY C 44 -0.20 -13.49 -13.89
C GLY C 44 -1.61 -13.92 -14.21
N TYR C 45 -2.09 -13.49 -15.38
CA TYR C 45 -3.43 -13.83 -15.84
C TYR C 45 -3.73 -15.31 -16.03
N PRO C 46 -2.74 -16.14 -16.43
CA PRO C 46 -3.09 -17.56 -16.52
C PRO C 46 -3.66 -18.14 -15.22
N LEU C 47 -3.07 -17.82 -14.07
CA LEU C 47 -3.59 -18.33 -12.80
C LEU C 47 -4.84 -17.58 -12.34
N VAL C 48 -4.79 -16.26 -12.47
CA VAL C 48 -5.88 -15.39 -12.00
C VAL C 48 -7.16 -15.55 -12.81
N LEU C 49 -7.04 -15.62 -14.14
CA LEU C 49 -8.22 -15.80 -14.99
C LEU C 49 -8.83 -17.19 -14.83
N SER C 50 -8.03 -18.16 -14.41
CA SER C 50 -8.55 -19.51 -14.20
C SER C 50 -9.15 -19.71 -12.81
N GLU C 51 -8.58 -19.07 -11.79
CA GLU C 51 -8.99 -19.33 -10.41
C GLU C 51 -9.55 -18.12 -9.65
N GLY C 52 -9.47 -16.94 -10.25
CA GLY C 52 -10.00 -15.75 -9.61
C GLY C 52 -8.94 -14.95 -8.87
N MET C 53 -9.25 -13.70 -8.56
CA MET C 53 -8.30 -12.82 -7.91
C MET C 53 -8.06 -13.19 -6.45
N ASP C 54 -8.95 -13.98 -5.88
CA ASP C 54 -8.80 -14.43 -4.50
C ASP C 54 -7.60 -15.35 -4.34
N ILE C 55 -7.08 -15.86 -5.47
CA ILE C 55 -5.93 -16.75 -5.43
C ILE C 55 -4.70 -16.02 -4.89
N ILE C 56 -4.67 -14.70 -5.05
CA ILE C 56 -3.56 -13.88 -4.56
C ILE C 56 -3.51 -13.90 -3.03
N ALA C 57 -4.66 -13.70 -2.40
CA ALA C 57 -4.76 -13.71 -0.95
C ALA C 57 -4.41 -15.08 -0.38
N GLU C 58 -4.81 -16.13 -1.09
CA GLU C 58 -4.56 -17.49 -0.61
C GLU C 58 -3.08 -17.83 -0.62
N PHE C 59 -2.36 -17.33 -1.63
CA PHE C 59 -0.90 -17.46 -1.68
C PHE C 59 -0.25 -16.75 -0.50
N ARG C 60 -0.64 -15.50 -0.26
CA ARG C 60 -0.14 -14.72 0.87
C ARG C 60 -0.45 -15.40 2.19
N LYS C 61 -1.64 -16.00 2.27
CA LYS C 61 -2.13 -16.61 3.50
C LYS C 61 -1.43 -17.93 3.79
N ARG C 62 -1.05 -18.65 2.73
CA ARG C 62 -0.45 -19.97 2.88
C ARG C 62 1.08 -19.95 2.88
N PHE C 63 1.67 -19.00 2.16
CA PHE C 63 3.12 -18.99 1.99
C PHE C 63 3.79 -17.76 2.62
N GLY C 64 3.02 -16.70 2.83
CA GLY C 64 3.54 -15.49 3.42
C GLY C 64 4.57 -14.82 2.54
N CYS C 65 4.34 -14.86 1.23
CA CYS C 65 5.31 -14.38 0.25
C CYS C 65 4.91 -13.03 -0.33
N ARG C 66 5.86 -12.35 -0.97
CA ARG C 66 5.57 -11.16 -1.75
C ARG C 66 4.88 -11.56 -3.05
N ILE C 67 3.89 -10.78 -3.47
CA ILE C 67 3.16 -11.05 -4.70
C ILE C 67 3.39 -9.94 -5.72
N ILE C 68 3.88 -10.33 -6.90
CA ILE C 68 3.96 -9.40 -8.02
C ILE C 68 2.96 -9.81 -9.07
N ALA C 69 1.99 -8.94 -9.34
CA ALA C 69 0.95 -9.20 -10.32
C ALA C 69 1.41 -8.80 -11.73
N ASP C 70 1.71 -9.80 -12.55
CA ASP C 70 2.22 -9.54 -13.88
C ASP C 70 1.06 -9.34 -14.85
N PHE C 71 0.37 -8.22 -14.74
CA PHE C 71 -0.83 -8.00 -15.54
C PHE C 71 -0.56 -7.15 -16.77
N LYS C 72 0.70 -6.70 -16.90
CA LYS C 72 1.13 -5.89 -18.03
C LYS C 72 0.12 -4.84 -18.46
N VAL C 73 -0.33 -4.05 -17.49
CA VAL C 73 -1.40 -3.09 -17.71
C VAL C 73 -1.04 -2.22 -18.92
N ALA C 74 -1.94 -2.18 -19.90
CA ALA C 74 -1.65 -1.52 -21.17
C ALA C 74 -2.91 -0.93 -21.80
N ASP C 75 -3.71 -0.27 -20.97
CA ASP C 75 -4.93 0.36 -21.42
C ASP C 75 -4.83 1.87 -21.25
N ILE C 76 -5.94 2.56 -21.42
CA ILE C 76 -5.99 4.00 -21.26
C ILE C 76 -5.88 4.33 -19.77
N PRO C 77 -5.54 5.59 -19.42
CA PRO C 77 -5.41 5.96 -18.01
C PRO C 77 -6.57 5.52 -17.12
N GLU C 78 -7.80 5.91 -17.48
CA GLU C 78 -8.98 5.60 -16.69
C GLU C 78 -9.09 4.12 -16.34
N THR C 79 -8.91 3.25 -17.34
CA THR C 79 -9.03 1.81 -17.13
C THR C 79 -7.84 1.24 -16.36
N ASN C 80 -6.66 1.80 -16.59
CA ASN C 80 -5.45 1.40 -15.87
C ASN C 80 -5.60 1.60 -14.37
N GLU C 81 -6.26 2.67 -13.97
CA GLU C 81 -6.49 2.94 -12.56
C GLU C 81 -7.38 1.88 -11.96
N LYS C 82 -8.44 1.53 -12.68
CA LYS C 82 -9.39 0.53 -12.22
C LYS C 82 -8.72 -0.83 -12.09
N ILE C 83 -7.91 -1.19 -13.07
CA ILE C 83 -7.19 -2.45 -13.02
C ILE C 83 -6.25 -2.49 -11.80
N CYS C 84 -5.44 -1.46 -11.66
CA CYS C 84 -4.51 -1.34 -10.54
C CYS C 84 -5.21 -1.39 -9.17
N ARG C 85 -6.29 -0.63 -9.04
CA ARG C 85 -7.01 -0.54 -7.78
C ARG C 85 -7.53 -1.91 -7.35
N ALA C 86 -8.07 -2.66 -8.31
CA ALA C 86 -8.60 -3.98 -8.04
C ALA C 86 -7.48 -4.94 -7.70
N THR C 87 -6.36 -4.79 -8.40
CA THR C 87 -5.22 -5.68 -8.21
C THR C 87 -4.60 -5.51 -6.83
N PHE C 88 -4.45 -4.25 -6.41
CA PHE C 88 -3.95 -3.96 -5.07
C PHE C 88 -4.96 -4.36 -4.00
N LYS C 89 -6.24 -4.13 -4.26
CA LYS C 89 -7.30 -4.55 -3.34
C LYS C 89 -7.25 -6.04 -3.10
N ALA C 90 -6.89 -6.79 -4.14
CA ALA C 90 -6.74 -8.25 -4.05
C ALA C 90 -5.51 -8.66 -3.22
N GLY C 91 -4.62 -7.70 -2.94
CA GLY C 91 -3.48 -7.96 -2.09
C GLY C 91 -2.14 -8.10 -2.78
N ALA C 92 -2.03 -7.60 -4.01
CA ALA C 92 -0.75 -7.61 -4.71
C ALA C 92 0.18 -6.55 -4.14
N ASP C 93 1.45 -6.89 -3.98
CA ASP C 93 2.42 -5.93 -3.46
C ASP C 93 2.90 -5.02 -4.57
N ALA C 94 3.03 -5.57 -5.77
CA ALA C 94 3.47 -4.80 -6.92
C ALA C 94 2.74 -5.25 -8.19
N ILE C 95 2.62 -4.32 -9.14
CA ILE C 95 1.98 -4.63 -10.41
C ILE C 95 2.91 -4.24 -11.56
N ILE C 96 3.01 -5.12 -12.56
CA ILE C 96 3.82 -4.87 -13.73
C ILE C 96 2.98 -4.19 -14.80
N VAL C 97 3.54 -3.12 -15.38
CA VAL C 97 2.83 -2.22 -16.27
C VAL C 97 3.62 -2.06 -17.57
N HIS C 98 2.93 -2.12 -18.72
CA HIS C 98 3.56 -1.82 -20.00
C HIS C 98 3.81 -0.33 -20.15
N GLY C 99 4.92 0.02 -20.78
CA GLY C 99 5.27 1.41 -21.03
C GLY C 99 4.92 1.92 -22.41
N PHE C 100 4.75 1.00 -23.36
N PHE C 100 4.75 1.02 -23.37
CA PHE C 100 4.41 1.32 -24.74
CA PHE C 100 4.45 1.43 -24.75
C PHE C 100 3.19 2.23 -24.92
C PHE C 100 3.15 2.25 -24.95
N PRO C 101 2.12 2.04 -24.12
CA PRO C 101 0.97 2.96 -24.27
C PRO C 101 1.20 4.42 -23.84
N GLY C 102 2.39 4.75 -23.32
CA GLY C 102 2.69 6.14 -23.02
C GLY C 102 2.67 6.57 -21.56
N ALA C 103 3.10 7.80 -21.32
CA ALA C 103 3.32 8.33 -19.97
C ALA C 103 2.07 8.47 -19.11
N ASP C 104 0.97 8.95 -19.69
CA ASP C 104 -0.28 9.10 -18.97
C ASP C 104 -0.77 7.76 -18.41
N SER C 105 -0.66 6.71 -19.22
CA SER C 105 -1.08 5.37 -18.83
C SER C 105 -0.22 4.81 -17.70
N VAL C 106 1.07 5.11 -17.73
CA VAL C 106 1.95 4.69 -16.65
C VAL C 106 1.65 5.49 -15.38
N ARG C 107 1.46 6.80 -15.55
CA ARG C 107 1.20 7.69 -14.42
C ARG C 107 -0.06 7.29 -13.65
N ALA C 108 -1.08 6.82 -14.38
CA ALA C 108 -2.33 6.41 -13.77
C ALA C 108 -2.09 5.23 -12.85
N CYS C 109 -1.16 4.37 -13.23
CA CYS C 109 -0.78 3.23 -12.41
C CYS C 109 -0.01 3.73 -11.18
N LEU C 110 0.95 4.63 -11.41
CA LEU C 110 1.74 5.22 -10.33
C LEU C 110 0.87 5.92 -9.31
N ASN C 111 -0.18 6.59 -9.79
CA ASN C 111 -1.09 7.30 -8.90
C ASN C 111 -1.81 6.36 -7.95
N VAL C 112 -2.30 5.24 -8.47
CA VAL C 112 -3.01 4.27 -7.64
C VAL C 112 -2.06 3.62 -6.65
N ALA C 113 -0.84 3.31 -7.13
CA ALA C 113 0.19 2.75 -6.27
C ALA C 113 0.47 3.65 -5.05
N GLU C 114 0.57 4.95 -5.28
CA GLU C 114 0.79 5.89 -4.18
C GLU C 114 -0.44 5.98 -3.28
N GLU C 115 -1.61 6.07 -3.90
CA GLU C 115 -2.89 6.12 -3.20
C GLU C 115 -3.03 4.94 -2.23
N MET C 116 -2.48 3.80 -2.61
CA MET C 116 -2.62 2.58 -1.82
C MET C 116 -1.33 2.11 -1.13
N GLY C 117 -0.23 2.80 -1.39
CA GLY C 117 1.05 2.45 -0.78
C GLY C 117 1.58 1.10 -1.25
N ARG C 118 1.61 0.93 -2.56
CA ARG C 118 2.15 -0.28 -3.17
C ARG C 118 3.07 0.14 -4.32
N GLU C 119 3.58 -0.81 -5.08
CA GLU C 119 4.59 -0.49 -6.09
C GLU C 119 4.21 -0.82 -7.54
N VAL C 120 4.90 -0.15 -8.46
CA VAL C 120 4.70 -0.36 -9.89
C VAL C 120 6.02 -0.81 -10.52
N PHE C 121 5.97 -1.86 -11.33
CA PHE C 121 7.12 -2.28 -12.11
C PHE C 121 6.88 -1.89 -13.57
N LEU C 122 7.87 -1.26 -14.19
CA LEU C 122 7.73 -0.87 -15.59
C LEU C 122 8.40 -1.86 -16.53
N LEU C 123 7.61 -2.55 -17.34
CA LEU C 123 8.13 -3.42 -18.38
C LEU C 123 8.58 -2.56 -19.56
N THR C 124 9.87 -2.62 -19.90
CA THR C 124 10.41 -1.79 -20.96
C THR C 124 10.60 -2.57 -22.26
N GLU C 125 11.42 -3.62 -22.21
CA GLU C 125 11.62 -4.45 -23.39
C GLU C 125 11.28 -5.90 -23.05
N MET C 126 10.58 -6.56 -23.97
CA MET C 126 10.14 -7.94 -23.75
C MET C 126 11.18 -8.96 -24.21
N SER C 127 11.04 -10.19 -23.73
CA SER C 127 12.06 -11.22 -23.88
C SER C 127 11.89 -12.12 -25.10
N HIS C 128 10.68 -12.13 -25.67
CA HIS C 128 10.38 -13.01 -26.80
C HIS C 128 10.88 -12.40 -28.11
N PRO C 129 11.03 -13.23 -29.16
CA PRO C 129 11.53 -12.74 -30.46
C PRO C 129 10.71 -11.62 -31.10
N GLY C 130 9.39 -11.62 -30.89
CA GLY C 130 8.54 -10.60 -31.48
C GLY C 130 8.80 -9.20 -30.93
N ALA C 131 9.50 -9.13 -29.79
CA ALA C 131 9.79 -7.85 -29.16
C ALA C 131 10.69 -6.96 -30.03
N GLU C 132 11.38 -7.59 -30.99
CA GLU C 132 12.28 -6.88 -31.88
C GLU C 132 11.54 -6.00 -32.90
N MET C 133 10.27 -6.28 -33.12
CA MET C 133 9.54 -5.61 -34.18
C MET C 133 9.22 -4.15 -33.86
N PHE C 134 8.64 -3.90 -32.70
CA PHE C 134 8.23 -2.55 -32.34
C PHE C 134 8.74 -2.11 -30.97
N ILE C 135 8.83 -3.04 -30.02
CA ILE C 135 9.19 -2.69 -28.65
C ILE C 135 10.65 -2.31 -28.48
N GLN C 136 11.54 -3.10 -29.08
CA GLN C 136 12.98 -2.89 -28.91
C GLN C 136 13.41 -1.48 -29.32
N GLY C 137 12.87 -0.98 -30.41
CA GLY C 137 13.22 0.34 -30.91
C GLY C 137 12.75 1.46 -30.00
N ALA C 138 11.73 1.18 -29.20
CA ALA C 138 11.18 2.18 -28.30
C ALA C 138 11.63 1.97 -26.84
N ALA C 139 12.31 0.85 -26.59
CA ALA C 139 12.65 0.42 -25.24
C ALA C 139 13.45 1.46 -24.43
N ASP C 140 14.48 2.02 -25.05
CA ASP C 140 15.31 3.03 -24.39
C ASP C 140 14.49 4.25 -23.98
N GLU C 141 13.65 4.73 -24.89
CA GLU C 141 12.84 5.90 -24.61
C GLU C 141 11.81 5.62 -23.53
N ILE C 142 11.29 4.39 -23.53
CA ILE C 142 10.34 3.94 -22.52
C ILE C 142 11.00 3.92 -21.16
N ALA C 143 12.23 3.41 -21.12
CA ALA C 143 13.01 3.37 -19.89
C ALA C 143 13.28 4.78 -19.34
N ARG C 144 13.66 5.70 -20.22
CA ARG C 144 13.90 7.09 -19.81
C ARG C 144 12.62 7.75 -19.32
N MET C 145 11.50 7.37 -19.94
CA MET C 145 10.20 7.87 -19.52
C MET C 145 9.94 7.44 -18.09
N GLY C 146 10.17 6.15 -17.80
CA GLY C 146 10.04 5.61 -16.46
C GLY C 146 10.80 6.43 -15.43
N VAL C 147 12.06 6.70 -15.72
CA VAL C 147 12.91 7.48 -14.82
C VAL C 147 12.30 8.86 -14.55
N ASP C 148 11.87 9.52 -15.62
CA ASP C 148 11.21 10.82 -15.53
C ASP C 148 9.95 10.80 -14.67
N LEU C 149 9.25 9.66 -14.68
CA LEU C 149 8.00 9.55 -13.94
C LEU C 149 8.23 9.13 -12.48
N GLY C 150 9.49 8.89 -12.14
CA GLY C 150 9.84 8.46 -10.80
C GLY C 150 9.71 6.96 -10.56
N VAL C 151 9.64 6.18 -11.64
CA VAL C 151 9.58 4.73 -11.52
C VAL C 151 10.92 4.18 -11.04
N LYS C 152 10.89 3.32 -10.02
CA LYS C 152 12.11 2.78 -9.43
C LYS C 152 12.29 1.29 -9.72
N ASN C 153 11.27 0.68 -10.30
CA ASN C 153 11.28 -0.76 -10.55
C ASN C 153 11.02 -1.07 -12.01
N TYR C 154 11.87 -1.91 -12.61
CA TYR C 154 11.81 -2.16 -14.05
C TYR C 154 11.90 -3.64 -14.40
N VAL C 155 11.42 -3.99 -15.59
CA VAL C 155 11.49 -5.35 -16.09
C VAL C 155 12.19 -5.38 -17.45
N GLY C 156 13.22 -6.22 -17.58
CA GLY C 156 14.02 -6.29 -18.79
C GLY C 156 14.34 -7.71 -19.21
N PRO C 157 14.68 -7.90 -20.50
CA PRO C 157 14.79 -9.21 -21.15
C PRO C 157 16.09 -9.98 -20.85
N SER C 158 15.94 -11.17 -20.27
CA SER C 158 17.09 -12.04 -20.01
C SER C 158 17.68 -12.61 -21.30
N THR C 159 16.84 -12.75 -22.32
CA THR C 159 17.25 -13.32 -23.60
C THR C 159 18.22 -12.43 -24.38
N ARG C 160 18.32 -11.17 -23.98
CA ARG C 160 19.22 -10.23 -24.66
C ARG C 160 20.05 -9.45 -23.65
N PRO C 161 21.18 -10.04 -23.21
CA PRO C 161 22.06 -9.46 -22.20
C PRO C 161 22.56 -8.07 -22.59
N GLU C 162 22.86 -7.86 -23.87
CA GLU C 162 23.34 -6.56 -24.33
C GLU C 162 22.23 -5.51 -24.19
N ARG C 163 20.98 -5.93 -24.31
CA ARG C 163 19.85 -5.02 -24.16
C ARG C 163 19.56 -4.78 -22.68
N LEU C 164 19.76 -5.82 -21.88
CA LEU C 164 19.55 -5.73 -20.44
C LEU C 164 20.58 -4.79 -19.83
N SER C 165 21.80 -4.87 -20.34
CA SER C 165 22.89 -4.02 -19.90
C SER C 165 22.61 -2.55 -20.25
N ARG C 166 22.05 -2.33 -21.44
CA ARG C 166 21.72 -0.97 -21.87
C ARG C 166 20.65 -0.38 -20.97
N LEU C 167 19.67 -1.22 -20.61
CA LEU C 167 18.58 -0.80 -19.74
C LEU C 167 19.08 -0.41 -18.35
N ARG C 168 20.05 -1.17 -17.85
CA ARG C 168 20.67 -0.86 -16.56
C ARG C 168 21.40 0.48 -16.61
N GLU C 169 22.10 0.74 -17.71
CA GLU C 169 22.78 2.02 -17.90
C GLU C 169 21.79 3.18 -17.81
N ILE C 170 20.64 3.02 -18.45
CA ILE C 170 19.63 4.07 -18.47
C ILE C 170 19.03 4.34 -17.09
N ILE C 171 18.63 3.28 -16.40
CA ILE C 171 17.93 3.42 -15.12
C ILE C 171 18.87 3.67 -13.94
N GLY C 172 20.15 3.35 -14.12
CA GLY C 172 21.14 3.58 -13.07
C GLY C 172 21.13 2.53 -11.97
N GLN C 173 22.02 2.70 -11.00
CA GLN C 173 22.22 1.74 -9.92
C GLN C 173 21.19 1.90 -8.82
N ASP C 174 20.46 3.02 -8.81
CA ASP C 174 19.46 3.26 -7.78
C ASP C 174 18.13 2.58 -8.10
N SER C 175 17.99 2.07 -9.32
CA SER C 175 16.76 1.42 -9.72
C SER C 175 16.82 -0.10 -9.54
N PHE C 176 15.66 -0.71 -9.32
CA PHE C 176 15.55 -2.15 -9.09
C PHE C 176 15.11 -2.82 -10.38
N LEU C 177 15.84 -3.85 -10.80
CA LEU C 177 15.58 -4.49 -12.09
C LEU C 177 15.39 -6.01 -11.95
N ILE C 178 14.30 -6.52 -12.51
CA ILE C 178 14.04 -7.96 -12.53
C ILE C 178 13.91 -8.45 -13.97
N SER C 179 14.25 -9.71 -14.20
CA SER C 179 14.39 -10.19 -15.57
C SER C 179 13.81 -11.58 -15.82
N PRO C 180 12.81 -11.66 -16.71
CA PRO C 180 12.21 -12.92 -17.16
C PRO C 180 12.90 -13.43 -18.42
N GLY C 181 12.71 -14.71 -18.73
CA GLY C 181 13.30 -15.31 -19.90
C GLY C 181 14.43 -16.25 -19.55
N VAL C 182 14.63 -16.47 -18.25
CA VAL C 182 15.67 -17.36 -17.77
C VAL C 182 15.24 -18.83 -17.87
N GLY C 183 16.07 -19.64 -18.49
CA GLY C 183 15.78 -21.06 -18.62
C GLY C 183 15.09 -21.40 -19.92
N ALA C 184 13.77 -21.59 -19.84
CA ALA C 184 12.97 -22.01 -21.00
C ALA C 184 13.16 -21.14 -22.24
N GLN C 185 13.28 -19.82 -22.03
CA GLN C 185 13.45 -18.90 -23.15
C GLN C 185 14.92 -18.77 -23.58
N GLY C 186 15.81 -19.45 -22.85
CA GLY C 186 17.21 -19.50 -23.24
C GLY C 186 18.16 -18.65 -22.41
N GLY C 187 17.62 -17.76 -21.59
CA GLY C 187 18.44 -16.90 -20.76
C GLY C 187 19.20 -17.65 -19.68
N ASP C 188 20.45 -17.24 -19.46
CA ASP C 188 21.29 -17.84 -18.42
C ASP C 188 21.17 -17.04 -17.13
N PRO C 189 21.00 -17.74 -15.99
CA PRO C 189 20.80 -17.10 -14.69
C PRO C 189 21.92 -16.13 -14.30
N GLY C 190 23.14 -16.64 -14.20
CA GLY C 190 24.29 -15.84 -13.81
C GLY C 190 24.55 -14.64 -14.69
N GLU C 191 24.50 -14.85 -16.00
CA GLU C 191 24.74 -13.77 -16.96
C GLU C 191 23.68 -12.68 -16.85
N THR C 192 22.46 -13.10 -16.54
CA THR C 192 21.36 -12.16 -16.38
C THR C 192 21.56 -11.32 -15.12
N LEU C 193 22.05 -11.95 -14.07
CA LEU C 193 22.22 -11.28 -12.78
C LEU C 193 23.44 -10.35 -12.76
N ARG C 194 24.15 -10.24 -13.88
CA ARG C 194 25.22 -9.27 -14.00
C ARG C 194 24.62 -7.87 -14.04
N PHE C 195 23.37 -7.79 -14.49
CA PHE C 195 22.69 -6.51 -14.62
C PHE C 195 21.38 -6.46 -13.84
N ALA C 196 20.71 -7.59 -13.75
CA ALA C 196 19.44 -7.68 -13.02
C ALA C 196 19.67 -7.97 -11.54
N ASP C 197 18.74 -7.52 -10.71
CA ASP C 197 18.82 -7.76 -9.27
C ASP C 197 18.21 -9.10 -8.91
N ALA C 198 17.24 -9.53 -9.72
CA ALA C 198 16.58 -10.80 -9.48
C ALA C 198 16.10 -11.37 -10.82
N ILE C 199 16.12 -12.69 -10.92
CA ILE C 199 15.65 -13.35 -12.13
C ILE C 199 14.26 -13.93 -11.92
N ILE C 200 13.43 -13.84 -12.96
CA ILE C 200 12.13 -14.49 -12.95
C ILE C 200 12.27 -15.82 -13.67
N VAL C 201 11.83 -16.90 -13.03
CA VAL C 201 11.86 -18.22 -13.63
C VAL C 201 10.52 -18.91 -13.53
N GLY C 202 10.00 -19.36 -14.67
CA GLY C 202 8.72 -20.06 -14.70
C GLY C 202 8.84 -21.56 -14.97
N ARG C 203 8.73 -21.93 -16.24
CA ARG C 203 8.66 -23.33 -16.66
C ARG C 203 9.80 -24.23 -16.15
N SER C 204 11.01 -23.69 -16.08
CA SER C 204 12.17 -24.45 -15.61
C SER C 204 11.93 -25.04 -14.23
N ILE C 205 11.10 -24.38 -13.43
CA ILE C 205 10.76 -24.89 -12.11
C ILE C 205 9.42 -25.61 -12.08
N TYR C 206 8.37 -24.95 -12.55
CA TYR C 206 7.03 -25.51 -12.40
C TYR C 206 6.68 -26.66 -13.36
N LEU C 207 7.51 -26.86 -14.40
CA LEU C 207 7.31 -27.98 -15.31
C LEU C 207 8.31 -29.11 -15.05
N ALA C 208 9.24 -28.89 -14.14
CA ALA C 208 10.23 -29.91 -13.80
C ALA C 208 9.57 -31.06 -13.04
N ASP C 209 10.17 -32.25 -13.14
CA ASP C 209 9.68 -33.40 -12.40
C ASP C 209 9.80 -33.16 -10.90
N ASN C 210 10.77 -32.34 -10.52
CA ASN C 210 10.94 -31.93 -9.13
C ASN C 210 11.27 -30.44 -9.05
N PRO C 211 10.24 -29.61 -8.87
CA PRO C 211 10.36 -28.15 -8.81
C PRO C 211 11.37 -27.70 -7.77
N ALA C 212 11.40 -28.38 -6.62
CA ALA C 212 12.33 -28.05 -5.56
C ALA C 212 13.77 -28.26 -6.00
N ALA C 213 14.02 -29.38 -6.66
CA ALA C 213 15.36 -29.70 -7.16
C ALA C 213 15.78 -28.75 -8.27
N ALA C 214 14.79 -28.20 -8.98
CA ALA C 214 15.05 -27.26 -10.06
C ALA C 214 15.44 -25.88 -9.52
N ALA C 215 14.72 -25.44 -8.49
CA ALA C 215 15.01 -24.17 -7.85
C ALA C 215 16.40 -24.17 -7.23
N ALA C 216 16.70 -25.21 -6.45
CA ALA C 216 18.01 -25.34 -5.83
C ALA C 216 19.11 -25.42 -6.89
N GLY C 217 18.82 -26.08 -7.99
CA GLY C 217 19.76 -26.21 -9.10
C GLY C 217 20.12 -24.87 -9.70
N ILE C 218 19.14 -23.99 -9.82
CA ILE C 218 19.37 -22.65 -10.33
C ILE C 218 20.15 -21.81 -9.32
N ILE C 219 19.75 -21.90 -8.06
CA ILE C 219 20.42 -21.19 -6.98
C ILE C 219 21.89 -21.62 -6.84
N GLU C 220 22.16 -22.90 -7.10
CA GLU C 220 23.53 -23.39 -7.04
C GLU C 220 24.36 -22.90 -8.22
N SER C 221 23.70 -22.64 -9.34
CA SER C 221 24.40 -22.14 -10.53
C SER C 221 24.77 -20.67 -10.36
N ILE C 222 24.18 -20.02 -9.35
CA ILE C 222 24.50 -18.64 -9.03
C ILE C 222 24.91 -18.47 -7.57
N LYS C 223 25.40 -19.56 -6.98
CA LYS C 223 25.76 -19.56 -5.56
C LYS C 223 27.06 -18.82 -5.27
N ASP C 224 27.27 -17.71 -5.97
CA ASP C 224 28.43 -16.87 -5.75
C ASP C 224 27.95 -15.48 -5.35
N LEU C 225 26.63 -15.35 -5.22
CA LEU C 225 26.00 -14.09 -4.87
C LEU C 225 25.06 -14.24 -3.67
N VAL D 8 -18.50 -13.29 -42.81
CA VAL D 8 -19.20 -12.03 -42.58
C VAL D 8 -19.91 -12.00 -41.22
N MET D 9 -19.22 -11.49 -40.21
CA MET D 9 -19.78 -11.42 -38.86
C MET D 9 -20.23 -10.00 -38.54
N ASP D 10 -21.52 -9.82 -38.27
CA ASP D 10 -22.08 -8.48 -38.05
C ASP D 10 -22.48 -8.20 -36.61
N VAL D 11 -22.79 -6.94 -36.33
CA VAL D 11 -23.18 -6.48 -35.00
C VAL D 11 -24.47 -5.67 -35.11
N MET D 12 -25.43 -5.97 -34.24
CA MET D 12 -26.72 -5.28 -34.26
C MET D 12 -26.58 -3.77 -34.06
N ASN D 13 -27.19 -3.01 -34.98
CA ASN D 13 -27.17 -1.55 -34.95
C ASN D 13 -25.78 -0.91 -34.93
N ARG D 14 -24.77 -1.68 -35.33
CA ARG D 14 -23.39 -1.20 -35.40
C ARG D 14 -22.91 -0.60 -34.09
N LEU D 15 -23.51 -1.03 -32.99
CA LEU D 15 -23.16 -0.48 -31.68
C LEU D 15 -22.73 -1.60 -30.73
N ILE D 16 -21.55 -1.42 -30.14
CA ILE D 16 -21.03 -2.38 -29.17
C ILE D 16 -20.94 -1.73 -27.80
N LEU D 17 -21.64 -2.32 -26.83
CA LEU D 17 -21.63 -1.78 -25.47
C LEU D 17 -20.34 -2.13 -24.74
N ALA D 18 -19.66 -1.11 -24.24
CA ALA D 18 -18.48 -1.31 -23.42
C ALA D 18 -18.86 -1.24 -21.95
N MET D 19 -19.04 -2.41 -21.34
CA MET D 19 -19.49 -2.49 -19.97
C MET D 19 -18.30 -2.52 -19.00
N ASP D 20 -17.89 -1.35 -18.53
CA ASP D 20 -16.72 -1.26 -17.66
C ASP D 20 -17.07 -0.96 -16.20
N LEU D 21 -18.35 -1.05 -15.87
CA LEU D 21 -18.78 -0.96 -14.48
C LEU D 21 -18.14 -2.09 -13.70
N MET D 22 -17.77 -1.83 -12.44
CA MET D 22 -17.04 -2.81 -11.65
C MET D 22 -17.91 -3.53 -10.63
N ASN D 23 -19.23 -3.43 -10.80
CA ASN D 23 -20.17 -4.11 -9.92
C ASN D 23 -21.20 -4.94 -10.70
N ARG D 24 -21.44 -6.16 -10.23
CA ARG D 24 -22.34 -7.09 -10.92
C ARG D 24 -23.74 -6.53 -11.15
N ASP D 25 -24.35 -6.01 -10.09
CA ASP D 25 -25.72 -5.51 -10.16
C ASP D 25 -25.91 -4.42 -11.20
N ASP D 26 -25.05 -3.40 -11.16
CA ASP D 26 -25.16 -2.28 -12.09
C ASP D 26 -24.87 -2.71 -13.52
N ALA D 27 -23.86 -3.56 -13.69
CA ALA D 27 -23.48 -4.04 -15.02
C ALA D 27 -24.59 -4.85 -15.66
N LEU D 28 -25.27 -5.67 -14.86
CA LEU D 28 -26.35 -6.51 -15.36
C LEU D 28 -27.60 -5.67 -15.63
N ARG D 29 -27.85 -4.68 -14.78
CA ARG D 29 -29.04 -3.85 -14.91
C ARG D 29 -28.98 -3.01 -16.18
N VAL D 30 -27.87 -2.29 -16.35
CA VAL D 30 -27.69 -1.41 -17.50
C VAL D 30 -27.70 -2.19 -18.82
N THR D 31 -26.95 -3.28 -18.88
CA THR D 31 -26.90 -4.12 -20.07
C THR D 31 -28.29 -4.65 -20.42
N GLY D 32 -29.07 -4.96 -19.40
CA GLY D 32 -30.45 -5.41 -19.60
C GLY D 32 -31.31 -4.29 -20.14
N GLU D 33 -31.09 -3.08 -19.64
CA GLU D 33 -31.85 -1.91 -20.08
C GLU D 33 -31.61 -1.63 -21.56
N VAL D 34 -30.39 -1.83 -22.02
CA VAL D 34 -30.02 -1.52 -23.40
C VAL D 34 -29.92 -2.76 -24.29
N ARG D 35 -30.47 -3.87 -23.83
CA ARG D 35 -30.41 -5.13 -24.58
C ARG D 35 -31.23 -5.05 -25.87
N GLU D 36 -32.30 -4.27 -25.85
CA GLU D 36 -33.14 -4.12 -27.03
C GLU D 36 -32.45 -3.31 -28.12
N TYR D 37 -31.29 -2.74 -27.81
CA TYR D 37 -30.55 -1.93 -28.77
C TYR D 37 -29.32 -2.67 -29.32
N ILE D 38 -28.65 -3.43 -28.46
CA ILE D 38 -27.40 -4.08 -28.84
C ILE D 38 -27.39 -5.57 -28.52
N ASP D 39 -26.56 -6.32 -29.26
CA ASP D 39 -26.43 -7.76 -29.04
C ASP D 39 -24.97 -8.17 -28.91
N THR D 40 -24.10 -7.18 -28.82
CA THR D 40 -22.66 -7.41 -28.66
C THR D 40 -22.11 -6.53 -27.54
N VAL D 41 -21.52 -7.16 -26.53
CA VAL D 41 -20.99 -6.44 -25.38
C VAL D 41 -19.49 -6.63 -25.22
N LYS D 42 -18.77 -5.53 -25.01
CA LYS D 42 -17.34 -5.60 -24.74
C LYS D 42 -17.10 -5.62 -23.23
N ILE D 43 -16.44 -6.66 -22.77
CA ILE D 43 -16.16 -6.85 -21.36
C ILE D 43 -14.65 -6.78 -21.12
N GLY D 44 -14.24 -5.95 -20.16
CA GLY D 44 -12.84 -5.75 -19.88
C GLY D 44 -12.41 -6.22 -18.50
N TYR D 45 -11.15 -5.97 -18.18
CA TYR D 45 -10.58 -6.34 -16.88
C TYR D 45 -11.24 -5.73 -15.63
N PRO D 46 -11.66 -4.45 -15.68
CA PRO D 46 -12.29 -3.90 -14.46
C PRO D 46 -13.47 -4.72 -13.94
N LEU D 47 -14.31 -5.22 -14.84
CA LEU D 47 -15.47 -6.02 -14.42
C LEU D 47 -15.07 -7.46 -14.14
N VAL D 48 -14.18 -8.00 -14.97
CA VAL D 48 -13.73 -9.38 -14.81
C VAL D 48 -12.91 -9.59 -13.54
N LEU D 49 -11.92 -8.72 -13.30
CA LEU D 49 -11.05 -8.86 -12.14
C LEU D 49 -11.77 -8.65 -10.82
N SER D 50 -12.92 -7.98 -10.86
CA SER D 50 -13.68 -7.70 -9.65
C SER D 50 -14.82 -8.68 -9.39
N GLU D 51 -15.35 -9.27 -10.45
CA GLU D 51 -16.50 -10.17 -10.31
C GLU D 51 -16.22 -11.60 -10.78
N GLY D 52 -15.05 -11.82 -11.36
CA GLY D 52 -14.65 -13.15 -11.80
C GLY D 52 -14.95 -13.38 -13.26
N MET D 53 -14.23 -14.32 -13.86
CA MET D 53 -14.42 -14.68 -15.27
C MET D 53 -15.79 -15.29 -15.54
N ASP D 54 -16.42 -15.82 -14.49
CA ASP D 54 -17.72 -16.45 -14.62
C ASP D 54 -18.80 -15.47 -15.08
N ILE D 55 -18.54 -14.18 -14.94
CA ILE D 55 -19.52 -13.17 -15.33
C ILE D 55 -19.66 -13.12 -16.85
N ILE D 56 -18.64 -13.61 -17.54
CA ILE D 56 -18.69 -13.71 -18.99
C ILE D 56 -19.74 -14.73 -19.41
N ALA D 57 -19.73 -15.90 -18.79
CA ALA D 57 -20.74 -16.92 -19.07
C ALA D 57 -22.11 -16.45 -18.65
N GLU D 58 -22.19 -15.70 -17.56
CA GLU D 58 -23.46 -15.19 -17.08
C GLU D 58 -24.07 -14.21 -18.06
N PHE D 59 -23.27 -13.27 -18.55
CA PHE D 59 -23.73 -12.30 -19.55
C PHE D 59 -24.23 -13.00 -20.81
N ARG D 60 -23.46 -13.98 -21.27
CA ARG D 60 -23.76 -14.69 -22.50
C ARG D 60 -25.06 -15.49 -22.40
N LYS D 61 -25.21 -16.22 -21.30
CA LYS D 61 -26.37 -17.08 -21.10
C LYS D 61 -27.65 -16.29 -20.79
N ARG D 62 -27.50 -15.16 -20.14
CA ARG D 62 -28.63 -14.38 -19.68
C ARG D 62 -29.21 -13.46 -20.76
N PHE D 63 -28.31 -12.83 -21.54
CA PHE D 63 -28.73 -11.84 -22.51
C PHE D 63 -28.67 -12.34 -23.96
N GLY D 64 -28.03 -13.49 -24.16
CA GLY D 64 -27.90 -14.06 -25.49
C GLY D 64 -27.08 -13.16 -26.40
N CYS D 65 -26.17 -12.40 -25.81
CA CYS D 65 -25.36 -11.47 -26.56
C CYS D 65 -23.97 -12.05 -26.81
N ARG D 66 -23.29 -11.49 -27.79
CA ARG D 66 -21.93 -11.89 -28.10
C ARG D 66 -20.95 -11.10 -27.19
N ILE D 67 -19.95 -11.78 -26.66
CA ILE D 67 -19.02 -11.16 -25.73
C ILE D 67 -17.63 -11.00 -26.32
N ILE D 68 -17.12 -9.76 -26.31
CA ILE D 68 -15.75 -9.48 -26.69
C ILE D 68 -14.92 -9.15 -25.44
N ALA D 69 -13.95 -10.01 -25.13
CA ALA D 69 -13.08 -9.78 -23.99
C ALA D 69 -12.00 -8.76 -24.34
N ASP D 70 -12.13 -7.56 -23.80
CA ASP D 70 -11.14 -6.52 -24.08
C ASP D 70 -9.98 -6.64 -23.10
N PHE D 71 -9.17 -7.67 -23.31
CA PHE D 71 -8.09 -8.00 -22.38
C PHE D 71 -6.75 -7.45 -22.85
N LYS D 72 -6.69 -7.00 -24.10
CA LYS D 72 -5.48 -6.41 -24.68
C LYS D 72 -4.23 -7.24 -24.48
N VAL D 73 -4.33 -8.53 -24.81
CA VAL D 73 -3.26 -9.48 -24.57
C VAL D 73 -1.93 -8.97 -25.16
N ALA D 74 -0.92 -8.91 -24.29
CA ALA D 74 0.36 -8.30 -24.64
C ALA D 74 1.53 -8.99 -23.95
N ASP D 75 1.59 -10.32 -24.07
CA ASP D 75 2.65 -11.08 -23.42
C ASP D 75 3.40 -11.87 -24.49
N ILE D 76 4.32 -12.74 -24.06
CA ILE D 76 5.03 -13.62 -24.97
C ILE D 76 4.05 -14.66 -25.52
N PRO D 77 4.41 -15.34 -26.62
CA PRO D 77 3.51 -16.33 -27.23
C PRO D 77 2.97 -17.40 -26.27
N GLU D 78 3.84 -18.04 -25.48
CA GLU D 78 3.42 -19.11 -24.59
C GLU D 78 2.37 -18.65 -23.56
N THR D 79 2.54 -17.45 -23.02
CA THR D 79 1.56 -16.94 -22.05
C THR D 79 0.30 -16.43 -22.76
N ASN D 80 0.48 -15.85 -23.95
CA ASN D 80 -0.66 -15.44 -24.77
C ASN D 80 -1.62 -16.61 -25.04
N GLU D 81 -1.07 -17.78 -25.33
CA GLU D 81 -1.92 -18.95 -25.56
C GLU D 81 -2.75 -19.29 -24.33
N LYS D 82 -2.12 -19.25 -23.16
CA LYS D 82 -2.81 -19.59 -21.92
C LYS D 82 -3.94 -18.59 -21.62
N ILE D 83 -3.65 -17.30 -21.80
CA ILE D 83 -4.64 -16.25 -21.58
C ILE D 83 -5.85 -16.41 -22.51
N CYS D 84 -5.59 -16.60 -23.80
CA CYS D 84 -6.67 -16.82 -24.76
C CYS D 84 -7.47 -18.07 -24.43
N ARG D 85 -6.76 -19.14 -24.10
CA ARG D 85 -7.41 -20.42 -23.77
C ARG D 85 -8.32 -20.29 -22.56
N ALA D 86 -7.86 -19.55 -21.55
CA ALA D 86 -8.64 -19.33 -20.34
C ALA D 86 -9.84 -18.43 -20.60
N THR D 87 -9.67 -17.49 -21.53
CA THR D 87 -10.72 -16.53 -21.86
C THR D 87 -11.84 -17.19 -22.67
N PHE D 88 -11.45 -18.06 -23.60
CA PHE D 88 -12.43 -18.79 -24.39
C PHE D 88 -13.11 -19.85 -23.52
N LYS D 89 -12.37 -20.42 -22.59
CA LYS D 89 -12.94 -21.36 -21.63
C LYS D 89 -14.04 -20.69 -20.83
N ALA D 90 -13.88 -19.40 -20.55
CA ALA D 90 -14.92 -18.63 -19.86
C ALA D 90 -16.08 -18.29 -20.78
N GLY D 91 -15.92 -18.59 -22.07
CA GLY D 91 -17.02 -18.48 -23.01
C GLY D 91 -16.99 -17.28 -23.93
N ALA D 92 -15.94 -16.48 -23.89
CA ALA D 92 -15.84 -15.31 -24.75
C ALA D 92 -15.87 -15.70 -26.23
N ASP D 93 -16.60 -14.94 -27.02
CA ASP D 93 -16.68 -15.20 -28.47
C ASP D 93 -15.47 -14.62 -29.18
N ALA D 94 -14.94 -13.52 -28.63
CA ALA D 94 -13.82 -12.82 -29.24
C ALA D 94 -12.89 -12.25 -28.16
N ILE D 95 -11.63 -12.09 -28.51
CA ILE D 95 -10.67 -11.46 -27.61
C ILE D 95 -9.87 -10.38 -28.35
N ILE D 96 -9.57 -9.29 -27.65
CA ILE D 96 -8.79 -8.19 -28.20
C ILE D 96 -7.33 -8.31 -27.80
N VAL D 97 -6.44 -8.13 -28.79
CA VAL D 97 -5.03 -8.43 -28.64
C VAL D 97 -4.17 -7.27 -29.14
N HIS D 98 -3.20 -6.86 -28.34
CA HIS D 98 -2.24 -5.82 -28.73
C HIS D 98 -1.33 -6.35 -29.83
N GLY D 99 -1.01 -5.50 -30.81
CA GLY D 99 -0.11 -5.87 -31.87
C GLY D 99 1.34 -5.47 -31.60
N PHE D 100 1.54 -4.50 -30.71
N PHE D 100 1.52 -4.49 -30.70
CA PHE D 100 2.89 -4.00 -30.44
CA PHE D 100 2.84 -3.98 -30.37
C PHE D 100 3.93 -5.03 -29.93
C PHE D 100 3.88 -5.03 -29.96
N PRO D 101 3.49 -6.06 -29.17
CA PRO D 101 4.46 -7.11 -28.85
C PRO D 101 4.98 -7.96 -30.03
N GLY D 102 4.43 -7.78 -31.23
CA GLY D 102 4.99 -8.45 -32.40
C GLY D 102 4.19 -9.62 -32.95
N ALA D 103 4.67 -10.16 -34.05
CA ALA D 103 3.92 -11.16 -34.83
C ALA D 103 3.71 -12.50 -34.12
N ASP D 104 4.78 -13.06 -33.54
CA ASP D 104 4.68 -14.34 -32.86
C ASP D 104 3.62 -14.34 -31.75
N SER D 105 3.54 -13.21 -31.03
CA SER D 105 2.57 -13.08 -29.94
C SER D 105 1.14 -13.00 -30.47
N VAL D 106 0.95 -12.35 -31.62
CA VAL D 106 -0.36 -12.30 -32.25
C VAL D 106 -0.73 -13.69 -32.81
N ARG D 107 0.22 -14.31 -33.49
CA ARG D 107 0.01 -15.64 -34.05
C ARG D 107 -0.39 -16.65 -32.98
N ALA D 108 0.16 -16.50 -31.77
CA ALA D 108 -0.16 -17.39 -30.66
C ALA D 108 -1.65 -17.33 -30.33
N CYS D 109 -2.21 -16.13 -30.37
CA CYS D 109 -3.63 -15.92 -30.10
C CYS D 109 -4.50 -16.49 -31.22
N LEU D 110 -4.06 -16.24 -32.46
CA LEU D 110 -4.79 -16.73 -33.63
C LEU D 110 -4.92 -18.25 -33.59
N ASN D 111 -3.83 -18.93 -33.20
CA ASN D 111 -3.82 -20.39 -33.13
C ASN D 111 -4.85 -20.94 -32.15
N VAL D 112 -4.93 -20.35 -30.96
CA VAL D 112 -5.89 -20.79 -29.96
C VAL D 112 -7.33 -20.52 -30.43
N ALA D 113 -7.57 -19.32 -30.96
CA ALA D 113 -8.87 -18.96 -31.49
C ALA D 113 -9.31 -19.87 -32.66
N GLU D 114 -8.37 -20.25 -33.49
CA GLU D 114 -8.65 -21.16 -34.60
C GLU D 114 -8.94 -22.56 -34.06
N GLU D 115 -8.23 -22.92 -32.99
CA GLU D 115 -8.39 -24.22 -32.35
C GLU D 115 -9.76 -24.34 -31.69
N MET D 116 -10.20 -23.26 -31.04
CA MET D 116 -11.45 -23.30 -30.27
C MET D 116 -12.64 -22.67 -31.02
N GLY D 117 -12.39 -22.26 -32.26
CA GLY D 117 -13.43 -21.66 -33.08
C GLY D 117 -13.93 -20.31 -32.60
N ARG D 118 -13.01 -19.46 -32.16
N ARG D 118 -13.01 -19.46 -32.14
CA ARG D 118 -13.35 -18.11 -31.71
CA ARG D 118 -13.37 -18.11 -31.71
C ARG D 118 -12.64 -17.05 -32.56
C ARG D 118 -12.58 -17.06 -32.51
N GLU D 119 -12.74 -15.79 -32.15
CA GLU D 119 -12.17 -14.69 -32.94
C GLU D 119 -11.14 -13.84 -32.19
N VAL D 120 -10.11 -13.42 -32.92
CA VAL D 120 -9.14 -12.48 -32.39
C VAL D 120 -9.33 -11.11 -33.03
N PHE D 121 -9.33 -10.07 -32.20
CA PHE D 121 -9.40 -8.68 -32.67
C PHE D 121 -8.04 -8.03 -32.43
N LEU D 122 -7.46 -7.47 -33.49
CA LEU D 122 -6.16 -6.83 -33.39
C LEU D 122 -6.28 -5.34 -33.10
N LEU D 123 -5.76 -4.92 -31.94
CA LEU D 123 -5.71 -3.51 -31.58
C LEU D 123 -4.48 -2.87 -32.19
N THR D 124 -4.68 -1.98 -33.16
CA THR D 124 -3.56 -1.42 -33.92
C THR D 124 -3.14 -0.05 -33.42
N GLU D 125 -4.10 0.78 -33.03
CA GLU D 125 -3.81 2.09 -32.49
C GLU D 125 -4.73 2.37 -31.32
N MET D 126 -4.22 3.04 -30.29
CA MET D 126 -5.02 3.38 -29.13
C MET D 126 -5.50 4.83 -29.16
N SER D 127 -6.54 5.11 -28.37
CA SER D 127 -7.25 6.38 -28.46
C SER D 127 -6.80 7.46 -27.48
N HIS D 128 -6.10 7.07 -26.42
CA HIS D 128 -5.70 8.00 -25.37
C HIS D 128 -4.54 8.90 -25.82
N PRO D 129 -4.33 10.04 -25.15
CA PRO D 129 -3.26 10.96 -25.57
C PRO D 129 -1.87 10.34 -25.61
N GLY D 130 -1.53 9.51 -24.63
CA GLY D 130 -0.21 8.91 -24.55
C GLY D 130 0.12 7.96 -25.71
N ALA D 131 -0.90 7.57 -26.46
CA ALA D 131 -0.71 6.70 -27.62
C ALA D 131 0.18 7.34 -28.69
N GLU D 132 0.36 8.65 -28.60
CA GLU D 132 1.17 9.38 -29.58
C GLU D 132 2.66 9.14 -29.39
N MET D 133 3.06 8.72 -28.20
CA MET D 133 4.49 8.56 -27.89
C MET D 133 5.14 7.41 -28.65
N PHE D 134 4.50 6.25 -28.67
CA PHE D 134 5.09 5.08 -29.33
C PHE D 134 4.13 4.37 -30.29
N ILE D 135 2.88 4.22 -29.86
CA ILE D 135 1.90 3.44 -30.62
C ILE D 135 1.58 4.03 -31.98
N GLN D 136 1.26 5.32 -32.01
CA GLN D 136 0.84 6.00 -33.23
C GLN D 136 1.80 5.79 -34.39
N GLY D 137 3.10 5.94 -34.12
CA GLY D 137 4.13 5.73 -35.13
C GLY D 137 4.22 4.29 -35.61
N ALA D 138 3.73 3.35 -34.81
CA ALA D 138 3.82 1.95 -35.17
C ALA D 138 2.49 1.41 -35.74
N ALA D 139 1.45 2.23 -35.71
CA ALA D 139 0.10 1.78 -36.03
C ALA D 139 -0.08 1.25 -37.45
N ASP D 140 0.54 1.91 -38.42
CA ASP D 140 0.47 1.48 -39.82
C ASP D 140 1.14 0.12 -39.99
N GLU D 141 2.33 -0.02 -39.41
CA GLU D 141 3.10 -1.24 -39.54
C GLU D 141 2.42 -2.41 -38.79
N ILE D 142 1.77 -2.10 -37.67
CA ILE D 142 1.04 -3.10 -36.91
C ILE D 142 -0.18 -3.62 -37.69
N ALA D 143 -0.92 -2.70 -38.30
CA ALA D 143 -2.06 -3.07 -39.13
C ALA D 143 -1.60 -3.95 -40.29
N ARG D 144 -0.50 -3.56 -40.92
CA ARG D 144 0.07 -4.34 -42.01
C ARG D 144 0.52 -5.71 -41.54
N MET D 145 0.97 -5.79 -40.29
CA MET D 145 1.35 -7.07 -39.71
C MET D 145 0.14 -8.00 -39.63
N GLY D 146 -0.98 -7.46 -39.17
CA GLY D 146 -2.22 -8.21 -39.07
C GLY D 146 -2.67 -8.76 -40.42
N VAL D 147 -2.51 -7.96 -41.47
CA VAL D 147 -2.88 -8.40 -42.82
C VAL D 147 -2.01 -9.58 -43.27
N ASP D 148 -0.72 -9.50 -42.98
CA ASP D 148 0.20 -10.60 -43.27
C ASP D 148 -0.11 -11.85 -42.46
N LEU D 149 -0.69 -11.66 -41.28
CA LEU D 149 -0.99 -12.79 -40.40
C LEU D 149 -2.36 -13.39 -40.70
N GLY D 150 -3.13 -12.71 -41.53
CA GLY D 150 -4.46 -13.16 -41.89
C GLY D 150 -5.54 -12.75 -40.89
N VAL D 151 -5.21 -11.79 -40.02
CA VAL D 151 -6.18 -11.22 -39.09
C VAL D 151 -7.33 -10.59 -39.88
N LYS D 152 -8.56 -10.82 -39.43
CA LYS D 152 -9.73 -10.29 -40.13
C LYS D 152 -10.46 -9.23 -39.32
N ASN D 153 -10.14 -9.15 -38.02
CA ASN D 153 -10.82 -8.22 -37.12
C ASN D 153 -9.85 -7.23 -36.48
N TYR D 154 -10.20 -5.96 -36.52
CA TYR D 154 -9.31 -4.92 -36.04
C TYR D 154 -10.02 -3.92 -35.13
N VAL D 155 -9.24 -3.29 -34.26
CA VAL D 155 -9.73 -2.21 -33.42
C VAL D 155 -8.91 -0.95 -33.68
N GLY D 156 -9.58 0.14 -34.02
CA GLY D 156 -8.91 1.41 -34.30
C GLY D 156 -9.44 2.56 -33.46
N PRO D 157 -8.71 3.67 -33.43
CA PRO D 157 -9.06 4.82 -32.57
C PRO D 157 -10.10 5.76 -33.17
N SER D 158 -11.19 5.99 -32.44
CA SER D 158 -12.24 6.89 -32.90
C SER D 158 -11.88 8.34 -32.62
N THR D 159 -11.01 8.54 -31.65
CA THR D 159 -10.54 9.88 -31.30
C THR D 159 -9.74 10.50 -32.45
N ARG D 160 -9.24 9.65 -33.33
CA ARG D 160 -8.50 10.12 -34.50
C ARG D 160 -9.13 9.59 -35.80
N PRO D 161 -10.12 10.33 -36.33
CA PRO D 161 -10.85 9.96 -37.54
C PRO D 161 -9.93 9.74 -38.75
N GLU D 162 -8.88 10.56 -38.87
CA GLU D 162 -7.97 10.46 -40.01
C GLU D 162 -7.14 9.18 -39.98
N ARG D 163 -6.70 8.77 -38.79
CA ARG D 163 -5.90 7.57 -38.63
C ARG D 163 -6.75 6.33 -38.89
N LEU D 164 -8.04 6.45 -38.59
CA LEU D 164 -8.99 5.35 -38.74
C LEU D 164 -9.30 5.12 -40.22
N SER D 165 -9.27 6.19 -41.01
CA SER D 165 -9.51 6.11 -42.44
C SER D 165 -8.35 5.41 -43.13
N ARG D 166 -7.14 5.71 -42.66
CA ARG D 166 -5.93 5.08 -43.15
C ARG D 166 -5.96 3.58 -42.84
N LEU D 167 -6.45 3.26 -41.66
CA LEU D 167 -6.51 1.87 -41.20
C LEU D 167 -7.38 0.99 -42.09
N ARG D 168 -8.55 1.51 -42.48
CA ARG D 168 -9.45 0.79 -43.36
C ARG D 168 -8.78 0.53 -44.71
N GLU D 169 -8.05 1.53 -45.18
CA GLU D 169 -7.32 1.44 -46.44
C GLU D 169 -6.31 0.30 -46.42
N ILE D 170 -5.70 0.09 -45.25
CA ILE D 170 -4.70 -0.94 -45.08
C ILE D 170 -5.29 -2.35 -44.99
N ILE D 171 -6.39 -2.49 -44.25
CA ILE D 171 -6.97 -3.80 -43.97
C ILE D 171 -7.95 -4.29 -45.02
N GLY D 172 -8.29 -3.42 -45.97
CA GLY D 172 -9.24 -3.78 -47.02
C GLY D 172 -10.69 -3.67 -46.56
N GLN D 173 -11.61 -3.80 -47.50
CA GLN D 173 -13.04 -3.65 -47.20
C GLN D 173 -13.66 -4.91 -46.60
N ASP D 174 -13.00 -6.04 -46.81
CA ASP D 174 -13.51 -7.32 -46.31
C ASP D 174 -13.25 -7.50 -44.82
N SER D 175 -12.22 -6.83 -44.31
CA SER D 175 -11.90 -6.90 -42.89
C SER D 175 -12.97 -6.22 -42.05
N PHE D 176 -13.07 -6.65 -40.79
CA PHE D 176 -14.07 -6.14 -39.86
C PHE D 176 -13.41 -5.19 -38.86
N LEU D 177 -13.97 -3.99 -38.71
CA LEU D 177 -13.33 -2.96 -37.90
C LEU D 177 -14.27 -2.35 -36.86
N ILE D 178 -13.84 -2.35 -35.59
CA ILE D 178 -14.59 -1.68 -34.52
C ILE D 178 -13.72 -0.61 -33.84
N SER D 179 -14.36 0.43 -33.30
CA SER D 179 -13.61 1.58 -32.81
C SER D 179 -14.17 2.23 -31.53
N PRO D 180 -13.37 2.19 -30.44
CA PRO D 180 -13.71 2.79 -29.15
C PRO D 180 -13.17 4.22 -29.04
N GLY D 181 -13.52 4.91 -27.96
CA GLY D 181 -13.10 6.29 -27.78
C GLY D 181 -14.24 7.24 -28.09
N VAL D 182 -15.39 6.66 -28.44
CA VAL D 182 -16.59 7.43 -28.75
C VAL D 182 -17.28 7.88 -27.47
N GLY D 183 -17.58 9.17 -27.38
CA GLY D 183 -18.30 9.71 -26.25
C GLY D 183 -17.41 10.43 -25.25
N ALA D 184 -17.07 9.74 -24.16
CA ALA D 184 -16.29 10.33 -23.07
C ALA D 184 -14.90 10.80 -23.53
N GLN D 185 -14.28 10.03 -24.41
CA GLN D 185 -12.95 10.38 -24.90
C GLN D 185 -12.99 11.42 -26.02
N GLY D 186 -14.20 11.72 -26.49
CA GLY D 186 -14.41 12.80 -27.45
C GLY D 186 -14.48 12.39 -28.91
N GLY D 187 -14.83 11.13 -29.17
CA GLY D 187 -14.96 10.65 -30.53
C GLY D 187 -16.36 10.81 -31.07
N ASP D 188 -16.47 11.13 -32.35
CA ASP D 188 -17.77 11.31 -32.99
C ASP D 188 -18.27 10.00 -33.61
N PRO D 189 -19.49 9.59 -33.25
CA PRO D 189 -20.11 8.34 -33.70
C PRO D 189 -20.28 8.27 -35.21
N GLY D 190 -20.92 9.28 -35.80
CA GLY D 190 -21.20 9.31 -37.22
C GLY D 190 -19.96 9.29 -38.10
N GLU D 191 -18.93 10.03 -37.70
CA GLU D 191 -17.69 10.09 -38.45
C GLU D 191 -16.89 8.81 -38.32
N THR D 192 -17.09 8.10 -37.21
CA THR D 192 -16.41 6.85 -36.96
C THR D 192 -16.95 5.74 -37.85
N LEU D 193 -18.24 5.79 -38.15
CA LEU D 193 -18.89 4.75 -38.94
C LEU D 193 -18.71 4.92 -40.45
N ARG D 194 -17.92 5.89 -40.86
CA ARG D 194 -17.59 6.06 -42.27
C ARG D 194 -16.66 4.95 -42.73
N PHE D 195 -15.76 4.54 -41.83
CA PHE D 195 -14.72 3.58 -42.17
C PHE D 195 -14.85 2.30 -41.34
N ALA D 196 -15.40 2.42 -40.14
CA ALA D 196 -15.55 1.27 -39.25
C ALA D 196 -16.91 0.62 -39.42
N ASP D 197 -16.99 -0.66 -39.09
CA ASP D 197 -18.24 -1.40 -39.21
C ASP D 197 -19.16 -1.12 -38.03
N ALA D 198 -18.57 -0.91 -36.86
CA ALA D 198 -19.34 -0.64 -35.66
C ALA D 198 -18.56 0.23 -34.68
N ILE D 199 -19.27 0.92 -33.79
CA ILE D 199 -18.64 1.76 -32.78
C ILE D 199 -18.81 1.18 -31.38
N ILE D 200 -17.83 1.45 -30.52
CA ILE D 200 -17.88 1.03 -29.13
C ILE D 200 -18.19 2.22 -28.23
N VAL D 201 -19.13 2.04 -27.31
CA VAL D 201 -19.53 3.10 -26.39
C VAL D 201 -19.60 2.60 -24.95
N GLY D 202 -18.96 3.33 -24.04
CA GLY D 202 -18.89 2.92 -22.65
C GLY D 202 -19.52 3.90 -21.68
N ARG D 203 -18.69 4.78 -21.11
CA ARG D 203 -19.14 5.77 -20.12
C ARG D 203 -20.30 6.62 -20.60
N SER D 204 -20.41 6.78 -21.91
CA SER D 204 -21.51 7.55 -22.50
C SER D 204 -22.85 6.84 -22.35
N ILE D 205 -22.84 5.63 -21.80
CA ILE D 205 -24.06 4.87 -21.57
C ILE D 205 -24.19 4.34 -20.14
N TYR D 206 -23.12 3.73 -19.61
CA TYR D 206 -23.19 3.16 -18.27
C TYR D 206 -23.04 4.18 -17.14
N LEU D 207 -22.41 5.31 -17.43
CA LEU D 207 -22.32 6.40 -16.45
C LEU D 207 -23.42 7.44 -16.71
N ALA D 208 -24.30 7.13 -17.65
CA ALA D 208 -25.42 8.02 -17.96
C ALA D 208 -26.41 8.02 -16.80
N ASP D 209 -26.98 9.19 -16.51
CA ASP D 209 -28.00 9.32 -15.49
C ASP D 209 -29.21 8.46 -15.83
N ASN D 210 -29.39 8.22 -17.13
CA ASN D 210 -30.41 7.31 -17.62
C ASN D 210 -29.83 6.42 -18.71
N PRO D 211 -29.35 5.22 -18.33
CA PRO D 211 -28.60 4.29 -19.18
C PRO D 211 -29.35 3.83 -20.45
N ALA D 212 -30.63 3.51 -20.32
CA ALA D 212 -31.37 2.91 -21.43
C ALA D 212 -31.57 3.84 -22.62
N ALA D 213 -32.14 5.01 -22.38
CA ALA D 213 -32.44 5.94 -23.46
C ALA D 213 -31.18 6.57 -24.05
N ALA D 214 -30.05 6.39 -23.37
CA ALA D 214 -28.78 6.89 -23.86
C ALA D 214 -28.35 6.13 -25.11
N ALA D 215 -28.69 4.85 -25.16
CA ALA D 215 -28.37 4.01 -26.32
C ALA D 215 -29.34 4.25 -27.47
N ALA D 216 -30.42 4.98 -27.18
CA ALA D 216 -31.39 5.31 -28.21
C ALA D 216 -30.89 6.50 -29.03
N GLY D 217 -30.28 7.46 -28.35
CA GLY D 217 -29.80 8.67 -28.99
C GLY D 217 -28.63 8.43 -29.94
N ILE D 218 -27.79 7.46 -29.61
CA ILE D 218 -26.65 7.12 -30.45
C ILE D 218 -27.13 6.45 -31.74
N ILE D 219 -28.17 5.65 -31.62
CA ILE D 219 -28.74 4.95 -32.77
C ILE D 219 -29.63 5.87 -33.60
N GLU D 220 -30.36 6.77 -32.93
CA GLU D 220 -31.27 7.69 -33.59
C GLU D 220 -30.59 8.54 -34.66
N SER D 221 -29.43 9.10 -34.31
CA SER D 221 -28.67 9.95 -35.23
C SER D 221 -28.19 9.17 -36.44
N ILE D 222 -27.52 8.05 -36.21
CA ILE D 222 -27.01 7.22 -37.28
C ILE D 222 -28.04 6.17 -37.70
N LYS D 223 -28.98 6.58 -38.53
CA LYS D 223 -30.04 5.69 -38.99
C LYS D 223 -30.67 6.22 -40.28
N MET E 9 -7.05 28.89 29.81
CA MET E 9 -6.67 29.25 28.45
C MET E 9 -7.63 30.27 27.85
N ASP E 10 -7.08 31.28 27.19
CA ASP E 10 -7.89 32.32 26.56
C ASP E 10 -8.01 32.10 25.05
N VAL E 11 -9.17 31.62 24.62
CA VAL E 11 -9.42 31.38 23.20
C VAL E 11 -10.17 32.56 22.58
N MET E 12 -9.56 33.16 21.56
CA MET E 12 -10.14 34.33 20.90
C MET E 12 -11.49 34.01 20.26
N ASN E 13 -12.48 34.83 20.60
CA ASN E 13 -13.86 34.67 20.11
C ASN E 13 -14.51 33.34 20.50
N ARG E 14 -13.93 32.66 21.49
CA ARG E 14 -14.46 31.40 22.00
C ARG E 14 -14.62 30.35 20.89
N LEU E 15 -13.82 30.47 19.85
CA LEU E 15 -13.94 29.60 18.68
C LEU E 15 -12.63 28.91 18.35
N ILE E 16 -12.64 27.58 18.42
CA ILE E 16 -11.47 26.79 18.08
C ILE E 16 -11.65 26.13 16.72
N LEU E 17 -10.66 26.28 15.85
CA LEU E 17 -10.72 25.66 14.53
C LEU E 17 -10.15 24.25 14.54
N ALA E 18 -10.95 23.29 14.06
CA ALA E 18 -10.47 21.93 13.87
C ALA E 18 -9.95 21.77 12.45
N MET E 19 -8.63 21.85 12.29
CA MET E 19 -8.02 21.75 10.96
C MET E 19 -7.77 20.29 10.59
N ASP E 20 -8.78 19.67 9.95
CA ASP E 20 -8.71 18.26 9.59
C ASP E 20 -8.54 18.04 8.10
N LEU E 21 -8.17 19.10 7.38
CA LEU E 21 -7.75 18.98 5.99
C LEU E 21 -6.47 18.15 5.98
N MET E 22 -6.32 17.29 4.99
CA MET E 22 -5.23 16.31 4.99
C MET E 22 -4.08 16.62 4.05
N ASN E 23 -4.01 17.86 3.58
CA ASN E 23 -2.84 18.32 2.83
C ASN E 23 -2.39 19.70 3.30
N ARG E 24 -1.07 19.91 3.33
CA ARG E 24 -0.49 21.14 3.83
C ARG E 24 -1.08 22.41 3.22
N ASP E 25 -0.99 22.52 1.90
CA ASP E 25 -1.42 23.72 1.19
C ASP E 25 -2.85 24.16 1.51
N ASP E 26 -3.78 23.21 1.49
CA ASP E 26 -5.17 23.51 1.81
C ASP E 26 -5.34 23.86 3.30
N ALA E 27 -4.63 23.14 4.15
CA ALA E 27 -4.71 23.36 5.60
C ALA E 27 -4.13 24.72 5.98
N LEU E 28 -3.01 25.09 5.35
CA LEU E 28 -2.37 26.37 5.62
C LEU E 28 -3.17 27.55 5.08
N ARG E 29 -3.72 27.38 3.88
CA ARG E 29 -4.50 28.45 3.24
C ARG E 29 -5.75 28.79 4.05
N VAL E 30 -6.51 27.77 4.43
CA VAL E 30 -7.76 27.97 5.15
C VAL E 30 -7.51 28.50 6.57
N THR E 31 -6.48 27.98 7.24
CA THR E 31 -6.13 28.45 8.57
C THR E 31 -5.71 29.92 8.53
N GLY E 32 -4.99 30.29 7.47
CA GLY E 32 -4.55 31.66 7.30
C GLY E 32 -5.71 32.62 7.06
N GLU E 33 -6.74 32.13 6.37
CA GLU E 33 -7.89 32.95 6.03
C GLU E 33 -8.82 33.18 7.23
N VAL E 34 -8.61 32.42 8.30
CA VAL E 34 -9.45 32.53 9.48
C VAL E 34 -8.65 32.95 10.72
N ARG E 35 -7.36 33.19 10.52
CA ARG E 35 -6.46 33.59 11.60
C ARG E 35 -6.95 34.85 12.34
N GLU E 36 -7.56 35.75 11.59
CA GLU E 36 -8.12 36.98 12.15
C GLU E 36 -9.17 36.68 13.22
N TYR E 37 -9.90 35.58 13.03
CA TYR E 37 -11.05 35.27 13.88
C TYR E 37 -10.75 34.25 14.98
N ILE E 38 -9.73 33.42 14.76
CA ILE E 38 -9.38 32.39 15.73
C ILE E 38 -7.89 32.41 16.09
N ASP E 39 -7.56 32.09 17.33
CA ASP E 39 -6.17 32.03 17.77
C ASP E 39 -5.81 30.66 18.30
N THR E 40 -6.76 29.73 18.23
CA THR E 40 -6.55 28.38 18.74
C THR E 40 -6.96 27.34 17.71
N VAL E 41 -6.01 26.54 17.27
CA VAL E 41 -6.26 25.53 16.25
C VAL E 41 -6.13 24.11 16.81
N LYS E 42 -7.14 23.28 16.59
CA LYS E 42 -7.07 21.88 16.98
C LYS E 42 -6.56 21.03 15.81
N ILE E 43 -5.37 20.47 15.98
CA ILE E 43 -4.76 19.63 14.96
C ILE E 43 -4.85 18.16 15.36
N GLY E 44 -5.31 17.32 14.43
CA GLY E 44 -5.48 15.90 14.71
C GLY E 44 -4.69 14.97 13.81
N TYR E 45 -5.00 13.69 13.90
CA TYR E 45 -4.30 12.66 13.12
C TYR E 45 -4.43 12.75 11.58
N PRO E 46 -5.63 13.09 11.06
CA PRO E 46 -5.73 13.21 9.59
C PRO E 46 -4.66 14.11 8.99
N LEU E 47 -4.42 15.26 9.61
CA LEU E 47 -3.39 16.18 9.13
C LEU E 47 -1.99 15.73 9.52
N VAL E 48 -1.82 15.32 10.77
CA VAL E 48 -0.51 14.95 11.29
C VAL E 48 0.07 13.72 10.61
N LEU E 49 -0.74 12.68 10.44
CA LEU E 49 -0.27 11.46 9.77
C LEU E 49 0.08 11.72 8.31
N SER E 50 -0.65 12.63 7.68
CA SER E 50 -0.44 12.94 6.27
C SER E 50 0.80 13.80 6.03
N GLU E 51 1.08 14.71 6.95
CA GLU E 51 2.16 15.68 6.74
C GLU E 51 3.31 15.59 7.73
N GLY E 52 3.14 14.80 8.80
CA GLY E 52 4.19 14.65 9.79
C GLY E 52 3.99 15.57 10.99
N MET E 53 4.66 15.26 12.09
CA MET E 53 4.53 16.05 13.32
C MET E 53 5.09 17.46 13.19
N ASP E 54 6.01 17.67 12.26
CA ASP E 54 6.61 18.98 12.05
C ASP E 54 5.57 20.02 11.62
N ILE E 55 4.39 19.54 11.23
CA ILE E 55 3.31 20.43 10.83
C ILE E 55 2.88 21.31 12.01
N ILE E 56 3.01 20.79 13.23
CA ILE E 56 2.62 21.53 14.41
C ILE E 56 3.48 22.78 14.62
N ALA E 57 4.80 22.61 14.59
CA ALA E 57 5.72 23.73 14.77
C ALA E 57 5.54 24.76 13.67
N GLU E 58 5.30 24.28 12.44
CA GLU E 58 5.07 25.19 11.33
C GLU E 58 3.83 26.04 11.56
N PHE E 59 2.77 25.46 12.13
CA PHE E 59 1.54 26.19 12.39
C PHE E 59 1.75 27.30 13.42
N ARG E 60 2.59 27.03 14.41
CA ARG E 60 2.88 28.00 15.46
C ARG E 60 3.70 29.15 14.89
N LYS E 61 4.82 28.81 14.26
CA LYS E 61 5.75 29.81 13.77
C LYS E 61 5.32 30.42 12.44
N ARG E 62 4.03 30.31 12.12
CA ARG E 62 3.48 30.93 10.92
C ARG E 62 2.20 31.70 11.26
N PHE E 63 1.41 31.16 12.19
CA PHE E 63 0.15 31.77 12.56
C PHE E 63 0.15 32.32 13.99
N GLY E 64 1.11 31.88 14.79
CA GLY E 64 1.22 32.32 16.17
C GLY E 64 0.02 31.92 17.00
N CYS E 65 -0.39 30.66 16.86
CA CYS E 65 -1.60 30.19 17.50
C CYS E 65 -1.33 29.09 18.52
N ARG E 66 -2.27 28.92 19.43
CA ARG E 66 -2.24 27.81 20.37
C ARG E 66 -2.56 26.54 19.59
N ILE E 67 -1.79 25.48 19.83
CA ILE E 67 -2.04 24.21 19.15
C ILE E 67 -2.54 23.15 20.13
N ILE E 68 -3.74 22.66 19.87
CA ILE E 68 -4.30 21.55 20.65
C ILE E 68 -4.28 20.28 19.82
N ALA E 69 -3.43 19.33 20.21
CA ALA E 69 -3.32 18.06 19.51
C ALA E 69 -4.46 17.12 19.92
N ASP E 70 -5.36 16.86 18.99
CA ASP E 70 -6.49 15.97 19.26
C ASP E 70 -6.11 14.53 18.93
N PHE E 71 -5.31 13.93 19.79
CA PHE E 71 -4.76 12.61 19.53
C PHE E 71 -5.49 11.48 20.26
N LYS E 72 -6.38 11.86 21.17
CA LYS E 72 -7.23 10.90 21.90
C LYS E 72 -6.44 9.73 22.48
N VAL E 73 -5.38 10.05 23.21
CA VAL E 73 -4.49 9.03 23.75
C VAL E 73 -5.28 8.01 24.56
N ALA E 74 -5.31 6.78 24.05
CA ALA E 74 -6.10 5.72 24.65
C ALA E 74 -5.31 4.42 24.73
N ASP E 75 -4.08 4.51 25.21
CA ASP E 75 -3.21 3.34 25.33
C ASP E 75 -2.85 3.11 26.80
N ILE E 76 -1.90 2.22 27.04
CA ILE E 76 -1.41 1.96 28.40
C ILE E 76 -0.58 3.16 28.86
N PRO E 77 -0.42 3.34 30.18
CA PRO E 77 0.37 4.47 30.71
C PRO E 77 1.74 4.62 30.05
N GLU E 78 2.47 3.51 29.89
CA GLU E 78 3.79 3.56 29.28
C GLU E 78 3.77 4.21 27.90
N THR E 79 2.90 3.72 27.03
CA THR E 79 2.78 4.27 25.67
C THR E 79 2.22 5.68 25.70
N ASN E 80 1.31 5.94 26.63
CA ASN E 80 0.74 7.27 26.83
C ASN E 80 1.80 8.33 27.12
N GLU E 81 2.78 7.98 27.95
CA GLU E 81 3.89 8.90 28.26
C GLU E 81 4.65 9.26 27.00
N LYS E 82 5.00 8.24 26.23
CA LYS E 82 5.79 8.42 25.01
C LYS E 82 5.07 9.27 23.97
N ILE E 83 3.76 9.09 23.88
CA ILE E 83 2.95 9.86 22.94
C ILE E 83 2.89 11.33 23.34
N CYS E 84 2.53 11.58 24.60
CA CYS E 84 2.46 12.94 25.12
C CYS E 84 3.82 13.63 25.07
N ARG E 85 4.87 12.87 25.32
CA ARG E 85 6.23 13.41 25.32
C ARG E 85 6.60 13.88 23.91
N ALA E 86 6.33 13.05 22.91
CA ALA E 86 6.63 13.38 21.53
C ALA E 86 5.73 14.50 21.02
N THR E 87 4.49 14.52 21.51
CA THR E 87 3.52 15.52 21.08
C THR E 87 3.88 16.91 21.61
N PHE E 88 4.23 16.99 22.89
CA PHE E 88 4.65 18.25 23.48
C PHE E 88 5.99 18.69 22.91
N LYS E 89 6.89 17.74 22.74
CA LYS E 89 8.20 18.00 22.13
C LYS E 89 8.03 18.61 20.74
N ALA E 90 6.92 18.26 20.09
CA ALA E 90 6.62 18.77 18.76
C ALA E 90 6.00 20.16 18.82
N GLY E 91 5.77 20.65 20.04
CA GLY E 91 5.33 22.02 20.25
C GLY E 91 3.84 22.20 20.49
N ALA E 92 3.13 21.11 20.74
CA ALA E 92 1.70 21.21 21.05
C ALA E 92 1.48 21.82 22.43
N ASP E 93 0.53 22.75 22.53
CA ASP E 93 0.25 23.40 23.81
C ASP E 93 -0.58 22.48 24.72
N ALA E 94 -1.39 21.63 24.10
CA ALA E 94 -2.24 20.72 24.87
C ALA E 94 -2.55 19.45 24.10
N ILE E 95 -2.80 18.36 24.82
CA ILE E 95 -3.15 17.10 24.20
C ILE E 95 -4.49 16.60 24.73
N ILE E 96 -5.35 16.12 23.84
CA ILE E 96 -6.64 15.58 24.24
C ILE E 96 -6.51 14.09 24.54
N VAL E 97 -6.97 13.69 25.72
CA VAL E 97 -6.76 12.35 26.22
C VAL E 97 -8.07 11.64 26.54
N HIS E 98 -8.25 10.44 25.98
CA HIS E 98 -9.42 9.62 26.29
C HIS E 98 -9.45 9.24 27.78
N GLY E 99 -10.64 9.24 28.36
CA GLY E 99 -10.80 8.94 29.77
C GLY E 99 -11.23 7.52 30.06
N PHE E 100 -11.77 6.86 29.04
N PHE E 100 -11.76 6.83 29.05
CA PHE E 100 -12.22 5.48 29.15
CA PHE E 100 -12.23 5.46 29.27
C PHE E 100 -11.15 4.47 29.62
C PHE E 100 -11.15 4.41 29.62
N PRO E 101 -9.91 4.57 29.12
CA PRO E 101 -8.88 3.63 29.59
C PRO E 101 -8.53 3.70 31.09
N GLY E 102 -9.00 4.72 31.80
CA GLY E 102 -8.83 4.75 33.24
C GLY E 102 -7.83 5.76 33.78
N ALA E 103 -7.76 5.86 35.10
CA ALA E 103 -6.97 6.86 35.79
C ALA E 103 -5.47 6.78 35.51
N ASP E 104 -4.91 5.57 35.60
CA ASP E 104 -3.47 5.38 35.39
C ASP E 104 -3.01 5.82 33.99
N SER E 105 -3.87 5.60 32.99
CA SER E 105 -3.57 6.04 31.63
C SER E 105 -3.63 7.56 31.51
N VAL E 106 -4.55 8.16 32.24
CA VAL E 106 -4.69 9.62 32.28
C VAL E 106 -3.56 10.24 33.08
N ARG E 107 -3.25 9.64 34.23
CA ARG E 107 -2.18 10.10 35.10
C ARG E 107 -0.84 10.21 34.38
N ALA E 108 -0.53 9.22 33.54
CA ALA E 108 0.70 9.22 32.77
C ALA E 108 0.76 10.44 31.85
N CYS E 109 -0.39 10.82 31.30
CA CYS E 109 -0.47 12.01 30.45
C CYS E 109 -0.29 13.28 31.29
N LEU E 110 -0.88 13.27 32.48
CA LEU E 110 -0.79 14.41 33.40
C LEU E 110 0.64 14.62 33.89
N ASN E 111 1.36 13.52 34.10
CA ASN E 111 2.73 13.60 34.58
C ASN E 111 3.67 14.23 33.57
N VAL E 112 3.51 13.85 32.31
CA VAL E 112 4.32 14.42 31.23
C VAL E 112 3.99 15.90 31.07
N ALA E 113 2.70 16.23 31.05
CA ALA E 113 2.25 17.60 30.90
C ALA E 113 2.80 18.53 31.97
N GLU E 114 2.86 18.04 33.21
CA GLU E 114 3.39 18.82 34.31
C GLU E 114 4.91 18.92 34.20
N GLU E 115 5.53 17.86 33.70
CA GLU E 115 6.96 17.81 33.51
C GLU E 115 7.42 18.86 32.49
N MET E 116 6.62 19.04 31.45
CA MET E 116 6.98 19.94 30.35
C MET E 116 6.22 21.27 30.41
N GLY E 117 5.30 21.38 31.37
CA GLY E 117 4.56 22.61 31.56
C GLY E 117 3.49 22.85 30.51
N ARG E 118 2.89 21.76 30.03
CA ARG E 118 1.79 21.85 29.08
C ARG E 118 0.49 21.34 29.72
N GLU E 119 -0.56 21.19 28.91
CA GLU E 119 -1.87 20.86 29.48
C GLU E 119 -2.52 19.62 28.87
N VAL E 120 -3.35 18.97 29.67
CA VAL E 120 -4.10 17.80 29.22
C VAL E 120 -5.60 18.09 29.22
N PHE E 121 -6.25 17.82 28.10
CA PHE E 121 -7.71 17.86 28.02
C PHE E 121 -8.27 16.46 28.17
N LEU E 122 -9.27 16.31 29.03
CA LEU E 122 -9.89 15.01 29.24
C LEU E 122 -11.23 14.89 28.53
N LEU E 123 -11.25 14.11 27.46
CA LEU E 123 -12.48 13.79 26.75
C LEU E 123 -13.32 12.85 27.60
N THR E 124 -14.47 13.32 28.06
CA THR E 124 -15.31 12.53 28.96
C THR E 124 -16.44 11.82 28.23
N GLU E 125 -17.00 12.49 27.23
CA GLU E 125 -18.10 11.94 26.45
C GLU E 125 -18.00 12.44 25.02
N MET E 126 -18.17 11.52 24.07
CA MET E 126 -18.04 11.87 22.65
C MET E 126 -19.35 12.35 22.05
N SER E 127 -19.27 13.00 20.88
CA SER E 127 -20.40 13.69 20.29
C SER E 127 -21.16 12.87 19.25
N HIS E 128 -20.57 11.77 18.79
CA HIS E 128 -21.18 10.94 17.76
C HIS E 128 -22.21 9.98 18.37
N PRO E 129 -23.17 9.49 17.54
CA PRO E 129 -24.22 8.59 18.01
C PRO E 129 -23.71 7.33 18.72
N GLY E 130 -22.54 6.83 18.33
CA GLY E 130 -22.00 5.62 18.92
C GLY E 130 -21.61 5.77 20.38
N ALA E 131 -21.44 7.02 20.82
CA ALA E 131 -21.04 7.30 22.19
C ALA E 131 -22.09 6.90 23.23
N GLU E 132 -23.28 6.55 22.75
CA GLU E 132 -24.36 6.15 23.65
C GLU E 132 -24.24 4.68 24.06
N MET E 133 -23.45 3.92 23.32
CA MET E 133 -23.33 2.49 23.56
C MET E 133 -22.49 2.18 24.81
N PHE E 134 -21.35 2.85 24.94
CA PHE E 134 -20.44 2.54 26.04
C PHE E 134 -19.90 3.78 26.75
N ILE E 135 -19.82 4.90 26.05
CA ILE E 135 -19.18 6.09 26.60
C ILE E 135 -20.09 6.93 27.49
N GLN E 136 -21.31 7.18 27.03
CA GLN E 136 -22.26 8.03 27.75
C GLN E 136 -22.59 7.48 29.14
N GLY E 137 -22.71 6.16 29.24
CA GLY E 137 -23.05 5.51 30.49
C GLY E 137 -21.94 5.56 31.53
N ALA E 138 -20.75 5.99 31.11
CA ALA E 138 -19.61 6.07 32.01
C ALA E 138 -19.10 7.50 32.13
N ALA E 139 -19.65 8.40 31.31
CA ALA E 139 -19.20 9.79 31.22
C ALA E 139 -19.14 10.51 32.57
N ASP E 140 -20.15 10.31 33.41
CA ASP E 140 -20.20 10.93 34.73
C ASP E 140 -19.01 10.51 35.58
N GLU E 141 -18.83 9.20 35.72
CA GLU E 141 -17.74 8.64 36.52
C GLU E 141 -16.37 9.03 35.95
N ILE E 142 -16.30 9.17 34.63
CA ILE E 142 -15.06 9.59 33.98
C ILE E 142 -14.70 11.03 34.35
N ALA E 143 -15.71 11.90 34.33
CA ALA E 143 -15.51 13.30 34.69
C ALA E 143 -15.10 13.46 36.15
N ARG E 144 -15.69 12.65 37.03
CA ARG E 144 -15.32 12.66 38.45
C ARG E 144 -13.91 12.14 38.62
N MET E 145 -13.51 11.21 37.76
CA MET E 145 -12.16 10.66 37.79
C MET E 145 -11.13 11.75 37.50
N GLY E 146 -11.45 12.61 36.54
CA GLY E 146 -10.59 13.72 36.19
C GLY E 146 -10.41 14.69 37.35
N VAL E 147 -11.48 14.91 38.10
CA VAL E 147 -11.45 15.80 39.25
C VAL E 147 -10.51 15.26 40.33
N ASP E 148 -10.60 13.97 40.59
CA ASP E 148 -9.76 13.32 41.59
C ASP E 148 -8.29 13.30 41.16
N LEU E 149 -8.06 13.44 39.85
CA LEU E 149 -6.71 13.50 39.32
C LEU E 149 -6.23 14.95 39.17
N GLY E 150 -7.14 15.89 39.39
CA GLY E 150 -6.82 17.30 39.30
C GLY E 150 -6.81 17.83 37.88
N VAL E 151 -7.67 17.28 37.03
CA VAL E 151 -7.81 17.75 35.67
C VAL E 151 -8.59 19.06 35.62
N LYS E 152 -8.08 20.03 34.89
CA LYS E 152 -8.71 21.34 34.80
C LYS E 152 -9.28 21.62 33.41
N ASN E 153 -9.05 20.69 32.47
CA ASN E 153 -9.51 20.88 31.10
C ASN E 153 -10.30 19.68 30.57
N TYR E 154 -11.49 19.95 30.05
CA TYR E 154 -12.39 18.88 29.64
C TYR E 154 -12.96 19.06 28.23
N VAL E 155 -13.39 17.96 27.63
CA VAL E 155 -14.03 17.99 26.31
C VAL E 155 -15.35 17.23 26.34
N GLY E 156 -16.43 17.91 25.96
CA GLY E 156 -17.75 17.30 25.97
C GLY E 156 -18.53 17.56 24.69
N PRO E 157 -19.59 16.75 24.45
CA PRO E 157 -20.37 16.80 23.21
C PRO E 157 -21.27 18.03 23.11
N SER E 158 -21.29 18.67 21.95
CA SER E 158 -22.17 19.80 21.70
C SER E 158 -23.52 19.32 21.19
N THR E 159 -23.53 18.11 20.65
CA THR E 159 -24.74 17.49 20.12
C THR E 159 -25.75 17.22 21.24
N ARG E 160 -25.25 17.04 22.46
CA ARG E 160 -26.10 16.80 23.62
C ARG E 160 -25.94 17.94 24.63
N PRO E 161 -26.75 18.98 24.50
CA PRO E 161 -26.68 20.18 25.36
C PRO E 161 -26.93 19.84 26.83
N GLU E 162 -27.87 18.93 27.07
CA GLU E 162 -28.24 18.54 28.43
C GLU E 162 -27.13 17.74 29.10
N ARG E 163 -26.40 16.96 28.31
CA ARG E 163 -25.28 16.16 28.83
C ARG E 163 -24.11 17.07 29.19
N LEU E 164 -24.02 18.20 28.48
CA LEU E 164 -22.95 19.16 28.71
C LEU E 164 -23.16 19.87 30.04
N SER E 165 -24.43 20.11 30.39
CA SER E 165 -24.77 20.72 31.66
C SER E 165 -24.40 19.82 32.83
N ARG E 166 -24.54 18.52 32.64
CA ARG E 166 -24.19 17.54 33.66
C ARG E 166 -22.68 17.51 33.89
N LEU E 167 -21.91 17.60 32.82
CA LEU E 167 -20.46 17.62 32.91
C LEU E 167 -19.98 18.88 33.62
N ARG E 168 -20.57 20.01 33.25
CA ARG E 168 -20.26 21.28 33.89
C ARG E 168 -20.56 21.23 35.39
N GLU E 169 -21.64 20.54 35.74
CA GLU E 169 -22.04 20.38 37.13
C GLU E 169 -20.98 19.59 37.91
N ILE E 170 -20.40 18.59 37.26
CA ILE E 170 -19.38 17.76 37.88
C ILE E 170 -18.03 18.49 37.98
N ILE E 171 -17.57 19.01 36.85
CA ILE E 171 -16.24 19.63 36.80
C ILE E 171 -16.18 21.02 37.45
N GLY E 172 -17.33 21.53 37.88
CA GLY E 172 -17.39 22.83 38.52
C GLY E 172 -17.30 23.97 37.53
N GLN E 173 -17.29 25.20 38.05
CA GLN E 173 -17.29 26.39 37.20
C GLN E 173 -15.89 26.85 36.80
N ASP E 174 -14.89 26.50 37.62
CA ASP E 174 -13.52 26.95 37.38
C ASP E 174 -12.77 26.12 36.34
N SER E 175 -13.29 24.92 36.05
CA SER E 175 -12.67 24.07 35.04
C SER E 175 -12.92 24.63 33.65
N PHE E 176 -12.03 24.30 32.73
CA PHE E 176 -12.15 24.75 31.34
C PHE E 176 -12.77 23.64 30.50
N LEU E 177 -13.74 23.99 29.67
CA LEU E 177 -14.48 23.01 28.90
C LEU E 177 -14.68 23.44 27.45
N ILE E 178 -14.20 22.64 26.51
CA ILE E 178 -14.45 22.90 25.09
C ILE E 178 -15.33 21.81 24.51
N SER E 179 -16.07 22.15 23.45
CA SER E 179 -17.07 21.24 22.92
C SER E 179 -17.10 21.19 21.40
N PRO E 180 -16.83 20.00 20.82
CA PRO E 180 -16.95 19.75 19.39
C PRO E 180 -18.36 19.24 19.07
N GLY E 181 -18.68 19.18 17.79
CA GLY E 181 -20.00 18.72 17.36
C GLY E 181 -20.85 19.87 16.87
N VAL E 182 -20.25 21.06 16.83
CA VAL E 182 -20.95 22.25 16.38
C VAL E 182 -20.95 22.36 14.86
N GLY E 183 -22.15 22.39 14.27
CA GLY E 183 -22.29 22.58 12.85
C GLY E 183 -22.59 21.31 12.07
N ALA E 184 -21.53 20.64 11.61
CA ALA E 184 -21.67 19.45 10.78
C ALA E 184 -22.36 18.28 11.50
N GLN E 185 -22.28 18.27 12.83
CA GLN E 185 -22.87 17.20 13.62
C GLN E 185 -24.21 17.58 14.24
N GLY E 186 -24.62 18.83 14.06
CA GLY E 186 -25.93 19.27 14.48
C GLY E 186 -25.96 20.14 15.72
N GLY E 187 -24.78 20.54 16.19
CA GLY E 187 -24.68 21.34 17.40
C GLY E 187 -24.86 22.82 17.14
N ASP E 188 -25.42 23.53 18.13
CA ASP E 188 -25.63 24.97 18.02
C ASP E 188 -24.63 25.73 18.86
N PRO E 189 -23.94 26.70 18.25
CA PRO E 189 -22.90 27.52 18.91
C PRO E 189 -23.41 28.25 20.15
N GLY E 190 -24.55 28.92 20.04
CA GLY E 190 -25.10 29.68 21.14
C GLY E 190 -25.42 28.87 22.37
N GLU E 191 -26.20 27.81 22.19
CA GLU E 191 -26.63 26.97 23.30
C GLU E 191 -25.47 26.22 23.94
N THR E 192 -24.49 25.84 23.13
CA THR E 192 -23.33 25.11 23.60
C THR E 192 -22.47 25.98 24.51
N LEU E 193 -22.36 27.26 24.17
CA LEU E 193 -21.53 28.19 24.94
C LEU E 193 -22.18 28.60 26.26
N ARG E 194 -23.34 28.04 26.55
CA ARG E 194 -23.99 28.26 27.83
C ARG E 194 -23.38 27.36 28.90
N PHE E 195 -22.65 26.34 28.46
CA PHE E 195 -22.01 25.39 29.36
C PHE E 195 -20.52 25.27 29.07
N ALA E 196 -20.14 25.44 27.81
CA ALA E 196 -18.75 25.35 27.41
C ALA E 196 -18.12 26.74 27.26
N ASP E 197 -16.81 26.82 27.49
CA ASP E 197 -16.09 28.09 27.37
C ASP E 197 -15.81 28.42 25.91
N ALA E 198 -15.56 27.38 25.10
CA ALA E 198 -15.28 27.58 23.69
C ALA E 198 -15.77 26.40 22.84
N ILE E 199 -16.26 26.70 21.65
CA ILE E 199 -16.72 25.65 20.74
C ILE E 199 -15.65 25.28 19.72
N ILE E 200 -15.71 24.03 19.26
CA ILE E 200 -14.82 23.55 18.22
C ILE E 200 -15.60 23.37 16.92
N VAL E 201 -15.17 24.07 15.88
CA VAL E 201 -15.82 23.95 14.58
C VAL E 201 -14.83 23.50 13.50
N GLY E 202 -15.19 22.46 12.76
CA GLY E 202 -14.35 21.93 11.72
C GLY E 202 -14.92 22.09 10.32
N ARG E 203 -15.65 21.06 9.87
CA ARG E 203 -16.18 21.01 8.50
C ARG E 203 -17.01 22.22 8.10
N SER E 204 -17.74 22.78 9.05
CA SER E 204 -18.56 23.96 8.80
C SER E 204 -17.73 25.17 8.36
N ILE E 205 -16.41 25.10 8.57
CA ILE E 205 -15.51 26.17 8.17
C ILE E 205 -14.58 25.78 7.02
N TYR E 206 -13.84 24.69 7.18
CA TYR E 206 -12.83 24.33 6.18
C TYR E 206 -13.40 23.67 4.92
N LEU E 207 -14.68 23.29 4.96
CA LEU E 207 -15.34 22.76 3.76
C LEU E 207 -16.22 23.83 3.12
N ALA E 208 -16.24 25.02 3.71
CA ALA E 208 -17.06 26.11 3.20
C ALA E 208 -16.41 26.79 2.00
N ASP E 209 -17.24 27.40 1.15
CA ASP E 209 -16.75 28.13 -0.01
C ASP E 209 -15.96 29.35 0.45
N ASN E 210 -16.46 29.98 1.52
CA ASN E 210 -15.76 31.11 2.12
C ASN E 210 -15.52 30.85 3.60
N PRO E 211 -14.37 30.23 3.93
CA PRO E 211 -14.01 29.90 5.31
C PRO E 211 -13.90 31.15 6.19
N ALA E 212 -13.44 32.25 5.61
CA ALA E 212 -13.29 33.51 6.34
C ALA E 212 -14.65 34.08 6.74
N ALA E 213 -15.68 33.80 5.95
CA ALA E 213 -17.02 34.30 6.21
C ALA E 213 -17.82 33.32 7.06
N ALA E 214 -17.44 32.05 7.00
CA ALA E 214 -18.08 31.03 7.82
C ALA E 214 -17.66 31.19 9.27
N ALA E 215 -16.46 31.72 9.48
CA ALA E 215 -15.94 31.98 10.82
C ALA E 215 -16.61 33.22 11.42
N ALA E 216 -16.68 34.29 10.64
CA ALA E 216 -17.30 35.53 11.10
C ALA E 216 -18.81 35.36 11.25
N GLY E 217 -19.37 34.38 10.54
CA GLY E 217 -20.79 34.09 10.62
C GLY E 217 -21.17 33.47 11.96
N ILE E 218 -20.31 32.59 12.46
CA ILE E 218 -20.54 31.95 13.75
C ILE E 218 -20.26 32.94 14.88
N ILE E 219 -19.22 33.76 14.71
CA ILE E 219 -18.86 34.77 15.70
C ILE E 219 -19.97 35.80 15.89
N GLU E 220 -20.48 36.35 14.80
CA GLU E 220 -21.58 37.31 14.85
C GLU E 220 -22.84 36.67 15.42
N SER E 221 -22.94 35.35 15.30
CA SER E 221 -24.07 34.60 15.84
C SER E 221 -23.96 34.49 17.37
N ILE E 222 -22.76 34.70 17.89
CA ILE E 222 -22.53 34.61 19.33
C ILE E 222 -21.83 35.86 19.87
N LYS E 223 -21.96 36.96 19.13
CA LYS E 223 -21.37 38.24 19.52
C LYS E 223 -21.93 38.72 20.86
N ASP E 224 -23.18 38.39 21.11
CA ASP E 224 -23.87 38.80 22.33
C ASP E 224 -23.23 38.17 23.58
N LEU E 225 -22.56 37.04 23.39
CA LEU E 225 -21.96 36.31 24.50
C LEU E 225 -20.52 36.76 24.74
N MET F 9 -4.38 -14.14 7.59
CA MET F 9 -3.28 -13.60 8.37
C MET F 9 -2.57 -14.71 9.15
N ASP F 10 -1.48 -15.21 8.58
CA ASP F 10 -0.69 -16.24 9.23
C ASP F 10 0.61 -15.65 9.78
N VAL F 11 0.76 -15.68 11.09
CA VAL F 11 1.95 -15.13 11.74
C VAL F 11 2.99 -16.21 12.06
N MET F 12 4.23 -15.98 11.64
CA MET F 12 5.32 -16.92 11.89
C MET F 12 5.67 -16.99 13.37
N ASN F 13 5.78 -18.22 13.88
CA ASN F 13 6.12 -18.48 15.29
C ASN F 13 5.18 -17.83 16.31
N ARG F 14 3.98 -17.47 15.86
CA ARG F 14 2.94 -16.90 16.73
C ARG F 14 3.42 -15.71 17.56
N LEU F 15 4.36 -14.95 17.01
CA LEU F 15 4.91 -13.80 17.71
C LEU F 15 4.90 -12.54 16.84
N ILE F 16 4.35 -11.46 17.40
CA ILE F 16 4.32 -10.18 16.72
C ILE F 16 5.10 -9.15 17.51
N LEU F 17 6.12 -8.57 16.88
CA LEU F 17 6.95 -7.57 17.54
C LEU F 17 6.26 -6.23 17.66
N ALA F 18 6.20 -5.72 18.89
CA ALA F 18 5.68 -4.38 19.13
C ALA F 18 6.82 -3.38 19.15
N MET F 19 7.27 -3.00 17.96
CA MET F 19 8.39 -2.07 17.83
C MET F 19 7.98 -0.66 18.24
N ASP F 20 8.23 -0.34 19.51
CA ASP F 20 7.87 0.97 20.05
C ASP F 20 9.09 1.83 20.35
N LEU F 21 10.24 1.46 19.78
CA LEU F 21 11.41 2.33 19.81
C LEU F 21 11.07 3.61 19.06
N MET F 22 11.66 4.72 19.47
CA MET F 22 11.25 6.03 18.94
C MET F 22 12.25 6.65 17.98
N ASN F 23 13.31 5.92 17.65
CA ASN F 23 14.24 6.39 16.62
C ASN F 23 14.47 5.32 15.55
N ARG F 24 14.57 5.79 14.30
CA ARG F 24 14.60 4.90 13.13
C ARG F 24 15.79 3.94 13.11
N ASP F 25 16.96 4.41 13.54
CA ASP F 25 18.16 3.60 13.52
C ASP F 25 18.05 2.36 14.41
N ASP F 26 17.64 2.56 15.65
CA ASP F 26 17.50 1.46 16.60
C ASP F 26 16.39 0.52 16.18
N ALA F 27 15.27 1.10 15.73
CA ALA F 27 14.11 0.31 15.31
C ALA F 27 14.43 -0.63 14.16
N LEU F 28 15.07 -0.09 13.12
CA LEU F 28 15.47 -0.89 11.97
C LEU F 28 16.45 -1.98 12.36
N ARG F 29 17.37 -1.65 13.27
CA ARG F 29 18.40 -2.60 13.71
C ARG F 29 17.79 -3.79 14.44
N VAL F 30 17.02 -3.51 15.48
CA VAL F 30 16.42 -4.56 16.30
C VAL F 30 15.48 -5.44 15.48
N THR F 31 14.65 -4.81 14.65
CA THR F 31 13.72 -5.54 13.80
C THR F 31 14.44 -6.46 12.83
N GLY F 32 15.60 -6.03 12.34
CA GLY F 32 16.39 -6.82 11.43
C GLY F 32 17.07 -7.99 12.11
N GLU F 33 17.44 -7.80 13.37
CA GLU F 33 18.13 -8.84 14.14
C GLU F 33 17.17 -9.99 14.50
N VAL F 34 15.88 -9.73 14.41
CA VAL F 34 14.87 -10.73 14.75
C VAL F 34 13.96 -11.07 13.56
N ARG F 35 14.42 -10.76 12.36
CA ARG F 35 13.63 -10.99 11.15
C ARG F 35 13.39 -12.48 10.90
N GLU F 36 14.33 -13.32 11.32
CA GLU F 36 14.21 -14.75 11.12
C GLU F 36 13.09 -15.37 11.96
N TYR F 37 12.85 -14.78 13.13
CA TYR F 37 11.89 -15.36 14.07
C TYR F 37 10.44 -14.99 13.78
N ILE F 38 10.23 -13.83 13.17
CA ILE F 38 8.87 -13.36 12.88
C ILE F 38 8.68 -12.93 11.43
N ASP F 39 7.46 -12.51 11.10
CA ASP F 39 7.16 -12.02 9.76
C ASP F 39 6.03 -10.98 9.85
N THR F 40 5.72 -10.56 11.06
CA THR F 40 4.67 -9.58 11.31
C THR F 40 5.08 -8.61 12.40
N VAL F 41 4.98 -7.31 12.12
CA VAL F 41 5.41 -6.29 13.05
C VAL F 41 4.28 -5.34 13.42
N LYS F 42 4.13 -5.06 14.71
CA LYS F 42 3.19 -4.05 15.17
C LYS F 42 3.91 -2.72 15.37
N ILE F 43 3.47 -1.71 14.65
CA ILE F 43 4.04 -0.38 14.77
C ILE F 43 2.99 0.54 15.36
N GLY F 44 3.40 1.38 16.31
CA GLY F 44 2.46 2.26 16.98
C GLY F 44 2.85 3.73 16.85
N TYR F 45 2.13 4.57 17.56
CA TYR F 45 2.37 6.01 17.53
C TYR F 45 3.75 6.49 18.02
N PRO F 46 4.34 5.84 19.04
CA PRO F 46 5.68 6.27 19.44
C PRO F 46 6.70 6.31 18.29
N LEU F 47 6.76 5.25 17.49
CA LEU F 47 7.68 5.22 16.37
C LEU F 47 7.21 6.09 15.21
N VAL F 48 5.92 6.01 14.89
CA VAL F 48 5.35 6.75 13.77
C VAL F 48 5.42 8.27 13.95
N LEU F 49 5.01 8.76 15.12
CA LEU F 49 5.01 10.19 15.37
C LEU F 49 6.42 10.78 15.37
N SER F 50 7.40 9.98 15.75
CA SER F 50 8.77 10.45 15.80
C SER F 50 9.47 10.36 14.44
N GLU F 51 9.24 9.26 13.73
CA GLU F 51 9.97 9.01 12.48
C GLU F 51 9.12 9.16 11.21
N GLY F 52 7.84 9.46 11.37
CA GLY F 52 6.97 9.68 10.23
C GLY F 52 6.29 8.41 9.75
N MET F 53 5.20 8.57 8.99
CA MET F 53 4.43 7.43 8.49
C MET F 53 5.19 6.64 7.42
N ASP F 54 6.20 7.27 6.84
CA ASP F 54 7.04 6.62 5.83
C ASP F 54 7.71 5.37 6.38
N ILE F 55 7.93 5.35 7.70
CA ILE F 55 8.57 4.21 8.36
C ILE F 55 7.81 2.90 8.12
N ILE F 56 6.51 3.01 7.92
CA ILE F 56 5.66 1.83 7.70
C ILE F 56 6.02 1.14 6.39
N ALA F 57 6.12 1.93 5.32
CA ALA F 57 6.45 1.39 4.00
C ALA F 57 7.89 0.89 3.94
N GLU F 58 8.79 1.57 4.66
CA GLU F 58 10.19 1.19 4.67
C GLU F 58 10.38 -0.20 5.29
N PHE F 59 9.73 -0.41 6.44
CA PHE F 59 9.74 -1.70 7.12
C PHE F 59 9.20 -2.80 6.21
N ARG F 60 8.05 -2.53 5.61
CA ARG F 60 7.33 -3.51 4.79
C ARG F 60 8.14 -3.91 3.56
N LYS F 61 8.88 -2.95 3.01
CA LYS F 61 9.66 -3.19 1.80
C LYS F 61 10.98 -3.89 2.11
N ARG F 62 11.66 -3.41 3.15
CA ARG F 62 12.96 -3.95 3.55
C ARG F 62 12.85 -5.41 4.02
N PHE F 63 12.14 -5.63 5.11
CA PHE F 63 12.09 -6.93 5.76
C PHE F 63 11.08 -7.88 5.13
N GLY F 64 10.22 -7.35 4.27
CA GLY F 64 9.19 -8.16 3.64
C GLY F 64 8.26 -8.77 4.67
N CYS F 65 7.74 -7.94 5.55
CA CYS F 65 6.89 -8.40 6.65
C CYS F 65 5.55 -7.69 6.63
N ARG F 66 4.59 -8.26 7.34
CA ARG F 66 3.29 -7.63 7.50
C ARG F 66 3.39 -6.52 8.55
N ILE F 67 2.68 -5.44 8.35
CA ILE F 67 2.66 -4.36 9.33
C ILE F 67 1.26 -4.14 9.89
N ILE F 68 1.15 -4.24 11.22
CA ILE F 68 -0.09 -3.92 11.90
C ILE F 68 0.07 -2.58 12.61
N ALA F 69 -0.72 -1.60 12.22
CA ALA F 69 -0.66 -0.29 12.87
C ALA F 69 -1.51 -0.27 14.13
N ASP F 70 -0.84 -0.23 15.29
CA ASP F 70 -1.54 -0.17 16.56
C ASP F 70 -1.92 1.27 16.86
N PHE F 71 -2.94 1.77 16.16
CA PHE F 71 -3.34 3.16 16.30
C PHE F 71 -4.53 3.34 17.25
N LYS F 72 -5.16 2.22 17.63
CA LYS F 72 -6.27 2.23 18.58
C LYS F 72 -7.29 3.29 18.22
N VAL F 73 -7.74 3.26 16.97
CA VAL F 73 -8.60 4.31 16.43
C VAL F 73 -9.86 4.49 17.27
N ALA F 74 -10.05 5.70 17.78
CA ALA F 74 -11.09 5.96 18.77
C ALA F 74 -11.74 7.34 18.57
N ASP F 75 -12.09 7.65 17.33
CA ASP F 75 -12.71 8.93 17.01
C ASP F 75 -14.09 8.71 16.42
N ILE F 76 -14.76 9.79 16.06
CA ILE F 76 -16.05 9.73 15.38
C ILE F 76 -15.86 9.05 14.02
N PRO F 77 -16.95 8.47 13.47
CA PRO F 77 -16.86 7.73 12.20
C PRO F 77 -16.14 8.48 11.08
N GLU F 78 -16.49 9.75 10.89
CA GLU F 78 -15.89 10.55 9.82
C GLU F 78 -14.37 10.67 9.94
N THR F 79 -13.87 10.88 11.14
CA THR F 79 -12.42 11.00 11.36
C THR F 79 -11.73 9.65 11.30
N ASN F 80 -12.37 8.62 11.85
CA ASN F 80 -11.88 7.25 11.72
C ASN F 80 -11.58 6.88 10.28
N GLU F 81 -12.49 7.27 9.38
CA GLU F 81 -12.34 7.02 7.96
C GLU F 81 -11.02 7.60 7.46
N LYS F 82 -10.79 8.87 7.77
CA LYS F 82 -9.57 9.55 7.34
C LYS F 82 -8.29 8.91 7.88
N ILE F 83 -8.31 8.55 9.17
CA ILE F 83 -7.15 7.91 9.79
C ILE F 83 -6.81 6.57 9.14
N CYS F 84 -7.82 5.71 8.97
CA CYS F 84 -7.60 4.41 8.34
C CYS F 84 -7.08 4.56 6.91
N ARG F 85 -7.69 5.46 6.15
CA ARG F 85 -7.28 5.68 4.76
C ARG F 85 -5.83 6.14 4.67
N ALA F 86 -5.43 7.03 5.58
CA ALA F 86 -4.06 7.53 5.61
C ALA F 86 -3.08 6.43 6.02
N THR F 87 -3.51 5.60 6.96
CA THR F 87 -2.69 4.49 7.43
C THR F 87 -2.51 3.42 6.37
N PHE F 88 -3.58 3.10 5.64
CA PHE F 88 -3.50 2.13 4.56
C PHE F 88 -2.74 2.71 3.37
N LYS F 89 -2.90 4.01 3.14
CA LYS F 89 -2.15 4.71 2.09
C LYS F 89 -0.65 4.62 2.38
N ALA F 90 -0.31 4.58 3.66
CA ALA F 90 1.07 4.43 4.10
C ALA F 90 1.57 2.99 3.92
N GLY F 91 0.64 2.06 3.66
CA GLY F 91 1.00 0.70 3.34
C GLY F 91 0.67 -0.36 4.37
N ALA F 92 0.10 0.06 5.50
CA ALA F 92 -0.21 -0.87 6.60
C ALA F 92 -1.18 -1.97 6.17
N ASP F 93 -0.90 -3.21 6.59
CA ASP F 93 -1.74 -4.34 6.23
C ASP F 93 -2.97 -4.39 7.10
N ALA F 94 -2.84 -3.85 8.32
CA ALA F 94 -3.93 -3.86 9.28
C ALA F 94 -3.84 -2.67 10.23
N ILE F 95 -4.95 -2.39 10.90
CA ILE F 95 -5.01 -1.31 11.88
C ILE F 95 -5.82 -1.75 13.10
N ILE F 96 -5.33 -1.41 14.29
CA ILE F 96 -6.04 -1.75 15.52
C ILE F 96 -7.02 -0.65 15.89
N VAL F 97 -8.26 -1.04 16.16
CA VAL F 97 -9.34 -0.10 16.35
C VAL F 97 -10.02 -0.29 17.72
N HIS F 98 -10.20 0.81 18.44
CA HIS F 98 -10.92 0.77 19.71
C HIS F 98 -12.40 0.51 19.47
N GLY F 99 -13.02 -0.26 20.37
CA GLY F 99 -14.42 -0.58 20.24
C GLY F 99 -15.32 0.27 21.12
N PHE F 100 -14.76 0.82 22.19
N PHE F 100 -14.75 0.81 22.18
CA PHE F 100 -15.56 1.61 23.13
CA PHE F 100 -15.48 1.63 23.15
C PHE F 100 -16.29 2.85 22.56
C PHE F 100 -16.28 2.82 22.54
N PRO F 101 -15.72 3.52 21.53
CA PRO F 101 -16.50 4.61 20.94
C PRO F 101 -17.81 4.19 20.24
N GLY F 102 -18.04 2.90 20.03
CA GLY F 102 -19.32 2.46 19.49
C GLY F 102 -19.27 1.77 18.14
N ALA F 103 -20.43 1.26 17.71
CA ALA F 103 -20.53 0.45 16.50
C ALA F 103 -20.28 1.23 15.21
N ASP F 104 -20.81 2.45 15.15
CA ASP F 104 -20.66 3.28 13.96
C ASP F 104 -19.21 3.68 13.70
N SER F 105 -18.45 3.90 14.76
CA SER F 105 -17.04 4.26 14.63
C SER F 105 -16.22 3.09 14.11
N VAL F 106 -16.62 1.88 14.49
CA VAL F 106 -15.95 0.66 14.03
C VAL F 106 -16.34 0.35 12.58
N ARG F 107 -17.61 0.58 12.25
CA ARG F 107 -18.11 0.35 10.90
C ARG F 107 -17.40 1.24 9.89
N ALA F 108 -17.14 2.48 10.27
CA ALA F 108 -16.46 3.43 9.40
C ALA F 108 -15.05 2.93 9.07
N CYS F 109 -14.41 2.29 10.03
CA CYS F 109 -13.09 1.70 9.80
C CYS F 109 -13.22 0.49 8.89
N LEU F 110 -14.24 -0.33 9.16
CA LEU F 110 -14.49 -1.52 8.38
C LEU F 110 -14.71 -1.21 6.90
N ASN F 111 -15.39 -0.09 6.62
CA ASN F 111 -15.64 0.31 5.25
C ASN F 111 -14.36 0.54 4.46
N VAL F 112 -13.46 1.33 5.03
CA VAL F 112 -12.19 1.66 4.37
C VAL F 112 -11.33 0.42 4.15
N ALA F 113 -11.19 -0.40 5.19
CA ALA F 113 -10.42 -1.63 5.11
C ALA F 113 -10.94 -2.53 4.01
N GLU F 114 -12.26 -2.62 3.90
CA GLU F 114 -12.91 -3.42 2.88
C GLU F 114 -12.67 -2.81 1.50
N GLU F 115 -12.80 -1.49 1.42
CA GLU F 115 -12.59 -0.75 0.18
C GLU F 115 -11.18 -0.96 -0.36
N MET F 116 -10.19 -0.95 0.53
CA MET F 116 -8.79 -1.00 0.13
C MET F 116 -8.13 -2.38 0.28
N GLY F 117 -8.91 -3.36 0.71
CA GLY F 117 -8.40 -4.71 0.87
C GLY F 117 -7.40 -4.88 2.01
N ARG F 118 -7.71 -4.26 3.15
CA ARG F 118 -6.87 -4.39 4.34
C ARG F 118 -7.71 -4.93 5.50
N GLU F 119 -7.10 -5.07 6.66
CA GLU F 119 -7.78 -5.67 7.80
C GLU F 119 -7.96 -4.73 8.98
N VAL F 120 -9.09 -4.88 9.66
CA VAL F 120 -9.32 -4.17 10.91
C VAL F 120 -9.26 -5.14 12.10
N PHE F 121 -8.47 -4.78 13.11
CA PHE F 121 -8.44 -5.53 14.36
C PHE F 121 -9.21 -4.77 15.43
N LEU F 122 -10.13 -5.46 16.11
CA LEU F 122 -10.96 -4.82 17.13
C LEU F 122 -10.41 -5.06 18.53
N LEU F 123 -10.07 -3.98 19.23
CA LEU F 123 -9.57 -4.05 20.59
C LEU F 123 -10.73 -4.02 21.60
N THR F 124 -11.00 -5.17 22.22
CA THR F 124 -12.16 -5.29 23.10
C THR F 124 -11.84 -5.00 24.56
N GLU F 125 -10.65 -5.41 24.99
CA GLU F 125 -10.24 -5.22 26.38
C GLU F 125 -8.74 -4.93 26.43
N MET F 126 -8.34 -4.02 27.31
CA MET F 126 -6.94 -3.64 27.41
C MET F 126 -6.24 -4.36 28.57
N SER F 127 -4.91 -4.24 28.61
CA SER F 127 -4.09 -5.05 29.52
C SER F 127 -3.67 -4.33 30.81
N HIS F 128 -3.63 -3.00 30.78
CA HIS F 128 -3.16 -2.21 31.93
C HIS F 128 -4.16 -2.29 33.10
N PRO F 129 -3.67 -2.04 34.32
CA PRO F 129 -4.51 -2.14 35.53
C PRO F 129 -5.76 -1.25 35.49
N GLY F 130 -5.64 -0.05 34.92
CA GLY F 130 -6.76 0.88 34.87
C GLY F 130 -7.86 0.49 33.91
N ALA F 131 -7.67 -0.61 33.20
CA ALA F 131 -8.66 -1.07 32.22
C ALA F 131 -9.91 -1.63 32.89
N GLU F 132 -9.81 -1.96 34.17
CA GLU F 132 -10.92 -2.55 34.90
C GLU F 132 -11.99 -1.52 35.23
N MET F 133 -11.62 -0.24 35.19
CA MET F 133 -12.53 0.84 35.58
C MET F 133 -13.76 0.95 34.68
N PHE F 134 -13.56 0.90 33.36
CA PHE F 134 -14.67 1.07 32.43
C PHE F 134 -14.68 0.03 31.31
N ILE F 135 -13.50 -0.30 30.79
CA ILE F 135 -13.40 -1.19 29.64
C ILE F 135 -13.81 -2.63 29.95
N GLN F 136 -13.38 -3.12 31.11
CA GLN F 136 -13.62 -4.51 31.49
C GLN F 136 -15.10 -4.85 31.54
N GLY F 137 -15.91 -3.91 32.03
CA GLY F 137 -17.34 -4.12 32.15
C GLY F 137 -18.05 -4.18 30.81
N ALA F 138 -17.48 -3.51 29.81
CA ALA F 138 -18.10 -3.42 28.49
C ALA F 138 -17.46 -4.37 27.47
N ALA F 139 -16.45 -5.10 27.91
CA ALA F 139 -15.66 -5.95 27.00
C ALA F 139 -16.48 -7.00 26.25
N ASP F 140 -17.36 -7.69 26.97
CA ASP F 140 -18.18 -8.72 26.36
C ASP F 140 -19.11 -8.17 25.28
N GLU F 141 -19.81 -7.09 25.63
CA GLU F 141 -20.73 -6.45 24.69
C GLU F 141 -19.98 -5.85 23.50
N ILE F 142 -18.76 -5.39 23.74
CA ILE F 142 -17.92 -4.85 22.68
C ILE F 142 -17.48 -5.94 21.71
N ALA F 143 -17.11 -7.09 22.27
CA ALA F 143 -16.71 -8.25 21.46
C ALA F 143 -17.89 -8.77 20.65
N ARG F 144 -19.06 -8.82 21.28
CA ARG F 144 -20.27 -9.25 20.60
C ARG F 144 -20.69 -8.24 19.55
N MET F 145 -20.41 -6.96 19.81
CA MET F 145 -20.68 -5.91 18.85
C MET F 145 -19.85 -6.13 17.60
N GLY F 146 -18.58 -6.47 17.80
CA GLY F 146 -17.69 -6.77 16.69
C GLY F 146 -18.15 -7.97 15.90
N VAL F 147 -18.66 -8.98 16.60
CA VAL F 147 -19.21 -10.16 15.96
C VAL F 147 -20.37 -9.80 15.03
N ASP F 148 -21.27 -8.96 15.53
CA ASP F 148 -22.43 -8.53 14.76
C ASP F 148 -22.02 -7.76 13.50
N LEU F 149 -20.89 -7.05 13.59
CA LEU F 149 -20.42 -6.24 12.47
C LEU F 149 -19.58 -7.03 11.48
N GLY F 150 -19.32 -8.30 11.82
CA GLY F 150 -18.51 -9.15 10.98
C GLY F 150 -17.02 -8.86 11.10
N VAL F 151 -16.59 -8.50 12.30
CA VAL F 151 -15.16 -8.33 12.58
C VAL F 151 -14.53 -9.72 12.72
N LYS F 152 -13.46 -9.95 11.96
CA LYS F 152 -12.81 -11.27 11.95
C LYS F 152 -11.53 -11.29 12.78
N ASN F 153 -11.02 -10.11 13.12
CA ASN F 153 -9.75 -10.01 13.84
C ASN F 153 -9.90 -9.26 15.15
N TYR F 154 -9.30 -9.79 16.21
CA TYR F 154 -9.47 -9.21 17.54
C TYR F 154 -8.15 -9.09 18.31
N VAL F 155 -8.14 -8.18 19.28
CA VAL F 155 -7.00 -8.00 20.18
C VAL F 155 -7.48 -8.15 21.61
N GLY F 156 -6.89 -9.07 22.36
CA GLY F 156 -7.32 -9.34 23.72
C GLY F 156 -6.21 -9.13 24.75
N PRO F 157 -6.58 -9.07 26.04
CA PRO F 157 -5.63 -8.82 27.12
C PRO F 157 -4.89 -10.08 27.58
N SER F 158 -3.56 -10.05 27.52
CA SER F 158 -2.74 -11.17 27.96
C SER F 158 -2.65 -11.25 29.48
N THR F 159 -2.73 -10.09 30.13
CA THR F 159 -2.60 -10.01 31.58
C THR F 159 -3.82 -10.59 32.31
N ARG F 160 -4.86 -10.92 31.55
CA ARG F 160 -6.06 -11.54 32.11
C ARG F 160 -6.46 -12.77 31.30
N PRO F 161 -5.77 -13.90 31.51
CA PRO F 161 -5.95 -15.13 30.75
C PRO F 161 -7.37 -15.70 30.83
N GLU F 162 -8.08 -15.42 31.93
CA GLU F 162 -9.44 -15.91 32.09
C GLU F 162 -10.42 -15.08 31.28
N ARG F 163 -10.12 -13.80 31.11
CA ARG F 163 -10.95 -12.91 30.32
C ARG F 163 -10.69 -13.09 28.84
N LEU F 164 -9.52 -13.65 28.53
CA LEU F 164 -9.13 -13.93 27.16
C LEU F 164 -9.82 -15.21 26.68
N SER F 165 -10.13 -16.09 27.61
CA SER F 165 -10.82 -17.34 27.31
C SER F 165 -12.26 -17.06 26.94
N ARG F 166 -12.91 -16.19 27.71
CA ARG F 166 -14.29 -15.80 27.46
C ARG F 166 -14.41 -15.05 26.12
N LEU F 167 -13.34 -14.34 25.76
CA LEU F 167 -13.30 -13.62 24.49
C LEU F 167 -13.37 -14.57 23.30
N ARG F 168 -12.51 -15.58 23.32
CA ARG F 168 -12.46 -16.60 22.27
C ARG F 168 -13.80 -17.33 22.13
N GLU F 169 -14.46 -17.59 23.25
CA GLU F 169 -15.74 -18.27 23.25
C GLU F 169 -16.81 -17.45 22.53
N ILE F 170 -16.70 -16.14 22.65
CA ILE F 170 -17.65 -15.21 22.03
C ILE F 170 -17.44 -15.06 20.52
N ILE F 171 -16.19 -14.85 20.11
CA ILE F 171 -15.87 -14.57 18.71
C ILE F 171 -15.76 -15.81 17.84
N GLY F 172 -15.91 -16.99 18.45
CA GLY F 172 -15.81 -18.24 17.71
C GLY F 172 -14.38 -18.66 17.43
N GLN F 173 -14.22 -19.85 16.85
CA GLN F 173 -12.89 -20.38 16.57
C GLN F 173 -12.27 -19.83 15.29
N ASP F 174 -13.11 -19.37 14.35
CA ASP F 174 -12.63 -18.90 13.05
C ASP F 174 -11.97 -17.52 13.12
N SER F 175 -12.35 -16.72 14.10
CA SER F 175 -11.77 -15.40 14.27
C SER F 175 -10.28 -15.49 14.61
N PHE F 176 -9.54 -14.45 14.25
CA PHE F 176 -8.11 -14.40 14.50
C PHE F 176 -7.85 -13.52 15.72
N LEU F 177 -7.16 -14.06 16.71
CA LEU F 177 -6.96 -13.35 17.98
C LEU F 177 -5.49 -13.15 18.31
N ILE F 178 -5.13 -11.90 18.64
CA ILE F 178 -3.78 -11.59 19.10
C ILE F 178 -3.85 -10.91 20.47
N SER F 179 -2.78 -11.01 21.25
CA SER F 179 -2.81 -10.49 22.62
C SER F 179 -1.49 -9.94 23.16
N PRO F 180 -1.46 -8.62 23.45
CA PRO F 180 -0.29 -7.92 24.01
C PRO F 180 -0.31 -7.88 25.54
N GLY F 181 0.82 -7.50 26.13
CA GLY F 181 0.95 -7.44 27.58
C GLY F 181 1.77 -8.60 28.09
N VAL F 182 2.63 -9.15 27.22
CA VAL F 182 3.42 -10.33 27.56
C VAL F 182 4.82 -9.97 28.02
N GLY F 183 5.17 -10.37 29.24
CA GLY F 183 6.50 -10.16 29.78
C GLY F 183 6.63 -8.90 30.61
N ALA F 184 6.59 -7.75 29.93
CA ALA F 184 6.74 -6.46 30.60
C ALA F 184 5.57 -6.16 31.53
N GLN F 185 4.35 -6.40 31.05
CA GLN F 185 3.15 -6.12 31.82
C GLN F 185 2.76 -7.28 32.73
N GLY F 186 3.48 -8.38 32.63
CA GLY F 186 3.27 -9.52 33.51
C GLY F 186 2.45 -10.64 32.91
N GLY F 187 2.47 -10.76 31.58
CA GLY F 187 1.72 -11.81 30.90
C GLY F 187 2.61 -12.97 30.48
N ASP F 188 2.08 -14.17 30.59
CA ASP F 188 2.81 -15.38 30.20
C ASP F 188 2.46 -15.79 28.77
N PRO F 189 3.47 -16.11 27.95
CA PRO F 189 3.28 -16.50 26.55
C PRO F 189 2.49 -17.79 26.40
N GLY F 190 2.82 -18.80 27.20
CA GLY F 190 2.18 -20.10 27.11
C GLY F 190 0.69 -20.10 27.40
N GLU F 191 0.30 -19.47 28.50
CA GLU F 191 -1.10 -19.43 28.89
C GLU F 191 -1.93 -18.55 27.95
N THR F 192 -1.28 -17.54 27.36
CA THR F 192 -1.96 -16.63 26.44
C THR F 192 -2.22 -17.31 25.09
N LEU F 193 -1.25 -18.08 24.62
CA LEU F 193 -1.34 -18.73 23.32
C LEU F 193 -2.28 -19.93 23.32
N ARG F 194 -2.83 -20.26 24.48
CA ARG F 194 -3.80 -21.34 24.60
C ARG F 194 -5.14 -20.88 24.04
N PHE F 195 -5.28 -19.58 23.84
CA PHE F 195 -6.51 -19.00 23.32
C PHE F 195 -6.25 -18.14 22.08
N ALA F 196 -5.30 -17.23 22.20
CA ALA F 196 -4.95 -16.34 21.10
C ALA F 196 -4.13 -17.07 20.03
N ASP F 197 -4.21 -16.59 18.80
CA ASP F 197 -3.46 -17.17 17.70
C ASP F 197 -2.01 -16.71 17.72
N ALA F 198 -1.77 -15.55 18.34
CA ALA F 198 -0.43 -14.98 18.42
C ALA F 198 -0.33 -14.01 19.58
N ILE F 199 0.87 -13.87 20.13
CA ILE F 199 1.11 -12.90 21.18
C ILE F 199 1.88 -11.70 20.66
N ILE F 200 1.77 -10.59 21.37
CA ILE F 200 2.52 -9.39 21.05
C ILE F 200 3.51 -9.08 22.16
N VAL F 201 4.79 -8.97 21.80
CA VAL F 201 5.83 -8.65 22.76
C VAL F 201 6.66 -7.45 22.30
N GLY F 202 6.85 -6.50 23.21
CA GLY F 202 7.63 -5.30 22.91
C GLY F 202 8.88 -5.17 23.75
N ARG F 203 8.72 -4.60 24.95
CA ARG F 203 9.85 -4.26 25.83
C ARG F 203 10.74 -5.44 26.20
N SER F 204 10.19 -6.65 26.18
CA SER F 204 10.98 -7.84 26.47
C SER F 204 11.89 -8.22 25.31
N ILE F 205 11.80 -7.47 24.22
CA ILE F 205 12.64 -7.73 23.06
C ILE F 205 13.45 -6.51 22.64
N TYR F 206 12.80 -5.37 22.42
CA TYR F 206 13.49 -4.19 21.92
C TYR F 206 14.32 -3.45 22.96
N LEU F 207 14.26 -3.90 24.21
CA LEU F 207 15.04 -3.30 25.28
C LEU F 207 16.07 -4.26 25.85
N ALA F 208 16.05 -5.50 25.37
CA ALA F 208 16.96 -6.54 25.85
C ALA F 208 18.40 -6.27 25.41
N ASP F 209 19.34 -6.88 26.13
CA ASP F 209 20.75 -6.76 25.77
C ASP F 209 21.02 -7.46 24.44
N ASN F 210 20.31 -8.55 24.20
CA ASN F 210 20.41 -9.28 22.94
C ASN F 210 19.03 -9.63 22.40
N PRO F 211 18.40 -8.68 21.69
CA PRO F 211 17.04 -8.82 21.16
C PRO F 211 16.86 -10.06 20.28
N ALA F 212 17.91 -10.43 19.55
CA ALA F 212 17.86 -11.61 18.68
C ALA F 212 17.67 -12.89 19.49
N ALA F 213 18.44 -13.01 20.57
CA ALA F 213 18.32 -14.18 21.45
C ALA F 213 17.12 -14.04 22.37
N ALA F 214 16.74 -12.80 22.68
CA ALA F 214 15.59 -12.53 23.54
C ALA F 214 14.30 -12.96 22.86
N ALA F 215 14.22 -12.72 21.55
CA ALA F 215 13.07 -13.18 20.76
C ALA F 215 13.09 -14.70 20.66
N ALA F 216 14.29 -15.26 20.52
CA ALA F 216 14.46 -16.71 20.43
C ALA F 216 14.00 -17.43 21.69
N GLY F 217 14.23 -16.79 22.84
CA GLY F 217 13.85 -17.36 24.12
C GLY F 217 12.36 -17.40 24.36
N ILE F 218 11.66 -16.37 23.88
CA ILE F 218 10.21 -16.29 24.05
C ILE F 218 9.52 -17.38 23.21
N ILE F 219 10.10 -17.71 22.07
CA ILE F 219 9.58 -18.78 21.21
C ILE F 219 9.80 -20.15 21.85
N GLU F 220 10.85 -20.27 22.66
CA GLU F 220 11.17 -21.51 23.35
C GLU F 220 10.09 -21.92 24.36
N SER F 221 9.34 -20.94 24.86
CA SER F 221 8.30 -21.20 25.85
C SER F 221 7.11 -21.94 25.25
N ILE F 222 7.00 -21.90 23.92
CA ILE F 222 5.89 -22.52 23.22
C ILE F 222 6.34 -23.14 21.89
N LYS F 223 7.53 -23.70 21.88
CA LYS F 223 8.09 -24.29 20.66
C LYS F 223 7.43 -25.62 20.33
N MET G 9 11.20 31.20 14.40
CA MET G 9 9.89 31.69 14.79
C MET G 9 9.50 32.92 14.00
N ASP G 10 8.21 33.25 14.00
CA ASP G 10 7.71 34.42 13.29
C ASP G 10 7.26 35.48 14.30
N VAL G 11 7.91 36.63 14.27
CA VAL G 11 7.61 37.70 15.21
C VAL G 11 6.73 38.78 14.58
N MET G 12 5.57 39.01 15.19
CA MET G 12 4.62 39.99 14.69
C MET G 12 5.22 41.40 14.74
N ASN G 13 5.15 42.10 13.60
CA ASN G 13 5.71 43.45 13.46
C ASN G 13 7.22 43.52 13.69
N ARG G 14 7.87 42.37 13.70
CA ARG G 14 9.30 42.26 13.98
C ARG G 14 9.64 42.95 15.31
N LEU G 15 8.68 42.89 16.23
CA LEU G 15 8.79 43.61 17.50
C LEU G 15 8.61 42.66 18.67
N ILE G 16 9.52 42.73 19.63
CA ILE G 16 9.44 41.91 20.84
C ILE G 16 9.41 42.79 22.09
N LEU G 17 8.36 42.63 22.89
CA LEU G 17 8.20 43.42 24.10
C LEU G 17 9.05 42.87 25.25
N ALA G 18 9.88 43.73 25.83
CA ALA G 18 10.70 43.34 26.97
C ALA G 18 10.03 43.77 28.27
N MET G 19 9.23 42.88 28.85
CA MET G 19 8.46 43.21 30.04
C MET G 19 9.32 43.13 31.32
N ASP G 20 9.99 44.23 31.63
CA ASP G 20 10.88 44.28 32.78
C ASP G 20 10.28 45.06 33.95
N LEU G 21 8.98 45.32 33.86
CA LEU G 21 8.23 45.84 35.00
C LEU G 21 8.26 44.79 36.10
N MET G 22 8.20 45.23 37.35
CA MET G 22 8.36 44.31 38.46
C MET G 22 7.08 44.18 39.29
N ASN G 23 5.99 44.73 38.77
CA ASN G 23 4.68 44.59 39.40
C ASN G 23 3.74 43.80 38.50
N ARG G 24 3.14 42.75 39.05
CA ARG G 24 2.25 41.87 38.28
C ARG G 24 1.05 42.61 37.68
N ASP G 25 0.47 43.52 38.45
CA ASP G 25 -0.68 44.29 37.98
C ASP G 25 -0.29 45.24 36.85
N ASP G 26 0.93 45.76 36.91
CA ASP G 26 1.43 46.69 35.89
C ASP G 26 1.96 45.95 34.67
N ALA G 27 2.47 44.75 34.87
CA ALA G 27 3.03 43.96 33.78
C ALA G 27 1.93 43.32 32.93
N LEU G 28 0.75 43.14 33.53
CA LEU G 28 -0.38 42.55 32.82
C LEU G 28 -1.17 43.61 32.05
N ARG G 29 -1.19 44.82 32.59
CA ARG G 29 -1.89 45.93 31.93
C ARG G 29 -1.16 46.34 30.66
N VAL G 30 0.13 46.66 30.79
CA VAL G 30 0.94 47.10 29.65
C VAL G 30 1.01 46.06 28.55
N THR G 31 1.26 44.80 28.92
CA THR G 31 1.30 43.70 27.97
C THR G 31 -0.05 43.56 27.27
N GLY G 32 -1.13 43.82 28.01
CA GLY G 32 -2.47 43.72 27.45
C GLY G 32 -2.76 44.81 26.43
N GLU G 33 -2.23 46.00 26.66
CA GLU G 33 -2.49 47.15 25.80
C GLU G 33 -1.78 47.04 24.44
N VAL G 34 -0.70 46.27 24.40
CA VAL G 34 0.12 46.17 23.21
C VAL G 34 0.05 44.80 22.55
N ARG G 35 -0.94 44.01 22.93
CA ARG G 35 -1.08 42.65 22.42
C ARG G 35 -1.37 42.63 20.92
N GLU G 36 -2.00 43.68 20.42
CA GLU G 36 -2.35 43.78 19.01
C GLU G 36 -1.14 44.08 18.13
N TYR G 37 -0.01 44.37 18.76
CA TYR G 37 1.20 44.70 18.03
C TYR G 37 2.25 43.60 18.12
N ILE G 38 2.30 42.92 19.26
CA ILE G 38 3.30 41.89 19.48
C ILE G 38 2.68 40.53 19.83
N ASP G 39 3.31 39.46 19.35
CA ASP G 39 2.90 38.10 19.69
C ASP G 39 4.03 37.39 20.42
N THR G 40 5.05 38.16 20.77
CA THR G 40 6.22 37.63 21.48
C THR G 40 6.62 38.58 22.59
N VAL G 41 6.73 38.04 23.80
CA VAL G 41 7.11 38.83 24.97
C VAL G 41 8.37 38.29 25.62
N LYS G 42 9.34 39.16 25.87
CA LYS G 42 10.51 38.77 26.63
C LYS G 42 10.30 39.03 28.12
N ILE G 43 10.36 37.97 28.92
CA ILE G 43 10.22 38.08 30.37
C ILE G 43 11.54 37.73 31.05
N GLY G 44 12.00 38.61 31.93
CA GLY G 44 13.29 38.43 32.57
C GLY G 44 13.21 38.35 34.08
N TYR G 45 14.38 38.18 34.70
CA TYR G 45 14.50 38.10 36.16
C TYR G 45 13.83 39.21 36.98
N PRO G 46 13.85 40.48 36.51
CA PRO G 46 13.15 41.52 37.29
C PRO G 46 11.69 41.20 37.59
N LEU G 47 10.96 40.65 36.62
CA LEU G 47 9.56 40.31 36.82
C LEU G 47 9.40 38.97 37.53
N VAL G 48 10.21 37.99 37.13
CA VAL G 48 10.11 36.63 37.65
C VAL G 48 10.44 36.54 39.14
N LEU G 49 11.55 37.13 39.55
CA LEU G 49 11.96 37.13 40.95
C LEU G 49 10.95 37.87 41.84
N SER G 50 10.18 38.75 41.25
CA SER G 50 9.20 39.53 42.00
C SER G 50 7.85 38.82 42.11
N GLU G 51 7.45 38.12 41.06
CA GLU G 51 6.13 37.50 41.01
C GLU G 51 6.14 35.98 40.86
N GLY G 52 7.32 35.38 40.80
CA GLY G 52 7.44 33.94 40.71
C GLY G 52 7.36 33.44 39.28
N MET G 53 7.94 32.27 39.04
CA MET G 53 7.98 31.69 37.69
C MET G 53 6.60 31.37 37.12
N ASP G 54 5.59 31.32 37.99
CA ASP G 54 4.22 31.10 37.58
C ASP G 54 3.73 32.16 36.59
N ILE G 55 4.35 33.33 36.63
CA ILE G 55 3.99 34.44 35.76
C ILE G 55 4.13 34.07 34.28
N ILE G 56 5.07 33.17 33.99
CA ILE G 56 5.33 32.75 32.62
C ILE G 56 4.15 32.00 32.02
N ALA G 57 3.63 31.03 32.78
CA ALA G 57 2.47 30.27 32.33
C ALA G 57 1.25 31.18 32.20
N GLU G 58 1.10 32.08 33.17
CA GLU G 58 -0.04 33.00 33.20
C GLU G 58 -0.05 33.93 31.99
N PHE G 59 1.13 34.39 31.60
CA PHE G 59 1.26 35.23 30.40
C PHE G 59 0.87 34.42 29.16
N ARG G 60 1.43 33.22 29.06
CA ARG G 60 1.18 32.35 27.91
C ARG G 60 -0.29 31.94 27.83
N LYS G 61 -0.96 31.89 28.97
CA LYS G 61 -2.38 31.58 29.01
C LYS G 61 -3.23 32.79 28.63
N ARG G 62 -2.92 33.94 29.21
CA ARG G 62 -3.69 35.16 28.98
C ARG G 62 -3.62 35.65 27.54
N PHE G 63 -2.41 35.78 27.01
CA PHE G 63 -2.21 36.45 25.74
C PHE G 63 -1.91 35.49 24.59
N GLY G 64 -1.61 34.24 24.93
CA GLY G 64 -1.32 33.22 23.93
C GLY G 64 -0.04 33.51 23.16
N CYS G 65 0.79 34.38 23.72
CA CYS G 65 2.03 34.78 23.07
C CYS G 65 3.17 33.86 23.45
N ARG G 66 4.23 33.87 22.64
CA ARG G 66 5.44 33.14 22.98
C ARG G 66 6.19 33.87 24.09
N ILE G 67 6.85 33.10 24.95
CA ILE G 67 7.63 33.69 26.02
C ILE G 67 9.11 33.40 25.86
N ILE G 68 9.91 34.47 25.76
CA ILE G 68 11.36 34.33 25.76
C ILE G 68 11.89 34.71 27.14
N ALA G 69 12.44 33.72 27.84
CA ALA G 69 13.01 33.94 29.16
C ALA G 69 14.43 34.51 29.05
N ASP G 70 14.57 35.80 29.36
CA ASP G 70 15.87 36.46 29.34
C ASP G 70 16.59 36.16 30.64
N PHE G 71 17.10 34.94 30.77
CA PHE G 71 17.70 34.50 32.03
C PHE G 71 19.23 34.52 32.00
N LYS G 72 19.79 34.59 30.80
CA LYS G 72 21.25 34.70 30.63
C LYS G 72 22.02 33.65 31.38
N VAL G 73 21.64 32.39 31.19
CA VAL G 73 22.24 31.28 31.90
C VAL G 73 23.75 31.31 31.74
N ALA G 74 24.46 31.48 32.85
CA ALA G 74 25.91 31.63 32.81
C ALA G 74 26.59 30.90 33.96
N ASP G 75 26.28 29.62 34.09
CA ASP G 75 26.83 28.81 35.18
C ASP G 75 27.55 27.59 34.60
N ILE G 76 27.89 26.64 35.46
CA ILE G 76 28.47 25.38 35.02
C ILE G 76 27.38 24.56 34.32
N PRO G 77 27.78 23.62 33.46
CA PRO G 77 26.80 22.82 32.70
C PRO G 77 25.72 22.16 33.56
N GLU G 78 26.12 21.54 34.67
CA GLU G 78 25.19 20.83 35.53
C GLU G 78 24.10 21.75 36.10
N THR G 79 24.47 23.00 36.38
CA THR G 79 23.52 23.97 36.89
C THR G 79 22.70 24.56 35.75
N ASN G 80 23.36 24.82 34.62
CA ASN G 80 22.69 25.27 33.41
C ASN G 80 21.55 24.32 33.01
N GLU G 81 21.81 23.02 33.11
CA GLU G 81 20.78 22.02 32.78
C GLU G 81 19.56 22.18 33.67
N LYS G 82 19.79 22.34 34.97
CA LYS G 82 18.71 22.50 35.93
C LYS G 82 17.88 23.75 35.64
N ILE G 83 18.56 24.87 35.37
CA ILE G 83 17.88 26.14 35.14
C ILE G 83 17.03 26.12 33.87
N CYS G 84 17.59 25.62 32.77
CA CYS G 84 16.84 25.51 31.53
C CYS G 84 15.64 24.60 31.71
N ARG G 85 15.86 23.47 32.37
CA ARG G 85 14.81 22.47 32.55
C ARG G 85 13.65 23.04 33.37
N ALA G 86 13.97 23.81 34.41
CA ALA G 86 12.95 24.44 35.24
C ALA G 86 12.24 25.55 34.50
N THR G 87 12.98 26.27 33.66
CA THR G 87 12.43 27.37 32.88
C THR G 87 11.46 26.87 31.81
N PHE G 88 11.83 25.80 31.11
CA PHE G 88 10.94 25.19 30.15
C PHE G 88 9.77 24.51 30.85
N LYS G 89 10.01 24.05 32.08
CA LYS G 89 8.97 23.41 32.88
C LYS G 89 7.89 24.42 33.25
N ALA G 90 8.26 25.69 33.30
CA ALA G 90 7.32 26.75 33.61
C ALA G 90 6.65 27.29 32.34
N GLY G 91 6.89 26.60 31.23
CA GLY G 91 6.18 26.89 30.00
C GLY G 91 6.84 27.88 29.06
N ALA G 92 8.10 28.19 29.30
CA ALA G 92 8.84 29.12 28.45
C ALA G 92 9.15 28.51 27.08
N ASP G 93 8.99 29.32 26.02
CA ASP G 93 9.24 28.87 24.66
C ASP G 93 10.72 28.88 24.32
N ALA G 94 11.44 29.85 24.88
CA ALA G 94 12.87 29.97 24.62
C ALA G 94 13.58 30.58 25.82
N ILE G 95 14.89 30.34 25.91
CA ILE G 95 15.69 30.89 26.99
C ILE G 95 16.99 31.48 26.43
N ILE G 96 17.36 32.66 26.94
CA ILE G 96 18.58 33.33 26.49
C ILE G 96 19.77 32.90 27.33
N VAL G 97 20.86 32.52 26.66
CA VAL G 97 22.01 31.94 27.34
C VAL G 97 23.30 32.67 26.97
N HIS G 98 24.13 32.94 27.97
CA HIS G 98 25.43 33.57 27.76
C HIS G 98 26.43 32.61 27.13
N GLY G 99 27.25 33.12 26.21
CA GLY G 99 28.24 32.31 25.54
C GLY G 99 29.62 32.37 26.17
N PHE G 100 29.88 33.42 26.95
N PHE G 100 29.87 33.43 26.94
CA PHE G 100 31.20 33.57 27.59
CA PHE G 100 31.15 33.61 27.63
C PHE G 100 31.63 32.46 28.56
C PHE G 100 31.60 32.45 28.53
N PRO G 101 30.68 31.80 29.26
CA PRO G 101 31.12 30.65 30.08
C PRO G 101 31.77 29.50 29.31
N GLY G 102 31.53 29.39 28.01
CA GLY G 102 32.20 28.39 27.21
C GLY G 102 31.28 27.39 26.51
N ALA G 103 31.89 26.48 25.75
CA ALA G 103 31.15 25.53 24.93
C ALA G 103 30.28 24.56 25.73
N ASP G 104 30.87 23.93 26.75
CA ASP G 104 30.15 22.94 27.54
C ASP G 104 28.91 23.53 28.22
N SER G 105 29.02 24.77 28.70
CA SER G 105 27.90 25.44 29.36
C SER G 105 26.76 25.76 28.39
N VAL G 106 27.09 26.08 27.15
CA VAL G 106 26.08 26.29 26.12
C VAL G 106 25.47 24.96 25.69
N ARG G 107 26.35 23.95 25.52
CA ARG G 107 25.93 22.60 25.12
C ARG G 107 24.89 22.03 26.08
N ALA G 108 25.08 22.28 27.37
CA ALA G 108 24.15 21.81 28.39
C ALA G 108 22.74 22.35 28.14
N CYS G 109 22.67 23.66 27.87
CA CYS G 109 21.40 24.32 27.60
C CYS G 109 20.77 23.79 26.32
N LEU G 110 21.60 23.58 25.30
CA LEU G 110 21.13 23.04 24.03
C LEU G 110 20.52 21.65 24.19
N ASN G 111 21.14 20.84 25.05
CA ASN G 111 20.68 19.46 25.27
C ASN G 111 19.27 19.40 25.86
N VAL G 112 18.98 20.33 26.77
CA VAL G 112 17.66 20.39 27.39
C VAL G 112 16.62 20.93 26.41
N ALA G 113 17.02 21.94 25.64
CA ALA G 113 16.14 22.54 24.64
C ALA G 113 15.69 21.54 23.58
N GLU G 114 16.60 20.68 23.13
CA GLU G 114 16.27 19.69 22.11
C GLU G 114 15.43 18.56 22.70
N GLU G 115 15.70 18.24 23.95
CA GLU G 115 15.00 17.17 24.66
C GLU G 115 13.54 17.56 24.93
N MET G 116 13.29 18.85 25.04
CA MET G 116 11.95 19.34 25.40
C MET G 116 11.25 20.06 24.26
N GLY G 117 11.96 20.23 23.14
CA GLY G 117 11.38 20.90 21.98
C GLY G 117 11.25 22.39 22.14
N ARG G 118 12.25 23.03 22.73
CA ARG G 118 12.24 24.49 22.86
C ARG G 118 13.51 25.10 22.27
N GLU G 119 13.61 26.42 22.31
CA GLU G 119 14.70 27.12 21.63
C GLU G 119 15.70 27.75 22.59
N VAL G 120 16.96 27.81 22.15
CA VAL G 120 17.99 28.52 22.89
C VAL G 120 18.49 29.72 22.09
N PHE G 121 18.45 30.89 22.72
CA PHE G 121 19.03 32.09 22.13
C PHE G 121 20.42 32.32 22.72
N LEU G 122 21.42 32.39 21.85
CA LEU G 122 22.79 32.63 22.31
C LEU G 122 23.14 34.12 22.28
N LEU G 123 23.30 34.69 23.46
CA LEU G 123 23.72 36.08 23.60
C LEU G 123 25.24 36.19 23.38
N THR G 124 25.64 36.64 22.19
CA THR G 124 27.06 36.69 21.83
C THR G 124 27.73 38.00 22.23
N GLU G 125 26.97 39.10 22.20
CA GLU G 125 27.52 40.40 22.54
C GLU G 125 26.46 41.28 23.17
N MET G 126 26.85 42.01 24.22
CA MET G 126 25.90 42.84 24.94
C MET G 126 25.91 44.28 24.44
N SER G 127 24.93 45.07 24.87
CA SER G 127 24.66 46.37 24.26
C SER G 127 25.14 47.56 25.09
N HIS G 128 25.36 47.33 26.38
CA HIS G 128 25.80 48.40 27.29
C HIS G 128 27.29 48.69 27.07
N PRO G 129 27.76 49.88 27.51
CA PRO G 129 29.16 50.25 27.30
C PRO G 129 30.19 49.28 27.89
N GLY G 130 29.81 48.56 28.94
CA GLY G 130 30.72 47.62 29.59
C GLY G 130 31.07 46.42 28.72
N ALA G 131 30.27 46.18 27.69
CA ALA G 131 30.47 45.04 26.80
C ALA G 131 31.75 45.13 25.97
N GLU G 132 32.34 46.32 25.94
CA GLU G 132 33.59 46.53 25.20
C GLU G 132 34.80 45.97 25.93
N MET G 133 34.71 45.83 27.25
CA MET G 133 35.84 45.41 28.06
C MET G 133 36.30 43.97 27.79
N PHE G 134 35.37 43.03 27.83
CA PHE G 134 35.73 41.62 27.72
C PHE G 134 34.92 40.89 26.64
N ILE G 135 33.61 41.13 26.63
CA ILE G 135 32.72 40.40 25.73
C ILE G 135 33.01 40.62 24.25
N GLN G 136 33.14 41.88 23.85
CA GLN G 136 33.28 42.24 22.44
C GLN G 136 34.51 41.61 21.79
N GLY G 137 35.60 41.51 22.55
CA GLY G 137 36.82 40.92 22.05
C GLY G 137 36.65 39.46 21.68
N ALA G 138 35.79 38.76 22.41
CA ALA G 138 35.54 37.35 22.17
C ALA G 138 34.18 37.13 21.51
N ALA G 139 33.52 38.21 21.12
CA ALA G 139 32.18 38.14 20.55
C ALA G 139 32.10 37.32 19.28
N ASP G 140 33.01 37.58 18.34
CA ASP G 140 33.05 36.83 17.09
C ASP G 140 33.30 35.34 17.33
N GLU G 141 34.24 35.04 18.22
CA GLU G 141 34.58 33.67 18.54
C GLU G 141 33.42 32.94 19.20
N ILE G 142 32.66 33.66 20.03
CA ILE G 142 31.48 33.11 20.67
C ILE G 142 30.41 32.77 19.63
N ALA G 143 30.24 33.66 18.66
CA ALA G 143 29.29 33.46 17.59
C ALA G 143 29.65 32.22 16.77
N ARG G 144 30.92 32.11 16.40
CA ARG G 144 31.41 30.94 15.70
C ARG G 144 31.27 29.68 16.56
N MET G 145 31.43 29.84 17.86
CA MET G 145 31.23 28.73 18.79
C MET G 145 29.80 28.22 18.68
N GLY G 146 28.85 29.15 18.72
CA GLY G 146 27.44 28.82 18.60
C GLY G 146 27.11 28.08 17.32
N VAL G 147 27.70 28.52 16.22
CA VAL G 147 27.46 27.90 14.91
C VAL G 147 27.93 26.45 14.90
N ASP G 148 29.10 26.20 15.47
CA ASP G 148 29.65 24.85 15.54
C ASP G 148 28.83 23.95 16.48
N LEU G 149 28.08 24.58 17.39
CA LEU G 149 27.24 23.84 18.33
C LEU G 149 25.85 23.59 17.75
N GLY G 150 25.50 24.32 16.70
CA GLY G 150 24.20 24.16 16.06
C GLY G 150 23.16 25.14 16.58
N VAL G 151 23.62 26.30 17.08
CA VAL G 151 22.72 27.33 17.55
C VAL G 151 22.02 28.01 16.38
N LYS G 152 20.70 28.16 16.50
CA LYS G 152 19.87 28.69 15.42
C LYS G 152 19.39 30.11 15.72
N ASN G 153 19.36 30.45 17.00
CA ASN G 153 18.84 31.73 17.44
C ASN G 153 19.87 32.57 18.21
N TYR G 154 19.98 33.84 17.86
CA TYR G 154 21.03 34.70 18.43
C TYR G 154 20.52 36.04 18.96
N VAL G 155 21.33 36.66 19.83
CA VAL G 155 21.02 37.98 20.35
C VAL G 155 22.23 38.90 20.20
N GLY G 156 22.03 40.04 19.54
CA GLY G 156 23.13 40.96 19.27
C GLY G 156 22.78 42.39 19.63
N PRO G 157 23.79 43.25 19.77
CA PRO G 157 23.61 44.64 20.19
C PRO G 157 23.09 45.54 19.08
N SER G 158 22.08 46.34 19.39
CA SER G 158 21.54 47.31 18.43
C SER G 158 22.33 48.61 18.52
N THR G 159 23.07 48.77 19.61
CA THR G 159 23.88 49.95 19.83
C THR G 159 25.13 49.93 18.97
N ARG G 160 25.41 48.78 18.36
CA ARG G 160 26.55 48.63 17.46
C ARG G 160 26.14 47.97 16.15
N PRO G 161 25.59 48.75 15.21
CA PRO G 161 25.09 48.26 13.92
C PRO G 161 26.15 47.53 13.11
N GLU G 162 27.41 47.98 13.19
CA GLU G 162 28.49 47.35 12.44
C GLU G 162 28.85 45.98 13.01
N ARG G 163 28.76 45.83 14.33
CA ARG G 163 29.02 44.56 14.98
C ARG G 163 27.86 43.60 14.70
N LEU G 164 26.67 44.18 14.58
CA LEU G 164 25.47 43.43 14.28
C LEU G 164 25.54 42.86 12.87
N SER G 165 26.12 43.65 11.96
CA SER G 165 26.33 43.22 10.58
C SER G 165 27.33 42.07 10.52
N ARG G 166 28.37 42.15 11.34
CA ARG G 166 29.40 41.11 11.39
C ARG G 166 28.83 39.83 11.98
N LEU G 167 27.97 39.97 12.99
CA LEU G 167 27.32 38.83 13.62
C LEU G 167 26.44 38.08 12.63
N ARG G 168 25.65 38.83 11.86
CA ARG G 168 24.75 38.25 10.87
C ARG G 168 25.50 37.41 9.84
N GLU G 169 26.66 37.88 9.41
CA GLU G 169 27.42 37.15 8.39
C GLU G 169 28.29 36.05 9.00
N ILE G 170 28.25 35.91 10.32
CA ILE G 170 28.89 34.77 10.98
C ILE G 170 27.86 33.66 11.16
N ILE G 171 26.64 34.04 11.53
CA ILE G 171 25.59 33.08 11.82
C ILE G 171 24.77 32.70 10.58
N GLY G 172 25.01 33.39 9.47
CA GLY G 172 24.28 33.11 8.24
C GLY G 172 22.93 33.81 8.19
N GLN G 173 22.36 33.88 7.00
CA GLN G 173 21.11 34.61 6.78
C GLN G 173 19.89 33.84 7.25
N ASP G 174 20.06 32.55 7.55
CA ASP G 174 18.93 31.73 7.97
C ASP G 174 18.83 31.59 9.49
N SER G 175 19.84 32.06 10.20
CA SER G 175 19.76 32.10 11.66
C SER G 175 18.81 33.22 12.08
N PHE G 176 18.15 33.02 13.22
CA PHE G 176 17.23 34.01 13.75
C PHE G 176 17.98 34.93 14.72
N LEU G 177 17.87 36.24 14.50
CA LEU G 177 18.60 37.22 15.31
C LEU G 177 17.72 38.33 15.83
N ILE G 178 17.65 38.46 17.15
CA ILE G 178 16.91 39.55 17.79
C ILE G 178 17.88 40.49 18.52
N SER G 179 17.52 41.76 18.61
CA SER G 179 18.46 42.75 19.10
C SER G 179 17.84 43.77 20.06
N PRO G 180 18.34 43.81 21.31
CA PRO G 180 17.93 44.79 22.31
C PRO G 180 18.82 46.02 22.24
N GLY G 181 18.54 47.02 23.08
CA GLY G 181 19.31 48.25 23.07
C GLY G 181 18.68 49.28 22.15
N VAL G 182 17.50 48.96 21.64
CA VAL G 182 16.78 49.87 20.76
C VAL G 182 16.01 50.91 21.57
N GLY G 183 16.25 52.19 21.28
CA GLY G 183 15.54 53.26 21.94
C GLY G 183 16.26 53.81 23.16
N ALA G 184 15.96 53.23 24.31
CA ALA G 184 16.48 53.72 25.59
C ALA G 184 17.99 53.67 25.68
N GLN G 185 18.59 52.62 25.13
CA GLN G 185 20.04 52.45 25.17
C GLN G 185 20.77 53.18 24.05
N GLY G 186 19.99 53.71 23.09
CA GLY G 186 20.56 54.51 22.03
C GLY G 186 20.38 53.93 20.63
N GLY G 187 19.98 52.68 20.55
CA GLY G 187 19.83 52.01 19.27
C GLY G 187 18.64 52.51 18.46
N ASP G 188 18.75 52.40 17.14
CA ASP G 188 17.68 52.84 16.24
C ASP G 188 16.98 51.64 15.62
N PRO G 189 15.64 51.64 15.64
CA PRO G 189 14.82 50.56 15.09
C PRO G 189 15.09 50.30 13.62
N GLY G 190 15.26 51.38 12.84
CA GLY G 190 15.44 51.28 11.40
C GLY G 190 16.69 50.54 10.98
N GLU G 191 17.84 50.97 11.47
CA GLU G 191 19.12 50.36 11.10
C GLU G 191 19.30 48.96 11.71
N THR G 192 18.61 48.69 12.80
CA THR G 192 18.73 47.41 13.49
C THR G 192 18.08 46.28 12.69
N LEU G 193 16.93 46.56 12.11
CA LEU G 193 16.19 45.57 11.33
C LEU G 193 16.82 45.29 9.96
N ARG G 194 17.95 45.93 9.69
CA ARG G 194 18.69 45.69 8.45
C ARG G 194 19.56 44.44 8.61
N PHE G 195 19.73 44.01 9.85
CA PHE G 195 20.56 42.84 10.16
C PHE G 195 19.85 41.85 11.08
N ALA G 196 18.93 42.35 11.88
CA ALA G 196 18.20 41.50 12.82
C ALA G 196 16.80 41.21 12.30
N ASP G 197 16.27 40.05 12.67
CA ASP G 197 14.93 39.66 12.25
C ASP G 197 13.86 40.41 13.05
N ALA G 198 14.20 40.77 14.29
CA ALA G 198 13.28 41.49 15.15
C ALA G 198 14.03 42.34 16.17
N ILE G 199 13.43 43.46 16.55
CA ILE G 199 14.03 44.32 17.58
C ILE G 199 13.38 44.08 18.94
N ILE G 200 14.14 44.33 20.01
CA ILE G 200 13.62 44.21 21.36
C ILE G 200 13.49 45.58 21.99
N VAL G 201 12.26 45.97 22.31
CA VAL G 201 12.00 47.27 22.91
C VAL G 201 11.45 47.11 24.33
N GLY G 202 12.06 47.84 25.27
CA GLY G 202 11.65 47.76 26.65
C GLY G 202 11.11 49.08 27.19
N ARG G 203 11.99 49.88 27.79
CA ARG G 203 11.61 51.11 28.47
C ARG G 203 10.84 52.10 27.58
N SER G 204 11.09 52.02 26.28
CA SER G 204 10.39 52.89 25.34
C SER G 204 8.90 52.54 25.24
N ILE G 205 8.53 51.41 25.83
CA ILE G 205 7.13 50.98 25.84
C ILE G 205 6.54 50.90 27.25
N TYR G 206 7.17 50.10 28.13
CA TYR G 206 6.60 49.89 29.45
C TYR G 206 6.78 51.07 30.42
N LEU G 207 7.60 52.04 30.02
CA LEU G 207 7.75 53.27 30.80
C LEU G 207 7.20 54.46 30.03
N ALA G 208 6.52 54.18 28.94
CA ALA G 208 5.89 55.23 28.13
C ALA G 208 4.53 55.58 28.71
N ASP G 209 4.13 56.84 28.53
CA ASP G 209 2.84 57.32 29.02
C ASP G 209 1.70 56.53 28.39
N ASN G 210 1.84 56.22 27.11
CA ASN G 210 0.91 55.34 26.42
C ASN G 210 1.68 54.19 25.76
N PRO G 211 1.64 53.01 26.39
CA PRO G 211 2.35 51.82 25.92
C PRO G 211 1.92 51.38 24.53
N ALA G 212 0.63 51.43 24.24
CA ALA G 212 0.10 51.01 22.95
C ALA G 212 0.51 51.97 21.83
N ALA G 213 0.52 53.26 22.13
CA ALA G 213 0.88 54.27 21.15
C ALA G 213 2.37 54.19 20.78
N ALA G 214 3.21 54.09 21.80
CA ALA G 214 4.65 54.01 21.60
C ALA G 214 5.03 52.74 20.84
N ALA G 215 4.26 51.68 21.06
CA ALA G 215 4.46 50.43 20.34
C ALA G 215 4.07 50.57 18.88
N ALA G 216 2.93 51.23 18.65
CA ALA G 216 2.45 51.46 17.30
C ALA G 216 3.33 52.46 16.56
N GLY G 217 3.91 53.39 17.30
CA GLY G 217 4.77 54.40 16.73
C GLY G 217 6.04 53.82 16.12
N ILE G 218 6.64 52.88 16.83
CA ILE G 218 7.86 52.21 16.36
C ILE G 218 7.60 51.43 15.07
N ILE G 219 6.46 50.75 15.03
CA ILE G 219 6.05 49.98 13.85
C ILE G 219 5.93 50.89 12.61
N GLU G 220 5.43 52.10 12.82
CA GLU G 220 5.24 53.05 11.74
C GLU G 220 6.58 53.52 11.18
N SER G 221 7.59 53.60 12.03
CA SER G 221 8.91 54.06 11.62
C SER G 221 9.65 52.97 10.84
N VAL H 8 35.22 41.19 58.36
CA VAL H 8 34.54 40.59 57.21
C VAL H 8 33.60 39.46 57.66
N MET H 9 32.73 39.03 56.77
CA MET H 9 31.75 37.98 57.05
C MET H 9 32.38 36.70 57.59
N ASP H 10 31.86 36.21 58.71
CA ASP H 10 32.41 35.04 59.39
C ASP H 10 31.65 33.76 59.03
N VAL H 11 32.37 32.83 58.41
CA VAL H 11 31.77 31.55 58.00
C VAL H 11 32.24 30.43 58.91
N MET H 12 31.28 29.71 59.49
CA MET H 12 31.57 28.61 60.41
C MET H 12 32.26 27.46 59.70
N ASN H 13 33.41 27.03 60.24
CA ASN H 13 34.19 25.92 59.69
C ASN H 13 34.63 26.12 58.23
N ARG H 14 34.63 27.37 57.77
CA ARG H 14 35.06 27.71 56.41
C ARG H 14 34.34 26.86 55.36
N LEU H 15 33.07 26.56 55.61
CA LEU H 15 32.31 25.67 54.74
C LEU H 15 30.94 26.24 54.39
N ILE H 16 30.73 26.51 53.11
CA ILE H 16 29.43 27.01 52.65
C ILE H 16 28.66 25.93 51.90
N LEU H 17 27.45 25.64 52.37
CA LEU H 17 26.62 24.65 51.72
C LEU H 17 25.93 25.21 50.49
N ALA H 18 26.24 24.64 49.33
CA ALA H 18 25.55 24.99 48.10
C ALA H 18 24.29 24.15 47.95
N MET H 19 23.17 24.68 48.39
CA MET H 19 21.90 23.96 48.33
C MET H 19 21.26 24.09 46.95
N ASP H 20 21.51 23.10 46.10
CA ASP H 20 21.00 23.13 44.74
C ASP H 20 19.92 22.09 44.47
N LEU H 21 19.34 21.55 45.54
CA LEU H 21 18.17 20.69 45.42
C LEU H 21 16.99 21.54 44.96
N MET H 22 16.12 20.97 44.15
CA MET H 22 15.10 21.75 43.46
C MET H 22 13.68 21.59 44.01
N ASN H 23 13.56 21.04 45.21
CA ASN H 23 12.26 20.99 45.87
C ASN H 23 12.36 21.40 47.34
N ARG H 24 11.30 22.03 47.84
CA ARG H 24 11.28 22.64 49.16
C ARG H 24 11.56 21.65 50.30
N ASP H 25 10.87 20.51 50.28
CA ASP H 25 10.96 19.55 51.36
C ASP H 25 12.35 18.92 51.52
N ASP H 26 12.97 18.56 50.40
CA ASP H 26 14.29 17.93 50.42
C ASP H 26 15.38 18.93 50.79
N ALA H 27 15.26 20.16 50.30
CA ALA H 27 16.26 21.18 50.55
C ALA H 27 16.30 21.61 52.01
N LEU H 28 15.12 21.61 52.65
CA LEU H 28 15.02 21.99 54.05
C LEU H 28 15.56 20.90 54.98
N ARG H 29 15.31 19.65 54.63
CA ARG H 29 15.74 18.52 55.45
C ARG H 29 17.27 18.39 55.46
N VAL H 30 17.88 18.47 54.29
CA VAL H 30 19.33 18.37 54.18
C VAL H 30 20.03 19.51 54.91
N THR H 31 19.50 20.72 54.74
CA THR H 31 20.05 21.91 55.42
C THR H 31 19.95 21.76 56.94
N GLY H 32 18.83 21.21 57.40
CA GLY H 32 18.62 21.00 58.82
C GLY H 32 19.56 19.96 59.39
N GLU H 33 19.81 18.90 58.62
CA GLU H 33 20.67 17.81 59.06
C GLU H 33 22.15 18.23 59.12
N VAL H 34 22.50 19.29 58.39
CA VAL H 34 23.87 19.79 58.40
C VAL H 34 23.95 21.16 59.07
N ARG H 35 22.84 21.55 59.72
CA ARG H 35 22.76 22.83 60.42
C ARG H 35 23.85 22.93 61.49
N GLU H 36 24.18 21.78 62.08
CA GLU H 36 25.17 21.69 63.14
C GLU H 36 26.57 22.04 62.64
N TYR H 37 26.78 21.91 61.34
CA TYR H 37 28.12 22.05 60.76
C TYR H 37 28.32 23.35 59.99
N ILE H 38 27.26 23.84 59.35
CA ILE H 38 27.37 25.05 58.53
C ILE H 38 26.37 26.14 58.93
N ASP H 39 26.83 27.39 58.89
CA ASP H 39 25.97 28.52 59.22
C ASP H 39 25.77 29.43 58.02
N THR H 40 26.34 29.03 56.88
CA THR H 40 26.24 29.80 55.65
C THR H 40 25.78 28.92 54.50
N VAL H 41 24.69 29.31 53.85
CA VAL H 41 24.13 28.53 52.76
C VAL H 41 24.04 29.34 51.48
N LYS H 42 24.61 28.80 50.40
CA LYS H 42 24.52 29.43 49.09
C LYS H 42 23.28 28.93 48.37
N ILE H 43 22.39 29.85 48.00
CA ILE H 43 21.17 29.51 47.30
C ILE H 43 21.19 30.04 45.87
N GLY H 44 20.92 29.18 44.91
CA GLY H 44 20.95 29.56 43.51
C GLY H 44 19.60 29.44 42.83
N TYR H 45 19.60 29.68 41.52
CA TYR H 45 18.38 29.66 40.71
C TYR H 45 17.58 28.36 40.67
N PRO H 46 18.24 27.18 40.61
CA PRO H 46 17.45 25.94 40.58
C PRO H 46 16.45 25.82 41.73
N LEU H 47 16.86 26.20 42.94
CA LEU H 47 15.96 26.17 44.09
C LEU H 47 14.97 27.34 44.05
N VAL H 48 15.46 28.52 43.70
CA VAL H 48 14.61 29.72 43.65
C VAL H 48 13.55 29.68 42.55
N LEU H 49 13.95 29.31 41.34
CA LEU H 49 13.02 29.26 40.21
C LEU H 49 11.92 28.22 40.44
N SER H 50 12.26 27.14 41.13
CA SER H 50 11.31 26.07 41.40
C SER H 50 10.32 26.44 42.50
N GLU H 51 10.78 27.15 43.51
CA GLU H 51 9.97 27.39 44.71
C GLU H 51 9.61 28.86 44.96
N GLY H 52 10.34 29.78 44.34
CA GLY H 52 10.08 31.20 44.53
C GLY H 52 11.08 31.86 45.44
N MET H 53 11.16 33.19 45.37
CA MET H 53 12.13 33.95 46.14
C MET H 53 11.86 33.93 47.64
N ASP H 54 10.65 33.53 48.03
CA ASP H 54 10.29 33.45 49.45
C ASP H 54 11.02 32.31 50.16
N ILE H 55 11.72 31.49 49.39
CA ILE H 55 12.45 30.36 49.97
C ILE H 55 13.62 30.87 50.80
N ILE H 56 14.10 32.06 50.47
CA ILE H 56 15.21 32.68 51.19
C ILE H 56 14.80 33.08 52.59
N ALA H 57 13.59 33.64 52.72
CA ALA H 57 13.06 34.05 54.02
C ALA H 57 12.76 32.82 54.89
N GLU H 58 12.23 31.77 54.28
CA GLU H 58 11.92 30.55 55.00
C GLU H 58 13.20 29.89 55.52
N PHE H 59 14.28 30.04 54.77
CA PHE H 59 15.58 29.51 55.18
C PHE H 59 16.16 30.28 56.37
N ARG H 60 15.90 31.58 56.43
CA ARG H 60 16.41 32.42 57.51
C ARG H 60 15.57 32.31 58.77
N LYS H 61 14.30 31.94 58.63
CA LYS H 61 13.41 31.84 59.78
C LYS H 61 13.33 30.42 60.32
N ARG H 62 14.01 29.49 59.65
CA ARG H 62 14.05 28.10 60.11
C ARG H 62 15.46 27.67 60.51
N PHE H 63 16.46 28.43 60.09
CA PHE H 63 17.84 28.08 60.38
C PHE H 63 18.67 29.27 60.89
N GLY H 64 18.24 30.47 60.53
CA GLY H 64 18.93 31.68 60.95
C GLY H 64 20.33 31.79 60.38
N CYS H 65 20.52 31.24 59.19
CA CYS H 65 21.84 31.19 58.57
C CYS H 65 22.05 32.37 57.62
N ARG H 66 23.29 32.53 57.17
CA ARG H 66 23.61 33.54 56.18
C ARG H 66 23.21 33.01 54.80
N ILE H 67 22.68 33.89 53.95
CA ILE H 67 22.25 33.49 52.62
C ILE H 67 23.05 34.21 51.54
N ILE H 68 23.71 33.43 50.68
CA ILE H 68 24.43 33.98 49.55
C ILE H 68 23.71 33.58 48.27
N ALA H 69 23.07 34.55 47.62
CA ALA H 69 22.35 34.30 46.38
C ALA H 69 23.31 34.21 45.20
N ASP H 70 23.54 32.99 44.72
CA ASP H 70 24.42 32.77 43.58
C ASP H 70 23.63 32.97 42.30
N PHE H 71 23.36 34.24 41.97
CA PHE H 71 22.50 34.57 40.84
C PHE H 71 23.24 34.96 39.57
N LYS H 72 24.58 34.93 39.63
CA LYS H 72 25.41 35.14 38.44
C LYS H 72 25.07 36.40 37.66
N VAL H 73 24.62 37.44 38.37
CA VAL H 73 24.10 38.65 37.74
C VAL H 73 24.98 39.15 36.60
N ALA H 74 24.47 39.05 35.37
CA ALA H 74 25.26 39.37 34.20
C ALA H 74 24.43 40.07 33.12
N ASP H 75 23.85 41.21 33.48
CA ASP H 75 23.04 41.98 32.54
C ASP H 75 23.57 43.42 32.43
N ILE H 76 22.81 44.29 31.78
CA ILE H 76 23.16 45.70 31.72
C ILE H 76 22.97 46.32 33.10
N PRO H 77 23.64 47.46 33.37
CA PRO H 77 23.53 48.14 34.66
C PRO H 77 22.10 48.33 35.16
N GLU H 78 21.23 48.87 34.31
CA GLU H 78 19.84 49.13 34.69
C GLU H 78 19.12 47.90 35.24
N THR H 79 19.29 46.77 34.56
CA THR H 79 18.65 45.53 34.98
C THR H 79 19.36 44.93 36.20
N ASN H 80 20.68 45.02 36.21
CA ASN H 80 21.47 44.54 37.33
C ASN H 80 21.02 45.14 38.66
N GLU H 81 20.70 46.43 38.64
CA GLU H 81 20.17 47.11 39.82
C GLU H 81 18.87 46.49 40.29
N LYS H 82 17.94 46.28 39.36
CA LYS H 82 16.63 45.70 39.68
C LYS H 82 16.76 44.31 40.28
N ILE H 83 17.61 43.48 39.69
CA ILE H 83 17.85 42.14 40.20
C ILE H 83 18.43 42.17 41.61
N CYS H 84 19.37 43.07 41.85
CA CYS H 84 19.99 43.19 43.17
C CYS H 84 19.01 43.71 44.22
N ARG H 85 18.17 44.67 43.85
CA ARG H 85 17.15 45.20 44.75
C ARG H 85 16.19 44.10 45.20
N ALA H 86 15.71 43.32 44.24
CA ALA H 86 14.76 42.25 44.53
C ALA H 86 15.38 41.17 45.40
N THR H 87 16.62 40.81 45.08
CA THR H 87 17.35 39.77 45.81
C THR H 87 17.64 40.17 47.26
N PHE H 88 18.09 41.40 47.45
CA PHE H 88 18.37 41.90 48.79
C PHE H 88 17.07 42.06 49.58
N LYS H 89 16.04 42.58 48.91
CA LYS H 89 14.73 42.75 49.53
C LYS H 89 14.19 41.41 50.01
N ALA H 90 14.53 40.34 49.30
CA ALA H 90 14.09 38.99 49.67
C ALA H 90 14.88 38.41 50.84
N GLY H 91 15.88 39.14 51.32
CA GLY H 91 16.60 38.75 52.52
C GLY H 91 17.97 38.13 52.30
N ALA H 92 18.54 38.29 51.11
CA ALA H 92 19.87 37.78 50.83
C ALA H 92 20.94 38.68 51.46
N ASP H 93 21.85 38.08 52.23
CA ASP H 93 22.93 38.83 52.83
C ASP H 93 23.93 39.25 51.75
N ALA H 94 24.07 38.41 50.72
CA ALA H 94 25.01 38.70 49.65
C ALA H 94 24.48 38.20 48.30
N ILE H 95 25.20 38.55 47.24
CA ILE H 95 24.82 38.15 45.90
C ILE H 95 26.06 38.00 45.03
N ILE H 96 26.09 36.93 44.22
CA ILE H 96 27.22 36.69 43.34
C ILE H 96 26.98 37.31 41.96
N VAL H 97 27.96 38.07 41.49
CA VAL H 97 27.83 38.82 40.25
C VAL H 97 28.96 38.43 39.29
N HIS H 98 28.62 38.29 38.00
CA HIS H 98 29.63 38.06 36.97
C HIS H 98 30.41 39.34 36.67
N GLY H 99 31.69 39.18 36.35
CA GLY H 99 32.55 40.31 36.06
C GLY H 99 32.73 40.57 34.58
N PHE H 100 32.56 39.51 33.79
N PHE H 100 32.56 39.53 33.75
CA PHE H 100 32.70 39.57 32.33
CA PHE H 100 32.78 39.67 32.31
C PHE H 100 31.94 40.70 31.63
C PHE H 100 31.91 40.71 31.57
N PRO H 101 30.69 41.00 32.05
CA PRO H 101 29.98 42.11 31.40
C PRO H 101 30.61 43.50 31.52
N GLY H 102 31.59 43.67 32.41
CA GLY H 102 32.29 44.94 32.51
C GLY H 102 32.18 45.65 33.83
N ALA H 103 32.73 46.86 33.89
CA ALA H 103 32.82 47.63 35.13
C ALA H 103 31.48 48.25 35.54
N ASP H 104 30.77 48.81 34.57
CA ASP H 104 29.50 49.48 34.85
C ASP H 104 28.42 48.52 35.35
N SER H 105 28.41 47.30 34.81
CA SER H 105 27.46 46.29 35.26
C SER H 105 27.71 45.87 36.71
N VAL H 106 28.99 45.69 37.04
CA VAL H 106 29.39 45.39 38.41
C VAL H 106 29.12 46.58 39.33
N ARG H 107 29.46 47.79 38.86
CA ARG H 107 29.25 49.02 39.63
C ARG H 107 27.79 49.19 40.03
N ALA H 108 26.87 48.80 39.13
CA ALA H 108 25.44 48.88 39.42
C ALA H 108 25.07 48.02 40.62
N CYS H 109 25.66 46.83 40.69
CA CYS H 109 25.40 45.90 41.78
C CYS H 109 25.98 46.42 43.10
N LEU H 110 27.17 47.03 43.02
CA LEU H 110 27.81 47.63 44.19
C LEU H 110 26.96 48.76 44.75
N ASN H 111 26.43 49.60 43.86
CA ASN H 111 25.62 50.73 44.25
C ASN H 111 24.36 50.33 45.03
N VAL H 112 23.74 49.24 44.63
CA VAL H 112 22.55 48.75 45.31
C VAL H 112 22.91 48.14 46.65
N ALA H 113 23.97 47.33 46.67
CA ALA H 113 24.44 46.69 47.89
C ALA H 113 24.85 47.72 48.95
N GLU H 114 25.51 48.78 48.50
CA GLU H 114 25.94 49.85 49.40
C GLU H 114 24.74 50.61 49.95
N GLU H 115 23.74 50.81 49.10
CA GLU H 115 22.52 51.52 49.48
C GLU H 115 21.68 50.71 50.48
N MET H 116 21.81 49.39 50.44
CA MET H 116 21.00 48.52 51.28
C MET H 116 21.77 47.84 52.39
N GLY H 117 23.08 48.10 52.45
CA GLY H 117 23.92 47.53 53.49
C GLY H 117 24.08 46.02 53.36
N ARG H 118 24.28 45.56 52.13
CA ARG H 118 24.54 44.16 51.89
C ARG H 118 25.80 44.01 51.04
N GLU H 119 26.15 42.78 50.68
CA GLU H 119 27.45 42.52 50.08
C GLU H 119 27.36 41.98 48.64
N VAL H 120 28.42 42.22 47.88
CA VAL H 120 28.51 41.69 46.53
C VAL H 120 29.75 40.81 46.37
N PHE H 121 29.56 39.62 45.82
CA PHE H 121 30.67 38.73 45.49
C PHE H 121 30.92 38.76 43.99
N LEU H 122 32.16 39.07 43.61
CA LEU H 122 32.54 39.11 42.21
C LEU H 122 33.16 37.79 41.74
N LEU H 123 32.45 37.08 40.88
CA LEU H 123 32.97 35.86 40.28
C LEU H 123 34.00 36.22 39.20
N THR H 124 35.26 35.87 39.44
CA THR H 124 36.33 36.26 38.53
C THR H 124 36.67 35.16 37.55
N GLU H 125 36.77 33.93 38.05
CA GLU H 125 37.07 32.78 37.20
C GLU H 125 36.20 31.60 37.61
N MET H 126 35.68 30.87 36.63
CA MET H 126 34.80 29.74 36.91
C MET H 126 35.54 28.41 36.98
N SER H 127 34.91 27.42 37.59
CA SER H 127 35.55 26.15 37.89
C SER H 127 35.36 25.08 36.81
N HIS H 128 34.31 25.21 36.02
CA HIS H 128 34.03 24.24 34.96
C HIS H 128 35.07 24.34 33.84
N PRO H 129 35.34 23.22 33.15
CA PRO H 129 36.32 23.16 32.06
C PRO H 129 36.11 24.19 30.96
N GLY H 130 34.85 24.55 30.70
CA GLY H 130 34.53 25.50 29.64
C GLY H 130 35.00 26.91 29.92
N ALA H 131 35.39 27.18 31.15
CA ALA H 131 35.85 28.51 31.55
C ALA H 131 37.21 28.85 30.94
N GLU H 132 37.87 27.85 30.37
CA GLU H 132 39.18 28.05 29.76
C GLU H 132 39.08 28.73 28.40
N MET H 133 37.88 28.80 27.85
CA MET H 133 37.67 29.35 26.51
C MET H 133 37.76 30.86 26.47
N PHE H 134 36.97 31.53 27.30
CA PHE H 134 36.91 32.99 27.28
C PHE H 134 37.14 33.61 28.66
N ILE H 135 36.68 32.94 29.71
CA ILE H 135 36.74 33.49 31.06
C ILE H 135 38.17 33.57 31.61
N GLN H 136 38.86 32.43 31.63
CA GLN H 136 40.20 32.36 32.21
C GLN H 136 41.16 33.38 31.59
N GLY H 137 41.07 33.57 30.28
CA GLY H 137 41.90 34.53 29.59
C GLY H 137 41.67 35.96 30.03
N ALA H 138 40.54 36.19 30.70
CA ALA H 138 40.19 37.53 31.18
C ALA H 138 40.14 37.57 32.71
N ALA H 139 40.44 36.45 33.35
CA ALA H 139 40.30 36.30 34.79
C ALA H 139 41.09 37.33 35.61
N ASP H 140 42.37 37.47 35.30
CA ASP H 140 43.24 38.40 36.03
C ASP H 140 42.78 39.85 35.86
N GLU H 141 42.34 40.18 34.65
CA GLU H 141 41.92 41.54 34.34
C GLU H 141 40.61 41.88 35.05
N ILE H 142 39.70 40.91 35.11
CA ILE H 142 38.44 41.07 35.84
C ILE H 142 38.69 41.26 37.32
N ALA H 143 39.67 40.51 37.85
CA ALA H 143 40.03 40.61 39.25
C ALA H 143 40.55 42.00 39.58
N ARG H 144 41.46 42.51 38.74
CA ARG H 144 41.98 43.86 38.92
C ARG H 144 40.88 44.90 38.78
N MET H 145 39.92 44.64 37.89
CA MET H 145 38.77 45.53 37.72
C MET H 145 37.99 45.60 39.03
N GLY H 146 37.79 44.45 39.66
CA GLY H 146 37.09 44.38 40.92
C GLY H 146 37.79 45.17 42.00
N VAL H 147 39.11 45.00 42.08
CA VAL H 147 39.93 45.74 43.02
C VAL H 147 39.77 47.25 42.81
N ASP H 148 39.77 47.66 41.53
CA ASP H 148 39.65 49.07 41.19
C ASP H 148 38.29 49.65 41.58
N LEU H 149 37.26 48.81 41.52
CA LEU H 149 35.90 49.23 41.86
C LEU H 149 35.66 49.20 43.37
N GLY H 150 36.60 48.63 44.11
CA GLY H 150 36.49 48.55 45.56
C GLY H 150 35.82 47.30 46.08
N VAL H 151 35.78 46.27 45.24
CA VAL H 151 35.18 44.99 45.63
C VAL H 151 36.02 44.31 46.70
N LYS H 152 35.35 43.78 47.73
CA LYS H 152 36.05 43.15 48.85
C LYS H 152 35.76 41.65 48.95
N ASN H 153 34.87 41.15 48.11
CA ASN H 153 34.48 39.75 48.12
C ASN H 153 34.56 39.11 46.73
N TYR H 154 35.29 38.00 46.63
CA TYR H 154 35.51 37.36 45.35
C TYR H 154 35.20 35.87 45.38
N VAL H 155 35.05 35.27 44.19
CA VAL H 155 34.81 33.85 44.06
C VAL H 155 35.78 33.27 43.03
N GLY H 156 36.52 32.24 43.42
CA GLY H 156 37.51 31.64 42.54
C GLY H 156 37.36 30.13 42.40
N PRO H 157 38.05 29.54 41.41
CA PRO H 157 37.94 28.11 41.08
C PRO H 157 38.81 27.20 41.96
N SER H 158 38.16 26.29 42.70
CA SER H 158 38.89 25.33 43.52
C SER H 158 39.60 24.30 42.63
N THR H 159 39.03 24.06 41.45
CA THR H 159 39.58 23.10 40.51
C THR H 159 40.95 23.53 39.99
N ARG H 160 41.23 24.83 40.07
CA ARG H 160 42.50 25.36 39.61
C ARG H 160 43.21 26.13 40.72
N PRO H 161 43.96 25.42 41.57
CA PRO H 161 44.68 26.00 42.71
C PRO H 161 45.68 27.06 42.29
N GLU H 162 46.40 26.82 41.19
CA GLU H 162 47.40 27.77 40.70
C GLU H 162 46.74 29.09 40.26
N ARG H 163 45.54 29.00 39.71
CA ARG H 163 44.79 30.19 39.33
C ARG H 163 44.21 30.84 40.58
N LEU H 164 43.83 30.01 41.55
CA LEU H 164 43.30 30.49 42.82
C LEU H 164 44.40 31.21 43.60
N SER H 165 45.63 30.74 43.44
CA SER H 165 46.78 31.37 44.09
C SER H 165 47.05 32.74 43.48
N ARG H 166 46.98 32.80 42.15
CA ARG H 166 47.21 34.05 41.43
C ARG H 166 46.14 35.08 41.79
N LEU H 167 44.92 34.60 41.99
CA LEU H 167 43.80 35.47 42.34
C LEU H 167 44.03 36.15 43.68
N ARG H 168 44.58 35.40 44.63
CA ARG H 168 44.87 35.92 45.96
C ARG H 168 45.92 37.03 45.90
N GLU H 169 46.95 36.84 45.07
CA GLU H 169 47.99 37.82 44.90
C GLU H 169 47.48 39.14 44.34
N ILE H 170 46.40 39.06 43.56
CA ILE H 170 45.81 40.24 42.93
C ILE H 170 44.88 41.00 43.88
N ILE H 171 44.07 40.26 44.62
CA ILE H 171 43.07 40.88 45.50
C ILE H 171 43.60 41.20 46.89
N GLY H 172 44.77 40.66 47.23
CA GLY H 172 45.37 40.88 48.52
C GLY H 172 44.85 39.93 49.58
N GLN H 173 45.47 39.97 50.76
CA GLN H 173 45.08 39.09 51.87
C GLN H 173 43.86 39.61 52.61
N ASP H 174 43.59 40.90 52.46
CA ASP H 174 42.47 41.53 53.15
C ASP H 174 41.12 41.11 52.59
N SER H 175 41.07 40.91 51.27
CA SER H 175 39.82 40.54 50.59
C SER H 175 39.31 39.17 51.06
N PHE H 176 38.01 38.95 50.89
CA PHE H 176 37.39 37.69 51.28
C PHE H 176 37.11 36.84 50.04
N LEU H 177 37.51 35.58 50.08
CA LEU H 177 37.43 34.71 48.92
C LEU H 177 36.80 33.36 49.23
N ILE H 178 35.73 33.02 48.52
CA ILE H 178 35.12 31.71 48.63
C ILE H 178 35.32 30.97 47.32
N SER H 179 35.24 29.64 47.36
CA SER H 179 35.62 28.84 46.20
C SER H 179 34.82 27.55 46.03
N PRO H 180 34.07 27.44 44.93
CA PRO H 180 33.33 26.23 44.55
C PRO H 180 34.17 25.31 43.66
N GLY H 181 33.70 24.08 43.48
CA GLY H 181 34.42 23.09 42.68
C GLY H 181 34.97 21.99 43.56
N VAL H 182 34.69 22.09 44.86
CA VAL H 182 35.14 21.09 45.82
C VAL H 182 34.25 19.86 45.79
N GLY H 183 34.86 18.68 45.67
CA GLY H 183 34.12 17.44 45.68
C GLY H 183 33.75 16.94 44.30
N ALA H 184 32.52 17.21 43.89
CA ALA H 184 31.97 16.69 42.62
C ALA H 184 32.72 17.19 41.38
N GLN H 185 33.44 18.30 41.51
CA GLN H 185 34.20 18.84 40.39
C GLN H 185 35.68 18.51 40.48
N GLY H 186 36.08 17.90 41.60
CA GLY H 186 37.44 17.39 41.75
C GLY H 186 38.38 18.27 42.57
N GLY H 187 37.82 19.20 43.34
CA GLY H 187 38.62 20.09 44.16
C GLY H 187 38.80 19.58 45.58
N ASP H 188 40.03 19.60 46.07
CA ASP H 188 40.31 19.18 47.43
C ASP H 188 40.08 20.34 48.41
N PRO H 189 39.41 20.06 49.53
CA PRO H 189 39.10 21.07 50.55
C PRO H 189 40.35 21.78 51.08
N GLY H 190 41.29 21.01 51.63
CA GLY H 190 42.49 21.58 52.22
C GLY H 190 43.35 22.38 51.26
N GLU H 191 43.44 21.89 50.03
CA GLU H 191 44.22 22.56 48.99
C GLU H 191 43.61 23.92 48.64
N THR H 192 42.30 24.02 48.79
CA THR H 192 41.57 25.23 48.44
C THR H 192 41.66 26.29 49.54
N LEU H 193 41.69 25.83 50.80
CA LEU H 193 41.73 26.74 51.94
C LEU H 193 43.10 27.39 52.14
N ARG H 194 44.07 27.00 51.32
CA ARG H 194 45.37 27.64 51.33
C ARG H 194 45.27 29.08 50.83
N PHE H 195 44.33 29.32 49.93
CA PHE H 195 44.16 30.65 49.33
C PHE H 195 42.78 31.23 49.61
N ALA H 196 41.77 30.36 49.73
CA ALA H 196 40.41 30.80 49.98
C ALA H 196 40.07 30.80 51.46
N ASP H 197 39.22 31.72 51.88
CA ASP H 197 38.81 31.80 53.28
C ASP H 197 37.80 30.71 53.62
N ALA H 198 36.93 30.39 52.66
CA ALA H 198 35.92 29.37 52.84
C ALA H 198 35.67 28.61 51.55
N ILE H 199 35.32 27.34 51.67
CA ILE H 199 35.03 26.53 50.49
C ILE H 199 33.54 26.31 50.29
N ILE H 200 33.13 26.20 49.04
CA ILE H 200 31.74 25.90 48.71
C ILE H 200 31.63 24.43 48.32
N VAL H 201 30.70 23.72 48.97
CA VAL H 201 30.47 22.31 48.66
C VAL H 201 28.99 22.01 48.41
N GLY H 202 28.70 21.44 47.25
CA GLY H 202 27.32 21.11 46.89
C GLY H 202 27.03 19.63 46.87
N ARG H 203 27.11 19.03 45.68
CA ARG H 203 26.73 17.64 45.46
C ARG H 203 27.44 16.64 46.38
N SER H 204 28.63 17.02 46.86
CA SER H 204 29.40 16.15 47.74
C SER H 204 28.72 16.01 49.11
N ILE H 205 27.74 16.86 49.37
CA ILE H 205 27.00 16.82 50.64
C ILE H 205 25.52 16.49 50.47
N TYR H 206 24.81 17.25 49.64
CA TYR H 206 23.36 17.08 49.53
C TYR H 206 22.91 15.85 48.72
N LEU H 207 23.87 15.12 48.14
CA LEU H 207 23.56 13.90 47.43
C LEU H 207 24.00 12.68 48.22
N ALA H 208 24.68 12.92 49.34
CA ALA H 208 25.17 11.83 50.18
C ALA H 208 24.02 11.09 50.86
N ASP H 209 24.27 9.83 51.22
CA ASP H 209 23.30 9.04 51.95
C ASP H 209 23.11 9.63 53.35
N ASN H 210 24.20 10.15 53.91
CA ASN H 210 24.16 10.85 55.18
C ASN H 210 24.86 12.19 55.04
N PRO H 211 24.10 13.23 54.62
CA PRO H 211 24.62 14.58 54.38
C PRO H 211 25.32 15.15 55.61
N ALA H 212 24.85 14.76 56.80
CA ALA H 212 25.46 15.20 58.04
C ALA H 212 26.87 14.62 58.18
N ALA H 213 27.00 13.34 57.87
CA ALA H 213 28.29 12.65 57.95
C ALA H 213 29.26 13.20 56.91
N ALA H 214 28.76 13.41 55.69
CA ALA H 214 29.57 13.92 54.60
C ALA H 214 30.14 15.29 54.95
N ALA H 215 29.31 16.12 55.57
CA ALA H 215 29.74 17.44 56.01
C ALA H 215 30.77 17.32 57.13
N ALA H 216 30.54 16.38 58.03
CA ALA H 216 31.46 16.16 59.15
C ALA H 216 32.80 15.62 58.68
N GLY H 217 32.78 14.90 57.56
CA GLY H 217 34.00 14.34 56.99
C GLY H 217 34.93 15.41 56.45
N ILE H 218 34.35 16.40 55.79
CA ILE H 218 35.13 17.50 55.23
C ILE H 218 35.75 18.34 56.34
N ILE H 219 35.03 18.49 57.44
CA ILE H 219 35.50 19.27 58.59
C ILE H 219 36.65 18.58 59.31
N GLU H 220 36.57 17.25 59.42
CA GLU H 220 37.61 16.48 60.09
C GLU H 220 38.97 16.58 59.41
N SER H 221 38.96 16.76 58.09
CA SER H 221 40.19 16.91 57.32
C SER H 221 40.89 18.22 57.65
N ILE H 222 40.08 19.23 57.99
CA ILE H 222 40.61 20.55 58.33
C ILE H 222 41.05 20.62 59.79
N LEU I 15 -51.61 -50.21 -83.10
CA LEU I 15 -51.38 -49.62 -81.79
C LEU I 15 -50.42 -50.47 -80.95
N ILE I 16 -49.25 -49.91 -80.67
CA ILE I 16 -48.24 -50.58 -79.85
C ILE I 16 -48.19 -49.95 -78.45
N LEU I 17 -48.23 -50.79 -77.43
CA LEU I 17 -48.19 -50.30 -76.05
C LEU I 17 -46.76 -50.15 -75.53
N ALA I 18 -46.39 -48.93 -75.20
CA ALA I 18 -45.09 -48.68 -74.59
C ALA I 18 -45.19 -48.86 -73.08
N MET I 19 -44.92 -50.08 -72.61
CA MET I 19 -45.00 -50.37 -71.19
C MET I 19 -43.76 -49.86 -70.45
N ASP I 20 -43.86 -48.65 -69.91
CA ASP I 20 -42.72 -48.02 -69.26
C ASP I 20 -42.89 -47.92 -67.74
N LEU I 21 -43.94 -48.56 -67.21
CA LEU I 21 -44.11 -48.70 -65.78
C LEU I 21 -42.98 -49.57 -65.24
N MET I 22 -42.51 -49.27 -64.03
CA MET I 22 -41.35 -49.97 -63.48
C MET I 22 -41.74 -51.06 -62.48
N ASN I 23 -42.96 -50.98 -61.96
CA ASN I 23 -43.47 -52.04 -61.09
C ASN I 23 -43.89 -53.26 -61.90
N ARG I 24 -43.33 -54.41 -61.55
CA ARG I 24 -43.61 -55.67 -62.23
C ARG I 24 -45.11 -56.00 -62.22
N ASP I 25 -45.69 -56.01 -61.02
CA ASP I 25 -47.11 -56.34 -60.86
C ASP I 25 -48.01 -55.35 -61.58
N ASP I 26 -47.62 -54.08 -61.58
CA ASP I 26 -48.37 -53.04 -62.27
C ASP I 26 -48.25 -53.18 -63.77
N ALA I 27 -47.03 -53.46 -64.25
CA ALA I 27 -46.79 -53.63 -65.68
C ALA I 27 -47.51 -54.87 -66.21
N LEU I 28 -47.70 -55.85 -65.34
CA LEU I 28 -48.43 -57.07 -65.71
C LEU I 28 -49.93 -56.82 -65.78
N ARG I 29 -50.49 -56.22 -64.73
CA ARG I 29 -51.93 -55.98 -64.66
C ARG I 29 -52.43 -55.09 -65.81
N VAL I 30 -51.72 -53.98 -66.04
CA VAL I 30 -52.11 -53.03 -67.08
C VAL I 30 -52.10 -53.66 -68.47
N THR I 31 -51.05 -54.39 -68.78
CA THR I 31 -50.90 -55.03 -70.08
C THR I 31 -52.02 -56.05 -70.33
N GLY I 32 -52.35 -56.83 -69.30
CA GLY I 32 -53.40 -57.81 -69.40
C GLY I 32 -54.77 -57.18 -69.61
N GLU I 33 -54.94 -55.98 -69.07
CA GLU I 33 -56.20 -55.26 -69.17
C GLU I 33 -56.45 -54.76 -70.60
N VAL I 34 -55.37 -54.54 -71.34
CA VAL I 34 -55.48 -53.95 -72.67
C VAL I 34 -55.06 -54.91 -73.79
N ARG I 35 -54.97 -56.20 -73.47
CA ARG I 35 -54.55 -57.21 -74.44
C ARG I 35 -55.59 -57.36 -75.56
N GLU I 36 -56.83 -57.01 -75.26
CA GLU I 36 -57.90 -57.10 -76.25
C GLU I 36 -57.70 -56.14 -77.42
N TYR I 37 -56.96 -55.05 -77.18
CA TYR I 37 -56.81 -53.99 -78.18
C TYR I 37 -55.41 -53.90 -78.79
N ILE I 38 -54.41 -54.44 -78.08
CA ILE I 38 -53.04 -54.43 -78.58
C ILE I 38 -52.42 -55.82 -78.53
N ASP I 39 -51.53 -56.12 -79.47
CA ASP I 39 -50.84 -57.40 -79.46
C ASP I 39 -49.32 -57.27 -79.55
N THR I 40 -48.83 -56.05 -79.37
CA THR I 40 -47.39 -55.80 -79.36
C THR I 40 -46.99 -54.84 -78.23
N VAL I 41 -46.09 -55.30 -77.37
CA VAL I 41 -45.67 -54.48 -76.24
C VAL I 41 -44.18 -54.14 -76.30
N LYS I 42 -43.87 -52.87 -76.08
CA LYS I 42 -42.49 -52.41 -76.00
C LYS I 42 -42.07 -52.26 -74.54
N ILE I 43 -40.97 -52.91 -74.17
CA ILE I 43 -40.40 -52.74 -72.83
C ILE I 43 -38.92 -52.39 -72.91
N GLY I 44 -38.43 -51.62 -71.94
CA GLY I 44 -37.06 -51.15 -71.96
C GLY I 44 -36.16 -51.72 -70.87
N TYR I 45 -34.98 -51.13 -70.76
CA TYR I 45 -34.00 -51.51 -69.74
C TYR I 45 -34.40 -51.36 -68.27
N PRO I 46 -35.16 -50.29 -67.93
CA PRO I 46 -35.55 -50.20 -66.51
C PRO I 46 -36.28 -51.42 -65.97
N LEU I 47 -37.24 -51.96 -66.73
CA LEU I 47 -37.98 -53.13 -66.28
C LEU I 47 -37.10 -54.37 -66.31
N VAL I 48 -36.32 -54.49 -67.37
CA VAL I 48 -35.50 -55.68 -67.58
C VAL I 48 -34.32 -55.79 -66.60
N LEU I 49 -33.64 -54.69 -66.34
CA LEU I 49 -32.51 -54.69 -65.39
C LEU I 49 -33.00 -54.95 -63.96
N SER I 50 -34.18 -54.45 -63.64
CA SER I 50 -34.72 -54.58 -62.29
C SER I 50 -35.39 -55.93 -62.04
N GLU I 51 -36.03 -56.48 -63.06
CA GLU I 51 -36.83 -57.68 -62.89
C GLU I 51 -36.24 -58.93 -63.57
N GLY I 52 -35.30 -58.71 -64.48
CA GLY I 52 -34.66 -59.82 -65.16
C GLY I 52 -35.23 -60.03 -66.55
N MET I 53 -34.37 -60.47 -67.48
CA MET I 53 -34.77 -60.72 -68.87
C MET I 53 -35.87 -61.79 -68.98
N ASP I 54 -35.98 -62.63 -67.96
CA ASP I 54 -37.03 -63.65 -67.91
C ASP I 54 -38.43 -63.06 -68.02
N ILE I 55 -38.57 -61.78 -67.71
CA ILE I 55 -39.88 -61.13 -67.74
C ILE I 55 -40.39 -60.98 -69.18
N ILE I 56 -39.47 -61.03 -70.13
CA ILE I 56 -39.84 -61.00 -71.54
C ILE I 56 -40.67 -62.24 -71.89
N ALA I 57 -40.19 -63.41 -71.48
CA ALA I 57 -40.91 -64.65 -71.74
C ALA I 57 -42.24 -64.67 -70.99
N GLU I 58 -42.25 -64.13 -69.77
CA GLU I 58 -43.46 -64.12 -68.97
C GLU I 58 -44.56 -63.26 -69.59
N PHE I 59 -44.16 -62.24 -70.33
CA PHE I 59 -45.12 -61.37 -71.02
C PHE I 59 -45.76 -62.08 -72.20
N ARG I 60 -44.93 -62.67 -73.05
CA ARG I 60 -45.42 -63.39 -74.22
C ARG I 60 -46.29 -64.57 -73.79
N LYS I 61 -45.94 -65.17 -72.65
CA LYS I 61 -46.67 -66.30 -72.11
C LYS I 61 -48.03 -65.89 -71.55
N ARG I 62 -48.03 -64.84 -70.73
CA ARG I 62 -49.24 -64.39 -70.05
C ARG I 62 -50.26 -63.74 -70.99
N PHE I 63 -49.77 -63.08 -72.03
CA PHE I 63 -50.64 -62.21 -72.83
C PHE I 63 -50.65 -62.54 -74.32
N GLY I 64 -49.69 -63.33 -74.78
CA GLY I 64 -49.61 -63.69 -76.19
C GLY I 64 -49.30 -62.51 -77.08
N CYS I 65 -48.52 -61.57 -76.55
CA CYS I 65 -48.15 -60.39 -77.30
C CYS I 65 -46.71 -60.52 -77.80
N ARG I 66 -46.37 -59.73 -78.82
CA ARG I 66 -44.99 -59.66 -79.28
C ARG I 66 -44.26 -58.58 -78.48
N ILE I 67 -43.01 -58.89 -78.10
CA ILE I 67 -42.23 -57.95 -77.31
C ILE I 67 -41.14 -57.29 -78.16
N ILE I 68 -41.16 -55.96 -78.19
CA ILE I 68 -40.07 -55.19 -78.76
C ILE I 68 -39.16 -54.75 -77.60
N ALA I 69 -37.90 -55.15 -77.64
CA ALA I 69 -36.94 -54.73 -76.63
C ALA I 69 -36.36 -53.38 -77.01
N ASP I 70 -36.81 -52.32 -76.34
CA ASP I 70 -36.30 -50.99 -76.61
C ASP I 70 -34.97 -50.83 -75.91
N PHE I 71 -33.96 -51.57 -76.40
CA PHE I 71 -32.66 -51.57 -75.76
C PHE I 71 -31.71 -50.53 -76.37
N LYS I 72 -32.16 -49.90 -77.45
CA LYS I 72 -31.38 -48.86 -78.14
C LYS I 72 -29.90 -49.21 -78.31
N VAL I 73 -29.65 -50.43 -78.80
CA VAL I 73 -28.32 -50.99 -78.97
C VAL I 73 -27.36 -50.03 -79.68
N ALA I 74 -26.20 -49.81 -79.09
CA ALA I 74 -25.26 -48.80 -79.57
C ALA I 74 -23.80 -49.11 -79.25
N ASP I 75 -23.37 -50.33 -79.57
CA ASP I 75 -22.00 -50.75 -79.29
C ASP I 75 -21.29 -51.12 -80.59
N ILE I 76 -20.08 -51.66 -80.47
CA ILE I 76 -19.36 -52.16 -81.63
C ILE I 76 -20.05 -53.44 -82.13
N PRO I 77 -19.88 -53.77 -83.43
CA PRO I 77 -20.53 -54.94 -84.04
C PRO I 77 -20.46 -56.23 -83.20
N GLU I 78 -19.26 -56.54 -82.70
CA GLU I 78 -19.04 -57.76 -81.90
C GLU I 78 -19.96 -57.83 -80.67
N THR I 79 -20.09 -56.71 -79.96
CA THR I 79 -20.90 -56.68 -78.76
C THR I 79 -22.38 -56.56 -79.09
N ASN I 80 -22.68 -55.85 -80.18
CA ASN I 80 -24.05 -55.76 -80.69
C ASN I 80 -24.66 -57.14 -80.96
N GLU I 81 -23.88 -58.03 -81.55
CA GLU I 81 -24.35 -59.38 -81.84
C GLU I 81 -24.69 -60.12 -80.56
N LYS I 82 -23.80 -60.01 -79.56
CA LYS I 82 -24.02 -60.69 -78.29
C LYS I 82 -25.27 -60.16 -77.58
N ILE I 83 -25.49 -58.86 -77.66
CA ILE I 83 -26.65 -58.23 -77.03
C ILE I 83 -27.94 -58.67 -77.72
N CYS I 84 -27.91 -58.67 -79.04
CA CYS I 84 -29.05 -59.11 -79.84
C CYS I 84 -29.35 -60.58 -79.61
N ARG I 85 -28.32 -61.42 -79.62
CA ARG I 85 -28.49 -62.85 -79.42
C ARG I 85 -29.07 -63.15 -78.04
N ALA I 86 -28.59 -62.43 -77.03
CA ALA I 86 -29.08 -62.60 -75.67
C ALA I 86 -30.54 -62.16 -75.55
N THR I 87 -30.89 -61.09 -76.25
CA THR I 87 -32.23 -60.53 -76.19
C THR I 87 -33.25 -61.43 -76.88
N PHE I 88 -32.83 -62.03 -78.01
CA PHE I 88 -33.68 -62.96 -78.73
C PHE I 88 -33.75 -64.30 -77.99
N LYS I 89 -32.65 -64.71 -77.37
CA LYS I 89 -32.63 -65.91 -76.55
C LYS I 89 -33.65 -65.77 -75.42
N ALA I 90 -33.80 -64.55 -74.92
CA ALA I 90 -34.81 -64.25 -73.91
C ALA I 90 -36.22 -64.22 -74.50
N GLY I 91 -36.31 -64.39 -75.82
CA GLY I 91 -37.59 -64.54 -76.48
C GLY I 91 -38.17 -63.29 -77.14
N ALA I 92 -37.42 -62.20 -77.16
CA ALA I 92 -37.92 -60.97 -77.75
C ALA I 92 -38.16 -61.14 -79.25
N ASP I 93 -39.20 -60.49 -79.75
CA ASP I 93 -39.57 -60.60 -81.17
C ASP I 93 -38.81 -59.58 -82.00
N ALA I 94 -38.45 -58.46 -81.38
CA ALA I 94 -37.76 -57.39 -82.08
C ALA I 94 -36.88 -56.59 -81.13
N ILE I 95 -35.89 -55.90 -81.70
CA ILE I 95 -34.98 -55.10 -80.90
C ILE I 95 -34.73 -53.74 -81.56
N ILE I 96 -34.78 -52.69 -80.76
CA ILE I 96 -34.54 -51.33 -81.26
C ILE I 96 -33.06 -51.00 -81.16
N VAL I 97 -32.49 -50.52 -82.27
CA VAL I 97 -31.06 -50.29 -82.37
C VAL I 97 -30.78 -48.83 -82.78
N HIS I 98 -29.70 -48.27 -82.24
CA HIS I 98 -29.25 -46.94 -82.62
C HIS I 98 -28.54 -46.97 -83.97
N GLY I 99 -28.64 -45.88 -84.72
CA GLY I 99 -28.00 -45.78 -86.02
C GLY I 99 -26.69 -45.02 -86.01
N PHE I 100 -26.49 -44.18 -85.00
CA PHE I 100 -25.28 -43.35 -84.94
C PHE I 100 -23.92 -44.09 -84.80
N PRO I 101 -23.91 -45.31 -84.22
CA PRO I 101 -22.62 -46.02 -84.25
C PRO I 101 -22.15 -46.46 -85.65
N GLY I 102 -23.02 -46.33 -86.65
CA GLY I 102 -22.61 -46.60 -88.02
C GLY I 102 -23.18 -47.87 -88.63
N ALA I 103 -22.77 -48.12 -89.88
CA ALA I 103 -23.32 -49.21 -90.68
C ALA I 103 -22.96 -50.60 -90.16
N ASP I 104 -21.68 -50.81 -89.84
CA ASP I 104 -21.22 -52.11 -89.33
C ASP I 104 -21.96 -52.55 -88.07
N SER I 105 -22.20 -51.61 -87.16
CA SER I 105 -22.89 -51.91 -85.90
C SER I 105 -24.34 -52.31 -86.14
N VAL I 106 -24.96 -51.71 -87.14
CA VAL I 106 -26.35 -52.02 -87.48
C VAL I 106 -26.45 -53.38 -88.18
N ARG I 107 -25.53 -53.64 -89.10
CA ARG I 107 -25.51 -54.88 -89.86
C ARG I 107 -25.34 -56.09 -88.93
N ALA I 108 -24.53 -55.91 -87.89
CA ALA I 108 -24.29 -56.97 -86.91
C ALA I 108 -25.57 -57.38 -86.20
N CYS I 109 -26.47 -56.42 -85.99
CA CYS I 109 -27.76 -56.70 -85.37
C CYS I 109 -28.63 -57.42 -86.39
N LEU I 110 -28.60 -56.93 -87.62
CA LEU I 110 -29.39 -57.50 -88.71
C LEU I 110 -29.02 -58.95 -88.95
N ASN I 111 -27.73 -59.27 -88.84
CA ASN I 111 -27.26 -60.63 -89.08
C ASN I 111 -27.80 -61.62 -88.04
N VAL I 112 -27.86 -61.19 -86.79
CA VAL I 112 -28.40 -62.04 -85.74
C VAL I 112 -29.92 -62.22 -85.90
N ALA I 113 -30.62 -61.12 -86.15
CA ALA I 113 -32.07 -61.16 -86.33
C ALA I 113 -32.46 -62.03 -87.52
N GLU I 114 -31.65 -61.98 -88.57
CA GLU I 114 -31.91 -62.77 -89.77
C GLU I 114 -31.71 -64.25 -89.47
N GLU I 115 -30.68 -64.56 -88.70
CA GLU I 115 -30.37 -65.93 -88.33
C GLU I 115 -31.45 -66.55 -87.44
N MET I 116 -31.96 -65.77 -86.49
CA MET I 116 -32.91 -66.28 -85.51
C MET I 116 -34.37 -65.99 -85.89
N GLY I 117 -34.55 -65.30 -87.02
CA GLY I 117 -35.88 -64.96 -87.49
C GLY I 117 -36.59 -63.92 -86.65
N ARG I 118 -35.87 -62.87 -86.28
CA ARG I 118 -36.45 -61.77 -85.52
C ARG I 118 -36.31 -60.45 -86.27
N GLU I 119 -36.78 -59.35 -85.68
CA GLU I 119 -36.77 -58.07 -86.36
C GLU I 119 -35.87 -57.03 -85.69
N VAL I 120 -35.17 -56.24 -86.51
CA VAL I 120 -34.36 -55.14 -86.02
C VAL I 120 -35.04 -53.80 -86.35
N PHE I 121 -35.30 -53.00 -85.32
CA PHE I 121 -35.87 -51.67 -85.54
C PHE I 121 -34.78 -50.62 -85.48
N LEU I 122 -34.61 -49.86 -86.56
CA LEU I 122 -33.62 -48.80 -86.58
C LEU I 122 -34.21 -47.48 -86.09
N LEU I 123 -33.67 -46.99 -84.98
CA LEU I 123 -34.08 -45.71 -84.42
C LEU I 123 -33.45 -44.59 -85.24
N THR I 124 -34.27 -43.82 -85.95
CA THR I 124 -33.76 -42.78 -86.84
C THR I 124 -33.55 -41.45 -86.12
N GLU I 125 -34.45 -41.13 -85.19
CA GLU I 125 -34.43 -39.83 -84.54
C GLU I 125 -35.13 -39.89 -83.18
N MET I 126 -34.72 -39.03 -82.26
CA MET I 126 -35.33 -38.93 -80.95
C MET I 126 -35.95 -37.55 -80.75
N SER I 127 -36.88 -37.44 -79.82
CA SER I 127 -37.64 -36.21 -79.63
C SER I 127 -37.31 -35.48 -78.32
N HIS I 128 -36.46 -36.07 -77.50
CA HIS I 128 -36.07 -35.47 -76.23
C HIS I 128 -35.25 -34.19 -76.46
N PRO I 129 -35.31 -33.24 -75.51
CA PRO I 129 -34.66 -31.93 -75.62
C PRO I 129 -33.22 -31.95 -76.13
N GLY I 130 -32.41 -32.90 -75.69
CA GLY I 130 -31.01 -32.92 -76.06
C GLY I 130 -30.75 -33.41 -77.48
N ALA I 131 -31.77 -34.00 -78.10
CA ALA I 131 -31.60 -34.68 -79.39
C ALA I 131 -31.22 -33.77 -80.57
N GLU I 132 -31.33 -32.46 -80.39
CA GLU I 132 -31.06 -31.53 -81.49
C GLU I 132 -29.56 -31.32 -81.72
N MET I 133 -28.76 -31.62 -80.71
CA MET I 133 -27.32 -31.37 -80.78
C MET I 133 -26.61 -32.19 -81.86
N PHE I 134 -26.95 -33.48 -81.95
CA PHE I 134 -26.25 -34.37 -82.87
C PHE I 134 -27.19 -35.25 -83.69
N ILE I 135 -28.25 -35.74 -83.04
CA ILE I 135 -29.13 -36.73 -83.66
C ILE I 135 -30.01 -36.19 -84.78
N GLN I 136 -30.69 -35.08 -84.53
CA GLN I 136 -31.65 -34.53 -85.49
C GLN I 136 -31.03 -34.27 -86.86
N GLY I 137 -29.82 -33.72 -86.86
CA GLY I 137 -29.13 -33.39 -88.10
C GLY I 137 -28.55 -34.59 -88.82
N ALA I 138 -28.69 -35.77 -88.21
CA ALA I 138 -28.16 -36.98 -88.80
C ALA I 138 -29.25 -38.00 -89.13
N ALA I 139 -30.48 -37.68 -88.72
CA ALA I 139 -31.61 -38.61 -88.87
C ALA I 139 -31.84 -39.06 -90.31
N ASP I 140 -31.78 -38.12 -91.24
CA ASP I 140 -31.98 -38.43 -92.65
C ASP I 140 -30.91 -39.40 -93.17
N GLU I 141 -29.65 -39.09 -92.91
CA GLU I 141 -28.54 -39.91 -93.37
C GLU I 141 -28.56 -41.29 -92.73
N ILE I 142 -29.05 -41.37 -91.50
CA ILE I 142 -29.19 -42.65 -90.82
C ILE I 142 -30.33 -43.46 -91.42
N ALA I 143 -31.43 -42.78 -91.76
CA ALA I 143 -32.56 -43.42 -92.42
C ALA I 143 -32.12 -44.00 -93.76
N ARG I 144 -31.36 -43.21 -94.52
CA ARG I 144 -30.85 -43.66 -95.81
C ARG I 144 -29.88 -44.81 -95.65
N MET I 145 -29.14 -44.81 -94.54
CA MET I 145 -28.22 -45.90 -94.22
C MET I 145 -28.99 -47.20 -94.02
N GLY I 146 -30.15 -47.09 -93.38
CA GLY I 146 -30.99 -48.24 -93.13
C GLY I 146 -31.48 -48.86 -94.42
N VAL I 147 -31.81 -48.00 -95.38
CA VAL I 147 -32.29 -48.44 -96.69
C VAL I 147 -31.23 -49.27 -97.41
N ASP I 148 -30.03 -48.73 -97.51
CA ASP I 148 -28.92 -49.42 -98.17
C ASP I 148 -28.49 -50.69 -97.43
N LEU I 149 -28.94 -50.84 -96.19
CA LEU I 149 -28.64 -52.02 -95.39
C LEU I 149 -29.74 -53.07 -95.46
N GLY I 150 -30.88 -52.70 -96.04
CA GLY I 150 -32.00 -53.61 -96.17
C GLY I 150 -32.92 -53.60 -94.96
N VAL I 151 -32.76 -52.59 -94.10
CA VAL I 151 -33.60 -52.43 -92.92
C VAL I 151 -35.04 -52.15 -93.33
N LYS I 152 -35.97 -52.92 -92.78
CA LYS I 152 -37.39 -52.77 -93.15
C LYS I 152 -38.27 -52.31 -91.99
N ASN I 153 -37.67 -52.10 -90.82
CA ASN I 153 -38.40 -51.62 -89.65
C ASN I 153 -37.75 -50.38 -89.05
N TYR I 154 -38.55 -49.36 -88.78
CA TYR I 154 -38.03 -48.08 -88.34
C TYR I 154 -38.84 -47.49 -87.19
N VAL I 155 -38.16 -46.76 -86.31
CA VAL I 155 -38.81 -46.02 -85.24
C VAL I 155 -38.65 -44.52 -85.48
N GLY I 156 -39.75 -43.77 -85.37
CA GLY I 156 -39.72 -42.34 -85.62
C GLY I 156 -39.70 -41.49 -84.37
N PRO I 157 -39.70 -40.16 -84.54
CA PRO I 157 -39.66 -39.21 -83.42
C PRO I 157 -41.05 -38.89 -82.87
N ARG I 160 -42.34 -35.51 -83.99
CA ARG I 160 -42.51 -34.49 -85.02
C ARG I 160 -43.63 -34.89 -85.97
N PRO I 161 -44.86 -34.45 -85.68
CA PRO I 161 -46.07 -34.81 -86.45
C PRO I 161 -46.14 -34.20 -87.84
N GLU I 162 -45.01 -34.08 -88.53
CA GLU I 162 -44.99 -33.58 -89.89
C GLU I 162 -43.70 -34.01 -90.61
N ARG I 163 -42.68 -34.32 -89.82
CA ARG I 163 -41.40 -34.79 -90.36
C ARG I 163 -41.50 -36.24 -90.82
N LEU I 164 -42.58 -36.92 -90.44
CA LEU I 164 -42.77 -38.32 -90.76
C LEU I 164 -42.97 -38.53 -92.26
N SER I 165 -43.41 -37.49 -92.95
CA SER I 165 -43.60 -37.53 -94.39
C SER I 165 -42.26 -37.72 -95.10
N ARG I 166 -41.24 -37.03 -94.61
CA ARG I 166 -39.92 -37.09 -95.20
C ARG I 166 -39.23 -38.41 -94.88
N LEU I 167 -39.49 -38.93 -93.69
CA LEU I 167 -38.91 -40.21 -93.28
C LEU I 167 -39.52 -41.35 -94.09
N ARG I 168 -40.83 -41.28 -94.31
CA ARG I 168 -41.53 -42.27 -95.12
C ARG I 168 -41.03 -42.22 -96.55
N GLU I 169 -40.69 -41.02 -97.01
CA GLU I 169 -40.23 -40.81 -98.37
C GLU I 169 -38.86 -41.45 -98.59
N ILE I 170 -38.07 -41.50 -97.54
CA ILE I 170 -36.74 -42.11 -97.60
C ILE I 170 -36.80 -43.63 -97.55
N ILE I 171 -37.52 -44.16 -96.57
CA ILE I 171 -37.57 -45.59 -96.32
C ILE I 171 -38.48 -46.32 -97.31
N GLY I 172 -39.27 -45.57 -98.05
CA GLY I 172 -40.17 -46.17 -99.04
C GLY I 172 -41.48 -46.62 -98.42
N GLN I 173 -42.39 -47.06 -99.29
CA GLN I 173 -43.74 -47.44 -98.87
C GLN I 173 -43.79 -48.81 -98.23
N ASP I 174 -42.79 -49.64 -98.48
CA ASP I 174 -42.78 -51.01 -98.01
C ASP I 174 -41.95 -51.21 -96.74
N SER I 175 -41.53 -50.12 -96.11
CA SER I 175 -40.85 -50.20 -94.84
C SER I 175 -41.84 -50.05 -93.71
N PHE I 176 -41.59 -50.73 -92.60
CA PHE I 176 -42.46 -50.64 -91.43
C PHE I 176 -41.99 -49.50 -90.53
N LEU I 177 -42.91 -48.62 -90.16
CA LEU I 177 -42.56 -47.43 -89.40
C LEU I 177 -43.49 -47.21 -88.22
N ILE I 178 -42.92 -47.06 -87.03
CA ILE I 178 -43.69 -46.77 -85.83
C ILE I 178 -43.24 -45.45 -85.21
N SER I 179 -44.21 -44.71 -84.66
CA SER I 179 -43.94 -43.38 -84.12
C SER I 179 -44.82 -43.08 -82.91
N PRO I 180 -44.32 -42.24 -81.98
CA PRO I 180 -45.10 -41.84 -80.81
C PRO I 180 -46.05 -40.68 -81.13
N PRO I 189 -53.32 -38.52 -81.93
CA PRO I 189 -53.15 -39.67 -82.83
C PRO I 189 -53.99 -39.53 -84.08
N GLY I 190 -54.08 -40.61 -84.86
CA GLY I 190 -54.90 -40.63 -86.06
C GLY I 190 -54.14 -40.13 -87.29
N GLU I 191 -53.83 -38.84 -87.31
CA GLU I 191 -53.16 -38.22 -88.45
C GLU I 191 -51.73 -38.73 -88.59
N THR I 192 -51.19 -39.25 -87.50
CA THR I 192 -49.85 -39.83 -87.49
C THR I 192 -49.79 -41.07 -88.39
N LEU I 193 -50.88 -41.81 -88.43
CA LEU I 193 -50.95 -43.04 -89.21
C LEU I 193 -51.06 -42.81 -90.72
N ARG I 194 -50.95 -41.56 -91.13
CA ARG I 194 -50.95 -41.22 -92.55
C ARG I 194 -49.61 -41.56 -93.20
N PHE I 195 -48.56 -41.61 -92.37
CA PHE I 195 -47.22 -41.90 -92.86
C PHE I 195 -46.59 -43.06 -92.11
N ALA I 196 -47.05 -43.29 -90.89
CA ALA I 196 -46.57 -44.41 -90.07
C ALA I 196 -47.53 -45.60 -90.20
N ASP I 197 -47.05 -46.78 -89.81
CA ASP I 197 -47.84 -48.00 -89.90
C ASP I 197 -48.52 -48.32 -88.56
N ALA I 198 -47.91 -47.85 -87.48
CA ALA I 198 -48.43 -48.08 -86.13
C ALA I 198 -47.98 -46.97 -85.21
N ILE I 199 -48.84 -46.58 -84.26
CA ILE I 199 -48.47 -45.55 -83.29
C ILE I 199 -48.11 -46.13 -81.94
N ILE I 200 -47.07 -45.57 -81.32
CA ILE I 200 -46.63 -46.00 -80.00
C ILE I 200 -47.27 -45.11 -78.94
N VAL I 201 -48.09 -45.69 -78.09
CA VAL I 201 -48.73 -44.93 -77.01
C VAL I 201 -48.31 -45.48 -75.66
N GLY I 202 -47.81 -44.59 -74.79
CA GLY I 202 -47.38 -45.00 -73.47
C GLY I 202 -48.24 -44.42 -72.37
N ARG I 203 -47.84 -43.25 -71.86
CA ARG I 203 -48.46 -42.64 -70.69
C ARG I 203 -49.98 -42.49 -70.79
N SER I 204 -50.47 -42.21 -71.99
CA SER I 204 -51.91 -42.04 -72.21
C SER I 204 -52.69 -43.31 -71.88
N ILE I 205 -52.02 -44.45 -71.92
CA ILE I 205 -52.67 -45.72 -71.63
C ILE I 205 -52.36 -46.26 -70.23
N TYR I 206 -51.08 -46.41 -69.90
CA TYR I 206 -50.71 -47.01 -68.62
C TYR I 206 -50.91 -46.10 -67.42
N LEU I 207 -51.10 -44.81 -67.66
CA LEU I 207 -51.29 -43.85 -66.58
C LEU I 207 -52.71 -43.30 -66.55
N ALA I 208 -53.65 -44.08 -67.06
CA ALA I 208 -55.06 -43.68 -67.10
C ALA I 208 -55.88 -44.43 -66.06
N ASP I 209 -56.98 -43.82 -65.61
CA ASP I 209 -57.85 -44.42 -64.61
C ASP I 209 -58.43 -45.75 -65.12
N ASN I 210 -58.67 -45.83 -66.41
CA ASN I 210 -59.10 -47.07 -67.04
C ASN I 210 -58.38 -47.28 -68.37
N PRO I 211 -57.26 -48.03 -68.34
CA PRO I 211 -56.41 -48.26 -69.52
C PRO I 211 -57.16 -48.96 -70.65
N ALA I 212 -58.08 -49.85 -70.32
CA ALA I 212 -58.83 -50.59 -71.32
C ALA I 212 -59.70 -49.67 -72.16
N ALA I 213 -60.36 -48.72 -71.51
CA ALA I 213 -61.21 -47.75 -72.21
C ALA I 213 -60.37 -46.70 -72.91
N ALA I 214 -59.19 -46.42 -72.36
CA ALA I 214 -58.27 -45.45 -72.96
C ALA I 214 -57.79 -45.93 -74.33
N ALA I 215 -57.46 -47.20 -74.42
CA ALA I 215 -57.02 -47.79 -75.69
C ALA I 215 -58.18 -47.95 -76.66
N ALA I 216 -59.39 -47.97 -76.13
CA ALA I 216 -60.60 -48.05 -76.95
C ALA I 216 -60.89 -46.72 -77.62
N GLY I 217 -60.76 -45.63 -76.85
CA GLY I 217 -61.00 -44.30 -77.37
C GLY I 217 -59.94 -43.87 -78.37
N ILE I 218 -58.79 -44.54 -78.33
CA ILE I 218 -57.71 -44.26 -79.26
C ILE I 218 -57.97 -44.91 -80.61
N ILE I 219 -58.34 -46.19 -80.60
CA ILE I 219 -58.59 -46.92 -81.83
C ILE I 219 -59.90 -46.49 -82.49
N GLU I 220 -60.76 -45.83 -81.72
CA GLU I 220 -62.01 -45.29 -82.27
C GLU I 220 -61.78 -43.90 -82.85
N SER I 221 -60.52 -43.46 -82.84
CA SER I 221 -60.17 -42.17 -83.42
C SER I 221 -59.52 -42.35 -84.78
N VAL J 8 -8.52 -39.18 -58.55
CA VAL J 8 -9.14 -40.04 -59.56
C VAL J 8 -9.16 -41.50 -59.13
N MET J 9 -9.94 -42.31 -59.84
CA MET J 9 -10.02 -43.75 -59.58
C MET J 9 -8.68 -44.43 -59.82
N ASP J 10 -8.16 -45.11 -58.80
CA ASP J 10 -6.84 -45.72 -58.87
C ASP J 10 -6.90 -47.15 -59.40
N VAL J 11 -6.54 -47.31 -60.67
CA VAL J 11 -6.60 -48.62 -61.33
C VAL J 11 -5.26 -49.34 -61.24
N MET J 12 -5.28 -50.58 -60.75
CA MET J 12 -4.06 -51.36 -60.59
C MET J 12 -3.42 -51.72 -61.94
N ASN J 13 -2.14 -51.40 -62.08
CA ASN J 13 -1.38 -51.66 -63.31
C ASN J 13 -1.92 -50.95 -64.54
N ARG J 14 -2.81 -49.97 -64.33
CA ARG J 14 -3.44 -49.21 -65.40
C ARG J 14 -4.11 -50.11 -66.43
N LEU J 15 -4.60 -51.25 -65.98
CA LEU J 15 -5.21 -52.24 -66.87
C LEU J 15 -6.62 -52.64 -66.39
N ILE J 16 -7.59 -52.45 -67.27
CA ILE J 16 -8.98 -52.79 -66.96
C ILE J 16 -9.46 -53.98 -67.79
N LEU J 17 -10.02 -54.98 -67.12
CA LEU J 17 -10.51 -56.17 -67.80
C LEU J 17 -11.93 -55.99 -68.33
N ALA J 18 -12.09 -56.14 -69.64
CA ALA J 18 -13.41 -56.11 -70.26
C ALA J 18 -14.01 -57.51 -70.28
N MET J 19 -14.74 -57.86 -69.22
CA MET J 19 -15.28 -59.21 -69.08
C MET J 19 -16.58 -59.38 -69.89
N ASP J 20 -16.43 -59.81 -71.13
CA ASP J 20 -17.58 -59.94 -72.03
C ASP J 20 -17.97 -61.40 -72.30
N LEU J 21 -17.41 -62.32 -71.53
CA LEU J 21 -17.89 -63.70 -71.55
C LEU J 21 -19.33 -63.73 -71.03
N MET J 22 -20.12 -64.68 -71.50
CA MET J 22 -21.56 -64.60 -71.28
C MET J 22 -22.16 -65.65 -70.35
N ASN J 23 -21.31 -66.45 -69.71
CA ASN J 23 -21.81 -67.37 -68.68
C ASN J 23 -21.02 -67.23 -67.37
N ARG J 24 -21.74 -67.36 -66.26
CA ARG J 24 -21.17 -67.20 -64.92
C ARG J 24 -19.85 -67.93 -64.69
N ASP J 25 -19.88 -69.25 -64.91
CA ASP J 25 -18.73 -70.11 -64.61
C ASP J 25 -17.44 -69.69 -65.31
N ASP J 26 -17.57 -69.31 -66.58
CA ASP J 26 -16.40 -68.87 -67.35
C ASP J 26 -15.94 -67.48 -66.92
N ALA J 27 -16.88 -66.56 -66.79
CA ALA J 27 -16.57 -65.17 -66.42
C ALA J 27 -15.87 -65.10 -65.07
N LEU J 28 -16.40 -65.83 -64.09
CA LEU J 28 -15.85 -65.84 -62.75
C LEU J 28 -14.46 -66.48 -62.70
N ARG J 29 -14.31 -67.62 -63.38
CA ARG J 29 -13.03 -68.31 -63.39
C ARG J 29 -11.93 -67.48 -64.03
N VAL J 30 -12.24 -66.89 -65.19
CA VAL J 30 -11.28 -66.06 -65.91
C VAL J 30 -10.88 -64.82 -65.11
N THR J 31 -11.88 -64.12 -64.56
CA THR J 31 -11.61 -62.95 -63.73
C THR J 31 -10.74 -63.32 -62.53
N GLY J 32 -11.03 -64.47 -61.93
CA GLY J 32 -10.26 -64.93 -60.79
C GLY J 32 -8.82 -65.21 -61.13
N GLU J 33 -8.59 -65.75 -62.33
CA GLU J 33 -7.25 -66.12 -62.77
C GLU J 33 -6.34 -64.92 -62.99
N VAL J 34 -6.93 -63.73 -63.11
CA VAL J 34 -6.16 -62.51 -63.38
C VAL J 34 -6.38 -61.43 -62.32
N ARG J 35 -6.91 -61.83 -61.16
CA ARG J 35 -7.21 -60.88 -60.11
C ARG J 35 -5.97 -60.20 -59.53
N GLU J 36 -4.86 -60.93 -59.49
CA GLU J 36 -3.62 -60.39 -58.93
C GLU J 36 -3.01 -59.32 -59.83
N TYR J 37 -3.49 -59.25 -61.06
CA TYR J 37 -3.00 -58.26 -62.02
C TYR J 37 -3.96 -57.09 -62.15
N ILE J 38 -5.26 -57.40 -62.11
CA ILE J 38 -6.30 -56.41 -62.37
C ILE J 38 -7.26 -56.28 -61.20
N ASP J 39 -7.55 -55.04 -60.79
CA ASP J 39 -8.49 -54.80 -59.70
C ASP J 39 -9.72 -54.01 -60.17
N THR J 40 -9.78 -53.74 -61.47
CA THR J 40 -10.88 -52.98 -62.04
C THR J 40 -11.47 -53.74 -63.22
N VAL J 41 -12.75 -54.08 -63.12
CA VAL J 41 -13.39 -54.89 -64.13
C VAL J 41 -14.52 -54.15 -64.84
N LYS J 42 -14.49 -54.16 -66.17
CA LYS J 42 -15.59 -53.60 -66.94
C LYS J 42 -16.58 -54.71 -67.28
N ILE J 43 -17.84 -54.47 -66.94
CA ILE J 43 -18.90 -55.44 -67.17
C ILE J 43 -19.97 -54.82 -68.06
N GLY J 44 -20.39 -55.55 -69.08
CA GLY J 44 -21.36 -55.04 -70.03
C GLY J 44 -22.63 -55.86 -70.11
N TYR J 45 -23.50 -55.46 -71.03
CA TYR J 45 -24.77 -56.14 -71.27
C TYR J 45 -24.72 -57.63 -71.62
N PRO J 46 -23.70 -58.08 -72.39
CA PRO J 46 -23.69 -59.53 -72.66
C PRO J 46 -23.71 -60.39 -71.40
N LEU J 47 -22.90 -60.05 -70.39
CA LEU J 47 -22.88 -60.81 -69.15
C LEU J 47 -24.12 -60.53 -68.29
N VAL J 48 -24.47 -59.25 -68.18
CA VAL J 48 -25.58 -58.84 -67.31
C VAL J 48 -26.95 -59.34 -67.80
N LEU J 49 -27.23 -59.16 -69.08
CA LEU J 49 -28.48 -59.64 -69.64
C LEU J 49 -28.59 -61.17 -69.48
N SER J 50 -27.48 -61.88 -69.66
CA SER J 50 -27.49 -63.34 -69.58
C SER J 50 -27.56 -63.88 -68.15
N GLU J 51 -26.89 -63.22 -67.21
CA GLU J 51 -26.80 -63.76 -65.85
C GLU J 51 -27.50 -62.91 -64.79
N GLY J 52 -28.01 -61.74 -65.19
CA GLY J 52 -28.70 -60.87 -64.27
C GLY J 52 -27.79 -59.82 -63.66
N MET J 53 -28.38 -58.75 -63.14
CA MET J 53 -27.61 -57.67 -62.52
C MET J 53 -26.94 -58.11 -61.22
N ASP J 54 -27.43 -59.19 -60.63
CA ASP J 54 -26.84 -59.75 -59.41
C ASP J 54 -25.40 -60.21 -59.63
N ILE J 55 -25.00 -60.40 -60.88
CA ILE J 55 -23.65 -60.82 -61.20
C ILE J 55 -22.63 -59.77 -60.72
N ILE J 56 -23.06 -58.51 -60.68
CA ILE J 56 -22.20 -57.44 -60.23
C ILE J 56 -21.84 -57.61 -58.75
N ALA J 57 -22.84 -57.92 -57.92
CA ALA J 57 -22.60 -58.11 -56.50
C ALA J 57 -21.67 -59.31 -56.27
N GLU J 58 -21.90 -60.37 -57.04
CA GLU J 58 -21.07 -61.57 -56.93
C GLU J 58 -19.62 -61.32 -57.32
N PHE J 59 -19.42 -60.49 -58.35
CA PHE J 59 -18.07 -60.08 -58.73
C PHE J 59 -17.39 -59.32 -57.58
N ARG J 60 -18.14 -58.43 -56.93
CA ARG J 60 -17.59 -57.63 -55.84
C ARG J 60 -17.27 -58.48 -54.62
N LYS J 61 -18.17 -59.39 -54.26
CA LYS J 61 -17.96 -60.25 -53.10
C LYS J 61 -16.81 -61.23 -53.31
N ARG J 62 -16.69 -61.73 -54.53
CA ARG J 62 -15.68 -62.75 -54.83
C ARG J 62 -14.27 -62.19 -55.06
N PHE J 63 -14.18 -60.99 -55.63
CA PHE J 63 -12.88 -60.45 -56.02
C PHE J 63 -12.55 -59.10 -55.39
N GLY J 64 -13.57 -58.42 -54.86
CA GLY J 64 -13.36 -57.11 -54.25
C GLY J 64 -12.80 -56.10 -55.24
N CYS J 65 -13.34 -56.11 -56.45
CA CYS J 65 -12.82 -55.27 -57.52
C CYS J 65 -13.74 -54.08 -57.77
N ARG J 66 -13.18 -53.01 -58.33
CA ARG J 66 -14.01 -51.93 -58.87
C ARG J 66 -14.81 -52.46 -60.06
N ILE J 67 -16.07 -52.05 -60.17
CA ILE J 67 -16.90 -52.44 -61.30
C ILE J 67 -17.32 -51.24 -62.14
N ILE J 68 -17.00 -51.27 -63.42
CA ILE J 68 -17.51 -50.28 -64.37
C ILE J 68 -18.56 -50.93 -65.27
N ALA J 69 -19.76 -50.35 -65.28
CA ALA J 69 -20.86 -50.85 -66.10
C ALA J 69 -20.86 -50.22 -67.48
N ASP J 70 -20.46 -50.99 -68.50
CA ASP J 70 -20.40 -50.48 -69.85
C ASP J 70 -21.77 -50.64 -70.52
N PHE J 71 -22.72 -49.82 -70.11
CA PHE J 71 -24.09 -49.94 -70.60
C PHE J 71 -24.41 -48.94 -71.71
N LYS J 72 -23.49 -47.99 -71.93
CA LYS J 72 -23.62 -46.99 -72.99
C LYS J 72 -24.99 -46.34 -73.04
N VAL J 73 -25.44 -45.82 -71.91
CA VAL J 73 -26.77 -45.25 -71.79
C VAL J 73 -27.02 -44.22 -72.89
N ALA J 74 -28.09 -44.44 -73.65
CA ALA J 74 -28.35 -43.62 -74.83
C ALA J 74 -29.85 -43.43 -75.07
N ASP J 75 -30.60 -43.22 -73.99
CA ASP J 75 -32.03 -43.01 -74.10
C ASP J 75 -32.39 -41.58 -73.71
N ILE J 76 -33.67 -41.34 -73.46
CA ILE J 76 -34.14 -40.05 -72.97
C ILE J 76 -33.74 -39.87 -71.50
N PRO J 77 -33.68 -38.61 -71.02
CA PRO J 77 -33.30 -38.33 -69.62
C PRO J 77 -34.02 -39.19 -68.58
N GLU J 78 -35.35 -39.23 -68.62
CA GLU J 78 -36.13 -40.01 -67.66
C GLU J 78 -35.65 -41.46 -67.60
N THR J 79 -35.47 -42.07 -68.77
CA THR J 79 -35.07 -43.47 -68.87
C THR J 79 -33.62 -43.67 -68.47
N ASN J 80 -32.75 -42.75 -68.88
CA ASN J 80 -31.36 -42.74 -68.45
C ASN J 80 -31.22 -42.73 -66.93
N GLU J 81 -32.10 -41.97 -66.29
CA GLU J 81 -32.13 -41.84 -64.85
C GLU J 81 -32.41 -43.19 -64.19
N LYS J 82 -33.42 -43.90 -64.71
CA LYS J 82 -33.81 -45.19 -64.18
C LYS J 82 -32.74 -46.27 -64.41
N ILE J 83 -32.10 -46.22 -65.57
CA ILE J 83 -31.03 -47.17 -65.88
C ILE J 83 -29.87 -46.99 -64.93
N CYS J 84 -29.45 -45.73 -64.76
CA CYS J 84 -28.35 -45.40 -63.87
C CYS J 84 -28.66 -45.77 -62.43
N ARG J 85 -29.86 -45.42 -61.97
CA ARG J 85 -30.28 -45.75 -60.61
C ARG J 85 -30.22 -47.25 -60.34
N ALA J 86 -30.74 -48.04 -61.28
CA ALA J 86 -30.74 -49.49 -61.14
C ALA J 86 -29.32 -50.04 -61.13
N THR J 87 -28.48 -49.49 -62.00
CA THR J 87 -27.11 -49.94 -62.17
C THR J 87 -26.27 -49.69 -60.91
N PHE J 88 -26.39 -48.49 -60.36
CA PHE J 88 -25.69 -48.15 -59.13
C PHE J 88 -26.18 -48.96 -57.94
N LYS J 89 -27.51 -49.05 -57.79
CA LYS J 89 -28.11 -49.89 -56.77
C LYS J 89 -27.53 -51.31 -56.80
N ALA J 90 -27.32 -51.81 -58.02
CA ALA J 90 -26.78 -53.16 -58.22
C ALA J 90 -25.30 -53.28 -57.84
N GLY J 91 -24.64 -52.16 -57.57
CA GLY J 91 -23.29 -52.17 -57.04
C GLY J 91 -22.18 -51.69 -57.96
N ALA J 92 -22.53 -51.17 -59.13
CA ALA J 92 -21.52 -50.61 -60.03
C ALA J 92 -20.93 -49.32 -59.48
N ASP J 93 -19.62 -49.19 -59.54
CA ASP J 93 -18.96 -47.96 -59.12
C ASP J 93 -19.20 -46.86 -60.14
N ALA J 94 -19.21 -47.22 -61.42
CA ALA J 94 -19.34 -46.24 -62.48
C ALA J 94 -20.13 -46.80 -63.66
N ILE J 95 -20.69 -45.90 -64.46
CA ILE J 95 -21.46 -46.29 -65.63
C ILE J 95 -21.00 -45.50 -66.86
N ILE J 96 -20.86 -46.20 -67.99
CA ILE J 96 -20.44 -45.55 -69.21
C ILE J 96 -21.65 -45.07 -70.01
N VAL J 97 -21.61 -43.83 -70.45
CA VAL J 97 -22.76 -43.14 -71.01
C VAL J 97 -22.41 -42.56 -72.38
N HIS J 98 -23.32 -42.73 -73.34
CA HIS J 98 -23.16 -42.13 -74.66
C HIS J 98 -23.37 -40.61 -74.60
N GLY J 99 -22.67 -39.89 -75.46
CA GLY J 99 -22.81 -38.45 -75.54
C GLY J 99 -23.65 -37.99 -76.72
N PHE J 100 -23.74 -38.83 -77.75
CA PHE J 100 -24.50 -38.52 -78.96
C PHE J 100 -25.96 -38.05 -78.75
N PRO J 101 -26.69 -38.63 -77.77
CA PRO J 101 -28.06 -38.16 -77.55
C PRO J 101 -28.18 -36.77 -76.89
N GLY J 102 -27.06 -36.12 -76.61
CA GLY J 102 -27.11 -34.73 -76.16
C GLY J 102 -26.85 -34.48 -74.68
N ALA J 103 -26.79 -33.19 -74.33
CA ALA J 103 -26.40 -32.74 -73.00
C ALA J 103 -27.37 -33.13 -71.90
N ASP J 104 -28.66 -33.13 -72.23
CA ASP J 104 -29.73 -33.42 -71.29
C ASP J 104 -29.69 -34.87 -70.83
N SER J 105 -29.49 -35.77 -71.80
CA SER J 105 -29.38 -37.20 -71.54
C SER J 105 -28.17 -37.48 -70.66
N VAL J 106 -27.11 -36.69 -70.83
CA VAL J 106 -25.91 -36.85 -70.00
C VAL J 106 -26.13 -36.33 -68.57
N ARG J 107 -26.78 -35.18 -68.46
CA ARG J 107 -27.05 -34.56 -67.16
C ARG J 107 -27.90 -35.47 -66.26
N ALA J 108 -28.84 -36.20 -66.88
CA ALA J 108 -29.70 -37.12 -66.15
C ALA J 108 -28.87 -38.20 -65.47
N CYS J 109 -27.85 -38.69 -66.17
CA CYS J 109 -26.94 -39.68 -65.61
C CYS J 109 -26.10 -39.07 -64.48
N LEU J 110 -25.67 -37.83 -64.68
CA LEU J 110 -24.87 -37.13 -63.68
C LEU J 110 -25.66 -36.87 -62.39
N ASN J 111 -26.94 -36.60 -62.54
CA ASN J 111 -27.80 -36.35 -61.38
C ASN J 111 -27.89 -37.57 -60.48
N VAL J 112 -28.11 -38.74 -61.09
CA VAL J 112 -28.20 -39.98 -60.36
C VAL J 112 -26.86 -40.33 -59.70
N ALA J 113 -25.78 -40.18 -60.45
CA ALA J 113 -24.43 -40.38 -59.92
C ALA J 113 -24.19 -39.52 -58.67
N GLU J 114 -24.66 -38.28 -58.70
CA GLU J 114 -24.51 -37.38 -57.56
C GLU J 114 -25.43 -37.81 -56.43
N GLU J 115 -26.63 -38.23 -56.80
CA GLU J 115 -27.62 -38.73 -55.85
C GLU J 115 -27.11 -39.95 -55.06
N MET J 116 -26.31 -40.79 -55.69
CA MET J 116 -25.89 -42.03 -55.06
C MET J 116 -24.38 -42.08 -54.77
N GLY J 117 -23.68 -41.00 -55.12
CA GLY J 117 -22.26 -40.89 -54.85
C GLY J 117 -21.42 -41.82 -55.70
N ARG J 118 -21.79 -41.95 -56.97
CA ARG J 118 -21.05 -42.80 -57.89
C ARG J 118 -20.58 -42.02 -59.12
N GLU J 119 -20.04 -42.71 -60.12
CA GLU J 119 -19.35 -42.04 -61.21
C GLU J 119 -19.97 -42.24 -62.60
N VAL J 120 -19.81 -41.23 -63.45
CA VAL J 120 -20.23 -41.31 -64.84
C VAL J 120 -19.04 -41.16 -65.79
N PHE J 121 -18.91 -42.08 -66.74
CA PHE J 121 -17.92 -41.96 -67.81
C PHE J 121 -18.61 -41.53 -69.10
N LEU J 122 -18.08 -40.51 -69.76
CA LEU J 122 -18.63 -40.06 -71.02
C LEU J 122 -17.88 -40.64 -72.22
N LEU J 123 -18.58 -41.46 -73.00
CA LEU J 123 -18.02 -42.02 -74.22
C LEU J 123 -18.13 -40.99 -75.34
N THR J 124 -16.98 -40.52 -75.81
CA THR J 124 -16.95 -39.44 -76.80
C THR J 124 -16.76 -39.97 -78.23
N GLU J 125 -15.99 -41.04 -78.36
CA GLU J 125 -15.74 -41.62 -79.67
C GLU J 125 -15.52 -43.13 -79.57
N MET J 126 -15.97 -43.86 -80.58
CA MET J 126 -15.86 -45.31 -80.58
C MET J 126 -14.74 -45.82 -81.49
N SER J 127 -14.37 -47.07 -81.28
CA SER J 127 -13.18 -47.65 -81.90
C SER J 127 -13.45 -48.36 -83.22
N HIS J 128 -14.67 -48.86 -83.40
CA HIS J 128 -15.01 -49.64 -84.59
C HIS J 128 -15.05 -48.79 -85.86
N PRO J 129 -14.86 -49.42 -87.03
CA PRO J 129 -14.84 -48.71 -88.32
C PRO J 129 -16.05 -47.83 -88.56
N GLY J 130 -17.21 -48.22 -88.05
CA GLY J 130 -18.44 -47.49 -88.28
C GLY J 130 -18.52 -46.15 -87.58
N ALA J 131 -17.64 -45.94 -86.60
CA ALA J 131 -17.65 -44.71 -85.81
C ALA J 131 -17.26 -43.49 -86.63
N GLU J 132 -16.81 -43.70 -87.87
CA GLU J 132 -16.42 -42.61 -88.74
C GLU J 132 -17.64 -41.92 -89.35
N MET J 133 -18.75 -42.63 -89.44
CA MET J 133 -19.93 -42.14 -90.16
C MET J 133 -20.64 -40.98 -89.46
N PHE J 134 -20.78 -41.06 -88.15
CA PHE J 134 -21.49 -40.01 -87.41
C PHE J 134 -20.76 -39.60 -86.13
N ILE J 135 -20.11 -40.56 -85.48
CA ILE J 135 -19.49 -40.31 -84.18
C ILE J 135 -18.21 -39.48 -84.25
N GLN J 136 -17.33 -39.81 -85.19
CA GLN J 136 -16.03 -39.16 -85.28
C GLN J 136 -16.17 -37.65 -85.51
N GLY J 137 -17.17 -37.26 -86.28
CA GLY J 137 -17.39 -35.85 -86.57
C GLY J 137 -17.96 -35.08 -85.39
N ALA J 138 -18.52 -35.81 -84.43
CA ALA J 138 -19.15 -35.18 -83.27
C ALA J 138 -18.29 -35.31 -82.00
N ALA J 139 -17.24 -36.12 -82.09
CA ALA J 139 -16.39 -36.43 -80.93
C ALA J 139 -15.89 -35.20 -80.18
N ASP J 140 -15.28 -34.27 -80.91
CA ASP J 140 -14.74 -33.05 -80.32
C ASP J 140 -15.81 -32.26 -79.58
N GLU J 141 -16.95 -32.06 -80.22
CA GLU J 141 -18.04 -31.29 -79.62
C GLU J 141 -18.66 -32.03 -78.43
N ILE J 142 -18.73 -33.36 -78.53
CA ILE J 142 -19.20 -34.18 -77.42
C ILE J 142 -18.26 -34.04 -76.24
N ALA J 143 -16.96 -34.00 -76.51
CA ALA J 143 -15.95 -33.84 -75.47
C ALA J 143 -16.05 -32.46 -74.79
N ARG J 144 -16.32 -31.43 -75.59
CA ARG J 144 -16.51 -30.09 -75.04
C ARG J 144 -17.80 -30.03 -74.23
N MET J 145 -18.80 -30.79 -74.66
CA MET J 145 -20.07 -30.85 -73.95
C MET J 145 -19.86 -31.41 -72.54
N GLY J 146 -19.07 -32.47 -72.46
CA GLY J 146 -18.77 -33.11 -71.19
C GLY J 146 -18.08 -32.15 -70.23
N VAL J 147 -17.12 -31.40 -70.77
CA VAL J 147 -16.41 -30.41 -69.98
C VAL J 147 -17.37 -29.38 -69.43
N ASP J 148 -18.26 -28.88 -70.30
CA ASP J 148 -19.25 -27.90 -69.87
C ASP J 148 -20.18 -28.44 -68.79
N LEU J 149 -20.52 -29.73 -68.89
CA LEU J 149 -21.40 -30.36 -67.92
C LEU J 149 -20.66 -30.78 -66.64
N GLY J 150 -19.35 -30.57 -66.62
CA GLY J 150 -18.53 -30.92 -65.48
C GLY J 150 -18.19 -32.40 -65.42
N VAL J 151 -18.35 -33.09 -66.53
CA VAL J 151 -17.98 -34.50 -66.62
C VAL J 151 -16.48 -34.69 -66.36
N LYS J 152 -16.15 -35.64 -65.50
CA LYS J 152 -14.79 -35.83 -65.01
C LYS J 152 -14.13 -37.07 -65.60
N ASN J 153 -14.94 -38.06 -65.95
CA ASN J 153 -14.42 -39.32 -66.47
C ASN J 153 -14.82 -39.54 -67.94
N TYR J 154 -13.85 -39.95 -68.76
CA TYR J 154 -14.05 -40.06 -70.20
C TYR J 154 -13.57 -41.40 -70.80
N VAL J 155 -14.10 -41.73 -71.97
CA VAL J 155 -13.69 -42.93 -72.69
C VAL J 155 -13.40 -42.59 -74.16
N GLY J 156 -12.18 -42.89 -74.60
CA GLY J 156 -11.79 -42.64 -75.98
C GLY J 156 -11.28 -43.88 -76.68
N PRO J 157 -11.22 -43.86 -78.02
CA PRO J 157 -10.81 -45.03 -78.81
C PRO J 157 -9.30 -45.23 -78.84
N SER J 158 -8.86 -46.49 -78.80
CA SER J 158 -7.45 -46.81 -78.86
C SER J 158 -6.99 -47.06 -80.29
N THR J 159 -7.94 -47.43 -81.14
CA THR J 159 -7.65 -47.73 -82.54
C THR J 159 -7.22 -46.49 -83.32
N ARG J 160 -7.45 -45.31 -82.74
CA ARG J 160 -7.04 -44.05 -83.34
C ARG J 160 -6.24 -43.22 -82.34
N PRO J 161 -4.92 -43.44 -82.28
CA PRO J 161 -4.03 -42.81 -81.31
C PRO J 161 -3.93 -41.29 -81.46
N GLU J 162 -4.10 -40.81 -82.69
CA GLU J 162 -4.07 -39.37 -82.94
C GLU J 162 -5.32 -38.72 -82.37
N ARG J 163 -6.39 -39.48 -82.28
CA ARG J 163 -7.65 -38.99 -81.76
C ARG J 163 -7.63 -38.89 -80.23
N LEU J 164 -6.66 -39.55 -79.61
CA LEU J 164 -6.53 -39.53 -78.15
C LEU J 164 -5.83 -38.28 -77.64
N SER J 165 -4.88 -37.77 -78.41
CA SER J 165 -4.12 -36.60 -78.01
C SER J 165 -5.00 -35.36 -77.94
N ARG J 166 -5.86 -35.20 -78.94
CA ARG J 166 -6.78 -34.06 -78.99
C ARG J 166 -7.81 -34.13 -77.86
N LEU J 167 -8.28 -35.34 -77.57
CA LEU J 167 -9.26 -35.54 -76.51
C LEU J 167 -8.69 -35.14 -75.15
N ARG J 168 -7.44 -35.52 -74.91
CA ARG J 168 -6.77 -35.20 -73.65
C ARG J 168 -6.58 -33.69 -73.50
N GLU J 169 -6.30 -33.02 -74.61
CA GLU J 169 -6.15 -31.57 -74.62
C GLU J 169 -7.47 -30.87 -74.31
N ILE J 170 -8.57 -31.49 -74.75
CA ILE J 170 -9.90 -30.94 -74.53
C ILE J 170 -10.36 -31.11 -73.08
N ILE J 171 -10.22 -32.32 -72.55
CA ILE J 171 -10.73 -32.65 -71.23
C ILE J 171 -9.79 -32.21 -70.11
N GLY J 172 -8.56 -31.84 -70.47
CA GLY J 172 -7.57 -31.42 -69.49
C GLY J 172 -6.75 -32.58 -68.95
N GLN J 173 -5.71 -32.25 -68.19
CA GLN J 173 -4.77 -33.26 -67.68
C GLN J 173 -5.24 -33.95 -66.41
N ASP J 174 -6.24 -33.37 -65.75
CA ASP J 174 -6.72 -33.90 -64.47
C ASP J 174 -7.93 -34.82 -64.63
N SER J 175 -8.58 -34.76 -65.79
CA SER J 175 -9.72 -35.63 -66.06
C SER J 175 -9.26 -37.06 -66.31
N PHE J 176 -10.08 -38.02 -65.89
CA PHE J 176 -9.73 -39.43 -66.01
C PHE J 176 -10.13 -39.97 -67.37
N LEU J 177 -9.22 -40.71 -68.00
CA LEU J 177 -9.44 -41.21 -69.35
C LEU J 177 -9.05 -42.68 -69.50
N ILE J 178 -9.98 -43.48 -70.02
CA ILE J 178 -9.71 -44.88 -70.30
C ILE J 178 -9.96 -45.17 -71.77
N SER J 179 -9.31 -46.19 -72.31
CA SER J 179 -9.33 -46.43 -73.75
C SER J 179 -9.33 -47.91 -74.15
N PRO J 180 -10.47 -48.39 -74.69
CA PRO J 180 -10.62 -49.77 -75.17
C PRO J 180 -10.24 -49.91 -76.62
N GLY J 181 -10.16 -51.15 -77.10
CA GLY J 181 -9.79 -51.41 -78.49
C GLY J 181 -8.37 -51.92 -78.60
N VAL J 182 -7.81 -52.34 -77.46
CA VAL J 182 -6.44 -52.83 -77.41
C VAL J 182 -6.35 -54.32 -77.69
N GLY J 183 -5.52 -54.69 -78.67
CA GLY J 183 -5.27 -56.07 -78.99
C GLY J 183 -6.22 -56.68 -80.00
N ALA J 184 -7.47 -56.91 -79.58
CA ALA J 184 -8.47 -57.55 -80.43
C ALA J 184 -8.86 -56.70 -81.64
N GLN J 185 -9.05 -55.41 -81.42
CA GLN J 185 -9.45 -54.51 -82.51
C GLN J 185 -8.28 -53.92 -83.27
N GLY J 186 -7.08 -54.01 -82.70
CA GLY J 186 -5.88 -53.59 -83.39
C GLY J 186 -5.14 -52.43 -82.74
N GLY J 187 -5.59 -52.02 -81.56
CA GLY J 187 -4.97 -50.93 -80.84
C GLY J 187 -3.76 -51.37 -80.03
N ASP J 188 -2.78 -50.49 -79.90
CA ASP J 188 -1.54 -50.81 -79.18
C ASP J 188 -1.59 -50.27 -77.74
N PRO J 189 -1.19 -51.10 -76.77
CA PRO J 189 -1.20 -50.74 -75.35
C PRO J 189 -0.25 -49.59 -75.01
N GLY J 190 0.99 -49.70 -75.47
CA GLY J 190 2.03 -48.75 -75.10
C GLY J 190 1.75 -47.29 -75.44
N GLU J 191 1.55 -47.01 -76.73
CA GLU J 191 1.33 -45.64 -77.19
C GLU J 191 0.01 -45.06 -76.69
N THR J 192 -0.97 -45.92 -76.49
CA THR J 192 -2.28 -45.50 -75.98
C THR J 192 -2.15 -44.92 -74.58
N LEU J 193 -1.23 -45.48 -73.80
CA LEU J 193 -1.04 -45.07 -72.41
C LEU J 193 -0.33 -43.72 -72.25
N ARG J 194 0.10 -43.14 -73.36
CA ARG J 194 0.67 -41.79 -73.34
C ARG J 194 -0.42 -40.79 -72.98
N PHE J 195 -1.63 -41.03 -73.46
CA PHE J 195 -2.74 -40.12 -73.26
C PHE J 195 -3.79 -40.67 -72.30
N ALA J 196 -3.97 -41.99 -72.32
CA ALA J 196 -4.99 -42.63 -71.48
C ALA J 196 -4.43 -43.04 -70.11
N ASP J 197 -5.23 -42.83 -69.07
CA ASP J 197 -4.84 -43.23 -67.73
C ASP J 197 -4.80 -44.74 -67.56
N ALA J 198 -5.70 -45.44 -68.25
CA ALA J 198 -5.75 -46.89 -68.20
C ALA J 198 -6.28 -47.45 -69.50
N ILE J 199 -5.80 -48.63 -69.89
CA ILE J 199 -6.31 -49.27 -71.08
C ILE J 199 -7.30 -50.38 -70.75
N ILE J 200 -8.21 -50.65 -71.67
CA ILE J 200 -9.20 -51.71 -71.49
C ILE J 200 -8.90 -52.88 -72.42
N VAL J 201 -8.76 -54.07 -71.83
CA VAL J 201 -8.47 -55.27 -72.62
C VAL J 201 -9.49 -56.36 -72.33
N GLY J 202 -10.05 -56.93 -73.40
CA GLY J 202 -11.04 -57.98 -73.27
C GLY J 202 -10.62 -59.29 -73.90
N ARG J 203 -11.03 -59.49 -75.15
CA ARG J 203 -10.80 -60.74 -75.87
C ARG J 203 -9.36 -61.25 -75.83
N SER J 204 -8.41 -60.34 -75.88
CA SER J 204 -6.99 -60.70 -75.84
C SER J 204 -6.62 -61.41 -74.54
N ILE J 205 -7.44 -61.23 -73.51
CA ILE J 205 -7.20 -61.88 -72.22
C ILE J 205 -8.13 -63.05 -71.96
N TYR J 206 -9.44 -62.82 -72.05
CA TYR J 206 -10.40 -63.87 -71.67
C TYR J 206 -10.54 -65.01 -72.69
N LEU J 207 -10.12 -64.78 -73.93
CA LEU J 207 -10.16 -65.83 -74.94
C LEU J 207 -8.81 -66.53 -75.06
N ALA J 208 -7.81 -66.02 -74.35
CA ALA J 208 -6.48 -66.62 -74.38
C ALA J 208 -6.49 -68.01 -73.75
N ASP J 209 -5.61 -68.88 -74.23
CA ASP J 209 -5.48 -70.23 -73.68
C ASP J 209 -5.12 -70.17 -72.20
N ASN J 210 -4.32 -69.15 -71.85
CA ASN J 210 -4.00 -68.88 -70.47
C ASN J 210 -4.18 -67.40 -70.15
N PRO J 211 -5.37 -67.03 -69.65
CA PRO J 211 -5.74 -65.64 -69.34
C PRO J 211 -4.73 -64.95 -68.43
N ALA J 212 -4.23 -65.68 -67.43
CA ALA J 212 -3.26 -65.13 -66.49
C ALA J 212 -1.97 -64.72 -67.18
N ALA J 213 -1.51 -65.55 -68.11
CA ALA J 213 -0.28 -65.27 -68.84
C ALA J 213 -0.46 -64.07 -69.78
N ALA J 214 -1.64 -63.98 -70.38
CA ALA J 214 -1.96 -62.89 -71.29
C ALA J 214 -1.92 -61.54 -70.57
N ALA J 215 -2.57 -61.48 -69.42
CA ALA J 215 -2.61 -60.26 -68.62
C ALA J 215 -1.21 -59.85 -68.16
N ALA J 216 -0.46 -60.81 -67.65
CA ALA J 216 0.90 -60.57 -67.19
C ALA J 216 1.79 -60.08 -68.33
N GLY J 217 1.57 -60.64 -69.52
CA GLY J 217 2.35 -60.27 -70.69
C GLY J 217 2.09 -58.85 -71.14
N ILE J 218 0.87 -58.38 -70.94
CA ILE J 218 0.51 -57.01 -71.30
C ILE J 218 1.19 -56.01 -70.37
N ILE J 219 1.22 -56.35 -69.08
CA ILE J 219 1.83 -55.50 -68.07
C ILE J 219 3.34 -55.33 -68.30
N GLU J 220 3.96 -56.34 -68.90
CA GLU J 220 5.39 -56.30 -69.18
C GLU J 220 5.73 -55.29 -70.28
N SER J 221 4.78 -55.04 -71.18
CA SER J 221 4.95 -54.03 -72.21
C SER J 221 4.40 -52.69 -71.73
N ILE J 222 4.37 -52.52 -70.40
CA ILE J 222 3.83 -51.33 -69.76
C ILE J 222 4.76 -50.93 -68.62
N LYS J 223 5.65 -51.86 -68.24
CA LYS J 223 6.58 -51.70 -67.13
C LYS J 223 7.18 -50.30 -66.97
N ASP J 224 7.72 -49.78 -68.07
CA ASP J 224 8.38 -48.47 -68.03
C ASP J 224 7.40 -47.31 -68.17
N LEU J 225 6.12 -47.58 -67.90
CA LEU J 225 5.09 -46.56 -67.97
C LEU J 225 4.27 -46.50 -66.69
N ASP K 10 20.56 83.32 72.25
CA ASP K 10 20.72 84.36 71.24
C ASP K 10 20.89 83.74 69.85
N VAL K 11 20.22 84.33 68.85
CA VAL K 11 20.31 83.83 67.48
C VAL K 11 20.45 84.99 66.50
N MET K 12 21.54 84.99 65.74
CA MET K 12 21.76 86.03 64.74
C MET K 12 20.72 85.96 63.63
N ASN K 13 20.10 87.10 63.33
CA ASN K 13 19.03 87.21 62.33
C ASN K 13 17.78 86.38 62.65
N ARG K 14 17.70 85.89 63.89
CA ARG K 14 16.57 85.09 64.36
C ARG K 14 16.31 83.87 63.48
N LEU K 15 17.36 83.40 62.80
CA LEU K 15 17.22 82.32 61.82
C LEU K 15 18.12 81.13 62.17
N ILE K 16 17.50 79.97 62.31
CA ILE K 16 18.23 78.74 62.61
C ILE K 16 18.21 77.77 61.43
N LEU K 17 19.39 77.40 60.95
CA LEU K 17 19.50 76.49 59.83
C LEU K 17 19.28 75.04 60.25
N ALA K 18 18.31 74.38 59.63
CA ALA K 18 18.08 72.96 59.83
C ALA K 18 18.87 72.16 58.80
N MET K 19 20.15 71.95 59.08
CA MET K 19 21.02 71.22 58.15
C MET K 19 20.72 69.72 58.18
N ASP K 20 19.87 69.28 57.25
CA ASP K 20 19.45 67.89 57.21
C ASP K 20 20.01 67.15 55.99
N LEU K 21 20.99 67.76 55.34
CA LEU K 21 21.70 67.09 54.27
C LEU K 21 22.45 65.90 54.85
N MET K 22 22.25 64.73 54.26
CA MET K 22 22.84 63.50 54.79
C MET K 22 24.23 63.25 54.20
N ASN K 23 24.72 64.23 53.45
CA ASN K 23 26.09 64.21 52.95
C ASN K 23 27.00 64.87 53.99
N ARG K 24 28.24 65.14 53.62
CA ARG K 24 29.14 65.86 54.50
C ARG K 24 29.70 67.08 53.79
N ASP K 25 30.18 66.88 52.57
CA ASP K 25 30.69 67.98 51.75
C ASP K 25 29.57 68.95 51.40
N ASP K 26 28.38 68.42 51.16
CA ASP K 26 27.22 69.25 50.87
C ASP K 26 26.80 70.02 52.11
N ALA K 27 26.84 69.35 53.26
CA ALA K 27 26.45 69.96 54.53
C ALA K 27 27.38 71.13 54.88
N LEU K 28 28.68 70.91 54.73
CA LEU K 28 29.67 71.93 55.04
C LEU K 28 29.64 73.08 54.04
N ARG K 29 29.43 72.76 52.76
CA ARG K 29 29.42 73.77 51.70
C ARG K 29 28.22 74.71 51.84
N VAL K 30 27.04 74.15 51.98
CA VAL K 30 25.81 74.93 52.11
C VAL K 30 25.84 75.81 53.36
N THR K 31 26.31 75.25 54.47
CA THR K 31 26.42 75.99 55.72
C THR K 31 27.39 77.16 55.58
N GLY K 32 28.47 76.93 54.84
CA GLY K 32 29.47 77.97 54.60
C GLY K 32 28.96 79.11 53.74
N GLU K 33 27.96 78.84 52.93
CA GLU K 33 27.37 79.86 52.07
C GLU K 33 26.42 80.76 52.84
N VAL K 34 25.87 80.24 53.93
CA VAL K 34 24.86 80.96 54.70
C VAL K 34 25.37 81.32 56.09
N ARG K 35 26.65 81.08 56.34
CA ARG K 35 27.23 81.36 57.65
C ARG K 35 27.21 82.85 57.97
N GLU K 36 27.23 83.67 56.93
CA GLU K 36 27.19 85.12 57.08
C GLU K 36 25.79 85.61 57.46
N TYR K 37 24.82 84.69 57.50
CA TYR K 37 23.45 85.05 57.82
C TYR K 37 22.98 84.40 59.13
N ILE K 38 23.45 83.19 59.39
CA ILE K 38 23.05 82.45 60.57
C ILE K 38 24.25 82.02 61.42
N ASP K 39 24.04 81.86 62.72
CA ASP K 39 25.09 81.42 63.62
C ASP K 39 24.63 80.24 64.47
N THR K 40 23.43 79.73 64.19
CA THR K 40 22.88 78.61 64.95
C THR K 40 22.34 77.54 64.00
N VAL K 41 22.84 76.32 64.15
CA VAL K 41 22.48 75.22 63.27
C VAL K 41 21.78 74.10 64.03
N LYS K 42 20.63 73.66 63.51
CA LYS K 42 19.93 72.51 64.09
C LYS K 42 20.33 71.23 63.36
N ILE K 43 21.08 70.38 64.05
CA ILE K 43 21.51 69.10 63.49
C ILE K 43 20.64 67.97 64.01
N GLY K 44 20.14 67.14 63.09
CA GLY K 44 19.28 66.03 63.45
C GLY K 44 19.87 64.67 63.09
N TYR K 45 19.12 63.62 63.38
CA TYR K 45 19.54 62.25 63.06
C TYR K 45 19.90 61.95 61.60
N PRO K 46 19.20 62.58 60.63
CA PRO K 46 19.60 62.39 59.23
C PRO K 46 21.09 62.63 58.97
N LEU K 47 21.63 63.74 59.44
CA LEU K 47 23.04 64.04 59.25
C LEU K 47 23.92 63.20 60.17
N VAL K 48 23.52 63.10 61.43
CA VAL K 48 24.31 62.40 62.46
C VAL K 48 24.53 60.92 62.15
N LEU K 49 23.45 60.21 61.87
CA LEU K 49 23.53 58.77 61.62
C LEU K 49 24.33 58.46 60.36
N SER K 50 24.47 59.44 59.47
CA SER K 50 25.17 59.23 58.21
C SER K 50 26.65 59.59 58.30
N GLU K 51 26.96 60.62 59.10
CA GLU K 51 28.33 61.12 59.16
C GLU K 51 28.98 60.95 60.54
N GLY K 52 28.23 60.43 61.50
CA GLY K 52 28.76 60.22 62.84
C GLY K 52 28.60 61.44 63.73
N MET K 53 28.70 61.24 65.04
CA MET K 53 28.52 62.32 66.00
C MET K 53 29.62 63.37 65.92
N ASP K 54 30.78 62.98 65.40
CA ASP K 54 31.90 63.90 65.25
C ASP K 54 31.59 65.05 64.30
N ILE K 55 30.48 64.93 63.56
CA ILE K 55 30.03 66.01 62.69
C ILE K 55 29.68 67.24 63.52
N ILE K 56 29.33 67.02 64.78
CA ILE K 56 28.99 68.12 65.68
C ILE K 56 30.24 68.92 66.04
N ALA K 57 31.35 68.20 66.24
CA ALA K 57 32.60 68.81 66.70
C ALA K 57 33.32 69.60 65.60
N GLU K 58 33.54 68.97 64.46
CA GLU K 58 34.26 69.60 63.34
C GLU K 58 33.43 70.72 62.71
N PHE K 59 32.34 71.08 63.37
CA PHE K 59 31.33 71.98 62.85
C PHE K 59 31.41 73.28 63.62
N ARG K 60 31.71 73.15 64.90
CA ARG K 60 31.96 74.30 65.75
C ARG K 60 33.34 74.84 65.43
N LYS K 61 34.27 73.93 65.11
CA LYS K 61 35.64 74.33 64.80
C LYS K 61 35.76 74.99 63.44
N ARG K 62 34.82 74.69 62.54
CA ARG K 62 34.90 75.20 61.17
C ARG K 62 34.07 76.47 60.98
N PHE K 63 32.99 76.59 61.74
CA PHE K 63 32.07 77.71 61.58
C PHE K 63 31.99 78.61 62.81
N GLY K 64 32.19 78.04 63.99
CA GLY K 64 32.07 78.79 65.22
C GLY K 64 30.62 79.10 65.53
N CYS K 65 29.75 78.12 65.31
CA CYS K 65 28.32 78.30 65.50
C CYS K 65 27.80 77.47 66.68
N ARG K 66 26.60 77.80 67.14
CA ARG K 66 25.96 77.06 68.22
C ARG K 66 25.19 75.87 67.66
N ILE K 67 25.13 74.79 68.43
CA ILE K 67 24.54 73.53 67.94
C ILE K 67 23.32 73.06 68.72
N ILE K 68 22.22 72.85 68.00
CA ILE K 68 21.01 72.29 68.57
C ILE K 68 20.75 70.89 68.03
N ALA K 69 20.86 69.89 68.90
CA ALA K 69 20.68 68.50 68.49
C ALA K 69 19.22 68.07 68.54
N ASP K 70 18.60 67.97 67.38
CA ASP K 70 17.20 67.55 67.29
C ASP K 70 17.11 66.03 67.32
N PHE K 71 17.31 65.46 68.50
CA PHE K 71 17.28 64.00 68.65
C PHE K 71 15.92 63.51 69.14
N LYS K 72 15.08 64.44 69.59
CA LYS K 72 13.74 64.13 70.09
C LYS K 72 13.74 62.95 71.04
N VAL K 73 14.60 63.01 72.04
CA VAL K 73 14.76 61.94 73.02
C VAL K 73 13.41 61.51 73.60
N ALA K 74 13.05 60.25 73.35
CA ALA K 74 11.75 59.74 73.77
C ALA K 74 11.86 58.32 74.31
N ASP K 75 12.76 58.12 75.27
CA ASP K 75 12.99 56.79 75.82
C ASP K 75 12.85 56.82 77.34
N ILE K 76 13.17 55.69 77.99
CA ILE K 76 13.17 55.62 79.44
C ILE K 76 14.26 56.55 80.01
N PRO K 77 14.08 57.00 81.27
CA PRO K 77 15.05 57.91 81.89
C PRO K 77 16.49 57.40 81.85
N GLU K 78 16.69 56.12 82.13
CA GLU K 78 18.03 55.52 82.09
C GLU K 78 18.69 55.73 80.73
N THR K 79 17.95 55.41 79.66
CA THR K 79 18.46 55.58 78.30
C THR K 79 18.59 57.05 77.94
N ASN K 80 17.62 57.85 78.37
CA ASN K 80 17.63 59.29 78.11
C ASN K 80 18.90 59.97 78.58
N GLU K 81 19.38 59.60 79.77
CA GLU K 81 20.60 60.17 80.33
C GLU K 81 21.83 59.83 79.49
N LYS K 82 21.91 58.59 79.05
CA LYS K 82 23.01 58.14 78.20
C LYS K 82 23.00 58.90 76.88
N ILE K 83 21.81 59.06 76.31
CA ILE K 83 21.66 59.81 75.06
C ILE K 83 22.05 61.28 75.24
N CYS K 84 21.57 61.88 76.31
CA CYS K 84 21.91 63.28 76.61
C CYS K 84 23.40 63.46 76.88
N ARG K 85 23.97 62.56 77.68
CA ARG K 85 25.38 62.64 78.03
C ARG K 85 26.27 62.54 76.79
N ALA K 86 25.98 61.57 75.93
CA ALA K 86 26.73 61.38 74.70
C ALA K 86 26.55 62.57 73.74
N THR K 87 25.34 63.12 73.73
CA THR K 87 25.03 64.28 72.89
C THR K 87 25.86 65.51 73.28
N PHE K 88 25.82 65.84 74.57
CA PHE K 88 26.58 66.99 75.07
C PHE K 88 28.07 66.73 74.99
N LYS K 89 28.46 65.46 75.12
CA LYS K 89 29.86 65.05 74.98
C LYS K 89 30.37 65.37 73.57
N ALA K 90 29.48 65.29 72.59
CA ALA K 90 29.84 65.55 71.21
C ALA K 90 30.00 67.05 70.92
N GLY K 91 29.64 67.87 71.89
CA GLY K 91 29.82 69.31 71.77
C GLY K 91 28.56 70.07 71.45
N ALA K 92 27.41 69.41 71.59
CA ALA K 92 26.12 70.06 71.37
C ALA K 92 25.79 71.03 72.50
N ASP K 93 25.24 72.18 72.15
CA ASP K 93 24.86 73.18 73.15
C ASP K 93 23.49 72.87 73.73
N ALA K 94 22.60 72.34 72.89
CA ALA K 94 21.24 72.01 73.33
C ALA K 94 20.68 70.79 72.61
N ILE K 95 19.83 70.04 73.31
CA ILE K 95 19.19 68.88 72.71
C ILE K 95 17.67 69.00 72.82
N ILE K 96 16.98 68.75 71.72
CA ILE K 96 15.52 68.86 71.69
C ILE K 96 14.90 67.60 72.31
N VAL K 97 14.36 67.76 73.50
CA VAL K 97 13.78 66.66 74.24
C VAL K 97 12.28 66.60 73.95
N HIS K 98 11.70 65.41 74.12
CA HIS K 98 10.32 65.15 73.73
C HIS K 98 9.43 64.95 74.95
N GLY K 99 8.26 65.60 74.93
CA GLY K 99 7.41 65.67 76.10
C GLY K 99 6.45 64.51 76.31
N PHE K 100 5.98 63.93 75.21
CA PHE K 100 4.98 62.86 75.24
C PHE K 100 5.27 61.66 76.17
N PRO K 101 6.52 61.13 76.16
CA PRO K 101 6.79 59.96 77.01
C PRO K 101 6.49 60.14 78.49
N GLY K 102 6.73 61.33 79.04
CA GLY K 102 6.42 61.56 80.44
C GLY K 102 7.30 62.58 81.14
N ALA K 103 7.05 62.75 82.44
CA ALA K 103 7.74 63.76 83.23
C ALA K 103 9.14 63.33 83.65
N ASP K 104 9.26 62.10 84.12
CA ASP K 104 10.55 61.60 84.61
C ASP K 104 11.56 61.43 83.47
N SER K 105 11.06 61.15 82.28
CA SER K 105 11.91 61.03 81.10
C SER K 105 12.40 62.41 80.65
N VAL K 106 11.57 63.43 80.86
CA VAL K 106 11.95 64.80 80.58
C VAL K 106 12.92 65.31 81.65
N ARG K 107 12.60 64.99 82.91
CA ARG K 107 13.42 65.43 84.04
C ARG K 107 14.79 64.75 84.03
N ALA K 108 14.86 63.56 83.45
CA ALA K 108 16.12 62.84 83.32
C ALA K 108 17.07 63.59 82.38
N CYS K 109 16.50 64.25 81.38
CA CYS K 109 17.27 65.05 80.43
C CYS K 109 17.69 66.37 81.05
N LEU K 110 16.85 66.89 81.94
CA LEU K 110 17.16 68.13 82.65
C LEU K 110 18.35 67.94 83.58
N ASN K 111 18.42 66.77 84.21
CA ASN K 111 19.51 66.43 85.12
C ASN K 111 20.88 66.51 84.45
N VAL K 112 20.99 65.88 83.28
CA VAL K 112 22.25 65.83 82.56
C VAL K 112 22.66 67.21 82.05
N ALA K 113 21.69 67.96 81.54
CA ALA K 113 21.97 69.29 81.00
C ALA K 113 22.45 70.25 82.09
N GLU K 114 21.82 70.19 83.25
CA GLU K 114 22.22 71.02 84.38
C GLU K 114 23.62 70.64 84.86
N GLU K 115 23.88 69.34 84.93
CA GLU K 115 25.16 68.82 85.40
C GLU K 115 26.30 69.13 84.42
N MET K 116 25.94 69.37 83.17
CA MET K 116 26.94 69.63 82.14
C MET K 116 26.89 71.07 81.65
N GLY K 117 25.92 71.83 82.14
CA GLY K 117 25.77 73.22 81.78
C GLY K 117 25.33 73.40 80.35
N ARG K 118 24.26 72.69 79.97
CA ARG K 118 23.73 72.77 78.62
C ARG K 118 22.23 73.03 78.65
N GLU K 119 21.65 73.26 77.47
CA GLU K 119 20.23 73.60 77.39
C GLU K 119 19.36 72.42 76.95
N VAL K 120 18.07 72.52 77.25
CA VAL K 120 17.10 71.51 76.85
C VAL K 120 15.87 72.16 76.23
N PHE K 121 15.56 71.79 75.00
CA PHE K 121 14.35 72.27 74.34
C PHE K 121 13.25 71.21 74.42
N LEU K 122 12.06 71.63 74.84
CA LEU K 122 10.94 70.72 74.96
C LEU K 122 9.99 70.82 73.77
N LEU K 123 9.88 69.73 73.01
CA LEU K 123 8.95 69.66 71.89
C LEU K 123 7.56 69.30 72.37
N THR K 124 6.69 70.30 72.49
CA THR K 124 5.34 70.08 72.98
C THR K 124 4.42 69.60 71.87
N GLU K 125 4.41 70.33 70.75
CA GLU K 125 3.55 70.00 69.63
C GLU K 125 4.35 69.97 68.33
N MET K 126 4.03 69.01 67.46
CA MET K 126 4.74 68.89 66.18
C MET K 126 3.99 69.56 65.04
N SER K 127 4.67 69.77 63.92
CA SER K 127 4.12 70.59 62.84
C SER K 127 3.50 69.78 61.68
N HIS K 128 3.81 68.49 61.61
CA HIS K 128 3.27 67.64 60.55
C HIS K 128 1.77 67.39 60.76
N PRO K 129 1.03 67.16 59.66
CA PRO K 129 -0.42 66.97 59.69
C PRO K 129 -0.90 65.89 60.67
N GLY K 130 -0.13 64.83 60.82
CA GLY K 130 -0.53 63.72 61.67
C GLY K 130 -0.36 63.96 63.15
N ALA K 131 0.08 65.15 63.52
CA ALA K 131 0.31 65.48 64.93
C ALA K 131 -0.99 65.83 65.66
N GLU K 132 -2.10 65.79 64.94
CA GLU K 132 -3.39 66.15 65.52
C GLU K 132 -4.08 64.95 66.18
N MET K 133 -3.58 63.74 65.89
CA MET K 133 -4.23 62.53 66.36
C MET K 133 -3.90 62.20 67.82
N PHE K 134 -2.74 62.64 68.29
CA PHE K 134 -2.30 62.31 69.63
C PHE K 134 -1.57 63.45 70.33
N ILE K 135 -0.82 64.25 69.58
CA ILE K 135 0.04 65.28 70.17
C ILE K 135 -0.70 66.59 70.44
N GLN K 136 -1.53 67.02 69.49
CA GLN K 136 -2.23 68.30 69.61
C GLN K 136 -3.23 68.28 70.76
N GLY K 137 -3.72 67.09 71.11
CA GLY K 137 -4.68 66.94 72.19
C GLY K 137 -4.04 66.99 73.55
N ALA K 138 -2.72 66.81 73.61
CA ALA K 138 -1.99 66.82 74.87
C ALA K 138 -0.90 67.90 74.88
N ALA K 139 -0.93 68.77 73.88
CA ALA K 139 0.08 69.82 73.75
C ALA K 139 0.07 70.76 74.96
N ASP K 140 -1.11 71.23 75.34
CA ASP K 140 -1.24 72.11 76.50
C ASP K 140 -0.80 71.39 77.77
N GLU K 141 -1.10 70.10 77.86
CA GLU K 141 -0.70 69.29 79.00
C GLU K 141 0.83 69.20 79.10
N ILE K 142 1.47 68.89 77.99
CA ILE K 142 2.93 68.79 77.93
C ILE K 142 3.57 70.14 78.22
N ALA K 143 2.98 71.20 77.68
CA ALA K 143 3.48 72.55 77.88
C ALA K 143 3.47 72.93 79.35
N ARG K 144 2.38 72.59 80.04
CA ARG K 144 2.26 72.88 81.47
C ARG K 144 3.15 71.96 82.30
N MET K 145 3.51 70.81 81.73
CA MET K 145 4.39 69.87 82.40
C MET K 145 5.81 70.42 82.49
N GLY K 146 6.30 70.95 81.37
CA GLY K 146 7.65 71.50 81.30
C GLY K 146 7.85 72.67 82.25
N VAL K 147 6.79 73.44 82.45
CA VAL K 147 6.85 74.58 83.36
C VAL K 147 7.07 74.12 84.79
N ASP K 148 6.38 73.05 85.18
CA ASP K 148 6.51 72.51 86.53
C ASP K 148 7.92 71.99 86.78
N LEU K 149 8.59 71.55 85.72
CA LEU K 149 9.94 71.01 85.81
C LEU K 149 10.98 72.10 85.60
N GLY K 150 10.52 73.30 85.25
CA GLY K 150 11.40 74.44 85.07
C GLY K 150 12.11 74.49 83.73
N VAL K 151 11.40 74.09 82.68
CA VAL K 151 11.96 74.14 81.33
C VAL K 151 11.92 75.57 80.79
N LYS K 152 13.07 76.02 80.29
CA LYS K 152 13.20 77.41 79.83
C LYS K 152 13.09 77.52 78.31
N ASN K 153 13.38 76.44 77.60
CA ASN K 153 13.39 76.47 76.14
C ASN K 153 12.41 75.48 75.52
N TYR K 154 11.60 75.95 74.57
CA TYR K 154 10.55 75.13 73.98
C TYR K 154 10.57 75.14 72.46
N VAL K 155 9.86 74.19 71.86
CA VAL K 155 9.74 74.09 70.41
C VAL K 155 8.26 74.05 70.01
N GLY K 156 7.86 74.93 69.10
CA GLY K 156 6.47 75.03 68.69
C GLY K 156 6.28 75.01 67.18
N PRO K 157 5.12 74.52 66.73
CA PRO K 157 4.78 74.42 65.30
C PRO K 157 4.58 75.79 64.65
N SER K 158 5.11 75.96 63.45
CA SER K 158 4.92 77.18 62.68
C SER K 158 3.75 77.01 61.70
N THR K 159 3.39 75.76 61.46
CA THR K 159 2.30 75.43 60.56
C THR K 159 0.96 75.86 61.13
N ARG K 160 0.87 75.87 62.46
CA ARG K 160 -0.33 76.30 63.16
C ARG K 160 -0.04 77.49 64.06
N PRO K 161 -0.11 78.71 63.50
CA PRO K 161 0.15 79.96 64.23
C PRO K 161 -0.82 80.16 65.39
N GLU K 162 -1.99 79.55 65.28
CA GLU K 162 -3.00 79.63 66.34
C GLU K 162 -2.54 78.92 67.60
N ARG K 163 -1.91 77.76 67.43
CA ARG K 163 -1.41 77.00 68.56
C ARG K 163 -0.09 77.55 69.08
N LEU K 164 0.60 78.31 68.23
CA LEU K 164 1.87 78.93 68.61
C LEU K 164 1.62 80.11 69.53
N SER K 165 0.44 80.71 69.42
CA SER K 165 0.06 81.85 70.25
C SER K 165 -0.36 81.39 71.64
N ARG K 166 -0.92 80.19 71.73
CA ARG K 166 -1.37 79.65 73.00
C ARG K 166 -0.20 79.18 73.84
N LEU K 167 0.77 78.54 73.18
CA LEU K 167 1.95 78.02 73.86
C LEU K 167 2.78 79.12 74.51
N ARG K 168 2.77 80.30 73.90
CA ARG K 168 3.59 81.42 74.36
C ARG K 168 3.28 81.85 75.80
N GLU K 169 2.04 82.21 76.08
CA GLU K 169 1.69 82.71 77.41
C GLU K 169 1.57 81.59 78.44
N ILE K 170 1.51 80.34 77.97
CA ILE K 170 1.54 79.20 78.86
C ILE K 170 2.91 79.11 79.52
N ILE K 171 3.95 79.32 78.71
CA ILE K 171 5.33 79.26 79.19
C ILE K 171 5.87 80.65 79.56
N GLY K 172 5.08 81.68 79.27
CA GLY K 172 5.48 83.04 79.57
C GLY K 172 6.46 83.61 78.57
N GLN K 173 6.72 84.92 78.66
CA GLN K 173 7.63 85.57 77.74
C GLN K 173 9.08 85.48 78.21
N ASP K 174 9.28 84.88 79.39
CA ASP K 174 10.63 84.66 79.90
C ASP K 174 11.18 83.34 79.39
N SER K 175 10.36 82.61 78.64
CA SER K 175 10.78 81.34 78.05
C SER K 175 11.25 81.54 76.62
N PHE K 176 12.23 80.75 76.20
CA PHE K 176 12.77 80.82 74.86
C PHE K 176 12.03 79.84 73.95
N LEU K 177 11.62 80.31 72.78
CA LEU K 177 10.81 79.50 71.88
C LEU K 177 11.33 79.55 70.45
N ILE K 178 11.62 78.38 69.89
CA ILE K 178 11.99 78.27 68.48
C ILE K 178 10.88 77.52 67.72
N SER K 179 10.83 77.72 66.41
CA SER K 179 9.73 77.15 65.62
C SER K 179 10.16 76.64 64.25
N PRO K 180 10.13 75.30 64.07
CA PRO K 180 10.41 74.66 62.79
C PRO K 180 9.16 74.59 61.94
N GLY K 181 9.27 74.07 60.73
CA GLY K 181 8.13 73.96 59.84
C GLY K 181 7.92 75.22 59.02
N VAL K 182 8.93 76.07 58.99
CA VAL K 182 8.87 77.32 58.23
C VAL K 182 9.38 77.10 56.80
N GLY K 183 8.52 77.40 55.84
CA GLY K 183 8.89 77.27 54.43
C GLY K 183 8.23 76.11 53.73
N ALA K 184 8.95 74.99 53.64
CA ALA K 184 8.48 73.82 52.92
C ALA K 184 7.21 73.22 53.52
N GLN K 185 7.07 73.30 54.83
CA GLN K 185 5.90 72.75 55.52
C GLN K 185 4.73 73.72 55.51
N GLY K 186 4.98 74.95 55.09
CA GLY K 186 3.93 75.94 54.99
C GLY K 186 3.75 76.77 56.25
N GLY K 187 4.58 77.80 56.39
CA GLY K 187 4.52 78.69 57.54
C GLY K 187 5.29 79.97 57.28
N ASP K 188 4.61 81.10 57.34
CA ASP K 188 5.24 82.39 57.07
C ASP K 188 6.26 82.73 58.15
N PRO K 189 7.49 83.06 57.73
CA PRO K 189 8.60 83.38 58.63
C PRO K 189 8.33 84.63 59.48
N GLY K 190 7.57 85.58 58.92
CA GLY K 190 7.26 86.80 59.62
C GLY K 190 6.12 86.65 60.60
N GLU K 191 5.11 85.86 60.22
CA GLU K 191 3.94 85.64 61.06
C GLU K 191 4.30 84.72 62.23
N THR K 192 5.25 83.83 61.99
CA THR K 192 5.70 82.90 63.01
C THR K 192 6.51 83.63 64.09
N LEU K 193 7.36 84.57 63.66
CA LEU K 193 8.21 85.31 64.57
C LEU K 193 7.45 86.25 65.50
N ARG K 194 6.15 86.40 65.26
CA ARG K 194 5.30 87.20 66.12
C ARG K 194 5.17 86.56 67.49
N PHE K 195 5.31 85.23 67.54
CA PHE K 195 5.11 84.48 68.77
C PHE K 195 6.35 83.65 69.14
N ALA K 196 7.31 83.60 68.23
CA ALA K 196 8.53 82.82 68.45
C ALA K 196 9.77 83.71 68.46
N ASP K 197 10.78 83.30 69.22
CA ASP K 197 12.03 84.05 69.30
C ASP K 197 12.87 83.84 68.04
N ALA K 198 12.85 82.63 67.52
CA ALA K 198 13.59 82.30 66.31
C ALA K 198 12.85 81.26 65.48
N ILE K 199 13.09 81.26 64.17
CA ILE K 199 12.50 80.27 63.29
C ILE K 199 13.55 79.27 62.81
N ILE K 200 13.10 78.06 62.49
CA ILE K 200 13.99 77.04 61.96
C ILE K 200 13.63 76.76 60.51
N VAL K 201 14.57 77.02 59.61
CA VAL K 201 14.34 76.83 58.18
C VAL K 201 15.32 75.82 57.58
N GLY K 202 14.79 74.80 56.93
CA GLY K 202 15.61 73.76 56.35
C GLY K 202 15.62 73.76 54.83
N ARG K 203 14.76 72.92 54.24
CA ARG K 203 14.74 72.69 52.80
C ARG K 203 14.62 73.98 51.97
N SER K 204 13.99 74.99 52.53
CA SER K 204 13.83 76.28 51.84
C SER K 204 15.17 76.97 51.61
N ILE K 205 16.20 76.52 52.33
CA ILE K 205 17.53 77.07 52.16
C ILE K 205 18.51 76.08 51.52
N TYR K 206 18.62 74.89 52.08
CA TYR K 206 19.64 73.93 51.63
C TYR K 206 19.27 73.17 50.35
N LEU K 207 18.07 73.39 49.83
CA LEU K 207 17.67 72.76 48.57
C LEU K 207 17.45 73.78 47.47
N ALA K 208 17.53 75.06 47.82
CA ALA K 208 17.37 76.14 46.84
C ALA K 208 18.57 76.18 45.91
N ASP K 209 18.37 76.80 44.74
CA ASP K 209 19.44 76.94 43.75
C ASP K 209 20.63 77.72 44.33
N ASN K 210 20.32 78.82 45.01
CA ASN K 210 21.35 79.62 45.66
C ASN K 210 21.00 79.84 47.13
N PRO K 211 21.51 78.98 48.02
CA PRO K 211 21.21 79.03 49.45
C PRO K 211 21.64 80.34 50.10
N ALA K 212 22.69 80.96 49.58
CA ALA K 212 23.15 82.24 50.09
C ALA K 212 22.10 83.32 49.83
N ALA K 213 21.41 83.20 48.71
CA ALA K 213 20.34 84.12 48.35
C ALA K 213 19.06 83.77 49.08
N ALA K 214 18.85 82.47 49.28
CA ALA K 214 17.67 81.97 49.99
C ALA K 214 17.66 82.44 51.44
N ALA K 215 18.82 82.44 52.07
CA ALA K 215 18.94 82.89 53.45
C ALA K 215 18.70 84.39 53.54
N ALA K 216 19.31 85.15 52.63
CA ALA K 216 19.18 86.60 52.60
C ALA K 216 17.77 87.04 52.27
N GLY K 217 17.07 86.24 51.45
CA GLY K 217 15.71 86.54 51.06
C GLY K 217 14.73 86.45 52.21
N ILE K 218 14.92 85.44 53.07
CA ILE K 218 14.07 85.26 54.23
C ILE K 218 14.30 86.38 55.24
N ILE K 219 15.57 86.75 55.42
CA ILE K 219 15.93 87.84 56.32
C ILE K 219 15.40 89.17 55.79
N GLU K 220 15.37 89.32 54.47
CA GLU K 220 14.88 90.53 53.83
C GLU K 220 13.44 90.86 54.22
N SER K 221 12.58 89.85 54.23
CA SER K 221 11.19 90.03 54.61
C SER K 221 11.04 90.09 56.14
N ILE K 222 12.09 89.66 56.84
CA ILE K 222 12.07 89.58 58.28
C ILE K 222 12.78 90.78 58.91
N LYS K 223 13.62 91.44 58.12
CA LYS K 223 14.39 92.61 58.53
C LYS K 223 13.54 93.66 59.26
N ASP K 224 12.25 93.68 58.95
CA ASP K 224 11.30 94.55 59.64
C ASP K 224 11.25 94.20 61.13
N LEU K 225 11.43 92.91 61.42
CA LEU K 225 11.43 92.42 62.80
C LEU K 225 12.85 92.30 63.35
N ASP L 10 11.24 34.79 64.55
CA ASP L 10 11.73 33.60 65.25
C ASP L 10 13.07 33.86 65.92
N VAL L 11 13.03 34.12 67.23
CA VAL L 11 14.25 34.37 67.99
C VAL L 11 14.67 33.11 68.73
N MET L 12 15.96 32.77 68.62
CA MET L 12 16.51 31.62 69.32
C MET L 12 16.35 31.74 70.84
N ASN L 13 15.79 30.70 71.45
CA ASN L 13 15.53 30.66 72.89
C ASN L 13 14.58 31.76 73.38
N ARG L 14 13.93 32.43 72.43
CA ARG L 14 12.97 33.50 72.74
C ARG L 14 13.58 34.64 73.57
N LEU L 15 14.90 34.79 73.47
CA LEU L 15 15.62 35.80 74.25
C LEU L 15 16.34 36.79 73.35
N ILE L 16 16.05 38.08 73.56
CA ILE L 16 16.68 39.13 72.76
C ILE L 16 17.61 39.99 73.60
N LEU L 17 18.90 39.95 73.28
CA LEU L 17 19.89 40.74 74.01
C LEU L 17 19.78 42.22 73.68
N ALA L 18 19.73 43.05 74.72
CA ALA L 18 19.75 44.50 74.54
C ALA L 18 21.13 45.02 74.91
N MET L 19 21.94 45.31 73.88
CA MET L 19 23.30 45.79 74.10
C MET L 19 23.33 47.32 74.18
N ASP L 20 23.28 47.83 75.41
CA ASP L 20 23.26 49.28 75.62
C ASP L 20 24.55 49.79 76.25
N LEU L 21 25.58 48.93 76.26
CA LEU L 21 26.91 49.36 76.65
C LEU L 21 27.43 50.35 75.62
N MET L 22 28.01 51.45 76.10
CA MET L 22 28.45 52.51 75.21
C MET L 22 29.89 52.34 74.76
N ASN L 23 30.47 51.18 75.05
CA ASN L 23 31.82 50.87 74.61
C ASN L 23 31.84 49.76 73.55
N ARG L 24 32.72 49.90 72.56
CA ARG L 24 32.81 48.91 71.49
C ARG L 24 33.35 47.58 72.01
N ASP L 25 34.46 47.63 72.74
CA ASP L 25 35.11 46.42 73.24
C ASP L 25 34.23 45.66 74.23
N ASP L 26 33.50 46.39 75.06
CA ASP L 26 32.57 45.78 76.00
C ASP L 26 31.40 45.11 75.28
N ALA L 27 30.87 45.80 74.27
CA ALA L 27 29.70 45.33 73.54
C ALA L 27 29.99 44.04 72.78
N LEU L 28 31.09 44.02 72.05
CA LEU L 28 31.47 42.86 71.26
C LEU L 28 31.90 41.70 72.15
N ARG L 29 32.40 42.02 73.35
CA ARG L 29 32.81 40.99 74.29
C ARG L 29 31.61 40.24 74.83
N VAL L 30 30.68 40.98 75.43
CA VAL L 30 29.49 40.40 76.05
C VAL L 30 28.59 39.70 75.03
N THR L 31 28.44 40.29 73.86
CA THR L 31 27.63 39.69 72.80
C THR L 31 28.18 38.34 72.39
N GLY L 32 29.50 38.25 72.29
CA GLY L 32 30.17 37.01 71.93
C GLY L 32 30.00 35.93 72.98
N GLU L 33 30.04 36.33 74.25
CA GLU L 33 29.95 35.39 75.36
C GLU L 33 28.57 34.74 75.44
N VAL L 34 27.56 35.40 74.87
CA VAL L 34 26.20 34.89 74.93
C VAL L 34 25.65 34.53 73.56
N ARG L 35 26.53 34.48 72.56
CA ARG L 35 26.12 34.19 71.19
C ARG L 35 25.57 32.77 71.04
N GLU L 36 26.00 31.88 71.93
CA GLU L 36 25.53 30.49 71.92
C GLU L 36 24.06 30.39 72.32
N TYR L 37 23.57 31.37 73.07
CA TYR L 37 22.22 31.33 73.61
C TYR L 37 21.21 32.17 72.83
N ILE L 38 21.67 33.31 72.31
CA ILE L 38 20.78 34.22 71.58
C ILE L 38 21.23 34.39 70.13
N ASP L 39 20.32 34.85 69.28
CA ASP L 39 20.65 35.10 67.88
C ASP L 39 20.08 36.42 67.38
N THR L 40 19.49 37.18 68.29
CA THR L 40 18.89 38.47 67.95
C THR L 40 19.35 39.55 68.93
N VAL L 41 19.91 40.63 68.40
CA VAL L 41 20.43 41.70 69.24
C VAL L 41 19.72 43.02 68.97
N LYS L 42 19.22 43.65 70.02
CA LYS L 42 18.63 44.98 69.92
C LYS L 42 19.66 46.05 70.26
N ILE L 43 20.00 46.87 69.28
CA ILE L 43 20.98 47.94 69.47
C ILE L 43 20.32 49.30 69.40
N GLY L 44 20.61 50.14 70.40
CA GLY L 44 20.00 51.46 70.48
C GLY L 44 20.98 52.61 70.41
N TYR L 45 20.46 53.82 70.58
CA TYR L 45 21.26 55.04 70.49
C TYR L 45 22.51 55.15 71.37
N PRO L 46 22.44 54.73 72.65
CA PRO L 46 23.64 54.85 73.49
C PRO L 46 24.88 54.16 72.90
N LEU L 47 24.71 53.00 72.29
CA LEU L 47 25.83 52.32 71.65
C LEU L 47 26.12 52.91 70.28
N VAL L 48 25.07 53.20 69.53
CA VAL L 48 25.19 53.76 68.17
C VAL L 48 25.84 55.14 68.15
N LEU L 49 25.40 56.03 69.04
CA LEU L 49 25.94 57.39 69.06
C LEU L 49 27.37 57.43 69.56
N SER L 50 27.81 56.37 70.24
CA SER L 50 29.15 56.33 70.80
C SER L 50 30.17 55.74 69.82
N GLU L 51 29.73 54.77 69.04
CA GLU L 51 30.64 54.04 68.16
C GLU L 51 30.35 54.25 66.67
N GLY L 52 29.19 54.82 66.37
CA GLY L 52 28.80 55.05 65.00
C GLY L 52 27.90 53.95 64.48
N MET L 53 27.24 54.20 63.35
CA MET L 53 26.30 53.24 62.78
C MET L 53 26.98 52.00 62.21
N ASP L 54 28.30 52.07 62.02
CA ASP L 54 29.06 50.95 61.50
C ASP L 54 29.10 49.76 62.46
N ILE L 55 28.72 50.00 63.71
CA ILE L 55 28.69 48.94 64.71
C ILE L 55 27.62 47.90 64.35
N ILE L 56 26.58 48.34 63.65
CA ILE L 56 25.53 47.45 63.20
C ILE L 56 26.06 46.45 62.19
N ALA L 57 26.71 46.96 61.15
CA ALA L 57 27.31 46.12 60.12
C ALA L 57 28.40 45.24 60.70
N GLU L 58 29.12 45.76 61.69
CA GLU L 58 30.17 45.00 62.35
C GLU L 58 29.58 43.87 63.19
N PHE L 59 28.43 44.15 63.80
CA PHE L 59 27.74 43.15 64.62
C PHE L 59 27.22 41.97 63.80
N ARG L 60 26.66 42.28 62.64
CA ARG L 60 26.11 41.24 61.75
C ARG L 60 27.20 40.34 61.21
N LYS L 61 28.22 40.94 60.62
CA LYS L 61 29.30 40.20 59.99
C LYS L 61 30.10 39.33 60.98
N ARG L 62 30.13 39.75 62.24
CA ARG L 62 30.85 39.00 63.28
C ARG L 62 30.04 37.83 63.83
N PHE L 63 28.79 38.08 64.19
CA PHE L 63 27.99 37.10 64.90
C PHE L 63 26.88 36.47 64.07
N GLY L 64 26.58 37.08 62.92
CA GLY L 64 25.54 36.56 62.03
C GLY L 64 24.16 36.64 62.67
N CYS L 65 23.94 37.70 63.45
CA CYS L 65 22.70 37.85 64.19
C CYS L 65 21.78 38.90 63.59
N ARG L 66 20.50 38.79 63.91
CA ARG L 66 19.52 39.81 63.55
C ARG L 66 19.80 41.08 64.34
N ILE L 67 19.55 42.23 63.74
CA ILE L 67 19.77 43.50 64.42
C ILE L 67 18.52 44.37 64.43
N ILE L 68 17.95 44.57 65.61
CA ILE L 68 16.81 45.45 65.77
C ILE L 68 17.26 46.80 66.29
N ALA L 69 17.09 47.84 65.47
CA ALA L 69 17.46 49.20 65.88
C ALA L 69 16.37 49.83 66.73
N ASP L 70 16.59 49.86 68.04
CA ASP L 70 15.66 50.49 68.96
C ASP L 70 15.87 52.00 68.93
N PHE L 71 15.36 52.64 67.88
CA PHE L 71 15.60 54.06 67.67
C PHE L 71 14.41 54.93 68.08
N LYS L 72 13.25 54.32 68.26
CA LYS L 72 12.03 55.02 68.64
C LYS L 72 11.78 56.25 67.78
N VAL L 73 11.73 56.04 66.47
CA VAL L 73 11.60 57.12 65.51
C VAL L 73 10.31 57.92 65.75
N ALA L 74 10.47 59.22 65.98
CA ALA L 74 9.33 60.08 66.29
C ALA L 74 9.51 61.47 65.73
N ASP L 75 9.62 61.57 64.41
CA ASP L 75 9.73 62.85 63.73
C ASP L 75 8.64 62.95 62.68
N ILE L 76 8.66 64.03 61.89
CA ILE L 76 7.74 64.19 60.78
C ILE L 76 8.04 63.16 59.69
N PRO L 77 7.05 62.82 58.85
CA PRO L 77 7.22 61.81 57.78
C PRO L 77 8.48 62.00 56.93
N GLU L 78 8.76 63.24 56.53
CA GLU L 78 9.92 63.53 55.69
C GLU L 78 11.22 63.07 56.35
N THR L 79 11.32 63.29 57.66
CA THR L 79 12.52 62.95 58.41
C THR L 79 12.55 61.47 58.78
N ASN L 80 11.38 60.93 59.13
CA ASN L 80 11.26 59.49 59.40
C ASN L 80 11.75 58.66 58.22
N GLU L 81 11.46 59.13 57.01
CA GLU L 81 11.94 58.49 55.78
C GLU L 81 13.45 58.35 55.79
N LYS L 82 14.12 59.48 56.01
CA LYS L 82 15.59 59.53 55.96
C LYS L 82 16.23 58.68 57.05
N ILE L 83 15.65 58.72 58.25
CA ILE L 83 16.16 57.96 59.38
C ILE L 83 16.04 56.45 59.13
N CYS L 84 14.87 56.01 58.67
CA CYS L 84 14.66 54.61 58.35
C CYS L 84 15.55 54.15 57.20
N ARG L 85 15.72 55.04 56.22
CA ARG L 85 16.54 54.72 55.06
C ARG L 85 18.01 54.61 55.44
N ALA L 86 18.45 55.47 56.37
CA ALA L 86 19.82 55.43 56.84
C ALA L 86 20.07 54.22 57.74
N THR L 87 19.07 53.87 58.53
CA THR L 87 19.17 52.75 59.46
C THR L 87 19.30 51.42 58.72
N PHE L 88 18.44 51.24 57.71
CA PHE L 88 18.48 50.02 56.91
C PHE L 88 19.72 49.96 56.02
N LYS L 89 20.25 51.13 55.67
CA LYS L 89 21.50 51.19 54.93
C LYS L 89 22.64 50.68 55.80
N ALA L 90 22.52 50.87 57.10
CA ALA L 90 23.53 50.41 58.06
C ALA L 90 23.45 48.90 58.26
N GLY L 91 22.38 48.30 57.77
CA GLY L 91 22.25 46.85 57.78
C GLY L 91 21.21 46.29 58.73
N ALA L 92 20.48 47.17 59.41
CA ALA L 92 19.48 46.74 60.38
C ALA L 92 18.38 45.91 59.72
N ASP L 93 17.87 44.91 60.45
CA ASP L 93 16.81 44.06 59.93
C ASP L 93 15.44 44.61 60.31
N ALA L 94 15.43 45.44 61.35
CA ALA L 94 14.19 46.05 61.81
C ALA L 94 14.48 47.38 62.51
N ILE L 95 13.42 48.13 62.78
CA ILE L 95 13.55 49.39 63.49
C ILE L 95 12.30 49.66 64.33
N ILE L 96 12.48 50.20 65.53
CA ILE L 96 11.37 50.49 66.42
C ILE L 96 10.90 51.93 66.26
N VAL L 97 9.60 52.11 66.00
CA VAL L 97 9.04 53.41 65.70
C VAL L 97 7.94 53.79 66.69
N HIS L 98 7.96 55.02 67.17
CA HIS L 98 6.89 55.53 68.03
C HIS L 98 5.60 55.69 67.24
N GLY L 99 4.46 55.57 67.91
CA GLY L 99 3.17 55.64 67.26
C GLY L 99 2.43 56.95 67.47
N PHE L 100 2.66 57.59 68.60
CA PHE L 100 1.97 58.85 68.91
C PHE L 100 2.18 60.03 67.94
N PRO L 101 3.34 60.12 67.24
CA PRO L 101 3.44 61.25 66.30
C PRO L 101 2.39 61.25 65.18
N GLY L 102 1.71 60.13 64.96
CA GLY L 102 0.64 60.09 63.99
C GLY L 102 0.75 58.98 62.96
N ALA L 103 -0.24 58.91 62.07
CA ALA L 103 -0.30 57.86 61.06
C ALA L 103 0.71 58.09 59.95
N ASP L 104 0.84 59.34 59.50
CA ASP L 104 1.74 59.67 58.42
C ASP L 104 3.21 59.47 58.78
N SER L 105 3.51 59.46 60.07
CA SER L 105 4.88 59.21 60.54
C SER L 105 5.18 57.72 60.55
N VAL L 106 4.21 56.92 60.98
CA VAL L 106 4.35 55.47 60.99
C VAL L 106 4.31 54.94 59.54
N ARG L 107 3.46 55.56 58.73
CA ARG L 107 3.33 55.20 57.32
C ARG L 107 4.66 55.38 56.58
N ALA L 108 5.32 56.51 56.85
CA ALA L 108 6.60 56.83 56.20
C ALA L 108 7.65 55.75 56.47
N CYS L 109 7.62 55.22 57.68
CA CYS L 109 8.55 54.16 58.06
C CYS L 109 8.22 52.86 57.32
N LEU L 110 6.93 52.54 57.27
CA LEU L 110 6.47 51.33 56.60
C LEU L 110 6.84 51.33 55.12
N ASN L 111 6.78 52.52 54.51
CA ASN L 111 7.05 52.64 53.08
C ASN L 111 8.52 52.46 52.73
N VAL L 112 9.40 52.75 53.68
CA VAL L 112 10.82 52.52 53.48
C VAL L 112 11.17 51.05 53.69
N ALA L 113 10.62 50.47 54.76
CA ALA L 113 10.89 49.08 55.11
C ALA L 113 10.36 48.10 54.07
N GLU L 114 9.16 48.35 53.56
CA GLU L 114 8.58 47.50 52.54
C GLU L 114 9.41 47.55 51.26
N GLU L 115 9.88 48.75 50.93
CA GLU L 115 10.71 48.96 49.76
C GLU L 115 12.04 48.22 49.87
N MET L 116 12.65 48.27 51.05
CA MET L 116 13.97 47.67 51.25
C MET L 116 13.88 46.24 51.77
N GLY L 117 12.66 45.79 52.06
CA GLY L 117 12.45 44.43 52.54
C GLY L 117 12.91 44.24 53.97
N ARG L 118 12.54 45.17 54.84
CA ARG L 118 12.88 45.11 56.26
C ARG L 118 11.63 45.23 57.13
N GLU L 119 11.81 45.30 58.44
CA GLU L 119 10.69 45.28 59.37
C GLU L 119 10.53 46.59 60.13
N VAL L 120 9.30 46.89 60.53
CA VAL L 120 9.01 48.06 61.37
C VAL L 120 8.28 47.61 62.63
N PHE L 121 8.82 47.96 63.79
CA PHE L 121 8.20 47.65 65.07
C PHE L 121 7.52 48.88 65.66
N LEU L 122 6.21 48.79 65.86
CA LEU L 122 5.44 49.90 66.39
C LEU L 122 5.40 49.89 67.92
N LEU L 123 6.09 50.84 68.54
CA LEU L 123 6.07 50.98 69.98
C LEU L 123 4.74 51.56 70.43
N THR L 124 3.90 50.71 71.01
CA THR L 124 2.57 51.10 71.42
C THR L 124 2.55 51.69 72.84
N GLU L 125 3.20 51.00 73.77
CA GLU L 125 3.22 51.42 75.16
C GLU L 125 4.62 51.26 75.75
N MET L 126 5.00 52.17 76.65
CA MET L 126 6.32 52.11 77.27
C MET L 126 6.27 51.51 78.67
N SER L 127 7.45 51.19 79.20
CA SER L 127 7.54 50.45 80.47
C SER L 127 7.89 51.34 81.67
N HIS L 128 8.46 52.51 81.41
CA HIS L 128 8.87 53.42 82.48
C HIS L 128 7.67 54.02 83.21
N PRO L 129 7.85 54.39 84.49
CA PRO L 129 6.79 54.96 85.32
C PRO L 129 6.08 56.17 84.70
N GLY L 130 6.84 57.05 84.06
CA GLY L 130 6.28 58.27 83.51
C GLY L 130 5.45 58.10 82.25
N ALA L 131 5.38 56.87 81.75
CA ALA L 131 4.66 56.60 80.51
C ALA L 131 3.14 56.61 80.69
N GLU L 132 2.70 56.67 81.94
CA GLU L 132 1.28 56.58 82.26
C GLU L 132 0.54 57.90 82.03
N MET L 133 1.29 58.98 81.89
CA MET L 133 0.70 60.31 81.75
C MET L 133 0.05 60.54 80.38
N PHE L 134 0.63 59.97 79.33
CA PHE L 134 0.14 60.21 77.98
C PHE L 134 0.07 58.96 77.11
N ILE L 135 1.14 58.16 77.13
CA ILE L 135 1.23 56.98 76.27
C ILE L 135 0.25 55.88 76.69
N GLN L 136 0.01 55.76 77.99
CA GLN L 136 -0.88 54.72 78.51
C GLN L 136 -2.32 54.90 78.04
N GLY L 137 -2.82 56.13 78.11
CA GLY L 137 -4.18 56.43 77.72
C GLY L 137 -4.37 56.56 76.22
N ALA L 138 -3.38 56.08 75.47
CA ALA L 138 -3.45 56.10 74.01
C ALA L 138 -2.88 54.82 73.42
N ALA L 139 -2.37 53.95 74.29
CA ALA L 139 -1.75 52.70 73.86
C ALA L 139 -2.75 51.76 73.21
N ASP L 140 -4.01 51.87 73.60
CA ASP L 140 -5.07 51.04 73.04
C ASP L 140 -5.56 51.59 71.70
N GLU L 141 -5.04 52.75 71.32
CA GLU L 141 -5.42 53.38 70.06
C GLU L 141 -4.25 53.41 69.08
N ILE L 142 -3.04 53.56 69.63
CA ILE L 142 -1.82 53.48 68.83
C ILE L 142 -1.70 52.10 68.19
N ALA L 143 -2.10 51.08 68.96
CA ALA L 143 -2.08 49.70 68.48
C ALA L 143 -3.05 49.50 67.32
N ARG L 144 -4.24 50.08 67.43
CA ARG L 144 -5.25 49.95 66.38
C ARG L 144 -4.81 50.68 65.10
N MET L 145 -4.07 51.76 65.27
CA MET L 145 -3.54 52.51 64.14
C MET L 145 -2.63 51.63 63.29
N GLY L 146 -1.76 50.89 63.95
CA GLY L 146 -0.81 50.01 63.26
C GLY L 146 -1.49 48.88 62.52
N VAL L 147 -2.61 48.40 63.07
CA VAL L 147 -3.37 47.34 62.43
C VAL L 147 -4.02 47.85 61.14
N ASP L 148 -4.48 49.10 61.17
CA ASP L 148 -5.06 49.71 59.98
C ASP L 148 -3.97 50.13 59.00
N LEU L 149 -2.74 50.22 59.49
CA LEU L 149 -1.60 50.51 58.63
C LEU L 149 -0.95 49.22 58.15
N GLY L 150 -1.19 48.13 58.89
CA GLY L 150 -0.72 46.82 58.49
C GLY L 150 0.52 46.34 59.21
N VAL L 151 0.73 46.85 60.42
CA VAL L 151 1.91 46.49 61.21
C VAL L 151 1.72 45.13 61.89
N LYS L 152 2.71 44.26 61.76
CA LYS L 152 2.67 42.95 62.38
C LYS L 152 3.77 42.76 63.42
N ASN L 153 4.46 43.84 63.77
CA ASN L 153 5.54 43.79 64.74
C ASN L 153 5.39 44.86 65.81
N TYR L 154 5.26 44.44 67.06
CA TYR L 154 4.96 45.39 68.14
C TYR L 154 5.88 45.24 69.36
N VAL L 155 5.86 46.26 70.21
CA VAL L 155 6.65 46.27 71.44
C VAL L 155 5.79 46.69 72.62
N GLY L 156 5.69 45.82 73.63
CA GLY L 156 4.90 46.10 74.81
C GLY L 156 5.69 46.00 76.09
N PRO L 157 5.17 46.62 77.18
CA PRO L 157 5.85 46.66 78.48
C PRO L 157 5.74 45.35 79.26
N SER L 158 6.84 44.93 79.88
CA SER L 158 6.86 43.71 80.68
C SER L 158 6.35 43.98 82.10
N THR L 159 6.57 45.19 82.57
CA THR L 159 6.17 45.58 83.93
C THR L 159 4.65 45.61 84.09
N ARG L 160 3.95 45.75 82.98
CA ARG L 160 2.48 45.76 82.99
C ARG L 160 1.93 44.52 82.30
N PRO L 161 1.57 43.50 83.10
CA PRO L 161 1.08 42.22 82.56
C PRO L 161 -0.33 42.31 81.98
N GLU L 162 -1.23 43.03 82.65
CA GLU L 162 -2.60 43.15 82.20
C GLU L 162 -2.70 44.01 80.94
N ARG L 163 -1.72 44.87 80.75
CA ARG L 163 -1.66 45.72 79.57
C ARG L 163 -1.07 44.96 78.39
N LEU L 164 -0.20 43.99 78.69
CA LEU L 164 0.46 43.20 77.67
C LEU L 164 -0.51 42.27 76.95
N SER L 165 -1.39 41.64 77.72
CA SER L 165 -2.41 40.75 77.17
C SER L 165 -3.48 41.55 76.44
N ARG L 166 -3.74 42.76 76.93
CA ARG L 166 -4.70 43.66 76.31
C ARG L 166 -4.26 44.03 74.90
N LEU L 167 -2.95 44.25 74.73
CA LEU L 167 -2.40 44.63 73.43
C LEU L 167 -2.26 43.45 72.49
N ARG L 168 -2.48 42.23 73.01
CA ARG L 168 -2.40 41.03 72.19
C ARG L 168 -3.69 40.80 71.41
N GLU L 169 -4.83 41.05 72.06
CA GLU L 169 -6.13 40.85 71.41
C GLU L 169 -6.43 41.96 70.41
N ILE L 170 -5.62 43.01 70.43
CA ILE L 170 -5.76 44.10 69.47
C ILE L 170 -4.93 43.82 68.21
N ILE L 171 -3.83 43.08 68.40
CA ILE L 171 -2.96 42.73 67.27
C ILE L 171 -3.17 41.28 66.84
N GLY L 172 -3.83 40.49 67.67
CA GLY L 172 -4.15 39.11 67.34
C GLY L 172 -2.97 38.17 67.50
N GLN L 173 -3.24 36.88 67.29
CA GLN L 173 -2.20 35.85 67.37
C GLN L 173 -1.24 35.98 66.20
N ASP L 174 -1.73 36.51 65.08
CA ASP L 174 -0.93 36.64 63.87
C ASP L 174 -0.12 37.93 63.84
N SER L 175 0.56 38.22 64.94
CA SER L 175 1.43 39.38 65.03
C SER L 175 2.59 39.11 65.99
N PHE L 176 3.78 39.57 65.60
CA PHE L 176 4.98 39.37 66.41
C PHE L 176 5.05 40.45 67.48
N LEU L 177 5.37 40.05 68.71
CA LEU L 177 5.39 40.98 69.83
C LEU L 177 6.55 40.71 70.79
N ILE L 178 7.45 41.68 70.90
CA ILE L 178 8.59 41.57 71.81
C ILE L 178 8.42 42.49 73.01
N SER L 179 8.96 42.09 74.16
CA SER L 179 8.73 42.82 75.40
C SER L 179 10.00 43.04 76.22
N PRO L 180 10.40 44.32 76.37
CA PRO L 180 11.53 44.72 77.22
C PRO L 180 11.10 45.11 78.62
N GLY L 181 12.06 45.36 79.50
CA GLY L 181 11.77 45.71 80.87
C GLY L 181 12.03 44.55 81.81
N VAL L 182 12.47 43.44 81.24
CA VAL L 182 12.77 42.24 82.03
C VAL L 182 14.18 42.31 82.59
N GLY L 183 14.29 42.32 83.91
CA GLY L 183 15.58 42.32 84.57
C GLY L 183 15.82 43.53 85.45
N ALA L 184 16.29 44.61 84.85
CA ALA L 184 16.66 45.81 85.59
C ALA L 184 15.51 46.80 85.74
N GLN L 185 14.33 46.42 85.25
CA GLN L 185 13.16 47.27 85.35
C GLN L 185 12.05 46.63 86.17
N GLY L 186 12.16 45.32 86.39
CA GLY L 186 11.21 44.60 87.22
C GLY L 186 10.53 43.43 86.54
N GLY L 187 10.54 43.42 85.21
CA GLY L 187 9.86 42.40 84.44
C GLY L 187 10.31 40.98 84.72
N ASP L 188 9.35 40.05 84.76
CA ASP L 188 9.65 38.64 84.99
C ASP L 188 9.72 37.88 83.68
N PRO L 189 10.77 37.06 83.50
CA PRO L 189 11.00 36.32 82.25
C PRO L 189 9.88 35.33 81.92
N GLY L 190 9.50 34.49 82.89
CA GLY L 190 8.51 33.46 82.66
C GLY L 190 7.10 33.96 82.48
N GLU L 191 6.74 35.01 83.21
CA GLU L 191 5.39 35.56 83.15
C GLU L 191 5.14 36.39 81.89
N THR L 192 6.17 37.07 81.42
CA THR L 192 6.06 37.90 80.22
C THR L 192 5.91 37.04 78.97
N LEU L 193 6.22 35.75 79.13
CA LEU L 193 6.21 34.81 78.03
C LEU L 193 4.85 34.65 77.35
N ARG L 194 3.87 34.18 78.13
CA ARG L 194 2.53 33.82 77.63
C ARG L 194 1.97 34.70 76.50
N PHE L 195 2.34 35.97 76.51
CA PHE L 195 1.76 36.94 75.59
C PHE L 195 2.77 37.40 74.54
N ALA L 196 3.93 37.87 74.99
CA ALA L 196 4.99 38.31 74.09
C ALA L 196 5.74 37.14 73.51
N ASP L 197 6.02 37.19 72.21
CA ASP L 197 6.74 36.14 71.52
C ASP L 197 8.15 35.97 72.07
N ALA L 198 8.89 37.07 72.17
CA ALA L 198 10.22 37.05 72.75
C ALA L 198 10.38 38.18 73.76
N ILE L 199 11.32 38.01 74.70
CA ILE L 199 11.58 39.04 75.70
C ILE L 199 12.91 39.73 75.44
N ILE L 200 13.01 40.99 75.84
CA ILE L 200 14.24 41.75 75.69
C ILE L 200 14.91 41.92 77.04
N VAL L 201 16.16 41.49 77.13
CA VAL L 201 16.93 41.62 78.36
C VAL L 201 18.26 42.31 78.10
N GLY L 202 18.56 43.35 78.88
CA GLY L 202 19.77 44.12 78.70
C GLY L 202 20.69 44.10 79.90
N ARG L 203 20.49 45.04 80.82
CA ARG L 203 21.34 45.19 81.99
C ARG L 203 21.44 43.92 82.83
N SER L 204 20.36 43.16 82.88
CA SER L 204 20.34 41.90 83.62
C SER L 204 21.37 40.91 83.08
N ILE L 205 21.77 41.10 81.84
CA ILE L 205 22.76 40.22 81.22
C ILE L 205 24.16 40.86 81.14
N TYR L 206 24.26 42.04 80.56
CA TYR L 206 25.58 42.65 80.32
C TYR L 206 26.23 43.31 81.54
N LEU L 207 25.51 43.36 82.66
CA LEU L 207 26.08 43.91 83.89
C LEU L 207 26.41 42.80 84.88
N ALA L 208 26.30 41.55 84.44
CA ALA L 208 26.61 40.41 85.28
C ALA L 208 28.07 39.99 85.10
N ASP L 209 28.65 39.40 86.13
CA ASP L 209 30.04 38.95 86.08
C ASP L 209 30.24 37.84 85.06
N ASN L 210 29.20 37.03 84.87
CA ASN L 210 29.25 35.96 83.88
C ASN L 210 28.00 35.99 83.00
N PRO L 211 28.07 36.71 81.87
CA PRO L 211 26.97 36.88 80.90
C PRO L 211 26.37 35.57 80.41
N ALA L 212 27.22 34.58 80.14
CA ALA L 212 26.76 33.30 79.62
C ALA L 212 25.86 32.57 80.63
N ALA L 213 26.22 32.62 81.90
CA ALA L 213 25.43 31.99 82.95
C ALA L 213 24.20 32.83 83.27
N ALA L 214 24.33 34.15 83.16
CA ALA L 214 23.22 35.06 83.40
C ALA L 214 22.16 34.92 82.31
N ALA L 215 22.60 34.53 81.11
CA ALA L 215 21.69 34.36 79.99
C ALA L 215 21.05 32.97 80.01
N ALA L 216 21.84 31.95 80.31
CA ALA L 216 21.35 30.59 80.37
C ALA L 216 20.42 30.39 81.56
N GLY L 217 20.62 31.19 82.61
CA GLY L 217 19.79 31.14 83.79
C GLY L 217 18.38 31.64 83.50
N ILE L 218 18.28 32.67 82.68
CA ILE L 218 16.99 33.21 82.26
C ILE L 218 16.27 32.20 81.36
N ILE L 219 17.04 31.50 80.54
CA ILE L 219 16.50 30.48 79.66
C ILE L 219 15.88 29.33 80.46
N GLU L 220 16.44 29.05 81.63
CA GLU L 220 15.92 28.01 82.51
C GLU L 220 14.50 28.30 82.99
N SER L 221 14.10 29.58 82.90
CA SER L 221 12.74 29.98 83.26
C SER L 221 11.80 29.74 82.08
N ILE L 222 12.30 29.09 81.04
CA ILE L 222 11.53 28.82 79.84
C ILE L 222 11.54 27.33 79.51
N VAL M 8 51.00 -3.00 20.58
CA VAL M 8 50.43 -3.56 19.36
C VAL M 8 49.44 -2.59 18.71
N MET M 9 49.19 -2.77 17.42
CA MET M 9 48.42 -1.80 16.66
C MET M 9 46.93 -1.79 17.01
N ASP M 10 46.32 -0.62 16.85
CA ASP M 10 44.89 -0.48 17.04
C ASP M 10 44.21 -0.37 15.68
N VAL M 11 43.29 -1.31 15.42
CA VAL M 11 42.54 -1.31 14.18
C VAL M 11 41.20 -0.63 14.38
N MET M 12 40.91 0.36 13.55
CA MET M 12 39.65 1.09 13.63
C MET M 12 38.47 0.13 13.47
N ASN M 13 37.53 0.21 14.41
CA ASN M 13 36.34 -0.64 14.40
C ASN M 13 36.62 -2.15 14.47
N ARG M 14 37.86 -2.51 14.80
CA ARG M 14 38.29 -3.90 14.90
C ARG M 14 37.99 -4.69 13.62
N LEU M 15 38.07 -4.02 12.48
CA LEU M 15 37.69 -4.60 11.20
C LEU M 15 38.78 -4.43 10.15
N ILE M 16 39.32 -5.55 9.67
CA ILE M 16 40.36 -5.52 8.65
C ILE M 16 39.81 -5.99 7.30
N LEU M 17 39.89 -5.12 6.31
CA LEU M 17 39.39 -5.44 4.97
C LEU M 17 40.41 -6.24 4.18
N ALA M 18 40.05 -7.46 3.82
CA ALA M 18 40.90 -8.25 2.94
C ALA M 18 40.54 -7.91 1.49
N MET M 19 41.35 -7.05 0.88
CA MET M 19 41.11 -6.63 -0.49
C MET M 19 41.76 -7.60 -1.48
N ASP M 20 40.97 -8.56 -1.96
CA ASP M 20 41.49 -9.62 -2.81
C ASP M 20 41.00 -9.52 -4.26
N LEU M 21 40.32 -8.42 -4.60
CA LEU M 21 39.98 -8.14 -5.99
C LEU M 21 41.27 -8.03 -6.78
N MET M 22 41.27 -8.56 -8.00
CA MET M 22 42.51 -8.69 -8.76
C MET M 22 42.72 -7.61 -9.82
N ASN M 23 41.78 -6.69 -9.93
CA ASN M 23 41.96 -5.56 -10.84
C ASN M 23 42.00 -4.23 -10.08
N ARG M 24 42.92 -3.37 -10.51
CA ARG M 24 43.22 -2.13 -9.81
C ARG M 24 42.02 -1.19 -9.67
N ASP M 25 41.25 -1.04 -10.73
CA ASP M 25 40.08 -0.15 -10.72
C ASP M 25 39.07 -0.53 -9.64
N ASP M 26 38.64 -1.79 -9.63
CA ASP M 26 37.64 -2.25 -8.67
C ASP M 26 38.16 -2.27 -7.24
N ALA M 27 39.44 -2.61 -7.08
CA ALA M 27 40.06 -2.68 -5.76
C ALA M 27 40.15 -1.31 -5.09
N LEU M 28 40.47 -0.29 -5.88
CA LEU M 28 40.54 1.07 -5.36
C LEU M 28 39.16 1.62 -5.05
N ARG M 29 38.20 1.37 -5.95
CA ARG M 29 36.85 1.90 -5.76
C ARG M 29 36.21 1.34 -4.49
N VAL M 30 36.27 0.02 -4.31
CA VAL M 30 35.68 -0.62 -3.14
C VAL M 30 36.36 -0.16 -1.85
N THR M 31 37.68 -0.15 -1.85
CA THR M 31 38.44 0.26 -0.67
C THR M 31 38.13 1.72 -0.31
N GLY M 32 37.93 2.56 -1.32
CA GLY M 32 37.56 3.93 -1.08
C GLY M 32 36.18 4.07 -0.45
N GLU M 33 35.24 3.26 -0.94
CA GLU M 33 33.86 3.30 -0.47
C GLU M 33 33.74 2.97 1.02
N VAL M 34 34.68 2.16 1.53
CA VAL M 34 34.61 1.72 2.93
C VAL M 34 35.71 2.31 3.80
N ARG M 35 36.43 3.30 3.28
CA ARG M 35 37.53 3.91 4.03
C ARG M 35 37.08 4.51 5.35
N GLU M 36 35.88 5.10 5.36
CA GLU M 36 35.34 5.72 6.57
C GLU M 36 35.04 4.70 7.67
N TYR M 37 35.17 3.42 7.36
CA TYR M 37 34.87 2.36 8.30
C TYR M 37 36.12 1.62 8.75
N ILE M 38 37.11 1.55 7.87
CA ILE M 38 38.33 0.79 8.13
C ILE M 38 39.59 1.58 7.79
N ASP M 39 40.66 1.36 8.57
CA ASP M 39 41.92 2.04 8.34
C ASP M 39 43.07 1.06 8.15
N THR M 40 42.72 -0.22 8.06
CA THR M 40 43.70 -1.28 7.89
C THR M 40 43.24 -2.25 6.79
N VAL M 41 44.02 -2.35 5.71
CA VAL M 41 43.68 -3.22 4.60
C VAL M 41 44.70 -4.34 4.45
N LYS M 42 44.23 -5.58 4.30
CA LYS M 42 45.12 -6.70 4.02
C LYS M 42 45.23 -6.95 2.52
N ILE M 43 46.45 -6.96 2.02
CA ILE M 43 46.70 -7.18 0.60
C ILE M 43 47.45 -8.50 0.40
N GLY M 44 46.97 -9.31 -0.55
CA GLY M 44 47.60 -10.57 -0.84
C GLY M 44 48.28 -10.62 -2.19
N TYR M 45 48.80 -11.79 -2.54
CA TYR M 45 49.47 -11.98 -3.82
C TYR M 45 48.63 -11.80 -5.09
N PRO M 46 47.35 -12.21 -5.09
CA PRO M 46 46.61 -12.04 -6.35
C PRO M 46 46.55 -10.59 -6.85
N LEU M 47 46.37 -9.64 -5.94
CA LEU M 47 46.33 -8.23 -6.33
C LEU M 47 47.73 -7.72 -6.68
N VAL M 48 48.71 -8.09 -5.86
CA VAL M 48 50.08 -7.65 -6.03
C VAL M 48 50.72 -8.19 -7.32
N LEU M 49 50.59 -9.48 -7.55
CA LEU M 49 51.18 -10.10 -8.74
C LEU M 49 50.53 -9.60 -10.02
N SER M 50 49.26 -9.21 -9.93
CA SER M 50 48.52 -8.76 -11.09
C SER M 50 48.74 -7.29 -11.41
N GLU M 51 48.95 -6.47 -10.38
CA GLU M 51 49.06 -5.03 -10.59
C GLU M 51 50.40 -4.43 -10.17
N GLY M 52 51.24 -5.23 -9.52
CA GLY M 52 52.55 -4.77 -9.11
C GLY M 52 52.57 -4.34 -7.65
N MET M 53 53.76 -4.39 -7.04
CA MET M 53 53.92 -3.99 -5.65
C MET M 53 53.71 -2.50 -5.42
N ASP M 54 53.71 -1.70 -6.48
CA ASP M 54 53.45 -0.27 -6.36
C ASP M 54 52.05 -0.01 -5.85
N ILE M 55 51.18 -1.01 -5.97
CA ILE M 55 49.79 -0.89 -5.53
C ILE M 55 49.72 -0.60 -4.03
N ILE M 56 50.71 -1.10 -3.29
CA ILE M 56 50.78 -0.91 -1.85
C ILE M 56 50.96 0.56 -1.49
N ALA M 57 51.92 1.22 -2.16
CA ALA M 57 52.15 2.64 -1.94
C ALA M 57 50.94 3.45 -2.36
N GLU M 58 50.23 2.98 -3.37
CA GLU M 58 49.06 3.68 -3.90
C GLU M 58 47.92 3.67 -2.89
N PHE M 59 47.68 2.52 -2.25
CA PHE M 59 46.65 2.40 -1.24
C PHE M 59 46.89 3.34 -0.06
N ARG M 60 48.14 3.46 0.36
CA ARG M 60 48.50 4.30 1.49
C ARG M 60 48.36 5.78 1.15
N LYS M 61 48.81 6.14 -0.04
CA LYS M 61 48.67 7.51 -0.54
C LYS M 61 47.19 7.89 -0.67
N ARG M 62 46.42 7.05 -1.34
CA ARG M 62 45.02 7.35 -1.63
C ARG M 62 44.10 7.31 -0.41
N PHE M 63 44.32 6.34 0.48
CA PHE M 63 43.36 6.08 1.54
C PHE M 63 43.91 6.29 2.95
N GLY M 64 45.22 6.47 3.08
CA GLY M 64 45.83 6.69 4.37
C GLY M 64 45.62 5.49 5.28
N CYS M 65 45.63 4.32 4.69
CA CYS M 65 45.36 3.09 5.42
C CYS M 65 46.65 2.35 5.75
N ARG M 66 46.57 1.58 6.82
CA ARG M 66 47.62 0.66 7.17
C ARG M 66 47.53 -0.54 6.22
N ILE M 67 48.66 -1.10 5.81
CA ILE M 67 48.66 -2.23 4.90
C ILE M 67 49.34 -3.47 5.48
N ILE M 68 48.60 -4.57 5.57
CA ILE M 68 49.17 -5.85 5.98
C ILE M 68 49.36 -6.73 4.75
N ALA M 69 50.61 -7.09 4.47
CA ALA M 69 50.91 -7.91 3.30
C ALA M 69 50.75 -9.40 3.60
N ASP M 70 49.71 -10.02 3.04
CA ASP M 70 49.40 -11.41 3.35
C ASP M 70 50.18 -12.32 2.42
N PHE M 71 51.49 -12.38 2.60
CA PHE M 71 52.36 -13.09 1.67
C PHE M 71 52.71 -14.50 2.12
N LYS M 72 52.30 -14.84 3.35
CA LYS M 72 52.55 -16.15 3.94
C LYS M 72 53.95 -16.66 3.67
N VAL M 73 54.94 -15.85 4.04
CA VAL M 73 56.34 -16.16 3.79
C VAL M 73 56.69 -17.55 4.31
N ALA M 74 57.20 -18.40 3.42
CA ALA M 74 57.43 -19.80 3.76
C ALA M 74 58.65 -20.36 3.03
N ASP M 75 59.73 -19.60 3.03
CA ASP M 75 60.95 -20.03 2.35
C ASP M 75 62.08 -20.20 3.36
N ILE M 76 63.30 -20.40 2.84
CA ILE M 76 64.48 -20.48 3.70
C ILE M 76 64.76 -19.09 4.27
N PRO M 77 65.50 -19.02 5.41
CA PRO M 77 65.80 -17.73 6.06
C PRO M 77 66.35 -16.66 5.12
N GLU M 78 67.37 -16.96 4.32
CA GLU M 78 67.94 -15.96 3.42
C GLU M 78 66.91 -15.36 2.47
N THR M 79 66.07 -16.21 1.87
CA THR M 79 65.06 -15.75 0.94
C THR M 79 63.92 -15.03 1.66
N ASN M 80 63.56 -15.50 2.84
CA ASN M 80 62.58 -14.82 3.69
C ASN M 80 62.97 -13.35 3.94
N GLU M 81 64.25 -13.12 4.20
CA GLU M 81 64.76 -11.78 4.43
C GLU M 81 64.56 -10.87 3.22
N LYS M 82 64.90 -11.39 2.05
CA LYS M 82 64.76 -10.63 0.81
C LYS M 82 63.30 -10.32 0.51
N ILE M 83 62.42 -11.27 0.79
CA ILE M 83 60.99 -11.04 0.57
C ILE M 83 60.46 -9.97 1.53
N CYS M 84 60.82 -10.08 2.81
CA CYS M 84 60.40 -9.09 3.80
C CYS M 84 60.94 -7.70 3.51
N ARG M 85 62.22 -7.63 3.16
CA ARG M 85 62.86 -6.36 2.84
C ARG M 85 62.18 -5.67 1.65
N ALA M 86 61.94 -6.42 0.58
CA ALA M 86 61.27 -5.90 -0.61
C ALA M 86 59.85 -5.44 -0.28
N THR M 87 59.20 -6.20 0.59
CA THR M 87 57.81 -5.93 0.96
C THR M 87 57.70 -4.68 1.82
N PHE M 88 58.63 -4.51 2.76
CA PHE M 88 58.64 -3.30 3.58
C PHE M 88 59.09 -2.10 2.74
N LYS M 89 60.03 -2.32 1.84
CA LYS M 89 60.50 -1.26 0.95
C LYS M 89 59.34 -0.69 0.13
N ALA M 90 58.40 -1.56 -0.25
CA ALA M 90 57.22 -1.16 -1.01
C ALA M 90 56.19 -0.45 -0.12
N GLY M 91 56.46 -0.40 1.17
CA GLY M 91 55.62 0.34 2.10
C GLY M 91 54.59 -0.45 2.87
N ALA M 92 54.76 -1.77 2.95
CA ALA M 92 53.90 -2.58 3.79
C ALA M 92 54.17 -2.29 5.26
N ASP M 93 53.12 -2.13 6.05
CA ASP M 93 53.28 -1.88 7.49
C ASP M 93 53.54 -3.17 8.24
N ALA M 94 53.03 -4.28 7.69
CA ALA M 94 53.21 -5.58 8.31
C ALA M 94 53.20 -6.70 7.27
N ILE M 95 53.75 -7.85 7.63
CA ILE M 95 53.78 -8.99 6.73
C ILE M 95 53.39 -10.26 7.47
N ILE M 96 52.57 -11.08 6.82
CA ILE M 96 52.15 -12.35 7.39
C ILE M 96 53.08 -13.47 6.94
N VAL M 97 53.55 -14.25 7.92
CA VAL M 97 54.59 -15.24 7.71
C VAL M 97 54.14 -16.61 8.23
N HIS M 98 54.43 -17.66 7.47
CA HIS M 98 54.13 -19.01 7.93
C HIS M 98 55.08 -19.44 9.05
N GLY M 99 54.56 -20.24 9.99
CA GLY M 99 55.37 -20.74 11.08
C GLY M 99 55.86 -22.16 10.87
N PHE M 100 55.22 -22.89 9.96
N PHE M 100 55.20 -22.88 9.97
CA PHE M 100 55.60 -24.29 9.73
CA PHE M 100 55.55 -24.27 9.65
C PHE M 100 57.04 -24.54 9.21
C PHE M 100 57.02 -24.51 9.24
N PRO M 101 57.62 -23.60 8.44
CA PRO M 101 59.03 -23.84 8.08
C PRO M 101 60.06 -23.73 9.22
N GLY M 102 59.64 -23.36 10.43
CA GLY M 102 60.55 -23.39 11.55
C GLY M 102 61.03 -22.04 12.06
N ALA M 103 61.75 -22.08 13.19
CA ALA M 103 62.12 -20.88 13.93
C ALA M 103 63.07 -19.94 13.21
N ASP M 104 64.08 -20.48 12.53
CA ASP M 104 65.04 -19.65 11.81
C ASP M 104 64.37 -18.85 10.70
N SER M 105 63.42 -19.48 10.02
CA SER M 105 62.68 -18.81 8.94
C SER M 105 61.81 -17.67 9.48
N VAL M 106 61.29 -17.85 10.68
CA VAL M 106 60.53 -16.78 11.33
C VAL M 106 61.48 -15.70 11.84
N ARG M 107 62.60 -16.14 12.41
CA ARG M 107 63.59 -15.22 12.96
C ARG M 107 64.11 -14.27 11.88
N ALA M 108 64.27 -14.80 10.66
CA ALA M 108 64.77 -14.02 9.54
C ALA M 108 63.82 -12.86 9.24
N CYS M 109 62.52 -13.13 9.31
CA CYS M 109 61.51 -12.11 9.07
C CYS M 109 61.52 -11.07 10.18
N LEU M 110 61.63 -11.54 11.42
CA LEU M 110 61.68 -10.66 12.59
C LEU M 110 62.89 -9.72 12.51
N ASN M 111 64.00 -10.24 12.02
CA ASN M 111 65.22 -9.44 11.87
C ASN M 111 64.99 -8.25 10.93
N VAL M 112 64.36 -8.51 9.80
CA VAL M 112 64.11 -7.48 8.81
C VAL M 112 63.12 -6.44 9.31
N ALA M 113 62.07 -6.90 10.00
CA ALA M 113 61.08 -5.99 10.57
C ALA M 113 61.73 -5.04 11.59
N GLU M 114 62.64 -5.56 12.40
CA GLU M 114 63.33 -4.75 13.38
C GLU M 114 64.26 -3.75 12.71
N GLU M 115 64.93 -4.21 11.66
CA GLU M 115 65.85 -3.37 10.90
C GLU M 115 65.13 -2.21 10.21
N MET M 116 63.87 -2.44 9.81
CA MET M 116 63.08 -1.42 9.13
C MET M 116 61.96 -0.81 9.97
N GLY M 117 61.87 -1.24 11.23
CA GLY M 117 60.85 -0.72 12.13
C GLY M 117 59.45 -1.02 11.65
N ARG M 118 59.22 -2.23 11.19
CA ARG M 118 57.92 -2.66 10.73
C ARG M 118 57.49 -3.93 11.48
N GLU M 119 56.41 -4.57 11.03
CA GLU M 119 55.80 -5.64 11.82
C GLU M 119 55.70 -7.00 11.13
N VAL M 120 55.78 -8.06 11.93
CA VAL M 120 55.59 -9.42 11.44
C VAL M 120 54.37 -10.07 12.12
N PHE M 121 53.52 -10.70 11.32
CA PHE M 121 52.41 -11.50 11.84
C PHE M 121 52.68 -12.97 11.60
N LEU M 122 52.60 -13.78 12.66
CA LEU M 122 52.78 -15.22 12.53
C LEU M 122 51.46 -15.95 12.27
N LEU M 123 51.37 -16.60 11.11
CA LEU M 123 50.23 -17.46 10.82
C LEU M 123 50.45 -18.80 11.51
N THR M 124 49.66 -19.07 12.55
CA THR M 124 49.84 -20.29 13.34
C THR M 124 49.00 -21.44 12.79
N GLU M 125 47.77 -21.13 12.39
CA GLU M 125 46.85 -22.16 11.91
C GLU M 125 46.00 -21.59 10.79
N MET M 126 45.75 -22.42 9.78
CA MET M 126 44.97 -21.98 8.62
C MET M 126 43.52 -22.43 8.71
N SER M 127 42.65 -21.73 8.00
CA SER M 127 41.21 -21.89 8.14
C SER M 127 40.56 -22.87 7.15
N HIS M 128 41.28 -23.23 6.10
CA HIS M 128 40.73 -24.12 5.07
C HIS M 128 40.68 -25.57 5.56
N PRO M 129 39.81 -26.40 4.94
CA PRO M 129 39.67 -27.81 5.31
C PRO M 129 40.98 -28.60 5.27
N GLY M 130 41.84 -28.30 4.30
CA GLY M 130 43.10 -29.02 4.14
C GLY M 130 44.06 -28.84 5.30
N ALA M 131 43.81 -27.83 6.13
CA ALA M 131 44.69 -27.52 7.25
C ALA M 131 44.75 -28.63 8.29
N GLU M 132 43.72 -29.48 8.32
CA GLU M 132 43.63 -30.54 9.32
C GLU M 132 44.73 -31.59 9.16
N MET M 133 45.19 -31.80 7.94
CA MET M 133 46.14 -32.86 7.64
C MET M 133 47.51 -32.65 8.28
N PHE M 134 48.01 -31.41 8.27
CA PHE M 134 49.34 -31.14 8.81
C PHE M 134 49.40 -29.96 9.78
N ILE M 135 48.79 -28.83 9.40
CA ILE M 135 48.95 -27.60 10.15
C ILE M 135 48.27 -27.63 11.53
N GLN M 136 47.07 -28.20 11.58
CA GLN M 136 46.30 -28.24 12.82
C GLN M 136 47.05 -28.97 13.95
N GLY M 137 47.76 -30.04 13.60
CA GLY M 137 48.48 -30.82 14.58
C GLY M 137 49.69 -30.11 15.13
N ALA M 138 50.20 -29.13 14.38
CA ALA M 138 51.38 -28.40 14.79
C ALA M 138 51.03 -26.97 15.20
N ALA M 139 49.74 -26.66 15.17
CA ALA M 139 49.26 -25.30 15.47
C ALA M 139 49.69 -24.80 16.84
N ASP M 140 49.47 -25.61 17.87
CA ASP M 140 49.86 -25.25 19.23
C ASP M 140 51.35 -24.95 19.35
N GLU M 141 52.17 -25.83 18.78
CA GLU M 141 53.62 -25.70 18.88
C GLU M 141 54.15 -24.49 18.13
N ILE M 142 53.58 -24.22 16.96
CA ILE M 142 53.97 -23.05 16.16
C ILE M 142 53.71 -21.76 16.94
N ALA M 143 52.55 -21.71 17.60
CA ALA M 143 52.20 -20.55 18.41
C ALA M 143 53.18 -20.34 19.56
N ARG M 144 53.55 -21.42 20.24
CA ARG M 144 54.51 -21.35 21.33
C ARG M 144 55.87 -20.90 20.82
N MET M 145 56.23 -21.35 19.62
CA MET M 145 57.47 -20.96 18.99
C MET M 145 57.49 -19.47 18.78
N GLY M 146 56.37 -18.93 18.32
CA GLY M 146 56.23 -17.49 18.10
C GLY M 146 56.43 -16.73 19.39
N VAL M 147 55.81 -17.21 20.46
CA VAL M 147 55.96 -16.59 21.79
C VAL M 147 57.42 -16.59 22.22
N ASP M 148 58.08 -17.75 22.08
CA ASP M 148 59.48 -17.88 22.43
C ASP M 148 60.38 -16.93 21.63
N LEU M 149 60.01 -16.68 20.37
CA LEU M 149 60.78 -15.79 19.51
C LEU M 149 60.44 -14.32 19.72
N GLY M 150 59.42 -14.05 20.53
CA GLY M 150 59.00 -12.68 20.81
C GLY M 150 58.05 -12.11 19.78
N VAL M 151 57.36 -12.98 19.05
CA VAL M 151 56.34 -12.52 18.12
C VAL M 151 55.16 -11.95 18.91
N LYS M 152 54.67 -10.78 18.49
CA LYS M 152 53.58 -10.11 19.20
C LYS M 152 52.29 -10.10 18.40
N ASN M 153 52.37 -10.49 17.13
CA ASN M 153 51.21 -10.45 16.24
C ASN M 153 50.93 -11.82 15.63
N TYR M 154 49.67 -12.24 15.69
CA TYR M 154 49.31 -13.58 15.26
C TYR M 154 48.06 -13.60 14.38
N VAL M 155 47.99 -14.60 13.52
CA VAL M 155 46.82 -14.85 12.69
C VAL M 155 46.29 -16.24 13.04
N GLY M 156 45.00 -16.32 13.35
CA GLY M 156 44.36 -17.58 13.69
C GLY M 156 43.06 -17.76 12.93
N PRO M 157 42.55 -19.00 12.87
CA PRO M 157 41.38 -19.35 12.06
C PRO M 157 40.03 -18.97 12.69
N SER M 158 39.26 -18.14 11.99
CA SER M 158 37.94 -17.74 12.45
C SER M 158 36.90 -18.82 12.18
N THR M 159 37.27 -19.78 11.33
CA THR M 159 36.39 -20.90 11.02
C THR M 159 36.42 -21.94 12.13
N ARG M 160 37.38 -21.80 13.04
CA ARG M 160 37.53 -22.70 14.17
C ARG M 160 37.65 -21.90 15.47
N PRO M 161 36.51 -21.53 16.06
CA PRO M 161 36.45 -20.70 17.28
C PRO M 161 37.17 -21.35 18.46
N GLU M 162 37.07 -22.67 18.58
CA GLU M 162 37.68 -23.39 19.69
C GLU M 162 39.20 -23.34 19.63
N ARG M 163 39.75 -23.34 18.41
CA ARG M 163 41.19 -23.26 18.22
C ARG M 163 41.66 -21.84 18.44
N LEU M 164 40.73 -20.90 18.36
CA LEU M 164 41.03 -19.48 18.51
C LEU M 164 41.16 -19.13 20.00
N SER M 165 40.35 -19.78 20.83
CA SER M 165 40.41 -19.58 22.27
C SER M 165 41.67 -20.21 22.84
N ARG M 166 42.06 -21.34 22.28
CA ARG M 166 43.27 -22.04 22.67
C ARG M 166 44.49 -21.20 22.30
N LEU M 167 44.39 -20.51 21.18
CA LEU M 167 45.48 -19.69 20.68
C LEU M 167 45.72 -18.48 21.59
N ARG M 168 44.65 -17.91 22.12
CA ARG M 168 44.76 -16.76 22.99
C ARG M 168 45.53 -17.07 24.28
N GLU M 169 45.24 -18.20 24.90
CA GLU M 169 45.91 -18.54 26.16
C GLU M 169 47.38 -18.89 25.96
N ILE M 170 47.75 -19.28 24.74
CA ILE M 170 49.15 -19.53 24.43
C ILE M 170 49.92 -18.24 24.22
N ILE M 171 49.32 -17.28 23.51
CA ILE M 171 50.01 -16.04 23.15
C ILE M 171 49.94 -14.96 24.23
N GLY M 172 49.04 -15.12 25.19
CA GLY M 172 48.92 -14.18 26.29
C GLY M 172 47.97 -13.02 26.03
N GLN M 173 47.75 -12.20 27.05
CA GLN M 173 46.84 -11.06 26.94
C GLN M 173 47.38 -9.96 26.03
N ASP M 174 48.70 -9.89 25.90
CA ASP M 174 49.33 -8.75 25.23
C ASP M 174 49.53 -8.92 23.73
N SER M 175 49.43 -10.15 23.23
CA SER M 175 49.63 -10.39 21.82
C SER M 175 48.43 -9.91 21.01
N PHE M 176 48.70 -9.43 19.80
CA PHE M 176 47.64 -8.98 18.90
C PHE M 176 47.25 -10.16 18.01
N LEU M 177 45.94 -10.44 17.97
CA LEU M 177 45.43 -11.59 17.22
C LEU M 177 44.37 -11.18 16.21
N ILE M 178 44.66 -11.36 14.93
CA ILE M 178 43.68 -11.13 13.86
C ILE M 178 43.22 -12.46 13.27
N SER M 179 41.99 -12.49 12.77
CA SER M 179 41.40 -13.76 12.35
C SER M 179 40.58 -13.67 11.06
N PRO M 180 41.08 -14.30 9.98
CA PRO M 180 40.39 -14.38 8.69
C PRO M 180 39.43 -15.56 8.63
N GLY M 181 38.53 -15.54 7.65
CA GLY M 181 37.57 -16.62 7.46
C GLY M 181 36.16 -16.20 7.82
N VAL M 182 36.00 -14.91 8.10
CA VAL M 182 34.70 -14.36 8.48
C VAL M 182 33.80 -14.18 7.26
N GLY M 183 32.63 -14.82 7.29
CA GLY M 183 31.66 -14.67 6.21
C GLY M 183 31.67 -15.80 5.21
N ALA M 184 32.41 -15.59 4.12
CA ALA M 184 32.45 -16.53 3.01
C ALA M 184 32.94 -17.92 3.43
N GLN M 185 33.90 -17.94 4.35
CA GLN M 185 34.44 -19.21 4.84
C GLN M 185 33.64 -19.77 6.02
N GLY M 186 32.64 -19.01 6.47
CA GLY M 186 31.72 -19.50 7.47
C GLY M 186 31.83 -18.89 8.86
N GLY M 187 32.85 -18.07 9.08
CA GLY M 187 33.12 -17.49 10.38
C GLY M 187 32.18 -16.37 10.80
N ASP M 188 32.00 -16.21 12.11
CA ASP M 188 31.12 -15.19 12.67
C ASP M 188 31.92 -14.05 13.29
N PRO M 189 31.54 -12.81 12.98
CA PRO M 189 32.16 -11.59 13.54
C PRO M 189 32.13 -11.54 15.07
N GLY M 190 30.94 -11.63 15.66
CA GLY M 190 30.77 -11.49 17.09
C GLY M 190 31.58 -12.46 17.94
N GLU M 191 31.46 -13.75 17.63
CA GLU M 191 32.16 -14.79 18.38
C GLU M 191 33.67 -14.65 18.29
N THR M 192 34.16 -14.29 17.10
CA THR M 192 35.58 -14.16 16.84
C THR M 192 36.24 -13.11 17.74
N LEU M 193 35.55 -11.99 17.94
CA LEU M 193 36.10 -10.86 18.70
C LEU M 193 36.13 -11.10 20.21
N ARG M 194 35.77 -12.30 20.64
CA ARG M 194 35.87 -12.67 22.03
C ARG M 194 37.30 -13.06 22.37
N PHE M 195 38.04 -13.46 21.33
CA PHE M 195 39.40 -13.95 21.50
C PHE M 195 40.39 -13.17 20.64
N ALA M 196 39.91 -12.70 19.49
CA ALA M 196 40.73 -11.93 18.56
C ALA M 196 40.50 -10.43 18.78
N ASP M 197 41.54 -9.65 18.50
CA ASP M 197 41.44 -8.20 18.64
C ASP M 197 40.77 -7.56 17.43
N ALA M 198 40.92 -8.20 16.28
CA ALA M 198 40.29 -7.71 15.06
C ALA M 198 39.91 -8.86 14.13
N ILE M 199 38.90 -8.64 13.30
CA ILE M 199 38.46 -9.64 12.34
C ILE M 199 38.88 -9.25 10.93
N ILE M 200 39.21 -10.25 10.12
CA ILE M 200 39.51 -10.05 8.72
C ILE M 200 38.29 -10.42 7.88
N VAL M 201 37.73 -9.44 7.19
CA VAL M 201 36.57 -9.66 6.34
C VAL M 201 36.90 -9.29 4.90
N GLY M 202 36.52 -10.16 3.97
CA GLY M 202 36.83 -9.97 2.57
C GLY M 202 35.62 -9.95 1.66
N ARG M 203 35.26 -11.13 1.15
CA ARG M 203 34.19 -11.27 0.16
C ARG M 203 32.87 -10.63 0.56
N SER M 204 32.50 -10.76 1.83
CA SER M 204 31.25 -10.19 2.34
C SER M 204 31.20 -8.67 2.20
N ILE M 205 32.35 -8.07 1.92
CA ILE M 205 32.42 -6.63 1.68
C ILE M 205 32.70 -6.31 0.21
N TYR M 206 33.77 -6.86 -0.34
CA TYR M 206 34.18 -6.48 -1.69
C TYR M 206 33.38 -7.14 -2.83
N LEU M 207 32.42 -7.99 -2.47
CA LEU M 207 31.52 -8.57 -3.47
C LEU M 207 30.09 -8.09 -3.28
N ALA M 208 29.87 -7.33 -2.21
CA ALA M 208 28.55 -6.80 -1.92
C ALA M 208 28.15 -5.76 -2.96
N ASP M 209 26.86 -5.67 -3.25
CA ASP M 209 26.37 -4.67 -4.19
C ASP M 209 26.56 -3.28 -3.62
N ASN M 210 26.59 -3.19 -2.29
CA ASN M 210 26.88 -1.93 -1.61
C ASN M 210 27.86 -2.17 -0.46
N PRO M 211 29.16 -2.18 -0.78
CA PRO M 211 30.24 -2.45 0.18
C PRO M 211 30.20 -1.57 1.43
N ALA M 212 29.86 -0.29 1.26
CA ALA M 212 29.79 0.61 2.40
C ALA M 212 28.73 0.15 3.40
N ALA M 213 27.59 -0.26 2.88
CA ALA M 213 26.50 -0.76 3.72
C ALA M 213 26.86 -2.12 4.31
N ALA M 214 27.67 -2.88 3.58
CA ALA M 214 28.12 -4.18 4.06
C ALA M 214 29.13 -4.00 5.20
N ALA M 215 29.99 -3.00 5.09
CA ALA M 215 30.99 -2.72 6.12
C ALA M 215 30.31 -2.14 7.36
N ALA M 216 29.40 -1.20 7.15
CA ALA M 216 28.67 -0.57 8.24
C ALA M 216 27.81 -1.58 8.97
N GLY M 217 27.22 -2.51 8.23
CA GLY M 217 26.37 -3.54 8.80
C GLY M 217 27.13 -4.49 9.69
N ILE M 218 28.33 -4.88 9.27
CA ILE M 218 29.20 -5.75 10.06
C ILE M 218 29.64 -5.05 11.34
N ILE M 219 30.00 -3.78 11.21
CA ILE M 219 30.39 -2.98 12.37
C ILE M 219 29.21 -2.79 13.32
N GLU M 220 28.02 -2.58 12.78
CA GLU M 220 26.83 -2.37 13.59
C GLU M 220 26.43 -3.59 14.42
N SER M 221 26.89 -4.77 13.99
CA SER M 221 26.59 -6.01 14.71
C SER M 221 27.60 -6.24 15.84
N ILE M 222 28.61 -5.36 15.91
CA ILE M 222 29.64 -5.47 16.94
C ILE M 222 29.96 -4.14 17.61
N LYS M 223 29.12 -3.13 17.39
CA LYS M 223 29.33 -1.82 18.01
C LYS M 223 29.11 -1.87 19.52
N ASP M 224 28.37 -2.88 19.97
CA ASP M 224 28.22 -3.13 21.40
C ASP M 224 29.30 -4.12 21.85
N LEU M 225 30.55 -3.77 21.60
CA LEU M 225 31.66 -4.66 21.90
C LEU M 225 32.99 -3.90 21.89
P H2U N . -9.67 -47.90 -31.50
OP1 H2U N . -10.34 -48.13 -30.14
OP2 H2U N . -8.76 -46.68 -31.69
OP3 H2U N . -8.87 -49.14 -31.84
O5' H2U N . -10.84 -47.75 -32.56
C5' H2U N . -12.17 -48.10 -32.23
C4' H2U N . -13.15 -47.43 -33.16
O4' H2U N . -14.43 -48.11 -33.05
C3' H2U N . -13.42 -45.96 -32.85
O3' H2U N . -13.69 -45.27 -34.07
C1' H2U N . -15.43 -47.20 -32.65
C2' H2U N . -14.70 -46.03 -32.00
O2' H2U N . -15.46 -44.84 -32.01
N1 H2U N . -16.36 -47.89 -31.76
C2 H2U N . -15.91 -48.54 -30.66
O2 H2U N . -14.72 -48.52 -30.40
N3 H2U N . -16.74 -49.20 -29.84
C4 H2U N . -18.07 -49.25 -30.07
O4 H2U N . -18.78 -49.85 -29.30
C5 H2U N . -18.62 -48.78 -31.39
C6 H2U N . -17.78 -47.60 -31.90
CL CL O . 5.58 -52.09 -44.19
P H2U P . -40.19 -32.69 -35.62
OP1 H2U P . -40.73 -33.98 -35.01
OP2 H2U P . -40.39 -32.45 -37.11
OP3 H2U P . -40.84 -31.52 -34.89
O5' H2U P . -38.63 -32.65 -35.34
C5' H2U P . -38.11 -33.00 -34.06
C4' H2U P . -36.60 -32.91 -34.02
O4' H2U P . -36.13 -33.44 -32.75
C3' H2U P . -35.86 -33.70 -35.10
O3' H2U P . -34.63 -33.04 -35.40
C1' H2U P . -35.28 -34.55 -32.99
C2' H2U P . -35.57 -35.02 -34.42
O2' H2U P . -34.50 -35.75 -34.96
N1 H2U P . -35.52 -35.55 -31.94
C2 H2U P . -36.76 -36.06 -31.73
O2 H2U P . -37.69 -35.67 -32.43
N3 H2U P . -37.00 -36.96 -30.77
C4 H2U P . -36.01 -37.40 -29.96
O4 H2U P . -36.27 -38.22 -29.12
C5 H2U P . -34.73 -36.63 -29.88
C6 H2U P . -34.37 -36.16 -31.29
P H2U Q . 9.20 -18.71 -18.09
OP1 H2U Q . 9.68 -18.18 -19.44
OP2 H2U Q . 8.42 -20.02 -18.05
OP3 H2U Q . 10.43 -18.85 -17.21
O5' H2U Q . 8.26 -17.61 -17.44
C5' H2U Q . 8.37 -16.23 -17.78
C4' H2U Q . 7.26 -15.43 -17.17
O4' H2U Q . 7.53 -14.01 -17.38
C3' H2U Q . 5.87 -15.67 -17.76
O3' H2U Q . 4.89 -15.39 -16.77
C1' H2U Q . 6.50 -13.43 -18.16
C2' H2U Q . 5.79 -14.60 -18.85
O2' H2U Q . 4.47 -14.27 -19.24
N1 H2U Q . 7.11 -12.45 -19.07
C2 H2U Q . 8.09 -12.81 -19.93
O2 H2U Q . 8.46 -13.97 -19.96
N3 H2U Q . 8.69 -11.93 -20.75
C4 H2U Q . 8.34 -10.63 -20.76
O4 H2U Q . 8.90 -9.87 -21.51
C5 H2U Q . 6.99 -10.23 -20.20
C6 H2U Q . 6.70 -11.06 -18.94
P H2U R . -15.43 4.51 -22.75
OP1 H2U R . -14.27 5.49 -23.00
OP2 H2U R . -16.26 4.64 -21.48
OP3 H2U R . -16.38 4.62 -23.94
O5' H2U R . -14.81 3.05 -22.73
C5' H2U R . -14.16 2.51 -23.87
C4' H2U R . -13.64 1.12 -23.60
O4' H2U R . -12.67 0.77 -24.63
C3' H2U R . -12.92 0.94 -22.27
O3' H2U R . -13.09 -0.40 -21.81
C1' H2U R . -11.42 0.50 -24.04
C2' H2U R . -11.46 1.17 -22.66
O2' H2U R . -10.52 0.62 -21.77
N1 H2U R . -10.36 0.99 -24.93
C2 H2U R . -10.18 2.31 -25.19
O2 H2U R . -10.92 3.12 -24.66
N3 H2U R . -9.20 2.75 -26.00
C4 H2U R . -8.38 1.89 -26.61
O4 H2U R . -7.51 2.32 -27.34
C5 H2U R . -8.89 0.50 -26.89
C6 H2U R . -9.58 -0.03 -25.62
P H2U S . -16.41 18.78 12.79
OP1 H2U S . -17.52 17.83 13.25
OP2 H2U S . -16.10 18.88 11.30
OP3 H2U S . -16.76 20.19 13.29
O5' H2U S . -15.07 18.32 13.50
C5' H2U S . -14.97 18.29 14.92
C4' H2U S . -13.61 17.81 15.37
O4' H2U S . -13.72 17.34 16.74
C3' H2U S . -13.03 16.64 14.57
O3' H2U S . -11.61 16.77 14.53
C1' H2U S . -13.29 16.00 16.83
C2' H2U S . -13.40 15.43 15.42
O2' H2U S . -12.57 14.31 15.23
N1 H2U S . -14.12 15.30 17.82
C2 H2U S . -15.47 15.33 17.72
O2 H2U S . -15.97 15.94 16.80
N3 H2U S . -16.25 14.71 18.61
C4 H2U S . -15.72 14.03 19.65
O4 H2U S . -16.45 13.47 20.44
C5 H2U S . -14.30 14.31 20.05
C6 H2U S . -13.46 14.42 18.78
P H2U T . 4.99 -4.06 25.79
OP1 H2U T . 4.14 -3.96 27.05
OP2 H2U T . 6.39 -3.47 25.78
OP3 H2U T . 5.12 -5.55 25.45
O5' H2U T . 4.20 -3.35 24.60
C5' H2U T . 2.94 -3.83 24.16
C4' H2U T . 2.42 -3.02 23.00
O4' H2U T . 0.99 -3.26 22.84
C3' H2U T . 2.57 -1.51 23.13
O3' H2U T . 2.75 -0.93 21.84
C1' H2U T . 0.29 -2.04 22.95
C2' H2U T . 1.22 -1.08 23.70
O2' H2U T . 0.88 0.27 23.50
N1 H2U T . -0.99 -2.29 23.62
C2 H2U T . -1.04 -2.87 24.83
O2 H2U T . 0.01 -3.17 25.38
N3 H2U T . -2.19 -3.13 25.47
C4 H2U T . -3.38 -2.82 24.90
O4 H2U T . -4.41 -3.06 25.50
C5 H2U T . -3.44 -2.56 23.42
C6 H2U T . -2.21 -1.72 23.03
P H2U U . 15.47 48.36 27.10
OP1 H2U U . 16.95 48.72 26.94
OP2 H2U U . 14.61 49.15 28.07
OP3 H2U U . 14.82 48.43 25.72
O5' H2U U . 15.41 46.84 27.57
C5' H2U U . 15.92 45.80 26.74
C4' H2U U . 15.95 44.47 27.45
O4' H2U U . 17.02 43.66 26.91
C3' H2U U . 16.17 44.54 28.96
O3' H2U U . 15.43 43.48 29.58
C1' H2U U . 17.87 43.25 27.96
C2' H2U U . 17.66 44.26 29.09
O2' H2U U . 18.06 43.73 30.34
N1 H2U U . 19.25 43.19 27.44
C2 H2U U . 19.83 44.29 26.91
O2 H2U U . 19.19 45.33 26.86
N3 H2U U . 21.09 44.27 26.42
C4 H2U U . 21.82 43.12 26.45
O4 H2U U . 22.94 43.15 26.01
C5 H2U U . 21.11 41.81 26.63
C6 H2U U . 20.04 41.99 27.69
P H2U V . 28.87 21.37 43.56
OP1 H2U V . 29.79 21.30 42.32
OP2 H2U V . 27.79 20.31 43.73
OP3 H2U V . 29.77 21.35 44.79
O5' H2U V . 28.14 22.78 43.51
C5' H2U V . 28.88 23.99 43.40
C4' H2U V . 27.98 25.20 43.33
O4' H2U V . 28.77 26.35 42.96
C3' H2U V . 26.84 25.11 42.31
O3' H2U V . 25.73 25.85 42.79
C1' H2U V . 28.25 26.93 41.77
C2' H2U V . 27.44 25.82 41.10
O2' H2U V . 26.49 26.34 40.19
N1 H2U V . 29.38 27.43 40.96
C2 H2U V . 30.35 26.61 40.50
O2 H2U V . 30.29 25.42 40.76
N3 H2U V . 31.38 27.06 39.77
C4 H2U V . 31.49 28.37 39.46
O4 H2U V . 32.42 28.75 38.79
C5 H2U V . 30.74 29.37 40.31
C6 H2U V . 29.34 28.83 40.56
P H2U W . -12.00 -56.31 -76.73
OP1 H2U W . -12.07 -55.63 -78.10
OP2 H2U W . -12.70 -57.66 -76.53
OP3 H2U W . -10.52 -56.50 -76.38
O5' H2U W . -12.63 -55.29 -75.68
C5' H2U W . -13.53 -54.27 -76.10
C4' H2U W . -14.56 -53.96 -75.05
O4' H2U W . -14.74 -52.52 -75.00
C3' H2U W . -15.95 -54.55 -75.30
O3' H2U W . -16.63 -54.73 -74.06
C1' H2U W . -16.08 -52.20 -75.39
C2' H2U W . -16.62 -53.44 -76.10
O2' H2U W . -18.03 -53.48 -76.10
N1 H2U W . -16.04 -50.99 -76.21
C2 H2U W . -15.39 -50.93 -77.39
O2 H2U W . -14.80 -51.93 -77.78
N3 H2U W . -15.37 -49.83 -78.15
C4 H2U W . -16.00 -48.70 -77.76
O4 H2U W . -15.95 -47.73 -78.47
C5 H2U W . -16.29 -48.52 -76.29
C6 H2U W . -16.84 -49.84 -75.76
P H2U X . 12.21 72.07 56.96
OP1 H2U X . 10.75 71.60 57.05
OP2 H2U X . 13.02 71.71 55.72
OP3 H2U X . 12.24 73.58 57.10
O5' H2U X . 13.00 71.44 58.20
C5' H2U X . 12.55 71.64 59.53
C4' H2U X . 13.32 70.78 60.50
O4' H2U X . 12.61 70.72 61.77
C3' H2U X . 13.55 69.33 60.05
O3' H2U X . 14.85 68.92 60.46
C1' H2U X . 12.45 69.37 62.16
C2' H2U X . 12.50 68.57 60.86
O2' H2U X . 12.82 67.20 61.09
N1 H2U X . 11.19 69.24 62.91
C2 H2U X . 10.02 69.65 62.39
O2 H2U X . 10.01 70.10 61.26
N3 H2U X . 8.87 69.56 63.06
C4 H2U X . 8.83 69.06 64.32
O4 H2U X . 7.77 69.00 64.90
C5 H2U X . 10.11 68.89 65.09
C6 H2U X . 11.20 68.41 64.11
P H2U Y . 16.97 46.42 80.19
OP1 H2U Y . 15.95 47.05 81.15
OP2 H2U Y . 18.43 46.38 80.60
OP3 H2U Y . 16.51 44.98 79.91
O5' H2U Y . 16.88 47.22 78.82
C5' H2U Y . 15.62 47.37 78.14
C4' H2U Y . 15.80 47.97 76.77
O4' H2U Y . 14.50 48.18 76.18
C3' H2U Y . 16.52 49.31 76.72
O3' H2U Y . 17.32 49.39 75.53
C1' H2U Y . 14.36 49.53 75.79
C2' H2U Y . 15.38 50.31 76.63
O2' H2U Y . 15.71 51.54 76.04
N1 H2U Y . 12.96 49.95 75.98
C2 H2U Y . 12.41 50.09 77.20
O2 H2U Y . 13.08 49.87 78.19
N3 H2U Y . 11.12 50.45 77.37
C4 H2U Y . 10.32 50.69 76.31
O4 H2U Y . 9.19 51.04 76.49
C5 H2U Y . 10.70 50.05 75.00
C6 H2U Y . 12.20 50.24 74.77
P H2U Z . 37.59 -13.78 2.54
OP1 H2U Z . 37.56 -15.31 2.67
OP2 H2U Z . 37.48 -13.16 1.15
OP3 H2U Z . 36.46 -13.23 3.39
O5' H2U Z . 38.98 -13.32 3.16
C5' H2U Z . 40.02 -14.25 3.41
C4' H2U Z . 41.39 -13.66 3.19
O4' H2U Z . 42.28 -14.15 4.22
C3' H2U Z . 42.05 -14.04 1.87
O3' H2U Z . 42.98 -13.03 1.49
C1' H2U Z . 43.32 -14.94 3.65
C2' H2U Z . 42.81 -15.30 2.25
O2' H2U Z . 43.88 -15.65 1.38
N1 H2U Z . 43.57 -16.09 4.52
C2 H2U Z . 42.64 -17.02 4.77
O2 H2U Z . 41.53 -16.88 4.28
N3 H2U Z . 42.88 -18.09 5.56
C4 H2U Z . 44.09 -18.27 6.13
O4 H2U Z . 44.26 -19.24 6.82
C5 H2U Z . 44.94 -17.05 6.35
C6 H2U Z . 44.92 -16.19 5.09
#